data_2MH0
#
_entry.id   2MH0
#
loop_
_entity.id
_entity.type
_entity.pdbx_description
1 polymer 'Transcription factor E2-alpha'
2 polymer 'Histone acetyltransferase p300'
#
loop_
_entity_poly.entity_id
_entity_poly.type
_entity_poly.pdbx_seq_one_letter_code
_entity_poly.pdbx_strand_id
1 'polypeptide(L)' GSMNQPQRMAPVGTDKELSDLLDFSMMFPLPVTNGKGRP A
2 'polypeptide(L)'
;GSATQSPGDSRRLSIQRAIQSLVHAAQCRNANCSLPSCQKMKRVVQHTKGCKRKTNGGCPICKQLIALAAYHAKHCQENK
CPVPFCLNIKQK
;
B
#
# COMPACT_ATOMS: atom_id res chain seq x y z
N GLY A 1 -15.22 27.59 13.43
CA GLY A 1 -15.12 26.17 13.05
C GLY A 1 -14.14 25.95 11.91
N SER A 2 -13.76 24.66 11.70
CA SER A 2 -12.83 24.23 10.62
C SER A 2 -11.43 24.87 10.77
N MET A 3 -11.07 25.21 12.03
CA MET A 3 -9.76 25.82 12.37
C MET A 3 -8.63 24.77 12.28
N ASN A 4 -8.81 23.66 13.02
CA ASN A 4 -7.79 22.60 13.15
C ASN A 4 -7.61 21.84 11.82
N GLN A 5 -6.35 21.60 11.43
CA GLN A 5 -6.00 20.91 10.18
C GLN A 5 -4.99 19.77 10.47
N PRO A 6 -5.21 18.52 9.90
CA PRO A 6 -4.35 17.34 10.15
C PRO A 6 -2.90 17.54 9.66
N GLN A 7 -1.93 17.21 10.53
CA GLN A 7 -0.50 17.44 10.26
C GLN A 7 0.05 16.43 9.23
N ARG A 8 1.02 16.91 8.43
CA ARG A 8 1.72 16.10 7.42
C ARG A 8 2.78 15.23 8.11
N MET A 9 2.47 13.92 8.27
CA MET A 9 3.38 12.91 8.86
C MET A 9 3.58 13.18 10.39
N ALA A 10 4.16 12.20 11.13
CA ALA A 10 4.34 12.32 12.60
C ALA A 10 5.44 11.36 13.08
N PRO A 11 6.27 11.74 14.12
CA PRO A 11 7.34 10.86 14.66
C PRO A 11 6.85 9.93 15.79
N VAL A 12 5.52 9.94 16.06
CA VAL A 12 4.87 9.12 17.11
C VAL A 12 5.13 7.60 16.94
N GLY A 13 5.18 7.14 15.69
CA GLY A 13 5.46 5.74 15.40
C GLY A 13 4.23 5.00 14.88
N THR A 14 3.25 4.77 15.76
CA THR A 14 2.10 3.87 15.46
C THR A 14 0.87 4.64 14.94
N ASP A 15 0.59 5.79 15.56
CA ASP A 15 -0.51 6.71 15.15
C ASP A 15 -0.35 7.18 13.70
N LYS A 16 0.91 7.43 13.32
CA LYS A 16 1.25 7.87 11.96
C LYS A 16 1.13 6.67 11.00
N GLU A 17 1.43 5.44 11.49
CA GLU A 17 1.33 4.21 10.69
C GLU A 17 -0.13 3.90 10.31
N LEU A 18 -1.06 4.03 11.29
CA LEU A 18 -2.50 3.77 11.04
C LEU A 18 -3.09 4.88 10.14
N SER A 19 -2.46 6.08 10.19
CA SER A 19 -2.79 7.20 9.29
C SER A 19 -2.35 6.87 7.85
N ASP A 20 -1.16 6.22 7.72
CA ASP A 20 -0.63 5.73 6.42
C ASP A 20 -1.59 4.68 5.86
N LEU A 21 -1.92 3.70 6.74
CA LEU A 21 -2.82 2.57 6.47
C LEU A 21 -4.19 3.07 5.99
N LEU A 22 -4.63 4.23 6.54
CA LEU A 22 -5.90 4.86 6.16
C LEU A 22 -5.84 5.30 4.69
N ASP A 23 -4.77 6.06 4.31
CA ASP A 23 -4.56 6.56 2.92
C ASP A 23 -4.60 5.43 1.89
N PHE A 24 -4.00 4.30 2.26
CA PHE A 24 -3.90 3.13 1.38
C PHE A 24 -5.25 2.41 1.30
N SER A 25 -5.91 2.24 2.46
CA SER A 25 -7.22 1.57 2.57
C SER A 25 -8.29 2.22 1.65
N MET A 26 -8.22 3.57 1.50
CA MET A 26 -9.11 4.34 0.60
C MET A 26 -8.55 4.39 -0.84
N MET A 27 -7.22 4.18 -1.01
CA MET A 27 -6.56 4.18 -2.34
C MET A 27 -7.02 2.98 -3.19
N PHE A 28 -7.14 1.80 -2.56
CA PHE A 28 -7.57 0.55 -3.23
C PHE A 28 -8.88 0.02 -2.62
N PRO A 29 -9.71 -0.72 -3.43
CA PRO A 29 -10.86 -1.48 -2.91
C PRO A 29 -10.40 -2.79 -2.24
N LEU A 30 -9.79 -3.70 -3.06
CA LEU A 30 -9.48 -5.09 -2.68
C LEU A 30 -10.76 -5.90 -2.33
N PRO A 31 -10.66 -7.26 -2.18
CA PRO A 31 -11.71 -8.04 -1.51
C PRO A 31 -11.86 -7.61 -0.03
N VAL A 32 -13.07 -7.80 0.50
CA VAL A 32 -13.42 -7.44 1.89
C VAL A 32 -12.66 -8.34 2.90
N THR A 33 -12.19 -9.53 2.40
CA THR A 33 -11.45 -10.55 3.16
C THR A 33 -12.25 -11.07 4.38
N ASN A 34 -13.58 -11.04 4.21
CA ASN A 34 -14.58 -11.49 5.19
C ASN A 34 -15.76 -12.15 4.45
N GLY A 35 -16.61 -12.87 5.19
CA GLY A 35 -17.88 -13.38 4.65
C GLY A 35 -18.89 -12.26 4.43
N LYS A 36 -18.82 -11.25 5.33
CA LYS A 36 -19.63 -10.02 5.30
C LYS A 36 -21.15 -10.31 5.41
N GLY A 37 -21.67 -10.22 6.64
CA GLY A 37 -23.10 -10.42 6.92
C GLY A 37 -23.87 -9.11 6.91
N ARG A 38 -23.73 -8.36 5.79
CA ARG A 38 -24.29 -6.99 5.64
C ARG A 38 -24.99 -6.86 4.28
N PRO A 39 -26.10 -6.04 4.17
CA PRO A 39 -26.85 -5.82 2.89
C PRO A 39 -26.06 -4.97 1.88
N GLY B 1 -23.49 6.60 -21.40
CA GLY B 1 -23.57 7.82 -20.64
C GLY B 1 -23.39 7.61 -19.14
N SER B 2 -23.27 6.33 -18.71
CA SER B 2 -23.06 5.98 -17.30
C SER B 2 -21.59 6.20 -16.90
N ALA B 3 -20.66 5.58 -17.68
CA ALA B 3 -19.19 5.65 -17.48
C ALA B 3 -18.79 5.12 -16.09
N THR B 4 -19.59 4.19 -15.57
CA THR B 4 -19.40 3.57 -14.24
C THR B 4 -18.61 2.26 -14.37
N GLN B 5 -18.61 1.71 -15.62
CA GLN B 5 -18.00 0.42 -15.99
C GLN B 5 -18.71 -0.75 -15.26
N SER B 6 -18.23 -1.96 -15.49
CA SER B 6 -18.67 -3.14 -14.72
C SER B 6 -18.01 -3.08 -13.32
N PRO B 7 -18.71 -3.52 -12.22
CA PRO B 7 -18.17 -3.43 -10.83
C PRO B 7 -16.75 -4.04 -10.70
N GLY B 8 -16.53 -5.19 -11.36
CA GLY B 8 -15.23 -5.86 -11.41
C GLY B 8 -14.17 -5.05 -12.14
N ASP B 9 -14.56 -4.39 -13.25
CA ASP B 9 -13.66 -3.53 -14.04
C ASP B 9 -13.23 -2.30 -13.24
N SER B 10 -14.22 -1.51 -12.78
CA SER B 10 -14.00 -0.24 -12.03
C SER B 10 -13.06 -0.44 -10.82
N ARG B 11 -13.29 -1.53 -10.05
CA ARG B 11 -12.48 -1.86 -8.87
C ARG B 11 -11.07 -2.36 -9.30
N ARG B 12 -10.97 -2.90 -10.53
CA ARG B 12 -9.70 -3.36 -11.09
C ARG B 12 -8.78 -2.17 -11.40
N LEU B 13 -9.30 -1.09 -12.03
CA LEU B 13 -8.47 0.10 -12.37
C LEU B 13 -7.92 0.73 -11.08
N SER B 14 -8.83 0.98 -10.11
CA SER B 14 -8.47 1.61 -8.82
C SER B 14 -7.42 0.78 -8.02
N ILE B 15 -7.57 -0.56 -8.04
CA ILE B 15 -6.64 -1.48 -7.32
C ILE B 15 -5.27 -1.52 -8.04
N GLN B 16 -5.28 -1.44 -9.39
CA GLN B 16 -4.04 -1.39 -10.17
C GLN B 16 -3.26 -0.10 -9.90
N ARG B 17 -3.98 1.03 -9.73
CA ARG B 17 -3.37 2.35 -9.40
C ARG B 17 -2.63 2.30 -8.06
N ALA B 18 -3.20 1.56 -7.10
CA ALA B 18 -2.57 1.30 -5.80
C ALA B 18 -1.24 0.54 -5.95
N ILE B 19 -1.25 -0.47 -6.84
CA ILE B 19 -0.05 -1.26 -7.18
C ILE B 19 0.98 -0.39 -7.89
N GLN B 20 0.51 0.47 -8.82
CA GLN B 20 1.37 1.38 -9.61
C GLN B 20 2.07 2.41 -8.71
N SER B 21 1.42 2.75 -7.57
CA SER B 21 2.01 3.63 -6.54
C SER B 21 3.09 2.89 -5.73
N LEU B 22 2.83 1.59 -5.46
CA LEU B 22 3.79 0.69 -4.78
C LEU B 22 5.04 0.44 -5.64
N VAL B 23 4.80 0.34 -6.95
CA VAL B 23 5.84 0.17 -7.99
C VAL B 23 6.65 1.47 -8.15
N HIS B 24 5.91 2.60 -8.18
CA HIS B 24 6.50 3.95 -8.27
C HIS B 24 7.47 4.18 -7.13
N ALA B 25 6.96 4.05 -5.90
CA ALA B 25 7.69 4.38 -4.66
C ALA B 25 8.85 3.40 -4.37
N ALA B 26 8.73 2.15 -4.87
CA ALA B 26 9.80 1.14 -4.77
C ALA B 26 11.04 1.56 -5.58
N GLN B 27 10.78 2.14 -6.76
CA GLN B 27 11.83 2.69 -7.65
C GLN B 27 12.22 4.14 -7.23
N CYS B 28 11.28 4.83 -6.58
CA CYS B 28 11.37 6.28 -6.32
C CYS B 28 11.96 6.53 -4.92
N ARG B 29 13.16 7.07 -4.90
CA ARG B 29 13.83 7.57 -3.68
C ARG B 29 14.20 9.05 -3.88
N ASN B 30 13.87 9.60 -5.08
CA ASN B 30 14.09 11.02 -5.42
C ASN B 30 13.21 11.98 -4.59
N ALA B 31 13.68 13.22 -4.44
CA ALA B 31 12.96 14.31 -3.75
C ALA B 31 12.12 15.15 -4.74
N ASN B 32 12.28 14.88 -6.06
CA ASN B 32 11.64 15.66 -7.15
C ASN B 32 10.09 15.59 -7.15
N CYS B 33 9.51 14.60 -6.45
CA CYS B 33 8.03 14.51 -6.30
C CYS B 33 7.58 15.32 -5.07
N SER B 34 6.43 16.00 -5.19
CA SER B 34 5.80 16.73 -4.08
C SER B 34 4.32 16.31 -3.91
N LEU B 35 3.86 15.28 -4.66
CA LEU B 35 2.47 14.80 -4.57
C LEU B 35 2.24 13.91 -3.32
N PRO B 36 1.01 13.96 -2.69
CA PRO B 36 0.70 13.26 -1.42
C PRO B 36 0.85 11.72 -1.50
N SER B 37 0.43 11.14 -2.65
CA SER B 37 0.45 9.68 -2.87
C SER B 37 1.88 9.15 -2.73
N CYS B 38 2.82 9.85 -3.38
CA CYS B 38 4.24 9.47 -3.39
C CYS B 38 4.88 9.64 -2.01
N GLN B 39 4.48 10.67 -1.26
CA GLN B 39 5.06 10.97 0.05
C GLN B 39 4.72 9.89 1.09
N LYS B 40 3.43 9.49 1.14
CA LYS B 40 2.97 8.44 2.08
C LYS B 40 3.47 7.06 1.63
N MET B 41 3.51 6.86 0.30
CA MET B 41 3.91 5.56 -0.27
C MET B 41 5.42 5.31 -0.11
N LYS B 42 6.26 6.34 -0.34
CA LYS B 42 7.72 6.22 -0.13
C LYS B 42 8.01 5.99 1.36
N ARG B 43 7.22 6.69 2.22
CA ARG B 43 7.29 6.53 3.68
C ARG B 43 7.15 5.04 4.04
N VAL B 44 6.09 4.40 3.53
CA VAL B 44 5.77 3.01 3.89
C VAL B 44 6.69 2.01 3.15
N VAL B 45 7.13 2.34 1.93
CA VAL B 45 8.02 1.47 1.13
C VAL B 45 9.44 1.37 1.74
N GLN B 46 10.02 2.51 2.12
CA GLN B 46 11.33 2.55 2.79
C GLN B 46 11.21 1.91 4.19
N HIS B 47 10.03 2.11 4.81
CA HIS B 47 9.62 1.45 6.06
C HIS B 47 9.64 -0.09 5.91
N THR B 48 8.99 -0.63 4.84
CA THR B 48 8.84 -2.09 4.64
C THR B 48 10.19 -2.78 4.39
N LYS B 49 11.15 -1.98 3.87
CA LYS B 49 12.54 -2.41 3.68
C LYS B 49 13.28 -2.52 5.02
N GLY B 50 12.92 -1.66 5.99
CA GLY B 50 13.48 -1.72 7.36
C GLY B 50 12.48 -2.25 8.40
N CYS B 51 11.53 -3.10 7.98
CA CYS B 51 10.44 -3.60 8.86
C CYS B 51 10.44 -5.14 8.91
N LYS B 52 11.14 -5.70 9.91
CA LYS B 52 11.11 -7.15 10.23
C LYS B 52 9.78 -7.50 10.95
N ARG B 53 9.16 -6.45 11.53
CA ARG B 53 7.90 -6.54 12.30
C ARG B 53 6.71 -7.09 11.46
N LYS B 54 6.83 -6.98 10.12
CA LYS B 54 5.74 -7.38 9.21
C LYS B 54 5.59 -8.92 9.14
N THR B 55 6.73 -9.64 9.12
CA THR B 55 6.75 -11.12 9.18
C THR B 55 6.60 -11.58 10.65
N ASN B 56 6.95 -10.66 11.58
CA ASN B 56 6.80 -10.90 13.04
C ASN B 56 5.34 -10.69 13.48
N GLY B 57 4.48 -10.23 12.53
CA GLY B 57 3.02 -10.25 12.69
C GLY B 57 2.43 -8.89 13.08
N GLY B 58 3.18 -8.11 13.88
CA GLY B 58 2.62 -6.91 14.55
C GLY B 58 2.68 -5.63 13.73
N CYS B 59 2.36 -5.71 12.42
CA CYS B 59 2.35 -4.54 11.53
C CYS B 59 1.30 -4.69 10.40
N PRO B 60 0.03 -4.18 10.60
CA PRO B 60 -1.08 -4.31 9.60
C PRO B 60 -0.88 -3.46 8.32
N ILE B 61 0.03 -2.47 8.40
CA ILE B 61 0.31 -1.52 7.30
C ILE B 61 0.93 -2.27 6.11
N CYS B 62 1.93 -3.10 6.45
CA CYS B 62 2.64 -3.97 5.51
C CYS B 62 1.76 -5.16 5.07
N LYS B 63 0.73 -5.49 5.89
CA LYS B 63 -0.27 -6.53 5.57
C LYS B 63 -1.12 -6.07 4.38
N GLN B 64 -1.45 -4.76 4.34
CA GLN B 64 -2.13 -4.15 3.18
C GLN B 64 -1.23 -4.27 1.94
N LEU B 65 0.02 -3.78 2.05
CA LEU B 65 0.95 -3.71 0.90
C LEU B 65 1.22 -5.11 0.28
N ILE B 66 1.35 -6.14 1.13
CA ILE B 66 1.61 -7.52 0.69
C ILE B 66 0.36 -8.11 0.02
N ALA B 67 -0.84 -7.60 0.39
CA ALA B 67 -2.12 -8.00 -0.22
C ALA B 67 -2.22 -7.55 -1.71
N LEU B 68 -1.81 -6.28 -2.00
CA LEU B 68 -1.73 -5.78 -3.41
C LEU B 68 -0.74 -6.65 -4.18
N ALA B 69 0.45 -6.80 -3.58
CA ALA B 69 1.60 -7.47 -4.19
C ALA B 69 1.37 -8.97 -4.40
N ALA B 70 0.51 -9.58 -3.56
CA ALA B 70 0.18 -11.02 -3.65
C ALA B 70 -0.69 -11.30 -4.85
N TYR B 71 -1.83 -10.59 -4.92
CA TYR B 71 -2.78 -10.62 -6.05
C TYR B 71 -2.04 -10.33 -7.38
N HIS B 72 -1.18 -9.31 -7.34
CA HIS B 72 -0.33 -8.87 -8.46
C HIS B 72 0.72 -9.96 -8.83
N ALA B 73 1.27 -10.65 -7.81
CA ALA B 73 2.33 -11.69 -8.01
C ALA B 73 1.77 -12.96 -8.67
N LYS B 74 0.44 -13.17 -8.53
CA LYS B 74 -0.27 -14.30 -9.16
C LYS B 74 -0.20 -14.20 -10.70
N HIS B 75 -0.18 -12.95 -11.20
CA HIS B 75 -0.18 -12.65 -12.65
C HIS B 75 1.24 -12.30 -13.14
N CYS B 76 2.06 -11.75 -12.22
CA CYS B 76 3.40 -11.21 -12.52
C CYS B 76 4.50 -12.14 -11.98
N GLN B 77 5.24 -12.77 -12.90
CA GLN B 77 6.38 -13.67 -12.59
C GLN B 77 7.72 -12.93 -12.77
N GLU B 78 7.65 -11.59 -12.74
CA GLU B 78 8.80 -10.72 -13.01
C GLU B 78 9.85 -10.82 -11.88
N ASN B 79 11.06 -11.28 -12.26
CA ASN B 79 12.19 -11.48 -11.33
C ASN B 79 12.92 -10.16 -11.06
N LYS B 80 12.71 -9.18 -11.96
CA LYS B 80 13.31 -7.83 -11.88
C LYS B 80 12.29 -6.81 -11.33
N CYS B 81 11.20 -7.32 -10.70
CA CYS B 81 10.08 -6.48 -10.26
C CYS B 81 10.50 -5.57 -9.08
N PRO B 82 10.17 -4.23 -9.14
CA PRO B 82 10.51 -3.24 -8.07
C PRO B 82 10.02 -3.62 -6.66
N VAL B 83 8.79 -4.19 -6.60
CA VAL B 83 8.13 -4.55 -5.33
C VAL B 83 8.84 -5.75 -4.66
N PRO B 84 9.42 -5.58 -3.43
CA PRO B 84 10.16 -6.66 -2.74
C PRO B 84 9.24 -7.83 -2.31
N PHE B 85 7.99 -7.48 -1.90
CA PHE B 85 6.95 -8.45 -1.52
C PHE B 85 6.69 -9.43 -2.67
N CYS B 86 6.44 -8.86 -3.86
CA CYS B 86 5.99 -9.60 -5.07
C CYS B 86 6.86 -10.82 -5.36
N LEU B 87 8.18 -10.62 -5.30
CA LEU B 87 9.17 -11.71 -5.43
C LEU B 87 9.04 -12.68 -4.26
N ASN B 88 9.13 -12.16 -3.03
CA ASN B 88 9.13 -12.97 -1.79
C ASN B 88 7.83 -13.80 -1.60
N ILE B 89 6.78 -13.48 -2.37
CA ILE B 89 5.53 -14.24 -2.39
C ILE B 89 5.62 -15.40 -3.42
N LYS B 90 5.99 -15.07 -4.68
CA LYS B 90 5.96 -16.06 -5.79
C LYS B 90 7.23 -16.93 -5.87
N GLN B 91 8.31 -16.53 -5.17
CA GLN B 91 9.60 -17.26 -5.14
C GLN B 91 9.59 -18.32 -4.02
N LYS B 92 9.11 -17.92 -2.82
CA LYS B 92 9.10 -18.78 -1.64
C LYS B 92 7.96 -19.83 -1.76
N GLY A 1 -9.01 30.53 -2.82
CA GLY A 1 -9.49 29.29 -2.15
C GLY A 1 -9.84 29.53 -0.70
N SER A 2 -10.64 28.63 -0.10
CA SER A 2 -11.11 28.75 1.29
C SER A 2 -9.97 28.42 2.28
N MET A 3 -9.46 27.17 2.22
CA MET A 3 -8.41 26.68 3.15
C MET A 3 -7.38 25.82 2.39
N ASN A 4 -6.13 25.85 2.88
CA ASN A 4 -5.05 24.94 2.47
C ASN A 4 -4.02 24.83 3.61
N GLN A 5 -3.46 23.63 3.80
CA GLN A 5 -2.50 23.33 4.89
C GLN A 5 -1.87 21.94 4.66
N PRO A 6 -0.66 21.64 5.26
CA PRO A 6 -0.04 20.28 5.18
C PRO A 6 -0.86 19.22 5.96
N GLN A 7 -0.48 17.94 5.81
CA GLN A 7 -1.14 16.80 6.47
C GLN A 7 -0.50 16.55 7.86
N ARG A 8 -1.35 16.37 8.88
CA ARG A 8 -0.89 16.04 10.25
C ARG A 8 -0.43 14.57 10.30
N MET A 9 0.88 14.37 10.49
CA MET A 9 1.51 13.05 10.65
C MET A 9 2.42 13.10 11.88
N ALA A 10 2.06 12.38 12.96
CA ALA A 10 2.83 12.40 14.22
C ALA A 10 4.10 11.54 14.10
N PRO A 11 5.28 12.05 14.62
CA PRO A 11 6.60 11.36 14.50
C PRO A 11 6.80 10.21 15.52
N VAL A 12 5.70 9.79 16.18
CA VAL A 12 5.69 8.71 17.19
C VAL A 12 5.90 7.31 16.58
N GLY A 13 5.77 7.19 15.24
CA GLY A 13 5.89 5.89 14.55
C GLY A 13 4.71 4.97 14.80
N THR A 14 3.56 5.56 15.17
CA THR A 14 2.29 4.85 15.40
C THR A 14 1.14 5.56 14.67
N ASP A 15 0.85 6.82 15.08
CA ASP A 15 -0.20 7.68 14.49
C ASP A 15 -0.04 7.84 12.98
N LYS A 16 1.20 8.06 12.52
CA LYS A 16 1.53 8.17 11.08
C LYS A 16 1.15 6.86 10.35
N GLU A 17 1.52 5.72 10.95
CA GLU A 17 1.35 4.38 10.37
C GLU A 17 -0.13 4.06 10.18
N LEU A 18 -0.93 4.23 11.25
CA LEU A 18 -2.37 3.92 11.27
C LEU A 18 -3.20 4.89 10.39
N SER A 19 -2.74 6.17 10.31
CA SER A 19 -3.39 7.22 9.50
C SER A 19 -3.19 6.93 8.01
N ASP A 20 -1.97 6.48 7.68
CA ASP A 20 -1.59 6.08 6.32
C ASP A 20 -2.34 4.79 5.95
N LEU A 21 -2.37 3.81 6.87
CA LEU A 21 -3.10 2.51 6.70
C LEU A 21 -4.56 2.74 6.32
N LEU A 22 -5.20 3.67 7.03
CA LEU A 22 -6.59 4.06 6.81
C LEU A 22 -6.78 4.62 5.39
N ASP A 23 -5.89 5.56 5.02
CA ASP A 23 -5.93 6.24 3.70
C ASP A 23 -5.68 5.25 2.55
N PHE A 24 -4.80 4.28 2.80
CA PHE A 24 -4.46 3.23 1.83
C PHE A 24 -5.63 2.26 1.67
N SER A 25 -6.25 1.87 2.80
CA SER A 25 -7.39 0.94 2.82
C SER A 25 -8.57 1.44 1.97
N MET A 26 -8.76 2.78 1.94
CA MET A 26 -9.78 3.44 1.06
C MET A 26 -9.22 3.77 -0.34
N MET A 27 -7.87 3.81 -0.49
CA MET A 27 -7.20 4.08 -1.80
C MET A 27 -7.49 2.94 -2.79
N PHE A 28 -7.40 1.70 -2.29
CA PHE A 28 -7.68 0.48 -3.07
C PHE A 28 -8.92 -0.25 -2.49
N PRO A 29 -9.69 -0.98 -3.35
CA PRO A 29 -10.80 -1.83 -2.89
C PRO A 29 -10.32 -3.12 -2.19
N LEU A 30 -9.65 -4.02 -2.98
CA LEU A 30 -9.33 -5.41 -2.56
C LEU A 30 -10.60 -6.23 -2.26
N PRO A 31 -10.51 -7.60 -2.25
CA PRO A 31 -11.64 -8.44 -1.79
C PRO A 31 -11.95 -8.23 -0.29
N VAL A 32 -13.23 -8.36 0.04
CA VAL A 32 -13.74 -8.15 1.40
C VAL A 32 -13.23 -9.25 2.37
N THR A 33 -12.66 -8.83 3.51
CA THR A 33 -12.11 -9.72 4.52
C THR A 33 -13.02 -9.75 5.77
N ASN A 34 -13.66 -10.91 6.00
CA ASN A 34 -14.54 -11.11 7.16
C ASN A 34 -13.70 -11.46 8.42
N GLY A 35 -14.15 -10.98 9.59
CA GLY A 35 -13.42 -11.15 10.84
C GLY A 35 -12.24 -10.21 10.95
N LYS A 36 -12.52 -8.90 10.76
CA LYS A 36 -11.49 -7.83 10.73
C LYS A 36 -10.96 -7.50 12.15
N GLY A 37 -11.60 -8.07 13.18
CA GLY A 37 -11.20 -7.89 14.58
C GLY A 37 -11.88 -6.69 15.22
N ARG A 38 -13.14 -6.45 14.79
CA ARG A 38 -14.04 -5.39 15.32
C ARG A 38 -13.53 -3.96 14.98
N PRO A 39 -14.44 -2.91 14.96
CA PRO A 39 -14.04 -1.49 14.81
C PRO A 39 -13.11 -1.00 15.94
N GLY B 1 -14.02 4.98 -9.96
CA GLY B 1 -13.52 4.82 -8.62
C GLY B 1 -14.41 3.94 -7.75
N SER B 2 -15.67 3.74 -8.19
CA SER B 2 -16.67 2.93 -7.45
C SER B 2 -17.44 2.05 -8.44
N ALA B 3 -18.30 2.68 -9.27
CA ALA B 3 -19.13 1.98 -10.27
C ALA B 3 -19.27 2.85 -11.53
N THR B 4 -18.16 3.51 -11.88
CA THR B 4 -18.07 4.41 -13.07
C THR B 4 -18.11 3.58 -14.36
N GLN B 5 -17.70 2.31 -14.24
CA GLN B 5 -17.80 1.28 -15.28
C GLN B 5 -18.16 -0.03 -14.61
N SER B 6 -18.14 -1.15 -15.39
CA SER B 6 -18.53 -2.50 -14.91
C SER B 6 -17.84 -2.84 -13.56
N PRO B 7 -18.56 -3.47 -12.57
CA PRO B 7 -18.11 -3.60 -11.15
C PRO B 7 -16.64 -4.06 -10.98
N GLY B 8 -16.32 -5.21 -11.61
CA GLY B 8 -14.97 -5.80 -11.57
C GLY B 8 -13.91 -4.91 -12.22
N ASP B 9 -14.30 -4.24 -13.32
CA ASP B 9 -13.43 -3.34 -14.08
C ASP B 9 -13.06 -2.11 -13.27
N SER B 10 -14.09 -1.39 -12.76
CA SER B 10 -13.94 -0.11 -12.02
C SER B 10 -12.99 -0.25 -10.83
N ARG B 11 -13.24 -1.32 -10.02
CA ARG B 11 -12.44 -1.63 -8.84
C ARG B 11 -11.03 -2.14 -9.25
N ARG B 12 -10.92 -2.71 -10.49
CA ARG B 12 -9.62 -3.19 -11.02
C ARG B 12 -8.69 -2.00 -11.29
N LEU B 13 -9.20 -0.89 -11.88
CA LEU B 13 -8.36 0.32 -12.11
C LEU B 13 -7.86 0.86 -10.77
N SER B 14 -8.78 1.02 -9.82
CA SER B 14 -8.48 1.54 -8.48
C SER B 14 -7.37 0.72 -7.75
N ILE B 15 -7.49 -0.63 -7.85
CA ILE B 15 -6.55 -1.56 -7.17
C ILE B 15 -5.18 -1.57 -7.89
N GLN B 16 -5.19 -1.43 -9.24
CA GLN B 16 -3.97 -1.36 -10.05
C GLN B 16 -3.18 -0.08 -9.74
N ARG B 17 -3.89 1.06 -9.58
CA ARG B 17 -3.28 2.38 -9.26
C ARG B 17 -2.53 2.32 -7.93
N ALA B 18 -3.11 1.59 -6.96
CA ALA B 18 -2.49 1.34 -5.64
C ALA B 18 -1.17 0.57 -5.78
N ILE B 19 -1.18 -0.47 -6.64
CA ILE B 19 0.02 -1.28 -6.95
C ILE B 19 1.07 -0.40 -7.64
N GLN B 20 0.63 0.37 -8.66
CA GLN B 20 1.49 1.24 -9.49
C GLN B 20 2.13 2.36 -8.68
N SER B 21 1.46 2.78 -7.59
CA SER B 21 1.98 3.78 -6.65
C SER B 21 3.09 3.15 -5.79
N LEU B 22 2.82 1.91 -5.31
CA LEU B 22 3.77 1.12 -4.51
C LEU B 22 5.06 0.82 -5.32
N VAL B 23 4.85 0.52 -6.60
CA VAL B 23 5.91 0.27 -7.60
C VAL B 23 6.69 1.56 -7.87
N HIS B 24 5.93 2.67 -8.07
CA HIS B 24 6.47 3.99 -8.34
C HIS B 24 7.50 4.39 -7.27
N ALA B 25 7.04 4.37 -6.00
CA ALA B 25 7.84 4.79 -4.83
C ALA B 25 9.05 3.86 -4.56
N ALA B 26 8.91 2.57 -4.95
CA ALA B 26 9.99 1.58 -4.87
C ALA B 26 11.14 1.90 -5.85
N GLN B 27 10.78 2.54 -6.99
CA GLN B 27 11.74 2.99 -8.03
C GLN B 27 12.18 4.45 -7.82
N CYS B 28 11.32 5.22 -7.14
CA CYS B 28 11.44 6.69 -7.03
C CYS B 28 12.09 7.04 -5.68
N ARG B 29 13.37 7.47 -5.73
CA ARG B 29 14.13 7.90 -4.55
C ARG B 29 14.14 9.43 -4.45
N ASN B 30 14.07 10.10 -5.62
CA ASN B 30 14.21 11.58 -5.75
C ASN B 30 13.08 12.35 -5.03
N ALA B 31 13.39 13.60 -4.67
CA ALA B 31 12.45 14.53 -4.02
C ALA B 31 11.89 15.59 -4.99
N ASN B 32 12.43 15.66 -6.22
CA ASN B 32 11.93 16.59 -7.26
C ASN B 32 10.50 16.21 -7.65
N CYS B 33 10.24 14.90 -7.65
CA CYS B 33 8.90 14.34 -7.69
C CYS B 33 8.36 14.27 -6.24
N SER B 34 7.44 15.20 -5.89
CA SER B 34 7.03 15.44 -4.50
C SER B 34 5.50 15.56 -4.35
N LEU B 35 4.72 14.86 -5.20
CA LEU B 35 3.25 14.76 -5.04
C LEU B 35 2.87 14.01 -3.73
N PRO B 36 1.63 14.26 -3.13
CA PRO B 36 1.21 13.68 -1.83
C PRO B 36 1.26 12.14 -1.78
N SER B 37 0.78 11.49 -2.87
CA SER B 37 0.75 10.01 -2.98
C SER B 37 2.16 9.42 -2.86
N CYS B 38 3.14 10.14 -3.45
CA CYS B 38 4.54 9.70 -3.49
C CYS B 38 5.20 9.84 -2.11
N GLN B 39 4.87 10.91 -1.36
CA GLN B 39 5.42 11.15 -0.01
C GLN B 39 4.94 10.08 0.99
N LYS B 40 3.63 9.81 0.95
CA LYS B 40 2.96 8.80 1.81
C LYS B 40 3.42 7.38 1.46
N MET B 41 3.57 7.11 0.16
CA MET B 41 3.96 5.79 -0.33
C MET B 41 5.44 5.53 0.00
N LYS B 42 6.34 6.52 -0.23
CA LYS B 42 7.79 6.37 0.09
C LYS B 42 8.02 6.24 1.60
N ARG B 43 7.13 6.89 2.39
CA ARG B 43 7.08 6.74 3.87
C ARG B 43 7.00 5.24 4.23
N VAL B 44 5.97 4.58 3.71
CA VAL B 44 5.70 3.19 4.03
C VAL B 44 6.64 2.22 3.26
N VAL B 45 7.08 2.58 2.04
CA VAL B 45 7.98 1.72 1.23
C VAL B 45 9.34 1.54 1.93
N GLN B 46 9.94 2.66 2.38
CA GLN B 46 11.21 2.64 3.12
C GLN B 46 11.03 1.94 4.48
N HIS B 47 9.84 2.17 5.11
CA HIS B 47 9.43 1.48 6.36
C HIS B 47 9.50 -0.05 6.17
N THR B 48 8.86 -0.58 5.10
CA THR B 48 8.70 -2.03 4.88
C THR B 48 10.05 -2.71 4.57
N LYS B 49 10.97 -1.92 3.98
CA LYS B 49 12.35 -2.36 3.70
C LYS B 49 13.17 -2.50 5.00
N GLY B 50 12.86 -1.66 6.00
CA GLY B 50 13.48 -1.75 7.34
C GLY B 50 12.61 -2.50 8.35
N CYS B 51 11.58 -3.22 7.87
CA CYS B 51 10.56 -3.86 8.72
C CYS B 51 10.54 -5.37 8.46
N LYS B 52 11.21 -6.13 9.34
CA LYS B 52 11.19 -7.61 9.36
C LYS B 52 9.87 -8.12 9.95
N ARG B 53 9.25 -7.27 10.80
CA ARG B 53 7.97 -7.51 11.49
C ARG B 53 6.78 -7.76 10.53
N LYS B 54 6.97 -7.44 9.23
CA LYS B 54 5.92 -7.64 8.20
C LYS B 54 5.79 -9.13 7.88
N THR B 55 6.96 -9.75 7.85
CA THR B 55 7.17 -11.16 7.59
C THR B 55 6.84 -11.97 8.85
N ASN B 56 7.11 -11.36 10.01
CA ASN B 56 6.74 -11.91 11.33
C ASN B 56 5.22 -11.79 11.57
N GLY B 57 4.53 -10.98 10.71
CA GLY B 57 3.07 -10.94 10.65
C GLY B 57 2.43 -9.82 11.49
N GLY B 58 3.17 -9.31 12.50
CA GLY B 58 2.63 -8.34 13.46
C GLY B 58 2.71 -6.89 12.99
N CYS B 59 2.38 -6.63 11.71
CA CYS B 59 2.40 -5.27 11.14
C CYS B 59 1.29 -5.12 10.09
N PRO B 60 0.09 -4.52 10.48
CA PRO B 60 -1.09 -4.36 9.58
C PRO B 60 -0.82 -3.47 8.35
N ILE B 61 0.09 -2.48 8.51
CA ILE B 61 0.47 -1.52 7.44
C ILE B 61 1.07 -2.28 6.24
N CYS B 62 2.00 -3.17 6.57
CA CYS B 62 2.65 -4.04 5.60
C CYS B 62 1.73 -5.19 5.15
N LYS B 63 0.71 -5.53 5.98
CA LYS B 63 -0.24 -6.63 5.69
C LYS B 63 -1.16 -6.24 4.51
N GLN B 64 -1.65 -4.99 4.51
CA GLN B 64 -2.43 -4.48 3.36
C GLN B 64 -1.55 -4.33 2.12
N LEU B 65 -0.29 -3.81 2.28
CA LEU B 65 0.64 -3.67 1.11
C LEU B 65 0.97 -5.02 0.44
N ILE B 66 1.19 -6.05 1.28
CA ILE B 66 1.54 -7.40 0.81
C ILE B 66 0.29 -8.09 0.22
N ALA B 67 -0.92 -7.57 0.56
CA ALA B 67 -2.20 -8.02 -0.03
C ALA B 67 -2.35 -7.56 -1.51
N LEU B 68 -1.97 -6.28 -1.82
CA LEU B 68 -1.89 -5.80 -3.24
C LEU B 68 -0.91 -6.69 -4.00
N ALA B 69 0.28 -6.82 -3.40
CA ALA B 69 1.42 -7.52 -3.98
C ALA B 69 1.19 -9.03 -4.11
N ALA B 70 0.31 -9.61 -3.25
CA ALA B 70 -0.04 -11.05 -3.30
C ALA B 70 -0.86 -11.35 -4.53
N TYR B 71 -1.99 -10.63 -4.67
CA TYR B 71 -2.87 -10.66 -5.85
C TYR B 71 -2.05 -10.40 -7.13
N HIS B 72 -1.21 -9.35 -7.05
CA HIS B 72 -0.34 -8.91 -8.15
C HIS B 72 0.68 -10.02 -8.53
N ALA B 73 1.26 -10.70 -7.51
CA ALA B 73 2.31 -11.74 -7.73
C ALA B 73 1.73 -13.04 -8.30
N LYS B 74 0.42 -13.27 -8.09
CA LYS B 74 -0.29 -14.44 -8.67
C LYS B 74 -0.38 -14.32 -10.20
N HIS B 75 -0.31 -13.09 -10.71
CA HIS B 75 -0.43 -12.78 -12.16
C HIS B 75 0.92 -12.33 -12.74
N CYS B 76 1.79 -11.78 -11.87
CA CYS B 76 3.12 -11.28 -12.23
C CYS B 76 4.19 -12.29 -11.80
N GLN B 77 4.74 -13.02 -12.78
CA GLN B 77 5.88 -13.92 -12.58
C GLN B 77 7.16 -13.17 -12.99
N GLU B 78 7.64 -12.33 -12.07
CA GLU B 78 8.79 -11.43 -12.32
C GLU B 78 9.71 -11.40 -11.08
N ASN B 79 11.02 -11.48 -11.32
CA ASN B 79 12.04 -11.60 -10.27
C ASN B 79 12.83 -10.30 -10.05
N LYS B 80 12.82 -9.38 -11.05
CA LYS B 80 13.50 -8.05 -10.93
C LYS B 80 12.47 -6.96 -10.56
N CYS B 81 11.29 -7.41 -10.07
CA CYS B 81 10.19 -6.53 -9.66
C CYS B 81 10.65 -5.62 -8.48
N PRO B 82 10.57 -4.25 -8.64
CA PRO B 82 11.04 -3.27 -7.60
C PRO B 82 10.35 -3.45 -6.23
N VAL B 83 9.09 -3.92 -6.25
CA VAL B 83 8.30 -4.19 -5.04
C VAL B 83 8.80 -5.49 -4.34
N PRO B 84 9.38 -5.37 -3.09
CA PRO B 84 10.04 -6.51 -2.39
C PRO B 84 9.05 -7.61 -1.95
N PHE B 85 7.79 -7.20 -1.66
CA PHE B 85 6.72 -8.12 -1.21
C PHE B 85 6.47 -9.18 -2.28
N CYS B 86 6.29 -8.70 -3.52
CA CYS B 86 6.04 -9.54 -4.72
C CYS B 86 7.11 -10.62 -4.88
N LEU B 87 8.36 -10.28 -4.52
CA LEU B 87 9.51 -11.20 -4.54
C LEU B 87 9.39 -12.24 -3.41
N ASN B 88 9.05 -11.78 -2.20
CA ASN B 88 8.86 -12.65 -1.01
C ASN B 88 7.79 -13.72 -1.26
N ILE B 89 6.82 -13.36 -2.11
CA ILE B 89 5.66 -14.21 -2.46
C ILE B 89 5.98 -15.16 -3.63
N LYS B 90 6.58 -14.61 -4.71
CA LYS B 90 6.84 -15.38 -5.96
C LYS B 90 7.92 -16.44 -5.72
N GLN B 91 8.91 -16.12 -4.86
CA GLN B 91 10.01 -17.03 -4.51
C GLN B 91 9.52 -18.14 -3.57
N LYS B 92 8.83 -17.73 -2.50
CA LYS B 92 8.38 -18.64 -1.43
C LYS B 92 6.93 -19.11 -1.72
N GLY A 1 -10.36 19.62 25.56
CA GLY A 1 -10.03 18.91 24.31
C GLY A 1 -11.03 19.17 23.19
N SER A 2 -11.02 18.30 22.17
CA SER A 2 -11.91 18.38 21.00
C SER A 2 -12.02 16.99 20.35
N MET A 3 -13.23 16.66 19.84
CA MET A 3 -13.52 15.35 19.24
C MET A 3 -13.07 15.31 17.77
N ASN A 4 -12.59 14.11 17.34
CA ASN A 4 -12.15 13.83 15.97
C ASN A 4 -11.09 14.86 15.48
N GLN A 5 -9.84 14.69 15.93
CA GLN A 5 -8.71 15.58 15.57
C GLN A 5 -7.90 14.98 14.40
N PRO A 6 -7.26 15.84 13.53
CA PRO A 6 -6.41 15.37 12.40
C PRO A 6 -5.20 14.54 12.86
N GLN A 7 -4.67 13.71 11.93
CA GLN A 7 -3.49 12.86 12.17
C GLN A 7 -2.24 13.72 12.45
N ARG A 8 -1.40 13.26 13.40
CA ARG A 8 -0.22 14.00 13.85
C ARG A 8 0.98 13.03 13.81
N MET A 9 1.76 13.12 12.72
CA MET A 9 2.85 12.15 12.44
C MET A 9 3.93 12.21 13.53
N ALA A 10 4.34 11.03 14.01
CA ALA A 10 5.29 10.91 15.14
C ALA A 10 5.92 9.50 15.13
N PRO A 11 7.16 9.33 15.73
CA PRO A 11 7.82 8.00 15.86
C PRO A 11 7.20 7.10 16.96
N VAL A 12 5.98 7.48 17.42
CA VAL A 12 5.20 6.72 18.41
C VAL A 12 4.84 5.30 17.94
N GLY A 13 4.92 5.06 16.60
CA GLY A 13 4.66 3.74 16.03
C GLY A 13 3.17 3.40 15.94
N THR A 14 2.32 4.38 16.24
CA THR A 14 0.87 4.21 16.24
C THR A 14 0.24 5.08 15.17
N ASP A 15 0.28 6.42 15.37
CA ASP A 15 -0.39 7.42 14.50
C ASP A 15 0.03 7.26 13.04
N LYS A 16 1.35 7.32 12.81
CA LYS A 16 1.95 7.29 11.45
C LYS A 16 1.51 6.01 10.69
N GLU A 17 1.45 4.88 11.42
CA GLU A 17 1.12 3.57 10.85
C GLU A 17 -0.34 3.57 10.39
N LEU A 18 -1.26 3.82 11.34
CA LEU A 18 -2.72 3.78 11.11
C LEU A 18 -3.17 4.86 10.10
N SER A 19 -2.43 5.98 10.05
CA SER A 19 -2.70 7.11 9.14
C SER A 19 -2.40 6.70 7.70
N ASP A 20 -1.27 6.00 7.52
CA ASP A 20 -0.87 5.44 6.24
C ASP A 20 -1.89 4.37 5.81
N LEU A 21 -2.19 3.42 6.72
CA LEU A 21 -3.16 2.33 6.47
C LEU A 21 -4.53 2.86 6.06
N LEU A 22 -4.96 3.96 6.71
CA LEU A 22 -6.26 4.63 6.44
C LEU A 22 -6.31 5.08 4.97
N ASP A 23 -5.25 5.81 4.56
CA ASP A 23 -5.13 6.39 3.23
C ASP A 23 -5.09 5.32 2.13
N PHE A 24 -4.36 4.22 2.41
CA PHE A 24 -4.19 3.14 1.45
C PHE A 24 -5.47 2.29 1.33
N SER A 25 -6.09 1.97 2.48
CA SER A 25 -7.32 1.12 2.53
C SER A 25 -8.49 1.76 1.75
N MET A 26 -8.51 3.10 1.67
CA MET A 26 -9.51 3.84 0.88
C MET A 26 -9.00 4.06 -0.59
N MET A 27 -7.66 4.01 -0.79
CA MET A 27 -7.03 4.19 -2.13
C MET A 27 -7.35 3.00 -3.06
N PHE A 28 -7.39 1.80 -2.47
CA PHE A 28 -7.71 0.55 -3.18
C PHE A 28 -8.88 -0.18 -2.49
N PRO A 29 -9.64 -1.05 -3.24
CA PRO A 29 -10.67 -1.92 -2.63
C PRO A 29 -10.05 -3.13 -1.89
N LEU A 30 -9.72 -4.23 -2.64
CA LEU A 30 -9.26 -5.53 -2.08
C LEU A 30 -10.35 -6.19 -1.16
N PRO A 31 -10.21 -7.51 -0.84
CA PRO A 31 -11.00 -8.12 0.25
C PRO A 31 -10.40 -7.78 1.64
N VAL A 32 -10.97 -8.36 2.71
CA VAL A 32 -10.54 -8.09 4.11
C VAL A 32 -9.05 -8.48 4.32
N THR A 33 -8.62 -9.57 3.64
CA THR A 33 -7.25 -10.14 3.67
C THR A 33 -6.71 -10.40 5.10
N ASN A 34 -7.63 -10.46 6.11
CA ASN A 34 -7.31 -10.70 7.54
C ASN A 34 -6.22 -9.71 8.04
N GLY A 35 -5.27 -10.17 8.89
CA GLY A 35 -4.07 -9.40 9.29
C GLY A 35 -4.35 -8.21 10.20
N LYS A 36 -5.57 -8.17 10.74
CA LYS A 36 -6.06 -7.10 11.62
C LYS A 36 -7.38 -7.57 12.24
N GLY A 37 -7.29 -8.20 13.43
CA GLY A 37 -8.46 -8.75 14.11
C GLY A 37 -8.08 -9.47 15.38
N ARG A 38 -7.44 -8.74 16.31
CA ARG A 38 -7.09 -9.24 17.66
C ARG A 38 -8.37 -9.52 18.50
N PRO A 39 -9.38 -8.57 18.60
CA PRO A 39 -10.65 -8.86 19.31
C PRO A 39 -11.55 -9.84 18.52
N GLY B 1 -21.49 1.92 -6.45
CA GLY B 1 -22.58 1.61 -7.35
C GLY B 1 -22.51 2.41 -8.64
N SER B 2 -23.70 2.69 -9.22
CA SER B 2 -23.88 3.49 -10.46
C SER B 2 -23.35 2.78 -11.73
N ALA B 3 -24.15 2.85 -12.81
CA ALA B 3 -23.85 2.23 -14.10
C ALA B 3 -22.96 3.15 -14.97
N THR B 4 -21.78 3.47 -14.44
CA THR B 4 -20.70 4.17 -15.17
C THR B 4 -19.63 3.16 -15.60
N GLN B 5 -19.60 2.02 -14.86
CA GLN B 5 -18.68 0.91 -15.09
C GLN B 5 -19.18 -0.31 -14.31
N SER B 6 -18.66 -1.50 -14.66
CA SER B 6 -18.98 -2.75 -13.96
C SER B 6 -18.24 -2.79 -12.58
N PRO B 7 -18.78 -3.53 -11.54
CA PRO B 7 -18.08 -3.71 -10.24
C PRO B 7 -16.64 -4.24 -10.42
N GLY B 8 -16.46 -5.14 -11.41
CA GLY B 8 -15.14 -5.69 -11.76
C GLY B 8 -14.18 -4.61 -12.27
N ASP B 9 -14.72 -3.68 -13.10
CA ASP B 9 -13.94 -2.55 -13.64
C ASP B 9 -13.55 -1.58 -12.52
N SER B 10 -14.53 -1.07 -11.76
CA SER B 10 -14.34 -0.05 -10.71
C SER B 10 -13.18 -0.42 -9.75
N ARG B 11 -13.23 -1.67 -9.25
CA ARG B 11 -12.21 -2.21 -8.37
C ARG B 11 -10.87 -2.40 -9.09
N ARG B 12 -10.92 -2.76 -10.40
CA ARG B 12 -9.72 -3.03 -11.22
C ARG B 12 -8.85 -1.77 -11.36
N LEU B 13 -9.44 -0.63 -11.75
CA LEU B 13 -8.66 0.60 -11.95
C LEU B 13 -8.07 1.10 -10.63
N SER B 14 -8.92 1.16 -9.57
CA SER B 14 -8.49 1.67 -8.25
C SER B 14 -7.34 0.82 -7.64
N ILE B 15 -7.45 -0.52 -7.79
CA ILE B 15 -6.47 -1.48 -7.25
C ILE B 15 -5.15 -1.41 -8.07
N GLN B 16 -5.26 -1.16 -9.40
CA GLN B 16 -4.08 -0.99 -10.29
C GLN B 16 -3.28 0.25 -9.88
N ARG B 17 -3.97 1.37 -9.58
CA ARG B 17 -3.32 2.64 -9.17
C ARG B 17 -2.42 2.39 -7.95
N ALA B 18 -2.99 1.65 -6.97
CA ALA B 18 -2.30 1.28 -5.73
C ALA B 18 -1.01 0.48 -5.98
N ILE B 19 -1.09 -0.49 -6.91
CA ILE B 19 0.08 -1.31 -7.32
C ILE B 19 1.13 -0.43 -7.99
N GLN B 20 0.68 0.43 -8.91
CA GLN B 20 1.54 1.33 -9.70
C GLN B 20 2.21 2.37 -8.80
N SER B 21 1.56 2.72 -7.66
CA SER B 21 2.12 3.63 -6.64
C SER B 21 3.21 2.91 -5.80
N LEU B 22 2.97 1.62 -5.52
CA LEU B 22 3.93 0.75 -4.80
C LEU B 22 5.20 0.54 -5.66
N VAL B 23 4.98 0.35 -6.96
CA VAL B 23 6.04 0.22 -7.97
C VAL B 23 6.77 1.56 -8.15
N HIS B 24 5.98 2.65 -8.20
CA HIS B 24 6.48 4.02 -8.36
C HIS B 24 7.48 4.35 -7.26
N ALA B 25 6.97 4.40 -6.01
CA ALA B 25 7.74 4.81 -4.82
C ALA B 25 8.91 3.85 -4.50
N ALA B 26 8.81 2.57 -4.92
CA ALA B 26 9.93 1.61 -4.81
C ALA B 26 11.12 2.04 -5.69
N GLN B 27 10.81 2.50 -6.90
CA GLN B 27 11.82 3.02 -7.86
C GLN B 27 12.13 4.51 -7.62
N CYS B 28 11.18 5.20 -6.98
CA CYS B 28 11.23 6.66 -6.77
C CYS B 28 11.57 6.96 -5.30
N ARG B 29 12.86 7.03 -5.01
CA ARG B 29 13.35 7.41 -3.66
C ARG B 29 13.71 8.93 -3.66
N ASN B 30 13.64 9.56 -4.85
CA ASN B 30 13.97 10.98 -5.02
C ASN B 30 12.82 11.88 -4.51
N ALA B 31 13.20 13.05 -3.95
CA ALA B 31 12.26 14.01 -3.37
C ALA B 31 11.80 15.06 -4.39
N ASN B 32 12.53 15.19 -5.53
CA ASN B 32 12.19 16.16 -6.61
C ASN B 32 10.79 15.87 -7.18
N CYS B 33 10.45 14.59 -7.29
CA CYS B 33 9.07 14.15 -7.54
C CYS B 33 8.31 14.14 -6.19
N SER B 34 7.40 15.11 -6.02
CA SER B 34 6.93 15.55 -4.70
C SER B 34 5.38 15.57 -4.56
N LEU B 35 4.65 14.81 -5.42
CA LEU B 35 3.17 14.72 -5.30
C LEU B 35 2.74 14.00 -3.97
N PRO B 36 1.53 14.32 -3.40
CA PRO B 36 1.05 13.78 -2.09
C PRO B 36 1.06 12.24 -1.98
N SER B 37 0.57 11.55 -3.03
CA SER B 37 0.54 10.06 -3.06
C SER B 37 1.94 9.48 -2.93
N CYS B 38 2.91 10.17 -3.54
CA CYS B 38 4.33 9.76 -3.54
C CYS B 38 4.94 9.90 -2.15
N GLN B 39 4.52 10.92 -1.40
CA GLN B 39 5.04 11.18 -0.04
C GLN B 39 4.59 10.10 0.95
N LYS B 40 3.28 9.81 0.91
CA LYS B 40 2.66 8.72 1.69
C LYS B 40 3.32 7.38 1.37
N MET B 41 3.43 7.09 0.06
CA MET B 41 3.88 5.78 -0.43
C MET B 41 5.39 5.60 -0.24
N LYS B 42 6.21 6.68 -0.38
CA LYS B 42 7.69 6.58 -0.20
C LYS B 42 8.01 6.25 1.27
N ARG B 43 7.28 6.90 2.21
CA ARG B 43 7.41 6.63 3.65
C ARG B 43 7.21 5.14 3.93
N VAL B 44 6.07 4.62 3.46
CA VAL B 44 5.67 3.24 3.76
C VAL B 44 6.52 2.22 2.95
N VAL B 45 7.04 2.62 1.77
CA VAL B 45 7.93 1.76 0.96
C VAL B 45 9.26 1.53 1.69
N GLN B 46 9.88 2.62 2.17
CA GLN B 46 11.14 2.54 2.95
C GLN B 46 10.89 1.81 4.28
N HIS B 47 9.70 2.07 4.86
CA HIS B 47 9.21 1.37 6.06
C HIS B 47 9.19 -0.15 5.82
N THR B 48 8.51 -0.61 4.75
CA THR B 48 8.28 -2.06 4.49
C THR B 48 9.59 -2.81 4.21
N LYS B 49 10.61 -2.08 3.71
CA LYS B 49 11.97 -2.62 3.48
C LYS B 49 12.69 -2.94 4.81
N GLY B 50 12.61 -1.99 5.77
CA GLY B 50 13.30 -2.15 7.08
C GLY B 50 12.44 -2.83 8.14
N CYS B 51 11.12 -2.88 7.91
CA CYS B 51 10.14 -3.43 8.86
C CYS B 51 9.95 -4.93 8.63
N LYS B 52 10.64 -5.73 9.44
CA LYS B 52 10.57 -7.20 9.37
C LYS B 52 9.35 -7.73 10.14
N ARG B 53 8.79 -6.90 11.06
CA ARG B 53 7.59 -7.26 11.86
C ARG B 53 6.33 -7.43 10.96
N LYS B 54 6.46 -7.09 9.67
CA LYS B 54 5.44 -7.38 8.65
C LYS B 54 5.06 -8.87 8.59
N THR B 55 6.07 -9.73 8.82
CA THR B 55 5.90 -11.20 8.81
C THR B 55 6.24 -11.77 10.21
N ASN B 56 7.16 -11.09 10.92
CA ASN B 56 7.72 -11.55 12.20
C ASN B 56 6.71 -11.31 13.34
N GLY B 57 6.01 -10.16 13.27
CA GLY B 57 5.04 -9.75 14.28
C GLY B 57 3.62 -9.82 13.75
N GLY B 58 3.19 -8.75 13.07
CA GLY B 58 1.84 -8.69 12.48
C GLY B 58 1.46 -7.26 12.11
N CYS B 59 2.34 -6.61 11.34
CA CYS B 59 2.16 -5.21 10.91
C CYS B 59 1.12 -5.09 9.77
N PRO B 60 -0.12 -4.54 10.05
CA PRO B 60 -1.25 -4.54 9.09
C PRO B 60 -1.02 -3.62 7.86
N ILE B 61 -0.12 -2.63 8.02
CA ILE B 61 0.22 -1.65 6.96
C ILE B 61 0.90 -2.39 5.78
N CYS B 62 1.85 -3.23 6.16
CA CYS B 62 2.59 -4.08 5.22
C CYS B 62 1.73 -5.26 4.72
N LYS B 63 0.65 -5.59 5.46
CA LYS B 63 -0.29 -6.68 5.11
C LYS B 63 -1.17 -6.25 3.91
N GLN B 64 -1.71 -5.02 3.96
CA GLN B 64 -2.50 -4.49 2.82
C GLN B 64 -1.60 -4.30 1.59
N LEU B 65 -0.33 -3.86 1.81
CA LEU B 65 0.63 -3.67 0.68
C LEU B 65 1.05 -5.02 0.03
N ILE B 66 1.22 -6.08 0.86
CA ILE B 66 1.56 -7.43 0.35
C ILE B 66 0.33 -8.04 -0.37
N ALA B 67 -0.87 -7.51 -0.05
CA ALA B 67 -2.13 -7.94 -0.67
C ALA B 67 -2.27 -7.44 -2.14
N LEU B 68 -1.85 -6.16 -2.42
CA LEU B 68 -1.73 -5.68 -3.83
C LEU B 68 -0.75 -6.59 -4.57
N ALA B 69 0.42 -6.77 -3.93
CA ALA B 69 1.56 -7.50 -4.49
C ALA B 69 1.27 -8.99 -4.70
N ALA B 70 0.35 -9.57 -3.90
CA ALA B 70 -0.02 -10.99 -3.98
C ALA B 70 -0.87 -11.25 -5.22
N TYR B 71 -1.95 -10.48 -5.33
CA TYR B 71 -2.83 -10.45 -6.51
C TYR B 71 -2.01 -10.17 -7.80
N HIS B 72 -1.07 -9.22 -7.68
CA HIS B 72 -0.18 -8.80 -8.78
C HIS B 72 0.86 -9.91 -9.11
N ALA B 73 1.33 -10.65 -8.10
CA ALA B 73 2.36 -11.72 -8.27
C ALA B 73 1.78 -12.96 -8.96
N LYS B 74 0.45 -13.11 -8.89
CA LYS B 74 -0.27 -14.16 -9.62
C LYS B 74 -0.12 -13.99 -11.15
N HIS B 75 -0.02 -12.73 -11.58
CA HIS B 75 0.06 -12.37 -13.01
C HIS B 75 1.52 -12.08 -13.43
N CYS B 76 2.32 -11.59 -12.47
CA CYS B 76 3.70 -11.15 -12.67
C CYS B 76 4.70 -12.15 -12.07
N GLN B 77 5.53 -12.76 -12.93
CA GLN B 77 6.57 -13.74 -12.52
C GLN B 77 7.96 -13.09 -12.57
N GLU B 78 8.00 -11.75 -12.49
CA GLU B 78 9.24 -10.96 -12.60
C GLU B 78 10.06 -11.03 -11.28
N ASN B 79 11.31 -11.52 -11.40
CA ASN B 79 12.28 -11.59 -10.28
C ASN B 79 13.03 -10.24 -10.12
N LYS B 80 12.99 -9.42 -11.18
CA LYS B 80 13.64 -8.09 -11.21
C LYS B 80 12.62 -6.99 -10.86
N CYS B 81 11.56 -7.38 -10.12
CA CYS B 81 10.42 -6.51 -9.82
C CYS B 81 10.76 -5.55 -8.65
N PRO B 82 10.46 -4.22 -8.78
CA PRO B 82 10.77 -3.19 -7.73
C PRO B 82 10.09 -3.46 -6.38
N VAL B 83 8.90 -4.10 -6.43
CA VAL B 83 8.13 -4.46 -5.24
C VAL B 83 8.82 -5.63 -4.50
N PRO B 84 9.28 -5.43 -3.22
CA PRO B 84 10.00 -6.48 -2.45
C PRO B 84 9.07 -7.66 -2.10
N PHE B 85 7.80 -7.32 -1.78
CA PHE B 85 6.75 -8.30 -1.44
C PHE B 85 6.54 -9.30 -2.58
N CYS B 86 6.50 -8.77 -3.81
CA CYS B 86 6.23 -9.57 -5.03
C CYS B 86 7.20 -10.75 -5.16
N LEU B 87 8.47 -10.52 -4.78
CA LEU B 87 9.47 -11.59 -4.67
C LEU B 87 9.25 -12.46 -3.44
N ASN B 88 8.98 -11.84 -2.28
CA ASN B 88 8.77 -12.57 -1.01
C ASN B 88 7.60 -13.58 -1.12
N ILE B 89 6.70 -13.35 -2.10
CA ILE B 89 5.55 -14.21 -2.39
C ILE B 89 5.93 -15.32 -3.40
N LYS B 90 6.63 -14.94 -4.51
CA LYS B 90 7.00 -15.90 -5.59
C LYS B 90 8.06 -16.90 -5.10
N GLN B 91 8.87 -16.48 -4.11
CA GLN B 91 9.98 -17.28 -3.55
C GLN B 91 9.47 -18.08 -2.35
N LYS B 92 8.91 -17.36 -1.36
CA LYS B 92 8.42 -17.95 -0.10
C LYS B 92 6.90 -18.18 -0.17
N GLY A 1 -8.67 4.17 13.74
CA GLY A 1 -8.96 5.05 14.89
C GLY A 1 -10.41 4.90 15.36
N SER A 2 -10.61 4.77 16.70
CA SER A 2 -11.93 4.56 17.31
C SER A 2 -12.78 5.85 17.19
N MET A 3 -13.53 5.95 16.06
CA MET A 3 -14.35 7.12 15.67
C MET A 3 -13.44 8.31 15.25
N ASN A 4 -12.71 8.86 16.23
CA ASN A 4 -11.79 9.98 16.06
C ASN A 4 -10.59 9.57 15.16
N GLN A 5 -10.23 10.47 14.23
CA GLN A 5 -9.12 10.26 13.26
C GLN A 5 -7.73 10.45 13.96
N PRO A 6 -6.58 10.03 13.30
CA PRO A 6 -5.20 10.30 13.82
C PRO A 6 -4.98 11.80 14.09
N GLN A 7 -4.33 12.11 15.22
CA GLN A 7 -4.15 13.49 15.70
C GLN A 7 -3.01 14.21 14.94
N ARG A 8 -1.88 13.50 14.81
CA ARG A 8 -0.65 14.01 14.16
C ARG A 8 0.37 12.87 14.11
N MET A 9 1.01 12.65 12.93
CA MET A 9 1.98 11.54 12.73
C MET A 9 3.10 11.57 13.81
N ALA A 10 2.91 10.74 14.85
CA ALA A 10 3.68 10.79 16.09
C ALA A 10 4.64 9.59 16.21
N PRO A 11 5.83 9.78 16.87
CA PRO A 11 6.81 8.68 17.15
C PRO A 11 6.29 7.53 18.07
N VAL A 12 4.99 7.55 18.40
CA VAL A 12 4.31 6.46 19.12
C VAL A 12 4.29 5.15 18.31
N GLY A 13 4.49 5.26 16.97
CA GLY A 13 4.51 4.09 16.08
C GLY A 13 3.16 3.40 15.95
N THR A 14 2.09 4.16 16.19
CA THR A 14 0.71 3.67 16.09
C THR A 14 -0.14 4.65 15.29
N ASP A 15 -0.18 5.92 15.76
CA ASP A 15 -0.91 7.05 15.11
C ASP A 15 -0.55 7.15 13.63
N LYS A 16 0.76 7.22 13.37
CA LYS A 16 1.31 7.42 12.03
C LYS A 16 1.07 6.18 11.15
N GLU A 17 1.12 4.98 11.77
CA GLU A 17 0.90 3.69 11.09
C GLU A 17 -0.53 3.63 10.54
N LEU A 18 -1.51 3.82 11.43
CA LEU A 18 -2.94 3.77 11.09
C LEU A 18 -3.35 4.93 10.17
N SER A 19 -2.58 6.05 10.22
CA SER A 19 -2.79 7.21 9.34
C SER A 19 -2.42 6.84 7.89
N ASP A 20 -1.29 6.12 7.75
CA ASP A 20 -0.82 5.58 6.47
C ASP A 20 -1.84 4.55 5.95
N LEU A 21 -2.16 3.57 6.83
CA LEU A 21 -3.10 2.46 6.56
C LEU A 21 -4.45 2.95 6.04
N LEU A 22 -4.95 4.03 6.68
CA LEU A 22 -6.24 4.64 6.37
C LEU A 22 -6.26 5.14 4.92
N ASP A 23 -5.24 5.94 4.58
CA ASP A 23 -5.05 6.52 3.22
C ASP A 23 -4.96 5.40 2.14
N PHE A 24 -4.31 4.29 2.49
CA PHE A 24 -4.10 3.17 1.57
C PHE A 24 -5.39 2.36 1.38
N SER A 25 -6.10 2.09 2.48
CA SER A 25 -7.37 1.30 2.45
C SER A 25 -8.49 2.01 1.65
N MET A 26 -8.40 3.36 1.52
CA MET A 26 -9.26 4.12 0.59
C MET A 26 -8.62 4.28 -0.83
N MET A 27 -7.27 4.11 -0.93
CA MET A 27 -6.54 4.18 -2.24
C MET A 27 -6.85 2.95 -3.11
N PHE A 28 -7.05 1.80 -2.46
CA PHE A 28 -7.44 0.54 -3.11
C PHE A 28 -8.64 -0.09 -2.36
N PRO A 29 -9.58 -0.76 -3.10
CA PRO A 29 -10.69 -1.50 -2.46
C PRO A 29 -10.21 -2.86 -1.91
N LEU A 30 -9.80 -3.77 -2.84
CA LEU A 30 -9.39 -5.17 -2.52
C LEU A 30 -10.54 -6.01 -1.91
N PRO A 31 -10.43 -7.37 -1.91
CA PRO A 31 -11.29 -8.21 -1.06
C PRO A 31 -10.87 -8.09 0.41
N VAL A 32 -11.79 -8.41 1.31
CA VAL A 32 -11.56 -8.23 2.74
C VAL A 32 -12.14 -9.44 3.52
N THR A 33 -11.22 -10.30 3.96
CA THR A 33 -11.51 -11.37 4.91
C THR A 33 -11.25 -10.83 6.32
N ASN A 34 -12.36 -10.44 7.00
CA ASN A 34 -12.39 -9.95 8.43
C ASN A 34 -11.39 -8.80 8.74
N GLY A 35 -10.82 -8.16 7.69
CA GLY A 35 -9.80 -7.11 7.85
C GLY A 35 -8.40 -7.69 8.05
N LYS A 36 -8.24 -8.52 9.10
CA LYS A 36 -6.95 -9.12 9.48
C LYS A 36 -6.54 -10.25 8.53
N GLY A 37 -7.54 -11.05 8.11
CA GLY A 37 -7.31 -12.26 7.31
C GLY A 37 -7.16 -13.49 8.20
N ARG A 38 -6.20 -13.40 9.15
CA ARG A 38 -5.94 -14.44 10.15
C ARG A 38 -6.98 -14.36 11.30
N PRO A 39 -7.43 -15.53 11.89
CA PRO A 39 -8.45 -15.57 12.98
C PRO A 39 -7.90 -15.06 14.34
N GLY B 1 -23.76 11.93 -9.50
CA GLY B 1 -24.16 10.59 -9.15
C GLY B 1 -24.61 9.79 -10.35
N SER B 2 -23.70 9.64 -11.33
CA SER B 2 -23.95 8.85 -12.55
C SER B 2 -23.85 7.33 -12.26
N ALA B 3 -23.12 6.97 -11.18
CA ALA B 3 -22.80 5.58 -10.81
C ALA B 3 -22.09 4.85 -11.97
N THR B 4 -21.19 5.59 -12.65
CA THR B 4 -20.51 5.12 -13.87
C THR B 4 -19.45 4.06 -13.52
N GLN B 5 -18.99 3.34 -14.57
CA GLN B 5 -18.05 2.19 -14.44
C GLN B 5 -18.76 0.98 -13.78
N SER B 6 -18.62 -0.19 -14.40
CA SER B 6 -19.12 -1.46 -13.84
C SER B 6 -18.32 -1.81 -12.56
N PRO B 7 -18.94 -2.47 -11.52
CA PRO B 7 -18.35 -2.59 -10.14
C PRO B 7 -16.91 -3.17 -10.14
N GLY B 8 -16.74 -4.28 -10.88
CA GLY B 8 -15.45 -4.95 -10.99
C GLY B 8 -14.40 -4.12 -11.72
N ASP B 9 -14.85 -3.30 -12.71
CA ASP B 9 -13.96 -2.46 -13.53
C ASP B 9 -13.50 -1.20 -12.76
N SER B 10 -14.41 -0.59 -11.98
CA SER B 10 -14.10 0.61 -11.18
C SER B 10 -13.01 0.28 -10.13
N ARG B 11 -13.22 -0.87 -9.44
CA ARG B 11 -12.30 -1.37 -8.41
C ARG B 11 -11.02 -1.95 -9.03
N ARG B 12 -11.10 -2.33 -10.35
CA ARG B 12 -9.94 -2.84 -11.12
C ARG B 12 -8.94 -1.71 -11.35
N LEU B 13 -9.45 -0.55 -11.73
CA LEU B 13 -8.63 0.63 -12.05
C LEU B 13 -7.92 1.14 -10.81
N SER B 14 -8.69 1.40 -9.75
CA SER B 14 -8.18 1.92 -8.47
C SER B 14 -7.13 0.98 -7.83
N ILE B 15 -7.33 -0.35 -7.96
CA ILE B 15 -6.39 -1.36 -7.40
C ILE B 15 -5.08 -1.37 -8.23
N GLN B 16 -5.18 -1.20 -9.56
CA GLN B 16 -4.01 -1.12 -10.45
C GLN B 16 -3.15 0.12 -10.13
N ARG B 17 -3.82 1.24 -9.83
CA ARG B 17 -3.15 2.54 -9.52
C ARG B 17 -2.43 2.48 -8.17
N ALA B 18 -2.98 1.65 -7.26
CA ALA B 18 -2.35 1.36 -5.95
C ALA B 18 -1.06 0.54 -6.14
N ILE B 19 -1.09 -0.41 -7.10
CA ILE B 19 0.10 -1.19 -7.49
C ILE B 19 1.12 -0.26 -8.19
N GLN B 20 0.61 0.68 -9.02
CA GLN B 20 1.45 1.68 -9.72
C GLN B 20 2.14 2.62 -8.72
N SER B 21 1.49 2.86 -7.57
CA SER B 21 2.04 3.66 -6.47
C SER B 21 3.13 2.86 -5.72
N LEU B 22 2.86 1.55 -5.52
CA LEU B 22 3.76 0.63 -4.79
C LEU B 22 5.08 0.41 -5.56
N VAL B 23 4.95 0.17 -6.89
CA VAL B 23 6.11 -0.05 -7.78
C VAL B 23 6.87 1.27 -7.99
N HIS B 24 6.12 2.40 -8.00
CA HIS B 24 6.68 3.75 -8.11
C HIS B 24 7.66 3.96 -6.96
N ALA B 25 7.12 3.85 -5.73
CA ALA B 25 7.82 4.18 -4.49
C ALA B 25 9.04 3.29 -4.22
N ALA B 26 8.96 2.02 -4.65
CA ALA B 26 10.08 1.05 -4.55
C ALA B 26 11.27 1.49 -5.44
N GLN B 27 10.94 2.03 -6.63
CA GLN B 27 11.93 2.59 -7.58
C GLN B 27 12.25 4.07 -7.26
N CYS B 28 11.34 4.73 -6.52
CA CYS B 28 11.38 6.18 -6.26
C CYS B 28 12.15 6.52 -4.99
N ARG B 29 13.36 7.07 -5.17
CA ARG B 29 14.16 7.69 -4.10
C ARG B 29 14.25 9.20 -4.34
N ASN B 30 13.79 9.66 -5.52
CA ASN B 30 13.78 11.09 -5.88
C ASN B 30 12.71 11.85 -5.08
N ALA B 31 12.92 13.16 -4.94
CA ALA B 31 11.96 14.07 -4.27
C ALA B 31 11.31 15.04 -5.27
N ASN B 32 11.62 14.86 -6.57
CA ASN B 32 11.17 15.76 -7.65
C ASN B 32 9.65 15.61 -7.87
N CYS B 33 9.20 14.35 -7.87
CA CYS B 33 7.77 14.01 -7.88
C CYS B 33 7.22 14.11 -6.45
N SER B 34 6.43 15.18 -6.20
CA SER B 34 6.01 15.59 -4.85
C SER B 34 4.52 15.34 -4.58
N LEU B 35 3.83 14.53 -5.44
CA LEU B 35 2.38 14.23 -5.26
C LEU B 35 2.14 13.41 -3.96
N PRO B 36 0.90 13.56 -3.31
CA PRO B 36 0.58 12.94 -1.99
C PRO B 36 0.79 11.42 -1.94
N SER B 37 0.42 10.73 -3.05
CA SER B 37 0.55 9.27 -3.17
C SER B 37 2.02 8.86 -3.07
N CYS B 38 2.87 9.55 -3.82
CA CYS B 38 4.33 9.32 -3.86
C CYS B 38 5.00 9.49 -2.50
N GLN B 39 4.59 10.55 -1.78
CA GLN B 39 5.20 10.93 -0.48
C GLN B 39 4.87 9.91 0.63
N LYS B 40 3.57 9.56 0.74
CA LYS B 40 3.11 8.59 1.75
C LYS B 40 3.53 7.17 1.40
N MET B 41 3.65 6.88 0.09
CA MET B 41 4.08 5.55 -0.37
C MET B 41 5.58 5.37 -0.13
N LYS B 42 6.38 6.45 -0.30
CA LYS B 42 7.83 6.41 0.02
C LYS B 42 8.04 6.23 1.54
N ARG B 43 7.18 6.90 2.31
CA ARG B 43 7.12 6.76 3.78
C ARG B 43 7.01 5.26 4.16
N VAL B 44 6.01 4.60 3.58
CA VAL B 44 5.66 3.23 3.96
C VAL B 44 6.53 2.17 3.25
N VAL B 45 7.02 2.44 2.02
CA VAL B 45 7.79 1.43 1.22
C VAL B 45 9.20 1.24 1.82
N GLN B 46 9.80 2.36 2.29
CA GLN B 46 11.10 2.33 2.97
C GLN B 46 10.91 1.77 4.38
N HIS B 47 9.73 2.08 4.98
CA HIS B 47 9.27 1.47 6.25
C HIS B 47 9.28 -0.06 6.14
N THR B 48 8.61 -0.62 5.10
CA THR B 48 8.43 -2.09 4.96
C THR B 48 9.78 -2.81 4.79
N LYS B 49 10.71 -2.14 4.08
CA LYS B 49 12.08 -2.65 3.86
C LYS B 49 12.83 -2.90 5.21
N GLY B 50 12.71 -1.93 6.14
CA GLY B 50 13.36 -2.05 7.47
C GLY B 50 12.50 -2.76 8.52
N CYS B 51 11.19 -2.75 8.30
CA CYS B 51 10.19 -3.29 9.25
C CYS B 51 9.98 -4.78 9.03
N LYS B 52 10.69 -5.61 9.81
CA LYS B 52 10.55 -7.08 9.80
C LYS B 52 9.41 -7.54 10.75
N ARG B 53 8.81 -6.57 11.47
CA ARG B 53 7.54 -6.76 12.21
C ARG B 53 6.40 -7.28 11.28
N LYS B 54 6.57 -7.06 9.96
CA LYS B 54 5.64 -7.53 8.92
C LYS B 54 5.66 -9.07 8.81
N THR B 55 6.86 -9.69 8.90
CA THR B 55 7.02 -11.15 8.73
C THR B 55 6.65 -11.88 10.03
N ASN B 56 6.78 -11.15 11.17
CA ASN B 56 6.23 -11.60 12.47
C ASN B 56 4.68 -11.49 12.47
N GLY B 57 4.14 -10.60 11.61
CA GLY B 57 2.68 -10.51 11.37
C GLY B 57 2.01 -9.35 12.11
N GLY B 58 2.76 -8.66 12.97
CA GLY B 58 2.20 -7.62 13.85
C GLY B 58 2.20 -6.23 13.22
N CYS B 59 1.92 -6.13 11.92
CA CYS B 59 1.91 -4.84 11.21
C CYS B 59 0.90 -4.88 10.03
N PRO B 60 -0.39 -4.41 10.24
CA PRO B 60 -1.46 -4.45 9.22
C PRO B 60 -1.20 -3.55 7.99
N ILE B 61 -0.31 -2.55 8.18
CA ILE B 61 0.07 -1.56 7.14
C ILE B 61 0.79 -2.29 5.99
N CYS B 62 1.81 -3.06 6.40
CA CYS B 62 2.59 -3.94 5.51
C CYS B 62 1.74 -5.11 4.98
N LYS B 63 0.71 -5.51 5.76
CA LYS B 63 -0.25 -6.57 5.36
C LYS B 63 -1.09 -6.11 4.15
N GLN B 64 -1.52 -4.82 4.17
CA GLN B 64 -2.26 -4.25 3.03
C GLN B 64 -1.38 -4.21 1.78
N LEU B 65 -0.12 -3.77 1.95
CA LEU B 65 0.81 -3.62 0.81
C LEU B 65 1.17 -4.98 0.17
N ILE B 66 1.34 -6.02 1.01
CA ILE B 66 1.63 -7.39 0.53
C ILE B 66 0.36 -8.02 -0.07
N ALA B 67 -0.83 -7.44 0.25
CA ALA B 67 -2.11 -7.88 -0.34
C ALA B 67 -2.22 -7.43 -1.82
N LEU B 68 -1.76 -6.19 -2.15
CA LEU B 68 -1.61 -5.75 -3.57
C LEU B 68 -0.60 -6.68 -4.25
N ALA B 69 0.56 -6.81 -3.59
CA ALA B 69 1.74 -7.51 -4.12
C ALA B 69 1.50 -9.01 -4.33
N ALA B 70 0.62 -9.61 -3.51
CA ALA B 70 0.28 -11.05 -3.60
C ALA B 70 -0.60 -11.29 -4.80
N TYR B 71 -1.73 -10.55 -4.87
CA TYR B 71 -2.67 -10.56 -6.01
C TYR B 71 -1.92 -10.31 -7.35
N HIS B 72 -1.04 -9.31 -7.31
CA HIS B 72 -0.21 -8.87 -8.45
C HIS B 72 0.81 -9.97 -8.83
N ALA B 73 1.40 -10.65 -7.81
CA ALA B 73 2.43 -11.70 -8.03
C ALA B 73 1.83 -13.00 -8.59
N LYS B 74 0.49 -13.18 -8.41
CA LYS B 74 -0.24 -14.33 -9.01
C LYS B 74 -0.26 -14.22 -10.54
N HIS B 75 -0.14 -12.98 -11.04
CA HIS B 75 -0.14 -12.68 -12.49
C HIS B 75 1.31 -12.42 -12.96
N CYS B 76 2.13 -11.87 -12.06
CA CYS B 76 3.53 -11.44 -12.31
C CYS B 76 4.52 -12.41 -11.66
N GLN B 77 5.18 -13.23 -12.50
CA GLN B 77 6.25 -14.16 -12.07
C GLN B 77 7.65 -13.52 -12.26
N GLU B 78 7.70 -12.18 -12.26
CA GLU B 78 8.90 -11.41 -12.59
C GLU B 78 9.87 -11.30 -11.40
N ASN B 79 11.15 -11.60 -11.66
CA ASN B 79 12.23 -11.53 -10.65
C ASN B 79 12.83 -10.12 -10.61
N LYS B 80 12.77 -9.42 -11.77
CA LYS B 80 13.28 -8.04 -11.93
C LYS B 80 12.16 -7.03 -11.61
N CYS B 81 11.42 -7.33 -10.53
CA CYS B 81 10.24 -6.55 -10.15
C CYS B 81 10.58 -5.63 -8.96
N PRO B 82 10.17 -4.33 -9.02
CA PRO B 82 10.44 -3.31 -7.94
C PRO B 82 9.97 -3.73 -6.53
N VAL B 83 8.77 -4.32 -6.46
CA VAL B 83 8.11 -4.64 -5.17
C VAL B 83 8.87 -5.77 -4.44
N PRO B 84 9.41 -5.51 -3.19
CA PRO B 84 10.20 -6.52 -2.43
C PRO B 84 9.32 -7.70 -1.96
N PHE B 85 8.04 -7.39 -1.63
CA PHE B 85 7.05 -8.41 -1.25
C PHE B 85 6.88 -9.43 -2.38
N CYS B 86 6.56 -8.90 -3.59
CA CYS B 86 6.29 -9.69 -4.81
C CYS B 86 7.44 -10.66 -5.11
N LEU B 87 8.68 -10.19 -4.85
CA LEU B 87 9.91 -11.01 -4.98
C LEU B 87 9.88 -12.17 -3.98
N ASN B 88 9.71 -11.87 -2.68
CA ASN B 88 9.67 -12.89 -1.59
C ASN B 88 8.59 -13.96 -1.87
N ILE B 89 7.48 -13.51 -2.48
CA ILE B 89 6.32 -14.35 -2.81
C ILE B 89 6.67 -15.35 -3.94
N LYS B 90 7.44 -14.89 -4.95
CA LYS B 90 7.81 -15.73 -6.13
C LYS B 90 9.15 -16.49 -5.91
N GLN B 91 9.96 -16.07 -4.89
CA GLN B 91 11.28 -16.70 -4.61
C GLN B 91 11.14 -17.86 -3.61
N LYS B 92 10.45 -17.59 -2.48
CA LYS B 92 10.31 -18.57 -1.38
C LYS B 92 9.28 -19.65 -1.75
N GLY A 1 -17.04 16.11 6.49
CA GLY A 1 -16.28 16.54 7.68
C GLY A 1 -14.94 17.15 7.29
N SER A 2 -13.87 16.74 7.98
CA SER A 2 -12.50 17.21 7.70
C SER A 2 -11.51 16.05 7.90
N MET A 3 -10.95 15.53 6.77
CA MET A 3 -9.86 14.53 6.79
C MET A 3 -8.51 15.21 7.07
N ASN A 4 -8.51 16.58 7.08
CA ASN A 4 -7.38 17.41 7.49
C ASN A 4 -6.94 17.03 8.93
N GLN A 5 -5.87 16.24 9.03
CA GLN A 5 -5.37 15.69 10.31
C GLN A 5 -4.89 16.80 11.28
N PRO A 6 -5.08 16.61 12.63
CA PRO A 6 -4.56 17.57 13.63
C PRO A 6 -3.02 17.50 13.71
N GLN A 7 -2.39 18.68 13.75
CA GLN A 7 -0.93 18.86 13.77
C GLN A 7 -0.28 18.24 12.50
N ARG A 8 0.01 16.92 12.55
CA ARG A 8 0.64 16.13 11.48
C ARG A 8 0.80 14.67 11.97
N MET A 9 1.55 13.84 11.21
CA MET A 9 1.94 12.48 11.64
C MET A 9 2.80 12.54 12.94
N ALA A 10 2.41 11.76 13.96
CA ALA A 10 3.06 11.78 15.28
C ALA A 10 4.29 10.84 15.33
N PRO A 11 5.37 11.19 16.12
CA PRO A 11 6.61 10.36 16.21
C PRO A 11 6.44 9.06 17.06
N VAL A 12 5.20 8.82 17.53
CA VAL A 12 4.80 7.63 18.29
C VAL A 12 5.09 6.31 17.52
N GLY A 13 5.01 6.36 16.18
CA GLY A 13 5.37 5.23 15.33
C GLY A 13 4.34 4.09 15.28
N THR A 14 3.08 4.37 15.67
CA THR A 14 1.97 3.40 15.56
C THR A 14 0.67 4.10 15.14
N ASP A 15 0.36 5.23 15.79
CA ASP A 15 -0.80 6.07 15.43
C ASP A 15 -0.67 6.64 14.02
N LYS A 16 0.54 7.04 13.65
CA LYS A 16 0.83 7.57 12.31
C LYS A 16 0.75 6.43 11.26
N GLU A 17 1.06 5.20 11.72
CA GLU A 17 1.07 3.98 10.90
C GLU A 17 -0.36 3.65 10.44
N LEU A 18 -1.28 3.58 11.43
CA LEU A 18 -2.70 3.23 11.18
C LEU A 18 -3.42 4.36 10.40
N SER A 19 -2.91 5.59 10.57
CA SER A 19 -3.35 6.79 9.83
C SER A 19 -2.96 6.69 8.34
N ASP A 20 -1.71 6.27 8.07
CA ASP A 20 -1.20 6.03 6.71
C ASP A 20 -1.93 4.84 6.07
N LEU A 21 -2.18 3.80 6.90
CA LEU A 21 -2.93 2.60 6.51
C LEU A 21 -4.32 2.97 6.00
N LEU A 22 -4.95 3.97 6.64
CA LEU A 22 -6.27 4.47 6.24
C LEU A 22 -6.16 5.16 4.86
N ASP A 23 -5.09 5.95 4.67
CA ASP A 23 -4.81 6.65 3.39
C ASP A 23 -4.67 5.66 2.24
N PHE A 24 -3.98 4.54 2.50
CA PHE A 24 -3.79 3.48 1.50
C PHE A 24 -5.10 2.70 1.31
N SER A 25 -5.80 2.41 2.42
CA SER A 25 -7.04 1.58 2.41
C SER A 25 -8.20 2.30 1.69
N MET A 26 -8.14 3.64 1.60
CA MET A 26 -9.11 4.44 0.82
C MET A 26 -8.61 4.61 -0.64
N MET A 27 -7.27 4.52 -0.86
CA MET A 27 -6.65 4.63 -2.22
C MET A 27 -7.07 3.44 -3.12
N PHE A 28 -7.04 2.24 -2.53
CA PHE A 28 -7.44 0.97 -3.20
C PHE A 28 -8.68 0.37 -2.49
N PRO A 29 -9.51 -0.45 -3.22
CA PRO A 29 -10.67 -1.13 -2.62
C PRO A 29 -10.25 -2.37 -1.78
N LEU A 30 -9.88 -3.47 -2.48
CA LEU A 30 -9.65 -4.83 -1.89
C LEU A 30 -10.94 -5.42 -1.25
N PRO A 31 -11.16 -6.77 -1.34
CA PRO A 31 -12.32 -7.41 -0.70
C PRO A 31 -12.16 -7.49 0.84
N VAL A 32 -13.30 -7.40 1.53
CA VAL A 32 -13.34 -7.32 2.99
C VAL A 32 -13.45 -8.73 3.59
N THR A 33 -12.36 -9.18 4.19
CA THR A 33 -12.32 -10.40 5.03
C THR A 33 -11.84 -10.01 6.43
N ASN A 34 -12.82 -9.69 7.31
CA ASN A 34 -12.58 -9.24 8.70
C ASN A 34 -11.92 -7.84 8.72
N GLY A 35 -12.69 -6.82 9.14
CA GLY A 35 -12.18 -5.45 9.28
C GLY A 35 -11.10 -5.36 10.36
N LYS A 36 -9.82 -5.37 9.91
CA LYS A 36 -8.61 -5.42 10.76
C LYS A 36 -8.43 -6.83 11.36
N GLY A 37 -9.37 -7.21 12.26
CA GLY A 37 -9.50 -8.58 12.75
C GLY A 37 -8.29 -9.11 13.52
N ARG A 38 -7.62 -8.20 14.27
CA ARG A 38 -6.40 -8.48 15.05
C ARG A 38 -5.27 -9.08 14.16
N PRO A 39 -4.58 -8.22 13.33
CA PRO A 39 -3.51 -8.67 12.39
C PRO A 39 -2.17 -8.98 13.11
N GLY B 1 -20.11 10.59 -12.57
CA GLY B 1 -19.57 10.46 -13.92
C GLY B 1 -20.23 9.36 -14.74
N SER B 2 -21.23 8.69 -14.14
CA SER B 2 -21.97 7.56 -14.75
C SER B 2 -21.03 6.40 -15.10
N ALA B 3 -20.49 5.78 -14.03
CA ALA B 3 -19.51 4.69 -14.14
C ALA B 3 -20.13 3.45 -14.82
N THR B 4 -19.92 3.34 -16.16
CA THR B 4 -20.46 2.23 -16.97
C THR B 4 -19.53 0.99 -16.94
N GLN B 5 -18.34 1.17 -16.32
CA GLN B 5 -17.44 0.05 -16.00
C GLN B 5 -18.05 -0.80 -14.89
N SER B 6 -17.99 -2.14 -15.06
CA SER B 6 -18.55 -3.11 -14.10
C SER B 6 -17.86 -2.99 -12.71
N PRO B 7 -18.50 -3.45 -11.58
CA PRO B 7 -17.88 -3.40 -10.22
C PRO B 7 -16.46 -4.01 -10.18
N GLY B 8 -16.31 -5.17 -10.86
CA GLY B 8 -15.02 -5.86 -10.98
C GLY B 8 -13.97 -5.03 -11.76
N ASP B 9 -14.44 -4.33 -12.81
CA ASP B 9 -13.57 -3.51 -13.68
C ASP B 9 -13.10 -2.26 -12.93
N SER B 10 -14.04 -1.42 -12.47
CA SER B 10 -13.75 -0.13 -11.77
C SER B 10 -12.76 -0.33 -10.58
N ARG B 11 -12.99 -1.39 -9.78
CA ARG B 11 -12.13 -1.71 -8.62
C ARG B 11 -10.74 -2.23 -9.08
N ARG B 12 -10.72 -2.87 -10.29
CA ARG B 12 -9.48 -3.40 -10.88
C ARG B 12 -8.52 -2.26 -11.24
N LEU B 13 -9.01 -1.18 -11.91
CA LEU B 13 -8.15 -0.02 -12.26
C LEU B 13 -7.57 0.61 -11.00
N SER B 14 -8.47 0.88 -10.01
CA SER B 14 -8.09 1.52 -8.73
C SER B 14 -6.98 0.73 -7.98
N ILE B 15 -7.13 -0.61 -7.94
CA ILE B 15 -6.20 -1.47 -7.18
C ILE B 15 -4.86 -1.62 -7.95
N GLN B 16 -4.93 -1.64 -9.31
CA GLN B 16 -3.73 -1.67 -10.16
C GLN B 16 -2.92 -0.37 -9.98
N ARG B 17 -3.62 0.77 -9.83
CA ARG B 17 -3.00 2.09 -9.61
C ARG B 17 -2.32 2.18 -8.24
N ALA B 18 -2.86 1.45 -7.26
CA ALA B 18 -2.24 1.30 -5.94
C ALA B 18 -0.91 0.53 -6.04
N ILE B 19 -0.90 -0.50 -6.90
CA ILE B 19 0.31 -1.28 -7.22
C ILE B 19 1.33 -0.37 -7.93
N GLN B 20 0.82 0.47 -8.86
CA GLN B 20 1.64 1.41 -9.64
C GLN B 20 2.28 2.48 -8.73
N SER B 21 1.55 2.89 -7.69
CA SER B 21 2.07 3.83 -6.68
C SER B 21 3.17 3.18 -5.82
N LEU B 22 2.98 1.87 -5.53
CA LEU B 22 3.90 1.07 -4.71
C LEU B 22 5.22 0.80 -5.45
N VAL B 23 5.11 0.42 -6.75
CA VAL B 23 6.29 0.17 -7.62
C VAL B 23 6.98 1.49 -7.99
N HIS B 24 6.17 2.58 -8.07
CA HIS B 24 6.67 3.94 -8.30
C HIS B 24 7.64 4.30 -7.18
N ALA B 25 7.13 4.26 -5.93
CA ALA B 25 7.89 4.64 -4.71
C ALA B 25 9.07 3.70 -4.43
N ALA B 26 8.96 2.43 -4.88
CA ALA B 26 10.06 1.44 -4.81
C ALA B 26 11.25 1.88 -5.67
N GLN B 27 10.94 2.44 -6.85
CA GLN B 27 11.93 2.97 -7.82
C GLN B 27 12.26 4.45 -7.54
N CYS B 28 11.35 5.15 -6.84
CA CYS B 28 11.39 6.62 -6.67
C CYS B 28 11.80 7.00 -5.24
N ARG B 29 13.00 7.59 -5.09
CA ARG B 29 13.53 8.08 -3.80
C ARG B 29 13.75 9.61 -3.88
N ASN B 30 13.06 10.25 -4.84
CA ASN B 30 13.32 11.64 -5.26
C ASN B 30 12.65 12.68 -4.33
N ALA B 31 12.94 13.96 -4.61
CA ALA B 31 12.22 15.11 -4.04
C ALA B 31 11.66 16.01 -5.14
N ASN B 32 11.78 15.57 -6.41
CA ASN B 32 11.23 16.28 -7.57
C ASN B 32 9.70 16.10 -7.67
N CYS B 33 9.22 14.96 -7.14
CA CYS B 33 7.78 14.71 -6.96
C CYS B 33 7.30 15.53 -5.76
N SER B 34 6.23 16.30 -5.93
CA SER B 34 5.63 17.13 -4.86
C SER B 34 4.32 16.54 -4.37
N LEU B 35 3.74 15.58 -5.14
CA LEU B 35 2.40 15.04 -4.86
C LEU B 35 2.37 14.22 -3.54
N PRO B 36 1.18 14.19 -2.83
CA PRO B 36 1.01 13.44 -1.56
C PRO B 36 1.28 11.93 -1.71
N SER B 37 0.70 11.32 -2.76
CA SER B 37 0.68 9.85 -2.95
C SER B 37 2.10 9.27 -3.00
N CYS B 38 3.02 9.99 -3.66
CA CYS B 38 4.41 9.55 -3.81
C CYS B 38 5.17 9.60 -2.48
N GLN B 39 4.96 10.69 -1.71
CA GLN B 39 5.64 10.93 -0.43
C GLN B 39 5.18 9.94 0.67
N LYS B 40 3.86 9.74 0.72
CA LYS B 40 3.20 8.79 1.64
C LYS B 40 3.59 7.35 1.32
N MET B 41 3.69 7.04 0.01
CA MET B 41 4.07 5.70 -0.44
C MET B 41 5.57 5.47 -0.19
N LYS B 42 6.40 6.53 -0.31
CA LYS B 42 7.84 6.46 0.04
C LYS B 42 8.01 6.20 1.54
N ARG B 43 7.18 6.84 2.37
CA ARG B 43 7.13 6.63 3.81
C ARG B 43 6.98 5.13 4.12
N VAL B 44 5.95 4.50 3.54
CA VAL B 44 5.61 3.11 3.84
C VAL B 44 6.57 2.11 3.16
N VAL B 45 6.97 2.38 1.90
CA VAL B 45 7.83 1.44 1.11
C VAL B 45 9.24 1.34 1.72
N GLN B 46 9.80 2.48 2.20
CA GLN B 46 11.12 2.51 2.87
C GLN B 46 11.00 1.91 4.28
N HIS B 47 9.83 2.14 4.92
CA HIS B 47 9.45 1.51 6.20
C HIS B 47 9.58 -0.02 6.09
N THR B 48 9.02 -0.61 5.01
CA THR B 48 8.97 -2.08 4.84
C THR B 48 10.37 -2.66 4.59
N LYS B 49 11.20 -1.87 3.88
CA LYS B 49 12.61 -2.23 3.60
C LYS B 49 13.45 -2.23 4.89
N GLY B 50 12.96 -1.52 5.94
CA GLY B 50 13.57 -1.57 7.28
C GLY B 50 12.66 -2.19 8.35
N CYS B 51 11.71 -3.06 7.93
CA CYS B 51 10.65 -3.61 8.83
C CYS B 51 10.64 -5.14 8.76
N LYS B 52 11.05 -5.81 9.86
CA LYS B 52 10.96 -7.26 9.98
C LYS B 52 9.63 -7.68 10.65
N ARG B 53 8.94 -6.70 11.30
CA ARG B 53 7.62 -6.93 11.93
C ARG B 53 6.56 -7.43 10.92
N LYS B 54 6.83 -7.18 9.62
CA LYS B 54 5.97 -7.63 8.53
C LYS B 54 6.02 -9.17 8.35
N THR B 55 7.23 -9.75 8.50
CA THR B 55 7.43 -11.21 8.39
C THR B 55 7.11 -11.88 9.74
N ASN B 56 7.07 -11.08 10.83
CA ASN B 56 6.50 -11.50 12.13
C ASN B 56 4.96 -11.53 12.06
N GLY B 57 4.39 -10.81 11.08
CA GLY B 57 2.95 -10.86 10.79
C GLY B 57 2.14 -9.72 11.41
N GLY B 58 2.65 -9.18 12.54
CA GLY B 58 1.92 -8.15 13.33
C GLY B 58 2.15 -6.73 12.83
N CYS B 59 2.09 -6.52 11.51
CA CYS B 59 2.21 -5.19 10.90
C CYS B 59 1.12 -5.02 9.83
N PRO B 60 -0.07 -4.43 10.18
CA PRO B 60 -1.22 -4.27 9.24
C PRO B 60 -0.91 -3.37 8.03
N ILE B 61 0.10 -2.50 8.19
CA ILE B 61 0.52 -1.51 7.16
C ILE B 61 1.15 -2.25 5.96
N CYS B 62 2.07 -3.17 6.31
CA CYS B 62 2.72 -4.06 5.33
C CYS B 62 1.75 -5.13 4.80
N LYS B 63 0.68 -5.41 5.59
CA LYS B 63 -0.42 -6.31 5.16
C LYS B 63 -1.19 -5.68 3.99
N GLN B 64 -1.36 -4.34 4.04
CA GLN B 64 -1.96 -3.54 2.95
C GLN B 64 -1.15 -3.74 1.66
N LEU B 65 0.17 -3.49 1.77
CA LEU B 65 1.09 -3.52 0.63
C LEU B 65 1.24 -4.93 0.03
N ILE B 66 1.33 -5.95 0.91
CA ILE B 66 1.53 -7.36 0.49
C ILE B 66 0.24 -7.91 -0.15
N ALA B 67 -0.92 -7.30 0.19
CA ALA B 67 -2.23 -7.65 -0.39
C ALA B 67 -2.31 -7.24 -1.87
N LEU B 68 -1.85 -5.99 -2.19
CA LEU B 68 -1.74 -5.52 -3.60
C LEU B 68 -0.77 -6.44 -4.35
N ALA B 69 0.40 -6.65 -3.72
CA ALA B 69 1.52 -7.43 -4.26
C ALA B 69 1.17 -8.91 -4.43
N ALA B 70 0.23 -9.43 -3.62
CA ALA B 70 -0.19 -10.86 -3.65
C ALA B 70 -1.01 -11.14 -4.90
N TYR B 71 -2.12 -10.37 -5.06
CA TYR B 71 -3.02 -10.45 -6.23
C TYR B 71 -2.22 -10.22 -7.55
N HIS B 72 -1.30 -9.25 -7.48
CA HIS B 72 -0.38 -8.89 -8.57
C HIS B 72 0.62 -10.05 -8.86
N ALA B 73 1.14 -10.72 -7.80
CA ALA B 73 2.15 -11.80 -7.92
C ALA B 73 1.58 -13.07 -8.57
N LYS B 74 0.24 -13.26 -8.43
CA LYS B 74 -0.48 -14.41 -9.03
C LYS B 74 -0.48 -14.34 -10.57
N HIS B 75 -0.18 -13.14 -11.11
CA HIS B 75 -0.16 -12.87 -12.56
C HIS B 75 1.26 -12.47 -13.04
N CYS B 76 2.16 -12.21 -12.06
CA CYS B 76 3.52 -11.66 -12.29
C CYS B 76 4.59 -12.73 -12.07
N GLN B 77 5.44 -12.95 -13.09
CA GLN B 77 6.53 -13.96 -13.05
C GLN B 77 7.89 -13.28 -12.95
N GLU B 78 7.90 -11.94 -12.85
CA GLU B 78 9.11 -11.12 -12.83
C GLU B 78 9.91 -11.37 -11.53
N ASN B 79 11.10 -12.00 -11.70
CA ASN B 79 12.07 -12.18 -10.60
C ASN B 79 12.79 -10.84 -10.32
N LYS B 80 12.79 -9.96 -11.34
CA LYS B 80 13.36 -8.61 -11.27
C LYS B 80 12.23 -7.58 -11.12
N CYS B 81 11.28 -7.89 -10.23
CA CYS B 81 10.16 -7.01 -9.90
C CYS B 81 10.59 -6.01 -8.79
N PRO B 82 10.26 -4.67 -8.94
CA PRO B 82 10.69 -3.60 -7.98
C PRO B 82 10.20 -3.82 -6.53
N VAL B 83 8.99 -4.39 -6.37
CA VAL B 83 8.35 -4.59 -5.07
C VAL B 83 8.83 -5.90 -4.39
N PRO B 84 9.38 -5.81 -3.12
CA PRO B 84 10.02 -6.98 -2.43
C PRO B 84 9.01 -8.07 -2.01
N PHE B 85 7.79 -7.64 -1.59
CA PHE B 85 6.71 -8.56 -1.15
C PHE B 85 6.41 -9.60 -2.23
N CYS B 86 6.18 -9.07 -3.44
CA CYS B 86 5.84 -9.85 -4.63
C CYS B 86 6.82 -11.00 -4.84
N LEU B 87 8.13 -10.71 -4.66
CA LEU B 87 9.20 -11.71 -4.73
C LEU B 87 9.01 -12.79 -3.65
N ASN B 88 8.85 -12.34 -2.38
CA ASN B 88 8.69 -13.24 -1.20
C ASN B 88 7.54 -14.26 -1.43
N ILE B 89 6.50 -13.81 -2.15
CA ILE B 89 5.29 -14.59 -2.43
C ILE B 89 5.56 -15.63 -3.54
N LYS B 90 6.17 -15.19 -4.67
CA LYS B 90 6.35 -16.03 -5.87
C LYS B 90 7.68 -16.83 -5.83
N GLN B 91 8.47 -16.66 -4.76
CA GLN B 91 9.74 -17.40 -4.57
C GLN B 91 9.66 -18.32 -3.34
N LYS B 92 9.25 -17.75 -2.19
CA LYS B 92 9.22 -18.50 -0.89
C LYS B 92 7.85 -19.23 -0.73
N GLY A 1 1.55 20.89 19.99
CA GLY A 1 1.25 22.25 20.48
C GLY A 1 -0.23 22.60 20.36
N SER A 2 -0.52 23.91 20.32
CA SER A 2 -1.91 24.44 20.26
C SER A 2 -2.35 24.66 18.79
N MET A 3 -1.76 23.87 17.87
CA MET A 3 -1.97 24.02 16.41
C MET A 3 -1.62 22.70 15.71
N ASN A 4 -2.20 22.51 14.51
CA ASN A 4 -1.93 21.34 13.64
C ASN A 4 -1.03 21.77 12.47
N GLN A 5 -0.81 20.84 11.53
CA GLN A 5 0.04 21.06 10.33
C GLN A 5 -0.48 20.20 9.14
N PRO A 6 -0.04 20.49 7.86
CA PRO A 6 -0.38 19.65 6.68
C PRO A 6 0.06 18.17 6.84
N GLN A 7 -0.62 17.27 6.10
CA GLN A 7 -0.45 15.80 6.19
C GLN A 7 -0.84 15.26 7.59
N ARG A 8 -0.55 13.99 7.85
CA ARG A 8 -0.69 13.40 9.19
C ARG A 8 0.44 12.38 9.40
N MET A 9 1.55 12.88 9.96
CA MET A 9 2.79 12.12 10.15
C MET A 9 3.42 12.54 11.50
N ALA A 10 3.30 11.66 12.50
CA ALA A 10 3.82 11.90 13.87
C ALA A 10 4.98 10.93 14.18
N PRO A 11 6.10 11.41 14.83
CA PRO A 11 7.33 10.60 15.06
C PRO A 11 7.16 9.48 16.12
N VAL A 12 5.94 9.39 16.69
CA VAL A 12 5.54 8.32 17.63
C VAL A 12 5.50 6.94 16.94
N GLY A 13 5.39 6.94 15.59
CA GLY A 13 5.28 5.72 14.82
C GLY A 13 3.83 5.34 14.60
N THR A 14 3.14 5.01 15.72
CA THR A 14 1.79 4.42 15.71
C THR A 14 0.78 5.28 14.92
N ASP A 15 0.74 6.59 15.25
CA ASP A 15 -0.20 7.58 14.67
C ASP A 15 -0.14 7.61 13.14
N LYS A 16 1.10 7.69 12.62
CA LYS A 16 1.33 7.88 11.18
C LYS A 16 1.16 6.55 10.43
N GLU A 17 1.48 5.42 11.11
CA GLU A 17 1.27 4.06 10.57
C GLU A 17 -0.23 3.86 10.27
N LEU A 18 -1.06 4.05 11.31
CA LEU A 18 -2.53 3.82 11.22
C LEU A 18 -3.20 4.86 10.29
N SER A 19 -2.61 6.08 10.22
CA SER A 19 -3.11 7.17 9.35
C SER A 19 -2.92 6.79 7.88
N ASP A 20 -1.70 6.34 7.57
CA ASP A 20 -1.32 5.86 6.24
C ASP A 20 -2.11 4.60 5.89
N LEU A 21 -2.38 3.72 6.89
CA LEU A 21 -3.18 2.50 6.70
C LEU A 21 -4.58 2.84 6.17
N LEU A 22 -5.21 3.87 6.76
CA LEU A 22 -6.55 4.33 6.35
C LEU A 22 -6.47 4.94 4.92
N ASP A 23 -5.39 5.70 4.68
CA ASP A 23 -5.12 6.36 3.38
C ASP A 23 -4.98 5.33 2.25
N PHE A 24 -4.34 4.20 2.55
CA PHE A 24 -4.16 3.11 1.59
C PHE A 24 -5.46 2.29 1.47
N SER A 25 -6.12 2.04 2.61
CA SER A 25 -7.39 1.27 2.68
C SER A 25 -8.47 1.90 1.77
N MET A 26 -8.47 3.24 1.67
CA MET A 26 -9.43 3.99 0.83
C MET A 26 -8.88 4.15 -0.61
N MET A 27 -7.53 4.00 -0.79
CA MET A 27 -6.87 4.06 -2.13
C MET A 27 -7.29 2.85 -3.01
N PHE A 28 -7.39 1.66 -2.40
CA PHE A 28 -7.73 0.40 -3.11
C PHE A 28 -8.98 -0.28 -2.50
N PRO A 29 -9.78 -1.04 -3.32
CA PRO A 29 -10.98 -1.77 -2.84
C PRO A 29 -10.60 -3.11 -2.16
N LEU A 30 -10.14 -4.09 -2.97
CA LEU A 30 -9.84 -5.49 -2.54
C LEU A 30 -11.12 -6.25 -2.06
N PRO A 31 -11.14 -7.63 -2.16
CA PRO A 31 -12.23 -8.44 -1.57
C PRO A 31 -12.11 -8.48 -0.02
N VAL A 32 -13.16 -9.02 0.64
CA VAL A 32 -13.26 -9.02 2.12
C VAL A 32 -12.11 -9.87 2.75
N THR A 33 -11.74 -10.96 2.05
CA THR A 33 -10.67 -11.92 2.44
C THR A 33 -10.86 -12.51 3.87
N ASN A 34 -10.45 -11.77 4.89
CA ASN A 34 -10.48 -12.21 6.32
C ASN A 34 -11.23 -11.17 7.19
N GLY A 35 -11.96 -10.26 6.52
CA GLY A 35 -12.69 -9.18 7.18
C GLY A 35 -13.84 -9.69 8.04
N LYS A 36 -13.62 -9.68 9.36
CA LYS A 36 -14.59 -10.16 10.35
C LYS A 36 -15.74 -9.15 10.51
N GLY A 37 -16.78 -9.35 9.69
CA GLY A 37 -17.95 -8.50 9.68
C GLY A 37 -18.61 -8.51 8.30
N ARG A 38 -18.66 -7.34 7.64
CA ARG A 38 -19.26 -7.17 6.29
C ARG A 38 -18.27 -6.42 5.37
N PRO A 39 -18.27 -6.74 4.01
CA PRO A 39 -17.39 -6.04 3.02
C PRO A 39 -17.66 -4.52 2.95
N GLY B 1 -17.95 9.29 -8.91
CA GLY B 1 -19.12 9.12 -8.07
C GLY B 1 -20.42 9.12 -8.87
N SER B 2 -20.32 8.71 -10.14
CA SER B 2 -21.45 8.72 -11.10
C SER B 2 -21.97 7.29 -11.41
N ALA B 3 -21.36 6.27 -10.76
CA ALA B 3 -21.73 4.84 -10.90
C ALA B 3 -21.68 4.38 -12.38
N THR B 4 -20.48 4.42 -12.97
CA THR B 4 -20.23 3.99 -14.36
C THR B 4 -19.42 2.68 -14.37
N GLN B 5 -19.30 2.06 -15.56
CA GLN B 5 -18.54 0.80 -15.79
C GLN B 5 -19.19 -0.41 -15.06
N SER B 6 -18.55 -1.58 -15.17
CA SER B 6 -18.87 -2.75 -14.36
C SER B 6 -18.17 -2.61 -12.99
N PRO B 7 -18.77 -3.12 -11.86
CA PRO B 7 -18.14 -3.08 -10.51
C PRO B 7 -16.70 -3.65 -10.52
N GLY B 8 -16.54 -4.80 -11.21
CA GLY B 8 -15.25 -5.49 -11.34
C GLY B 8 -14.20 -4.68 -12.10
N ASP B 9 -14.64 -4.01 -13.18
CA ASP B 9 -13.75 -3.20 -14.04
C ASP B 9 -13.31 -1.94 -13.31
N SER B 10 -14.27 -1.19 -12.76
CA SER B 10 -14.02 0.10 -12.06
C SER B 10 -13.06 -0.08 -10.87
N ARG B 11 -13.27 -1.14 -10.07
CA ARG B 11 -12.42 -1.47 -8.92
C ARG B 11 -11.04 -1.99 -9.37
N ARG B 12 -10.97 -2.51 -10.62
CA ARG B 12 -9.71 -2.95 -11.24
C ARG B 12 -8.77 -1.75 -11.48
N LEU B 13 -9.32 -0.61 -11.98
CA LEU B 13 -8.51 0.63 -12.16
C LEU B 13 -8.00 1.12 -10.79
N SER B 14 -8.91 1.11 -9.79
CA SER B 14 -8.60 1.56 -8.42
C SER B 14 -7.46 0.75 -7.77
N ILE B 15 -7.54 -0.59 -7.90
CA ILE B 15 -6.57 -1.53 -7.31
C ILE B 15 -5.21 -1.40 -8.04
N GLN B 16 -5.26 -1.10 -9.35
CA GLN B 16 -4.04 -0.86 -10.16
C GLN B 16 -3.29 0.38 -9.66
N ARG B 17 -4.03 1.49 -9.34
CA ARG B 17 -3.43 2.74 -8.82
C ARG B 17 -2.57 2.47 -7.58
N ALA B 18 -3.15 1.63 -6.68
CA ALA B 18 -2.48 1.19 -5.44
C ALA B 18 -1.14 0.49 -5.70
N ILE B 19 -1.16 -0.47 -6.67
CA ILE B 19 0.03 -1.24 -7.05
C ILE B 19 1.08 -0.30 -7.68
N GLN B 20 0.65 0.49 -8.68
CA GLN B 20 1.52 1.38 -9.48
C GLN B 20 2.21 2.46 -8.62
N SER B 21 1.55 2.89 -7.54
CA SER B 21 2.13 3.87 -6.59
C SER B 21 3.18 3.17 -5.71
N LEU B 22 2.86 1.92 -5.30
CA LEU B 22 3.79 1.05 -4.54
C LEU B 22 5.06 0.76 -5.36
N VAL B 23 4.87 0.58 -6.67
CA VAL B 23 5.95 0.32 -7.65
C VAL B 23 6.79 1.58 -7.88
N HIS B 24 6.10 2.74 -8.04
CA HIS B 24 6.77 4.04 -8.23
C HIS B 24 7.72 4.32 -7.07
N ALA B 25 7.18 4.25 -5.84
CA ALA B 25 7.91 4.59 -4.61
C ALA B 25 9.07 3.60 -4.32
N ALA B 26 8.91 2.34 -4.73
CA ALA B 26 9.97 1.30 -4.65
C ALA B 26 11.16 1.64 -5.57
N GLN B 27 10.85 2.27 -6.71
CA GLN B 27 11.86 2.71 -7.71
C GLN B 27 12.29 4.17 -7.47
N CYS B 28 11.56 4.89 -6.62
CA CYS B 28 11.72 6.35 -6.44
C CYS B 28 12.53 6.67 -5.19
N ARG B 29 13.77 7.10 -5.42
CA ARG B 29 14.69 7.60 -4.38
C ARG B 29 14.70 9.13 -4.39
N ASN B 30 14.26 9.74 -5.51
CA ASN B 30 14.22 11.20 -5.71
C ASN B 30 13.11 11.84 -4.86
N ALA B 31 13.45 12.97 -4.21
CA ALA B 31 12.51 13.78 -3.42
C ALA B 31 11.85 14.88 -4.27
N ASN B 32 12.21 14.94 -5.58
CA ASN B 32 11.80 16.02 -6.49
C ASN B 32 10.33 15.90 -6.96
N CYS B 33 9.64 14.83 -6.55
CA CYS B 33 8.18 14.70 -6.75
C CYS B 33 7.46 15.54 -5.68
N SER B 34 6.45 16.32 -6.07
CA SER B 34 5.69 17.18 -5.14
C SER B 34 4.30 16.59 -4.82
N LEU B 35 3.87 15.53 -5.53
CA LEU B 35 2.53 14.94 -5.35
C LEU B 35 2.41 14.17 -3.99
N PRO B 36 1.18 14.13 -3.37
CA PRO B 36 0.94 13.49 -2.05
C PRO B 36 1.19 11.97 -2.06
N SER B 37 0.71 11.28 -3.13
CA SER B 37 0.76 9.80 -3.23
C SER B 37 2.20 9.29 -3.15
N CYS B 38 3.13 10.03 -3.79
CA CYS B 38 4.54 9.67 -3.78
C CYS B 38 5.15 9.82 -2.37
N GLN B 39 4.80 10.91 -1.67
CA GLN B 39 5.35 11.22 -0.34
C GLN B 39 4.92 10.18 0.72
N LYS B 40 3.61 9.84 0.70
CA LYS B 40 3.02 8.84 1.62
C LYS B 40 3.57 7.45 1.33
N MET B 41 3.65 7.12 0.02
CA MET B 41 4.04 5.79 -0.41
C MET B 41 5.54 5.56 -0.22
N LYS B 42 6.38 6.61 -0.37
CA LYS B 42 7.83 6.50 -0.11
C LYS B 42 8.09 6.29 1.38
N ARG B 43 7.27 6.99 2.21
CA ARG B 43 7.29 6.83 3.68
C ARG B 43 7.13 5.35 4.06
N VAL B 44 6.05 4.75 3.56
CA VAL B 44 5.69 3.37 3.91
C VAL B 44 6.64 2.37 3.22
N VAL B 45 7.06 2.62 1.96
CA VAL B 45 7.97 1.73 1.22
C VAL B 45 9.36 1.61 1.90
N GLN B 46 9.92 2.75 2.33
CA GLN B 46 11.21 2.76 3.07
C GLN B 46 11.03 2.09 4.45
N HIS B 47 9.84 2.31 5.05
CA HIS B 47 9.41 1.60 6.28
C HIS B 47 9.47 0.07 6.07
N THR B 48 8.82 -0.43 4.98
CA THR B 48 8.63 -1.88 4.74
C THR B 48 9.96 -2.58 4.43
N LYS B 49 10.92 -1.81 3.89
CA LYS B 49 12.27 -2.29 3.57
C LYS B 49 13.09 -2.57 4.86
N GLY B 50 12.92 -1.69 5.88
CA GLY B 50 13.55 -1.91 7.19
C GLY B 50 12.69 -2.74 8.14
N CYS B 51 11.39 -2.78 7.87
CA CYS B 51 10.37 -3.47 8.70
C CYS B 51 10.26 -4.93 8.27
N LYS B 52 11.04 -5.79 8.94
CA LYS B 52 11.00 -7.24 8.72
C LYS B 52 9.83 -7.87 9.49
N ARG B 53 9.24 -7.09 10.43
CA ARG B 53 8.02 -7.47 11.21
C ARG B 53 6.87 -7.97 10.31
N LYS B 54 6.86 -7.50 9.05
CA LYS B 54 5.83 -7.85 8.05
C LYS B 54 5.75 -9.37 7.79
N THR B 55 6.91 -10.05 7.89
CA THR B 55 7.02 -11.51 7.72
C THR B 55 7.39 -12.19 9.06
N ASN B 56 7.89 -11.39 10.02
CA ASN B 56 8.27 -11.86 11.37
C ASN B 56 7.06 -11.88 12.33
N GLY B 57 5.88 -11.42 11.87
CA GLY B 57 4.67 -11.45 12.68
C GLY B 57 3.50 -10.69 12.06
N GLY B 58 3.20 -9.50 12.61
CA GLY B 58 1.94 -8.81 12.35
C GLY B 58 2.12 -7.31 12.26
N CYS B 59 2.29 -6.83 11.03
CA CYS B 59 2.30 -5.39 10.73
C CYS B 59 1.17 -5.08 9.72
N PRO B 60 0.02 -4.47 10.18
CA PRO B 60 -1.21 -4.32 9.36
C PRO B 60 -1.01 -3.46 8.09
N ILE B 61 -0.13 -2.44 8.21
CA ILE B 61 0.20 -1.50 7.11
C ILE B 61 0.82 -2.27 5.93
N CYS B 62 1.81 -3.10 6.28
CA CYS B 62 2.50 -3.98 5.33
C CYS B 62 1.62 -5.15 4.88
N LYS B 63 0.61 -5.50 5.71
CA LYS B 63 -0.36 -6.57 5.40
C LYS B 63 -1.28 -6.13 4.26
N GLN B 64 -1.63 -4.84 4.26
CA GLN B 64 -2.33 -4.22 3.13
C GLN B 64 -1.47 -4.30 1.87
N LEU B 65 -0.23 -3.81 1.97
CA LEU B 65 0.68 -3.72 0.81
C LEU B 65 1.03 -5.12 0.24
N ILE B 66 1.12 -6.13 1.13
CA ILE B 66 1.41 -7.52 0.72
C ILE B 66 0.18 -8.15 0.05
N ALA B 67 -1.03 -7.63 0.37
CA ALA B 67 -2.30 -8.07 -0.24
C ALA B 67 -2.42 -7.62 -1.72
N LEU B 68 -2.02 -6.35 -2.03
CA LEU B 68 -1.94 -5.88 -3.45
C LEU B 68 -0.92 -6.74 -4.20
N ALA B 69 0.25 -6.88 -3.57
CA ALA B 69 1.40 -7.60 -4.13
C ALA B 69 1.14 -9.10 -4.26
N ALA B 70 0.24 -9.67 -3.42
CA ALA B 70 -0.12 -11.10 -3.46
C ALA B 70 -0.91 -11.39 -4.73
N TYR B 71 -2.03 -10.65 -4.88
CA TYR B 71 -2.89 -10.65 -6.09
C TYR B 71 -2.04 -10.40 -7.36
N HIS B 72 -1.14 -9.41 -7.25
CA HIS B 72 -0.23 -9.00 -8.32
C HIS B 72 0.79 -10.14 -8.65
N ALA B 73 1.28 -10.86 -7.61
CA ALA B 73 2.29 -11.93 -7.76
C ALA B 73 1.70 -13.23 -8.33
N LYS B 74 0.35 -13.36 -8.28
CA LYS B 74 -0.37 -14.51 -8.89
C LYS B 74 -0.30 -14.42 -10.42
N HIS B 75 -0.09 -13.20 -10.94
CA HIS B 75 -0.09 -12.92 -12.39
C HIS B 75 1.32 -12.47 -12.87
N CYS B 76 2.16 -12.04 -11.91
CA CYS B 76 3.53 -11.53 -12.16
C CYS B 76 4.57 -12.56 -11.70
N GLN B 77 5.55 -12.83 -12.57
CA GLN B 77 6.61 -13.83 -12.34
C GLN B 77 8.01 -13.19 -12.44
N GLU B 78 8.05 -11.86 -12.25
CA GLU B 78 9.25 -11.03 -12.43
C GLU B 78 10.19 -11.14 -11.21
N ASN B 79 11.44 -11.57 -11.46
CA ASN B 79 12.49 -11.71 -10.42
C ASN B 79 13.15 -10.34 -10.14
N LYS B 80 13.11 -9.45 -11.15
CA LYS B 80 13.66 -8.09 -11.07
C LYS B 80 12.54 -7.08 -10.74
N CYS B 81 11.46 -7.57 -10.11
CA CYS B 81 10.31 -6.74 -9.74
C CYS B 81 10.73 -5.78 -8.60
N PRO B 82 10.43 -4.45 -8.73
CA PRO B 82 10.84 -3.40 -7.75
C PRO B 82 10.22 -3.59 -6.35
N VAL B 83 8.97 -4.07 -6.31
CA VAL B 83 8.21 -4.22 -5.05
C VAL B 83 8.70 -5.47 -4.25
N PRO B 84 9.17 -5.28 -2.97
CA PRO B 84 9.86 -6.35 -2.20
C PRO B 84 8.92 -7.51 -1.81
N PHE B 85 7.65 -7.15 -1.50
CA PHE B 85 6.61 -8.12 -1.09
C PHE B 85 6.43 -9.20 -2.14
N CYS B 86 6.28 -8.76 -3.41
CA CYS B 86 5.98 -9.62 -4.57
C CYS B 86 6.92 -10.83 -4.67
N LEU B 87 8.23 -10.58 -4.44
CA LEU B 87 9.24 -11.64 -4.41
C LEU B 87 9.09 -12.49 -3.15
N ASN B 88 8.97 -11.82 -1.98
CA ASN B 88 8.84 -12.51 -0.68
C ASN B 88 7.61 -13.47 -0.64
N ILE B 89 6.66 -13.24 -1.56
CA ILE B 89 5.47 -14.09 -1.77
C ILE B 89 5.79 -15.24 -2.75
N LYS B 90 6.08 -14.88 -4.03
CA LYS B 90 6.13 -15.87 -5.15
C LYS B 90 7.41 -16.73 -5.13
N GLN B 91 8.47 -16.22 -4.46
CA GLN B 91 9.74 -16.95 -4.30
C GLN B 91 9.63 -17.96 -3.15
N LYS B 92 9.02 -17.51 -2.04
CA LYS B 92 8.86 -18.31 -0.81
C LYS B 92 7.52 -19.08 -0.87
N GLY A 1 -16.38 12.41 6.97
CA GLY A 1 -15.67 11.66 8.03
C GLY A 1 -15.39 12.50 9.26
N SER A 2 -14.62 11.94 10.19
CA SER A 2 -14.20 12.61 11.44
C SER A 2 -12.97 11.87 12.02
N MET A 3 -12.56 12.24 13.26
CA MET A 3 -11.42 11.63 13.99
C MET A 3 -10.11 11.83 13.19
N ASN A 4 -9.88 13.12 12.83
CA ASN A 4 -8.73 13.55 12.03
C ASN A 4 -7.41 13.29 12.78
N GLN A 5 -6.48 12.63 12.09
CA GLN A 5 -5.12 12.33 12.60
C GLN A 5 -4.12 13.29 11.93
N PRO A 6 -2.99 13.67 12.61
CA PRO A 6 -1.97 14.57 12.04
C PRO A 6 -1.22 13.96 10.84
N GLN A 7 -0.84 14.85 9.92
CA GLN A 7 0.04 14.55 8.78
C GLN A 7 1.49 14.85 9.18
N ARG A 8 2.43 14.67 8.20
CA ARG A 8 3.89 14.83 8.42
C ARG A 8 4.42 13.63 9.27
N MET A 9 5.68 13.21 8.99
CA MET A 9 6.34 12.09 9.69
C MET A 9 6.37 12.32 11.22
N ALA A 10 5.40 11.72 11.91
CA ALA A 10 5.24 11.83 13.37
C ALA A 10 5.99 10.66 14.05
N PRO A 11 6.71 10.90 15.19
CA PRO A 11 7.46 9.84 15.92
C PRO A 11 6.58 9.07 16.94
N VAL A 12 5.25 9.27 16.84
CA VAL A 12 4.24 8.66 17.74
C VAL A 12 4.21 7.12 17.65
N GLY A 13 4.64 6.57 16.51
CA GLY A 13 4.78 5.12 16.36
C GLY A 13 3.54 4.43 15.81
N THR A 14 2.38 4.61 16.45
CA THR A 14 1.14 3.88 16.09
C THR A 14 0.25 4.70 15.13
N ASP A 15 0.01 5.97 15.50
CA ASP A 15 -0.93 6.86 14.79
C ASP A 15 -0.46 7.17 13.35
N LYS A 16 0.86 7.33 13.19
CA LYS A 16 1.47 7.60 11.89
C LYS A 16 1.34 6.39 10.94
N GLU A 17 1.40 5.17 11.52
CA GLU A 17 1.20 3.90 10.80
C GLU A 17 -0.22 3.86 10.21
N LEU A 18 -1.24 4.06 11.07
CA LEU A 18 -2.67 3.94 10.69
C LEU A 18 -3.08 5.10 9.77
N SER A 19 -2.35 6.24 9.86
CA SER A 19 -2.54 7.40 8.97
C SER A 19 -2.28 6.99 7.52
N ASP A 20 -1.14 6.30 7.32
CA ASP A 20 -0.74 5.75 6.01
C ASP A 20 -1.75 4.71 5.54
N LEU A 21 -2.09 3.77 6.46
CA LEU A 21 -3.05 2.68 6.21
C LEU A 21 -4.43 3.24 5.81
N LEU A 22 -4.78 4.45 6.30
CA LEU A 22 -6.02 5.15 5.93
C LEU A 22 -6.00 5.50 4.44
N ASP A 23 -4.91 6.20 3.99
CA ASP A 23 -4.70 6.58 2.57
C ASP A 23 -4.77 5.37 1.63
N PHE A 24 -4.23 4.24 2.11
CA PHE A 24 -4.13 3.00 1.30
C PHE A 24 -5.50 2.31 1.21
N SER A 25 -6.21 2.20 2.34
CA SER A 25 -7.53 1.54 2.41
C SER A 25 -8.58 2.24 1.51
N MET A 26 -8.46 3.58 1.34
CA MET A 26 -9.32 4.35 0.42
C MET A 26 -8.79 4.35 -1.02
N MET A 27 -7.48 4.03 -1.20
CA MET A 27 -6.83 3.97 -2.53
C MET A 27 -7.28 2.71 -3.33
N PHE A 28 -7.45 1.58 -2.62
CA PHE A 28 -7.83 0.29 -3.24
C PHE A 28 -9.02 -0.36 -2.51
N PRO A 29 -9.83 -1.23 -3.22
CA PRO A 29 -10.97 -1.95 -2.61
C PRO A 29 -10.53 -3.17 -1.79
N LEU A 30 -10.09 -4.25 -2.50
CA LEU A 30 -9.81 -5.59 -1.92
C LEU A 30 -11.09 -6.26 -1.32
N PRO A 31 -11.07 -7.60 -1.03
CA PRO A 31 -12.17 -8.26 -0.27
C PRO A 31 -12.21 -7.83 1.20
N VAL A 32 -13.13 -8.44 1.97
CA VAL A 32 -13.28 -8.20 3.43
C VAL A 32 -11.97 -8.50 4.19
N THR A 33 -11.14 -9.40 3.60
CA THR A 33 -9.84 -9.86 4.16
C THR A 33 -9.99 -10.35 5.63
N ASN A 34 -10.99 -11.23 5.81
CA ASN A 34 -11.37 -11.84 7.11
C ASN A 34 -11.93 -10.79 8.10
N GLY A 35 -13.26 -10.77 8.23
CA GLY A 35 -13.96 -9.89 9.18
C GLY A 35 -13.56 -10.14 10.63
N LYS A 36 -13.29 -11.43 10.94
CA LYS A 36 -12.76 -11.86 12.25
C LYS A 36 -11.27 -12.25 12.08
N GLY A 37 -10.39 -11.66 12.92
CA GLY A 37 -8.96 -12.00 12.91
C GLY A 37 -8.12 -11.10 13.82
N ARG A 38 -8.34 -9.77 13.69
CA ARG A 38 -7.58 -8.70 14.38
C ARG A 38 -6.10 -8.67 13.92
N PRO A 39 -5.67 -7.63 13.13
CA PRO A 39 -4.30 -7.55 12.55
C PRO A 39 -3.21 -7.32 13.61
N GLY B 1 -18.04 8.29 -6.73
CA GLY B 1 -19.32 8.86 -6.32
C GLY B 1 -20.30 9.00 -7.48
N SER B 2 -19.75 9.04 -8.71
CA SER B 2 -20.54 9.14 -9.95
C SER B 2 -21.28 7.82 -10.25
N ALA B 3 -20.64 6.69 -9.85
CA ALA B 3 -21.11 5.30 -10.09
C ALA B 3 -21.17 4.99 -11.61
N THR B 4 -20.02 4.57 -12.16
CA THR B 4 -19.85 4.23 -13.58
C THR B 4 -19.03 2.93 -13.71
N GLN B 5 -19.00 2.33 -14.92
CA GLN B 5 -18.29 1.06 -15.23
C GLN B 5 -18.95 -0.15 -14.52
N SER B 6 -18.55 -1.37 -14.93
CA SER B 6 -18.97 -2.61 -14.26
C SER B 6 -18.22 -2.73 -12.91
N PRO B 7 -18.87 -3.28 -11.81
CA PRO B 7 -18.26 -3.32 -10.45
C PRO B 7 -16.86 -4.01 -10.44
N GLY B 8 -16.74 -5.10 -11.24
CA GLY B 8 -15.48 -5.86 -11.37
C GLY B 8 -14.38 -5.04 -12.03
N ASP B 9 -14.72 -4.33 -13.12
CA ASP B 9 -13.77 -3.50 -13.87
C ASP B 9 -13.32 -2.30 -13.02
N SER B 10 -14.30 -1.49 -12.58
CA SER B 10 -14.09 -0.24 -11.79
C SER B 10 -13.12 -0.44 -10.60
N ARG B 11 -13.35 -1.54 -9.84
CA ARG B 11 -12.52 -1.89 -8.67
C ARG B 11 -11.14 -2.43 -9.11
N ARG B 12 -11.09 -3.04 -10.32
CA ARG B 12 -9.85 -3.60 -10.88
C ARG B 12 -8.86 -2.47 -11.20
N LEU B 13 -9.34 -1.40 -11.89
CA LEU B 13 -8.49 -0.24 -12.20
C LEU B 13 -7.99 0.40 -10.89
N SER B 14 -8.89 0.54 -9.91
CA SER B 14 -8.57 1.11 -8.59
C SER B 14 -7.42 0.35 -7.88
N ILE B 15 -7.49 -0.99 -7.88
CA ILE B 15 -6.52 -1.86 -7.19
C ILE B 15 -5.18 -1.89 -7.96
N GLN B 16 -5.25 -1.79 -9.31
CA GLN B 16 -4.06 -1.74 -10.17
C GLN B 16 -3.30 -0.40 -10.00
N ARG B 17 -4.06 0.69 -9.77
CA ARG B 17 -3.49 2.04 -9.51
C ARG B 17 -2.77 2.08 -8.15
N ALA B 18 -3.28 1.28 -7.22
CA ALA B 18 -2.64 1.07 -5.91
C ALA B 18 -1.30 0.34 -6.06
N ILE B 19 -1.26 -0.62 -7.01
CA ILE B 19 -0.03 -1.33 -7.38
C ILE B 19 0.92 -0.36 -8.11
N GLN B 20 0.35 0.57 -8.93
CA GLN B 20 1.12 1.61 -9.64
C GLN B 20 1.75 2.60 -8.65
N SER B 21 1.07 2.83 -7.50
CA SER B 21 1.61 3.65 -6.41
C SER B 21 2.75 2.91 -5.66
N LEU B 22 2.57 1.58 -5.50
CA LEU B 22 3.53 0.69 -4.81
C LEU B 22 4.84 0.57 -5.62
N VAL B 23 4.70 0.36 -6.94
CA VAL B 23 5.86 0.27 -7.87
C VAL B 23 6.47 1.66 -8.08
N HIS B 24 5.62 2.72 -8.02
CA HIS B 24 6.08 4.13 -8.15
C HIS B 24 7.12 4.43 -7.08
N ALA B 25 6.70 4.33 -5.81
CA ALA B 25 7.53 4.71 -4.65
C ALA B 25 8.75 3.80 -4.48
N ALA B 26 8.62 2.53 -4.89
CA ALA B 26 9.73 1.56 -4.88
C ALA B 26 10.85 2.02 -5.85
N GLN B 27 10.45 2.48 -7.05
CA GLN B 27 11.37 3.00 -8.10
C GLN B 27 11.79 4.46 -7.80
N CYS B 28 10.91 5.20 -7.11
CA CYS B 28 11.04 6.65 -6.90
C CYS B 28 11.74 6.90 -5.56
N ARG B 29 13.06 7.09 -5.59
CA ARG B 29 13.86 7.51 -4.41
C ARG B 29 14.19 9.01 -4.52
N ASN B 30 13.79 9.62 -5.65
CA ASN B 30 14.16 11.00 -6.00
C ASN B 30 13.25 12.00 -5.25
N ALA B 31 13.79 13.21 -4.98
CA ALA B 31 13.15 14.21 -4.10
C ALA B 31 12.37 15.30 -4.88
N ASN B 32 12.67 15.49 -6.19
CA ASN B 32 11.97 16.48 -7.04
C ASN B 32 10.47 16.14 -7.18
N CYS B 33 10.17 14.83 -7.16
CA CYS B 33 8.79 14.31 -7.11
C CYS B 33 8.37 14.12 -5.64
N SER B 34 7.51 15.03 -5.14
CA SER B 34 7.18 15.11 -3.70
C SER B 34 5.67 15.36 -3.45
N LEU B 35 4.79 14.84 -4.34
CA LEU B 35 3.31 14.88 -4.14
C LEU B 35 2.89 14.07 -2.86
N PRO B 36 1.73 14.42 -2.20
CA PRO B 36 1.31 13.82 -0.89
C PRO B 36 1.24 12.27 -0.91
N SER B 37 0.68 11.70 -2.00
CA SER B 37 0.59 10.23 -2.20
C SER B 37 1.99 9.59 -2.17
N CYS B 38 2.94 10.27 -2.82
CA CYS B 38 4.33 9.79 -2.95
C CYS B 38 5.08 9.91 -1.63
N GLN B 39 4.72 10.89 -0.77
CA GLN B 39 5.33 11.05 0.56
C GLN B 39 4.94 9.91 1.51
N LYS B 40 3.64 9.55 1.52
CA LYS B 40 3.13 8.43 2.34
C LYS B 40 3.70 7.11 1.83
N MET B 41 3.71 6.96 0.50
CA MET B 41 4.12 5.71 -0.17
C MET B 41 5.63 5.49 -0.09
N LYS B 42 6.45 6.54 -0.29
CA LYS B 42 7.93 6.40 -0.20
C LYS B 42 8.36 6.10 1.23
N ARG B 43 7.70 6.76 2.20
CA ARG B 43 8.01 6.58 3.63
C ARG B 43 7.71 5.12 4.04
N VAL B 44 6.57 4.58 3.54
CA VAL B 44 6.09 3.26 3.95
C VAL B 44 6.84 2.12 3.20
N VAL B 45 7.17 2.31 1.89
CA VAL B 45 7.89 1.26 1.11
C VAL B 45 9.34 1.09 1.63
N GLN B 46 9.97 2.20 2.07
CA GLN B 46 11.29 2.14 2.75
C GLN B 46 11.15 1.54 4.17
N HIS B 47 10.00 1.87 4.82
CA HIS B 47 9.62 1.28 6.12
C HIS B 47 9.55 -0.25 6.02
N THR B 48 8.88 -0.78 4.96
CA THR B 48 8.66 -2.23 4.79
C THR B 48 9.98 -2.98 4.56
N LYS B 49 10.91 -2.31 3.84
CA LYS B 49 12.28 -2.81 3.61
C LYS B 49 13.05 -2.99 4.94
N GLY B 50 12.80 -2.10 5.91
CA GLY B 50 13.40 -2.18 7.26
C GLY B 50 12.42 -2.63 8.33
N CYS B 51 11.39 -3.42 7.95
CA CYS B 51 10.30 -3.85 8.86
C CYS B 51 10.18 -5.37 8.90
N LYS B 52 10.66 -5.99 9.99
CA LYS B 52 10.51 -7.44 10.25
C LYS B 52 9.16 -7.73 10.93
N ARG B 53 8.59 -6.68 11.59
CA ARG B 53 7.28 -6.72 12.28
C ARG B 53 6.14 -7.25 11.36
N LYS B 54 6.32 -7.12 10.03
CA LYS B 54 5.33 -7.53 9.03
C LYS B 54 4.90 -9.01 9.21
N THR B 55 5.85 -9.84 9.69
CA THR B 55 5.60 -11.23 10.08
C THR B 55 5.76 -11.39 11.62
N ASN B 56 6.58 -10.51 12.22
CA ASN B 56 6.99 -10.57 13.65
C ASN B 56 5.97 -9.79 14.53
N GLY B 57 4.68 -10.11 14.36
CA GLY B 57 3.60 -9.44 15.07
C GLY B 57 2.38 -9.22 14.18
N GLY B 58 2.63 -8.98 12.89
CA GLY B 58 1.58 -8.75 11.90
C GLY B 58 1.27 -7.28 11.74
N CYS B 59 2.27 -6.55 11.18
CA CYS B 59 2.19 -5.10 10.91
C CYS B 59 1.14 -4.81 9.81
N PRO B 60 -0.06 -4.20 10.19
CA PRO B 60 -1.23 -4.07 9.28
C PRO B 60 -0.96 -3.23 8.01
N ILE B 61 -0.01 -2.30 8.11
CA ILE B 61 0.32 -1.34 7.02
C ILE B 61 1.03 -2.09 5.88
N CYS B 62 1.97 -2.96 6.29
CA CYS B 62 2.70 -3.85 5.39
C CYS B 62 1.79 -4.99 4.88
N LYS B 63 0.71 -5.29 5.63
CA LYS B 63 -0.35 -6.25 5.23
C LYS B 63 -1.15 -5.68 4.03
N GLN B 64 -1.40 -4.35 4.06
CA GLN B 64 -2.05 -3.62 2.94
C GLN B 64 -1.22 -3.81 1.66
N LEU B 65 0.08 -3.47 1.78
CA LEU B 65 1.01 -3.43 0.63
C LEU B 65 1.29 -4.83 0.05
N ILE B 66 1.41 -5.84 0.93
CA ILE B 66 1.68 -7.23 0.51
C ILE B 66 0.42 -7.86 -0.11
N ALA B 67 -0.77 -7.33 0.25
CA ALA B 67 -2.07 -7.78 -0.30
C ALA B 67 -2.17 -7.44 -1.80
N LEU B 68 -1.79 -6.19 -2.17
CA LEU B 68 -1.71 -5.78 -3.59
C LEU B 68 -0.69 -6.67 -4.31
N ALA B 69 0.50 -6.79 -3.69
CA ALA B 69 1.66 -7.50 -4.24
C ALA B 69 1.41 -9.01 -4.39
N ALA B 70 0.53 -9.59 -3.56
CA ALA B 70 0.20 -11.03 -3.58
C ALA B 70 -0.65 -11.36 -4.81
N TYR B 71 -1.79 -10.65 -4.91
CA TYR B 71 -2.73 -10.73 -6.07
C TYR B 71 -1.97 -10.48 -7.40
N HIS B 72 -1.12 -9.43 -7.35
CA HIS B 72 -0.28 -9.00 -8.47
C HIS B 72 0.76 -10.09 -8.84
N ALA B 73 1.38 -10.73 -7.83
CA ALA B 73 2.46 -11.73 -8.04
C ALA B 73 1.93 -13.04 -8.65
N LYS B 74 0.61 -13.31 -8.48
CA LYS B 74 -0.04 -14.50 -9.07
C LYS B 74 -0.08 -14.41 -10.61
N HIS B 75 0.00 -13.18 -11.14
CA HIS B 75 -0.02 -12.91 -12.60
C HIS B 75 1.35 -12.39 -13.09
N CYS B 76 2.15 -11.87 -12.13
CA CYS B 76 3.48 -11.29 -12.40
C CYS B 76 4.58 -12.24 -11.91
N GLN B 77 5.25 -12.88 -12.87
CA GLN B 77 6.38 -13.81 -12.63
C GLN B 77 7.72 -13.06 -12.88
N GLU B 78 7.68 -11.74 -12.65
CA GLU B 78 8.79 -10.83 -12.94
C GLU B 78 9.79 -10.82 -11.74
N ASN B 79 11.07 -11.17 -12.00
CA ASN B 79 12.09 -11.34 -10.94
C ASN B 79 12.92 -10.06 -10.73
N LYS B 80 12.81 -9.08 -11.65
CA LYS B 80 13.48 -7.75 -11.51
C LYS B 80 12.46 -6.70 -11.06
N CYS B 81 11.33 -7.17 -10.52
CA CYS B 81 10.18 -6.34 -10.14
C CYS B 81 10.53 -5.39 -8.96
N PRO B 82 10.11 -4.09 -9.01
CA PRO B 82 10.43 -3.05 -7.96
C PRO B 82 9.89 -3.42 -6.55
N VAL B 83 8.75 -4.12 -6.51
CA VAL B 83 8.08 -4.49 -5.25
C VAL B 83 8.83 -5.66 -4.56
N PRO B 84 9.37 -5.45 -3.31
CA PRO B 84 10.14 -6.50 -2.58
C PRO B 84 9.26 -7.67 -2.15
N PHE B 85 7.99 -7.36 -1.77
CA PHE B 85 6.98 -8.37 -1.40
C PHE B 85 6.76 -9.35 -2.55
N CYS B 86 6.53 -8.78 -3.75
CA CYS B 86 6.25 -9.54 -4.99
C CYS B 86 7.34 -10.59 -5.26
N LEU B 87 8.61 -10.21 -4.97
CA LEU B 87 9.76 -11.13 -5.09
C LEU B 87 9.72 -12.23 -4.02
N ASN B 88 9.44 -11.85 -2.76
CA ASN B 88 9.34 -12.80 -1.62
C ASN B 88 8.24 -13.86 -1.88
N ILE B 89 7.20 -13.45 -2.63
CA ILE B 89 6.02 -14.28 -2.94
C ILE B 89 6.28 -15.18 -4.16
N LYS B 90 6.92 -14.62 -5.22
CA LYS B 90 7.14 -15.33 -6.50
C LYS B 90 8.31 -16.34 -6.40
N GLN B 91 9.27 -16.07 -5.50
CA GLN B 91 10.44 -16.94 -5.28
C GLN B 91 10.07 -18.09 -4.33
N LYS B 92 9.56 -17.72 -3.14
CA LYS B 92 9.31 -18.68 -2.05
C LYS B 92 7.91 -19.32 -2.22
N GLY A 1 -13.15 5.05 24.44
CA GLY A 1 -11.84 5.01 23.74
C GLY A 1 -11.52 6.34 23.07
N SER A 2 -11.09 6.28 21.79
CA SER A 2 -10.80 7.47 20.96
C SER A 2 -12.04 7.91 20.19
N MET A 3 -12.11 9.23 19.89
CA MET A 3 -13.13 9.81 19.02
C MET A 3 -12.79 9.50 17.55
N ASN A 4 -13.80 9.55 16.66
CA ASN A 4 -13.63 9.45 15.19
C ASN A 4 -13.15 10.80 14.58
N GLN A 5 -12.27 11.50 15.32
CA GLN A 5 -11.68 12.78 14.93
C GLN A 5 -10.68 12.56 13.77
N PRO A 6 -10.46 13.57 12.85
CA PRO A 6 -9.45 13.48 11.77
C PRO A 6 -8.06 13.12 12.32
N GLN A 7 -7.64 11.85 12.09
CA GLN A 7 -6.42 11.28 12.69
C GLN A 7 -5.17 12.01 12.15
N ARG A 8 -4.63 12.90 13.00
CA ARG A 8 -3.47 13.73 12.69
C ARG A 8 -2.21 12.84 12.73
N MET A 9 -1.66 12.52 11.54
CA MET A 9 -0.54 11.59 11.39
C MET A 9 0.75 12.14 12.07
N ALA A 10 1.16 11.48 13.16
CA ALA A 10 2.39 11.81 13.91
C ALA A 10 3.51 10.82 13.54
N PRO A 11 4.75 11.30 13.22
CA PRO A 11 5.82 10.49 12.58
C PRO A 11 6.52 9.48 13.51
N VAL A 12 5.93 9.25 14.71
CA VAL A 12 6.43 8.36 15.78
C VAL A 12 6.85 6.97 15.24
N GLY A 13 6.09 6.46 14.25
CA GLY A 13 6.35 5.15 13.65
C GLY A 13 5.22 4.17 13.89
N THR A 14 4.05 4.70 14.30
CA THR A 14 2.82 3.91 14.45
C THR A 14 1.61 4.77 14.09
N ASP A 15 1.52 5.95 14.73
CA ASP A 15 0.38 6.90 14.61
C ASP A 15 0.14 7.31 13.16
N LYS A 16 1.24 7.70 12.49
CA LYS A 16 1.21 8.11 11.08
C LYS A 16 0.78 6.94 10.20
N GLU A 17 1.27 5.74 10.55
CA GLU A 17 1.10 4.53 9.73
C GLU A 17 -0.34 4.01 9.77
N LEU A 18 -1.00 4.11 10.95
CA LEU A 18 -2.42 3.68 11.11
C LEU A 18 -3.37 4.67 10.41
N SER A 19 -2.96 5.96 10.41
CA SER A 19 -3.64 7.04 9.66
C SER A 19 -3.48 6.79 8.14
N ASP A 20 -2.25 6.37 7.76
CA ASP A 20 -1.89 6.03 6.38
C ASP A 20 -2.60 4.76 5.94
N LEU A 21 -2.74 3.77 6.86
CA LEU A 21 -3.41 2.48 6.59
C LEU A 21 -4.87 2.69 6.19
N LEU A 22 -5.56 3.63 6.89
CA LEU A 22 -6.95 4.00 6.58
C LEU A 22 -7.00 4.60 5.16
N ASP A 23 -6.02 5.47 4.86
CA ASP A 23 -5.94 6.16 3.56
C ASP A 23 -5.66 5.16 2.42
N PHE A 24 -4.83 4.15 2.70
CA PHE A 24 -4.51 3.12 1.71
C PHE A 24 -5.72 2.18 1.52
N SER A 25 -6.37 1.81 2.62
CA SER A 25 -7.56 0.93 2.60
C SER A 25 -8.77 1.58 1.87
N MET A 26 -8.81 2.93 1.83
CA MET A 26 -9.83 3.68 1.04
C MET A 26 -9.32 3.93 -0.40
N MET A 27 -7.98 3.83 -0.62
CA MET A 27 -7.35 4.00 -1.96
C MET A 27 -7.67 2.81 -2.87
N PHE A 28 -7.53 1.59 -2.32
CA PHE A 28 -7.80 0.32 -3.03
C PHE A 28 -9.03 -0.39 -2.43
N PRO A 29 -9.80 -1.17 -3.25
CA PRO A 29 -10.95 -1.96 -2.77
C PRO A 29 -10.51 -3.20 -1.94
N LEU A 30 -10.13 -4.32 -2.63
CA LEU A 30 -9.79 -5.61 -1.99
C LEU A 30 -10.98 -6.18 -1.14
N PRO A 31 -10.88 -7.45 -0.64
CA PRO A 31 -11.77 -7.93 0.45
C PRO A 31 -11.29 -7.40 1.82
N VAL A 32 -11.86 -7.93 2.92
CA VAL A 32 -11.41 -7.59 4.28
C VAL A 32 -9.99 -8.16 4.54
N THR A 33 -9.61 -9.20 3.74
CA THR A 33 -8.35 -9.98 3.83
C THR A 33 -8.25 -10.70 5.20
N ASN A 34 -7.97 -9.92 6.26
CA ASN A 34 -7.93 -10.38 7.65
C ASN A 34 -7.77 -9.15 8.56
N GLY A 35 -8.35 -9.19 9.77
CA GLY A 35 -8.29 -8.07 10.70
C GLY A 35 -8.63 -8.48 12.11
N LYS A 36 -9.83 -8.06 12.59
CA LYS A 36 -10.29 -8.22 13.98
C LYS A 36 -9.24 -7.60 14.96
N GLY A 37 -8.74 -6.42 14.57
CA GLY A 37 -7.74 -5.68 15.31
C GLY A 37 -7.70 -4.22 14.89
N ARG A 38 -8.88 -3.59 14.85
CA ARG A 38 -9.06 -2.18 14.41
C ARG A 38 -9.88 -1.37 15.45
N PRO A 39 -9.78 0.01 15.45
CA PRO A 39 -10.66 0.89 16.26
C PRO A 39 -12.14 0.77 15.86
N GLY B 1 -20.99 5.79 -23.52
CA GLY B 1 -19.57 6.05 -23.45
C GLY B 1 -19.21 7.07 -22.37
N SER B 2 -20.03 7.10 -21.29
CA SER B 2 -19.83 7.99 -20.13
C SER B 2 -18.64 7.52 -19.26
N ALA B 3 -18.14 8.41 -18.36
CA ALA B 3 -17.05 8.10 -17.41
C ALA B 3 -17.57 7.21 -16.27
N THR B 4 -17.77 5.92 -16.60
CA THR B 4 -18.32 4.91 -15.70
C THR B 4 -18.09 3.52 -16.31
N GLN B 5 -18.10 2.47 -15.47
CA GLN B 5 -17.80 1.09 -15.89
C GLN B 5 -18.46 0.08 -14.94
N SER B 6 -18.30 -1.22 -15.30
CA SER B 6 -18.81 -2.36 -14.50
C SER B 6 -18.09 -2.42 -13.12
N PRO B 7 -18.70 -3.08 -12.05
CA PRO B 7 -18.14 -3.08 -10.67
C PRO B 7 -16.72 -3.69 -10.60
N GLY B 8 -16.52 -4.80 -11.34
CA GLY B 8 -15.23 -5.50 -11.40
C GLY B 8 -14.14 -4.66 -12.04
N ASP B 9 -14.51 -3.89 -13.08
CA ASP B 9 -13.58 -3.01 -13.80
C ASP B 9 -13.33 -1.71 -13.01
N SER B 10 -14.32 -1.28 -12.23
CA SER B 10 -14.20 -0.05 -11.41
C SER B 10 -13.16 -0.28 -10.31
N ARG B 11 -13.30 -1.43 -9.62
CA ARG B 11 -12.40 -1.87 -8.56
C ARG B 11 -11.05 -2.35 -9.16
N ARG B 12 -11.04 -2.72 -10.47
CA ARG B 12 -9.83 -3.15 -11.19
C ARG B 12 -8.85 -1.97 -11.29
N LEU B 13 -9.36 -0.85 -11.78
CA LEU B 13 -8.59 0.40 -11.99
C LEU B 13 -8.02 0.87 -10.65
N SER B 14 -8.91 0.98 -9.65
CA SER B 14 -8.56 1.43 -8.29
C SER B 14 -7.43 0.57 -7.64
N ILE B 15 -7.54 -0.76 -7.79
CA ILE B 15 -6.61 -1.72 -7.16
C ILE B 15 -5.23 -1.68 -7.87
N GLN B 16 -5.26 -1.47 -9.20
CA GLN B 16 -4.03 -1.36 -10.03
C GLN B 16 -3.27 -0.08 -9.66
N ARG B 17 -4.00 1.04 -9.48
CA ARG B 17 -3.40 2.37 -9.16
C ARG B 17 -2.67 2.35 -7.80
N ALA B 18 -3.22 1.56 -6.87
CA ALA B 18 -2.57 1.27 -5.57
C ALA B 18 -1.22 0.57 -5.77
N ILE B 19 -1.20 -0.42 -6.68
CA ILE B 19 0.03 -1.16 -7.04
C ILE B 19 1.02 -0.25 -7.78
N GLN B 20 0.51 0.63 -8.67
CA GLN B 20 1.34 1.54 -9.50
C GLN B 20 2.09 2.57 -8.64
N SER B 21 1.45 2.97 -7.52
CA SER B 21 2.07 3.87 -6.53
C SER B 21 3.12 3.12 -5.70
N LEU B 22 2.81 1.86 -5.35
CA LEU B 22 3.73 0.93 -4.65
C LEU B 22 4.99 0.64 -5.52
N VAL B 23 4.75 0.52 -6.82
CA VAL B 23 5.79 0.27 -7.86
C VAL B 23 6.70 1.50 -7.99
N HIS B 24 6.05 2.67 -8.15
CA HIS B 24 6.73 3.95 -8.32
C HIS B 24 7.67 4.21 -7.13
N ALA B 25 7.09 4.21 -5.92
CA ALA B 25 7.79 4.58 -4.68
C ALA B 25 8.89 3.57 -4.30
N ALA B 26 8.71 2.29 -4.69
CA ALA B 26 9.72 1.23 -4.48
C ALA B 26 11.01 1.55 -5.25
N GLN B 27 10.83 2.04 -6.49
CA GLN B 27 11.95 2.48 -7.36
C GLN B 27 12.43 3.90 -6.99
N CYS B 28 11.54 4.67 -6.36
CA CYS B 28 11.71 6.13 -6.17
C CYS B 28 12.28 6.46 -4.78
N ARG B 29 13.57 6.88 -4.74
CA ARG B 29 14.21 7.44 -3.52
C ARG B 29 14.51 8.94 -3.74
N ASN B 30 13.89 9.52 -4.80
CA ASN B 30 14.17 10.90 -5.28
C ASN B 30 13.62 11.97 -4.32
N ALA B 31 13.78 13.26 -4.69
CA ALA B 31 13.26 14.38 -3.90
C ALA B 31 12.53 15.40 -4.78
N ASN B 32 12.85 15.40 -6.09
CA ASN B 32 12.22 16.29 -7.09
C ASN B 32 10.71 16.03 -7.25
N CYS B 33 10.24 14.82 -6.85
CA CYS B 33 8.80 14.53 -6.69
C CYS B 33 8.22 15.43 -5.57
N SER B 34 7.24 16.27 -5.93
CA SER B 34 6.59 17.22 -5.00
C SER B 34 5.14 16.81 -4.66
N LEU B 35 4.63 15.75 -5.34
CA LEU B 35 3.23 15.30 -5.19
C LEU B 35 2.97 14.54 -3.85
N PRO B 36 1.69 14.52 -3.34
CA PRO B 36 1.33 13.83 -2.08
C PRO B 36 1.52 12.30 -2.13
N SER B 37 1.01 11.67 -3.22
CA SER B 37 0.90 10.21 -3.36
C SER B 37 2.27 9.52 -3.24
N CYS B 38 3.28 10.15 -3.84
CA CYS B 38 4.66 9.62 -3.85
C CYS B 38 5.27 9.66 -2.46
N GLN B 39 5.10 10.80 -1.75
CA GLN B 39 5.73 11.03 -0.43
C GLN B 39 5.23 10.07 0.64
N LYS B 40 3.89 9.91 0.72
CA LYS B 40 3.25 8.99 1.67
C LYS B 40 3.62 7.54 1.36
N MET B 41 3.64 7.21 0.05
CA MET B 41 3.98 5.86 -0.40
C MET B 41 5.46 5.58 -0.14
N LYS B 42 6.32 6.63 -0.20
CA LYS B 42 7.78 6.49 0.06
C LYS B 42 8.04 6.19 1.55
N ARG B 43 7.31 6.88 2.46
CA ARG B 43 7.55 6.71 3.91
C ARG B 43 7.22 5.26 4.32
N VAL B 44 6.12 4.71 3.73
CA VAL B 44 5.66 3.36 4.04
C VAL B 44 6.48 2.29 3.26
N VAL B 45 6.87 2.57 1.99
CA VAL B 45 7.57 1.57 1.13
C VAL B 45 9.02 1.35 1.62
N GLN B 46 9.68 2.43 2.08
CA GLN B 46 11.02 2.36 2.66
C GLN B 46 10.93 1.74 4.07
N HIS B 47 9.81 2.06 4.79
CA HIS B 47 9.46 1.40 6.06
C HIS B 47 9.39 -0.13 5.89
N THR B 48 8.62 -0.60 4.86
CA THR B 48 8.35 -2.04 4.67
C THR B 48 9.65 -2.82 4.44
N LYS B 49 10.54 -2.22 3.61
CA LYS B 49 11.87 -2.80 3.30
C LYS B 49 12.75 -2.90 4.57
N GLY B 50 12.60 -1.93 5.49
CA GLY B 50 13.33 -1.92 6.77
C GLY B 50 12.47 -2.38 7.95
N CYS B 51 11.46 -3.23 7.67
CA CYS B 51 10.50 -3.71 8.68
C CYS B 51 10.31 -5.21 8.56
N LYS B 52 11.08 -5.97 9.36
CA LYS B 52 10.94 -7.44 9.44
C LYS B 52 9.75 -7.83 10.34
N ARG B 53 9.16 -6.83 11.01
CA ARG B 53 7.92 -6.98 11.82
C ARG B 53 6.72 -7.51 10.96
N LYS B 54 6.83 -7.34 9.62
CA LYS B 54 5.79 -7.77 8.68
C LYS B 54 5.77 -9.31 8.50
N THR B 55 6.97 -9.93 8.40
CA THR B 55 7.11 -11.39 8.27
C THR B 55 6.90 -12.07 9.63
N ASN B 56 7.10 -11.28 10.71
CA ASN B 56 6.76 -11.65 12.09
C ASN B 56 5.23 -11.67 12.29
N GLY B 57 4.53 -10.79 11.54
CA GLY B 57 3.06 -10.82 11.45
C GLY B 57 2.38 -9.58 12.02
N GLY B 58 3.03 -8.94 13.02
CA GLY B 58 2.41 -7.85 13.80
C GLY B 58 2.60 -6.46 13.20
N CYS B 59 2.29 -6.30 11.90
CA CYS B 59 2.32 -4.99 11.23
C CYS B 59 1.26 -4.96 10.09
N PRO B 60 0.01 -4.44 10.37
CA PRO B 60 -1.11 -4.44 9.39
C PRO B 60 -0.86 -3.53 8.15
N ILE B 61 0.03 -2.53 8.32
CA ILE B 61 0.39 -1.55 7.26
C ILE B 61 1.06 -2.28 6.06
N CYS B 62 2.05 -3.11 6.41
CA CYS B 62 2.77 -3.94 5.44
C CYS B 62 1.91 -5.13 4.96
N LYS B 63 0.88 -5.49 5.76
CA LYS B 63 -0.04 -6.60 5.47
C LYS B 63 -1.01 -6.24 4.33
N GLN B 64 -1.54 -5.00 4.35
CA GLN B 64 -2.38 -4.50 3.24
C GLN B 64 -1.53 -4.33 1.96
N LEU B 65 -0.27 -3.81 2.10
CA LEU B 65 0.63 -3.63 0.94
C LEU B 65 1.03 -4.96 0.27
N ILE B 66 1.21 -6.04 1.09
CA ILE B 66 1.53 -7.38 0.56
C ILE B 66 0.29 -8.01 -0.11
N ALA B 67 -0.92 -7.54 0.29
CA ALA B 67 -2.20 -7.97 -0.35
C ALA B 67 -2.28 -7.49 -1.83
N LEU B 68 -1.90 -6.22 -2.11
CA LEU B 68 -1.79 -5.71 -3.52
C LEU B 68 -0.81 -6.58 -4.30
N ALA B 69 0.38 -6.76 -3.68
CA ALA B 69 1.51 -7.48 -4.26
C ALA B 69 1.21 -8.96 -4.50
N ALA B 70 0.32 -9.55 -3.66
CA ALA B 70 -0.04 -10.98 -3.75
C ALA B 70 -0.87 -11.25 -5.00
N TYR B 71 -1.97 -10.49 -5.15
CA TYR B 71 -2.87 -10.52 -6.32
C TYR B 71 -2.06 -10.27 -7.63
N HIS B 72 -1.14 -9.31 -7.55
CA HIS B 72 -0.25 -8.93 -8.65
C HIS B 72 0.78 -10.06 -8.97
N ALA B 73 1.32 -10.71 -7.91
CA ALA B 73 2.39 -11.73 -8.04
C ALA B 73 1.88 -13.04 -8.67
N LYS B 74 0.55 -13.26 -8.57
CA LYS B 74 -0.13 -14.45 -9.13
C LYS B 74 0.17 -14.60 -10.64
N HIS B 75 0.12 -13.47 -11.35
CA HIS B 75 0.23 -13.45 -12.83
C HIS B 75 1.63 -12.94 -13.28
N CYS B 76 2.37 -12.35 -12.33
CA CYS B 76 3.69 -11.73 -12.58
C CYS B 76 4.82 -12.68 -12.16
N GLN B 77 5.51 -13.27 -13.15
CA GLN B 77 6.67 -14.14 -12.93
C GLN B 77 7.95 -13.37 -13.30
N GLU B 78 8.51 -12.65 -12.31
CA GLU B 78 9.70 -11.79 -12.51
C GLU B 78 10.46 -11.55 -11.20
N ASN B 79 11.81 -11.64 -11.26
CA ASN B 79 12.70 -11.35 -10.12
C ASN B 79 13.11 -9.87 -10.10
N LYS B 80 13.30 -9.23 -11.28
CA LYS B 80 13.59 -7.78 -11.34
C LYS B 80 12.26 -7.04 -11.39
N CYS B 81 11.53 -7.12 -10.28
CA CYS B 81 10.22 -6.46 -10.16
C CYS B 81 10.33 -5.35 -9.10
N PRO B 82 9.79 -4.12 -9.40
CA PRO B 82 9.80 -2.95 -8.47
C PRO B 82 9.37 -3.30 -7.05
N VAL B 83 8.22 -3.98 -6.92
CA VAL B 83 7.64 -4.35 -5.62
C VAL B 83 8.49 -5.46 -4.94
N PRO B 84 9.08 -5.20 -3.74
CA PRO B 84 9.94 -6.19 -3.04
C PRO B 84 9.11 -7.38 -2.52
N PHE B 85 7.85 -7.09 -2.07
CA PHE B 85 6.89 -8.10 -1.60
C PHE B 85 6.66 -9.17 -2.68
N CYS B 86 6.51 -8.72 -3.94
CA CYS B 86 6.21 -9.57 -5.11
C CYS B 86 7.20 -10.75 -5.21
N LEU B 87 8.49 -10.46 -4.93
CA LEU B 87 9.53 -11.47 -4.83
C LEU B 87 9.30 -12.36 -3.60
N ASN B 88 9.13 -11.71 -2.42
CA ASN B 88 9.01 -12.40 -1.11
C ASN B 88 7.84 -13.42 -1.09
N ILE B 89 6.87 -13.22 -1.99
CA ILE B 89 5.70 -14.11 -2.14
C ILE B 89 6.02 -15.29 -3.08
N LYS B 90 6.42 -14.97 -4.34
CA LYS B 90 6.56 -15.99 -5.41
C LYS B 90 7.87 -16.80 -5.29
N GLN B 91 8.82 -16.30 -4.47
CA GLN B 91 10.13 -16.97 -4.23
C GLN B 91 10.05 -17.84 -2.96
N LYS B 92 9.52 -17.25 -1.86
CA LYS B 92 9.35 -17.97 -0.59
C LYS B 92 8.04 -18.81 -0.64
N GLY A 1 -1.67 33.08 6.00
CA GLY A 1 -0.82 34.09 5.34
C GLY A 1 -0.40 33.68 3.94
N SER A 2 0.51 34.46 3.35
CA SER A 2 1.03 34.20 1.98
C SER A 2 2.25 33.25 2.01
N MET A 3 2.76 32.96 3.22
CA MET A 3 3.89 32.04 3.43
C MET A 3 3.37 30.61 3.65
N ASN A 4 3.46 29.77 2.59
CA ASN A 4 3.07 28.35 2.63
C ASN A 4 4.20 27.49 3.21
N GLN A 5 3.86 26.29 3.70
CA GLN A 5 4.81 25.32 4.27
C GLN A 5 4.12 23.94 4.43
N PRO A 6 4.79 22.80 4.07
CA PRO A 6 4.19 21.44 4.19
C PRO A 6 4.02 21.00 5.65
N GLN A 7 3.07 20.08 5.89
CA GLN A 7 2.83 19.49 7.21
C GLN A 7 3.84 18.37 7.46
N ARG A 8 4.49 18.40 8.65
CA ARG A 8 5.50 17.41 9.04
C ARG A 8 4.82 16.16 9.63
N MET A 9 5.29 14.97 9.21
CA MET A 9 4.78 13.68 9.73
C MET A 9 5.31 13.44 11.17
N ALA A 10 4.44 12.91 12.04
CA ALA A 10 4.76 12.70 13.46
C ALA A 10 5.79 11.57 13.65
N PRO A 11 6.87 11.79 14.48
CA PRO A 11 7.96 10.78 14.68
C PRO A 11 7.59 9.64 15.66
N VAL A 12 6.27 9.45 15.88
CA VAL A 12 5.69 8.32 16.63
C VAL A 12 6.10 6.96 16.02
N GLY A 13 6.24 6.94 14.67
CA GLY A 13 6.72 5.77 13.93
C GLY A 13 5.75 4.60 13.86
N THR A 14 4.45 4.86 14.11
CA THR A 14 3.38 3.84 13.97
C THR A 14 2.03 4.51 13.67
N ASP A 15 1.62 5.44 14.56
CA ASP A 15 0.31 6.14 14.50
C ASP A 15 0.07 6.83 13.15
N LYS A 16 1.13 7.47 12.63
CA LYS A 16 1.11 8.13 11.31
C LYS A 16 0.90 7.12 10.18
N GLU A 17 1.52 5.92 10.33
CA GLU A 17 1.54 4.88 9.30
C GLU A 17 0.19 4.14 9.23
N LEU A 18 -0.49 4.00 10.39
CA LEU A 18 -1.83 3.35 10.46
C LEU A 18 -2.93 4.33 10.05
N SER A 19 -2.66 5.64 10.23
CA SER A 19 -3.53 6.70 9.72
C SER A 19 -3.42 6.75 8.18
N ASP A 20 -2.18 6.52 7.69
CA ASP A 20 -1.88 6.44 6.26
C ASP A 20 -2.44 5.13 5.68
N LEU A 21 -2.45 4.06 6.52
CA LEU A 21 -3.09 2.76 6.21
C LEU A 21 -4.57 2.95 5.89
N LEU A 22 -5.26 3.80 6.68
CA LEU A 22 -6.67 4.16 6.43
C LEU A 22 -6.82 4.76 5.03
N ASP A 23 -5.92 5.71 4.70
CA ASP A 23 -5.89 6.36 3.38
C ASP A 23 -5.66 5.34 2.25
N PHE A 24 -4.79 4.36 2.49
CA PHE A 24 -4.49 3.29 1.55
C PHE A 24 -5.73 2.38 1.37
N SER A 25 -6.34 1.98 2.50
CA SER A 25 -7.44 1.00 2.54
C SER A 25 -8.72 1.57 1.89
N MET A 26 -8.87 2.91 1.90
CA MET A 26 -9.99 3.62 1.25
C MET A 26 -9.63 3.96 -0.23
N MET A 27 -8.32 3.94 -0.57
CA MET A 27 -7.82 4.19 -1.96
C MET A 27 -8.14 3.00 -2.86
N PHE A 28 -7.83 1.80 -2.35
CA PHE A 28 -8.06 0.52 -3.07
C PHE A 28 -9.15 -0.30 -2.35
N PRO A 29 -9.93 -1.16 -3.08
CA PRO A 29 -11.00 -1.99 -2.48
C PRO A 29 -10.44 -3.26 -1.80
N LEU A 30 -9.85 -4.18 -2.63
CA LEU A 30 -9.33 -5.51 -2.18
C LEU A 30 -10.45 -6.43 -1.62
N PRO A 31 -10.15 -7.75 -1.32
CA PRO A 31 -11.03 -8.58 -0.47
C PRO A 31 -10.94 -8.16 1.02
N VAL A 32 -11.57 -8.96 1.90
CA VAL A 32 -11.76 -8.65 3.33
C VAL A 32 -10.44 -8.29 4.02
N THR A 33 -9.43 -9.17 3.86
CA THR A 33 -8.03 -8.99 4.35
C THR A 33 -7.98 -8.57 5.85
N ASN A 34 -8.88 -9.18 6.67
CA ASN A 34 -9.11 -8.82 8.09
C ASN A 34 -9.72 -7.41 8.17
N GLY A 35 -11.06 -7.35 8.31
CA GLY A 35 -11.80 -6.10 8.35
C GLY A 35 -13.30 -6.29 8.49
N LYS A 36 -13.80 -7.47 8.05
CA LYS A 36 -15.26 -7.80 8.00
C LYS A 36 -16.02 -6.91 6.97
N GLY A 37 -17.37 -6.98 6.98
CA GLY A 37 -18.23 -6.23 6.06
C GLY A 37 -18.62 -7.05 4.83
N ARG A 38 -18.64 -8.39 4.99
CA ARG A 38 -18.93 -9.34 3.91
C ARG A 38 -20.42 -9.27 3.49
N PRO A 39 -20.76 -9.46 2.17
CA PRO A 39 -22.15 -9.32 1.66
C PRO A 39 -23.06 -10.53 2.04
N GLY B 1 -19.96 4.69 -21.79
CA GLY B 1 -20.25 4.25 -20.45
C GLY B 1 -20.40 5.42 -19.47
N SER B 2 -21.35 5.28 -18.53
CA SER B 2 -21.60 6.27 -17.46
C SER B 2 -20.54 6.15 -16.35
N ALA B 3 -20.47 7.16 -15.46
CA ALA B 3 -19.56 7.14 -14.30
C ALA B 3 -20.05 6.11 -13.26
N THR B 4 -19.74 4.84 -13.55
CA THR B 4 -20.17 3.68 -12.76
C THR B 4 -19.38 2.44 -13.23
N GLN B 5 -19.18 2.35 -14.58
CA GLN B 5 -18.42 1.27 -15.25
C GLN B 5 -19.03 -0.12 -14.95
N SER B 6 -18.29 -1.18 -15.29
CA SER B 6 -18.52 -2.51 -14.73
C SER B 6 -17.82 -2.55 -13.35
N PRO B 7 -18.49 -3.04 -12.26
CA PRO B 7 -17.97 -2.93 -10.86
C PRO B 7 -16.57 -3.57 -10.67
N GLY B 8 -16.33 -4.68 -11.40
CA GLY B 8 -15.04 -5.38 -11.38
C GLY B 8 -13.93 -4.58 -12.05
N ASP B 9 -14.28 -3.85 -13.11
CA ASP B 9 -13.34 -2.99 -13.85
C ASP B 9 -13.03 -1.73 -13.04
N SER B 10 -14.04 -1.07 -12.49
CA SER B 10 -13.89 0.16 -11.66
C SER B 10 -12.92 -0.07 -10.48
N ARG B 11 -13.14 -1.20 -9.76
CA ARG B 11 -12.29 -1.62 -8.63
C ARG B 11 -10.90 -2.06 -9.13
N ARG B 12 -10.82 -2.49 -10.42
CA ARG B 12 -9.57 -2.91 -11.06
C ARG B 12 -8.62 -1.71 -11.25
N LEU B 13 -9.14 -0.56 -11.74
CA LEU B 13 -8.30 0.65 -11.96
C LEU B 13 -7.75 1.15 -10.62
N SER B 14 -8.64 1.30 -9.63
CA SER B 14 -8.26 1.82 -8.29
C SER B 14 -7.16 0.95 -7.61
N ILE B 15 -7.30 -0.39 -7.74
CA ILE B 15 -6.36 -1.36 -7.14
C ILE B 15 -5.02 -1.39 -7.97
N GLN B 16 -5.11 -1.17 -9.31
CA GLN B 16 -3.91 -1.06 -10.17
C GLN B 16 -3.10 0.18 -9.80
N ARG B 17 -3.79 1.31 -9.53
CA ARG B 17 -3.16 2.59 -9.12
C ARG B 17 -2.36 2.42 -7.84
N ALA B 18 -2.91 1.61 -6.92
CA ALA B 18 -2.24 1.24 -5.65
C ALA B 18 -0.90 0.53 -5.93
N ILE B 19 -0.92 -0.40 -6.90
CA ILE B 19 0.29 -1.13 -7.35
C ILE B 19 1.26 -0.17 -8.08
N GLN B 20 0.72 0.78 -8.86
CA GLN B 20 1.52 1.74 -9.66
C GLN B 20 2.25 2.75 -8.76
N SER B 21 1.64 3.08 -7.61
CA SER B 21 2.28 3.91 -6.58
C SER B 21 3.35 3.08 -5.82
N LEU B 22 3.05 1.79 -5.59
CA LEU B 22 3.92 0.84 -4.88
C LEU B 22 5.24 0.60 -5.66
N VAL B 23 5.11 0.39 -6.99
CA VAL B 23 6.25 0.18 -7.88
C VAL B 23 7.04 1.48 -8.10
N HIS B 24 6.31 2.63 -8.12
CA HIS B 24 6.92 3.97 -8.24
C HIS B 24 7.88 4.18 -7.07
N ALA B 25 7.34 4.08 -5.85
CA ALA B 25 8.05 4.37 -4.59
C ALA B 25 9.19 3.36 -4.29
N ALA B 26 9.05 2.13 -4.82
CA ALA B 26 10.10 1.09 -4.69
C ALA B 26 11.34 1.44 -5.53
N GLN B 27 11.11 2.06 -6.71
CA GLN B 27 12.18 2.57 -7.61
C GLN B 27 12.58 4.01 -7.21
N CYS B 28 11.64 4.74 -6.58
CA CYS B 28 11.78 6.17 -6.27
C CYS B 28 12.29 6.39 -4.86
N ARG B 29 13.52 6.89 -4.75
CA ARG B 29 14.08 7.38 -3.49
C ARG B 29 14.03 8.93 -3.51
N ASN B 30 14.04 9.51 -4.73
CA ASN B 30 14.00 10.96 -4.95
C ASN B 30 12.68 11.58 -4.44
N ALA B 31 12.78 12.76 -3.83
CA ALA B 31 11.62 13.52 -3.33
C ALA B 31 11.22 14.63 -4.31
N ASN B 32 11.85 14.60 -5.52
CA ASN B 32 11.70 15.64 -6.55
C ASN B 32 10.25 15.72 -7.01
N CYS B 33 9.65 14.53 -7.25
CA CYS B 33 8.21 14.38 -7.42
C CYS B 33 7.54 14.48 -6.03
N SER B 34 6.88 15.63 -5.80
CA SER B 34 6.41 16.06 -4.46
C SER B 34 4.94 15.67 -4.18
N LEU B 35 4.27 15.02 -5.15
CA LEU B 35 2.83 14.64 -5.03
C LEU B 35 2.58 13.69 -3.83
N PRO B 36 1.30 13.67 -3.27
CA PRO B 36 0.94 12.83 -2.09
C PRO B 36 1.25 11.34 -2.30
N SER B 37 0.82 10.78 -3.46
CA SER B 37 1.00 9.34 -3.77
C SER B 37 2.48 8.92 -3.74
N CYS B 38 3.37 9.84 -4.15
CA CYS B 38 4.81 9.58 -4.12
C CYS B 38 5.33 9.51 -2.68
N GLN B 39 5.13 10.59 -1.92
CA GLN B 39 5.73 10.77 -0.57
C GLN B 39 5.17 9.77 0.46
N LYS B 40 3.84 9.61 0.44
CA LYS B 40 3.11 8.68 1.32
C LYS B 40 3.42 7.22 1.03
N MET B 41 3.56 6.88 -0.26
CA MET B 41 3.92 5.52 -0.65
C MET B 41 5.41 5.25 -0.35
N LYS B 42 6.29 6.28 -0.46
CA LYS B 42 7.71 6.14 -0.07
C LYS B 42 7.81 5.96 1.46
N ARG B 43 6.90 6.62 2.19
CA ARG B 43 6.75 6.48 3.65
C ARG B 43 6.60 5.00 4.02
N VAL B 44 5.63 4.33 3.37
CA VAL B 44 5.29 2.95 3.69
C VAL B 44 6.25 1.92 3.03
N VAL B 45 6.76 2.20 1.82
CA VAL B 45 7.71 1.31 1.10
C VAL B 45 9.07 1.23 1.84
N GLN B 46 9.61 2.39 2.21
CA GLN B 46 10.89 2.45 2.95
C GLN B 46 10.68 1.94 4.40
N HIS B 47 9.45 2.12 4.93
CA HIS B 47 9.01 1.50 6.20
C HIS B 47 9.18 -0.03 6.13
N THR B 48 8.60 -0.67 5.10
CA THR B 48 8.56 -2.16 5.01
C THR B 48 9.97 -2.75 4.84
N LYS B 49 10.84 -2.02 4.13
CA LYS B 49 12.26 -2.37 3.95
C LYS B 49 13.02 -2.33 5.30
N GLY B 50 12.60 -1.40 6.20
CA GLY B 50 13.19 -1.26 7.55
C GLY B 50 12.24 -1.73 8.66
N CYS B 51 11.37 -2.71 8.35
CA CYS B 51 10.35 -3.24 9.29
C CYS B 51 10.51 -4.75 9.46
N LYS B 52 10.88 -5.20 10.67
CA LYS B 52 10.97 -6.64 11.01
C LYS B 52 9.61 -7.16 11.52
N ARG B 53 8.80 -6.24 12.09
CA ARG B 53 7.48 -6.55 12.67
C ARG B 53 6.47 -7.08 11.62
N LYS B 54 6.81 -6.90 10.32
CA LYS B 54 5.96 -7.36 9.21
C LYS B 54 5.79 -8.89 9.21
N THR B 55 6.87 -9.60 9.61
CA THR B 55 6.85 -11.06 9.78
C THR B 55 6.78 -11.42 11.28
N ASN B 56 7.14 -10.45 12.15
CA ASN B 56 7.32 -10.68 13.59
C ASN B 56 6.41 -9.74 14.39
N GLY B 57 5.11 -10.06 14.43
CA GLY B 57 4.13 -9.27 15.22
C GLY B 57 2.81 -9.10 14.49
N GLY B 58 2.86 -9.12 13.15
CA GLY B 58 1.66 -9.00 12.32
C GLY B 58 1.32 -7.53 12.05
N CYS B 59 2.29 -6.82 11.45
CA CYS B 59 2.19 -5.39 11.13
C CYS B 59 1.13 -5.13 10.03
N PRO B 60 0.02 -4.39 10.35
CA PRO B 60 -1.14 -4.23 9.43
C PRO B 60 -0.80 -3.38 8.18
N ILE B 61 0.20 -2.48 8.32
CA ILE B 61 0.65 -1.59 7.22
C ILE B 61 1.30 -2.44 6.10
N CYS B 62 2.15 -3.36 6.53
CA CYS B 62 2.84 -4.30 5.61
C CYS B 62 1.86 -5.37 5.09
N LYS B 63 0.77 -5.62 5.84
CA LYS B 63 -0.30 -6.56 5.46
C LYS B 63 -1.01 -6.00 4.19
N GLN B 64 -1.46 -4.73 4.27
CA GLN B 64 -2.24 -4.11 3.18
C GLN B 64 -1.36 -3.91 1.92
N LEU B 65 -0.04 -3.66 2.09
CA LEU B 65 0.92 -3.62 0.95
C LEU B 65 1.08 -4.99 0.29
N ILE B 66 1.33 -6.04 1.11
CA ILE B 66 1.56 -7.41 0.61
C ILE B 66 0.25 -7.99 0.02
N ALA B 67 -0.89 -7.36 0.36
CA ALA B 67 -2.21 -7.70 -0.18
C ALA B 67 -2.33 -7.24 -1.65
N LEU B 68 -1.85 -5.98 -1.96
CA LEU B 68 -1.72 -5.55 -3.39
C LEU B 68 -0.75 -6.50 -4.11
N ALA B 69 0.40 -6.72 -3.46
CA ALA B 69 1.55 -7.44 -4.03
C ALA B 69 1.27 -8.93 -4.27
N ALA B 70 0.38 -9.53 -3.46
CA ALA B 70 -0.01 -10.95 -3.58
C ALA B 70 -0.96 -11.14 -4.76
N TYR B 71 -2.03 -10.31 -4.78
CA TYR B 71 -2.99 -10.22 -5.91
C TYR B 71 -2.25 -9.98 -7.26
N HIS B 72 -1.26 -9.07 -7.19
CA HIS B 72 -0.42 -8.67 -8.31
C HIS B 72 0.53 -9.82 -8.72
N ALA B 73 1.06 -10.54 -7.72
CA ALA B 73 2.01 -11.66 -7.94
C ALA B 73 1.32 -12.88 -8.60
N LYS B 74 -0.02 -12.94 -8.48
CA LYS B 74 -0.85 -13.99 -9.14
C LYS B 74 -0.69 -13.91 -10.68
N HIS B 75 -0.56 -12.68 -11.20
CA HIS B 75 -0.50 -12.40 -12.64
C HIS B 75 0.95 -12.13 -13.10
N CYS B 76 1.74 -11.59 -12.17
CA CYS B 76 3.12 -11.12 -12.43
C CYS B 76 4.14 -12.19 -12.01
N GLN B 77 4.75 -12.85 -13.01
CA GLN B 77 5.82 -13.86 -12.81
C GLN B 77 7.21 -13.22 -13.01
N GLU B 78 7.25 -11.87 -12.91
CA GLU B 78 8.46 -11.08 -13.18
C GLU B 78 9.42 -11.11 -12.00
N ASN B 79 10.69 -11.46 -12.29
CA ASN B 79 11.76 -11.54 -11.27
C ASN B 79 12.49 -10.18 -11.14
N LYS B 80 12.44 -9.36 -12.22
CA LYS B 80 13.00 -8.01 -12.24
C LYS B 80 11.89 -6.99 -11.94
N CYS B 81 11.24 -7.20 -10.78
CA CYS B 81 10.10 -6.39 -10.34
C CYS B 81 10.54 -5.53 -9.14
N PRO B 82 10.18 -4.21 -9.11
CA PRO B 82 10.54 -3.27 -8.01
C PRO B 82 10.05 -3.70 -6.60
N VAL B 83 8.82 -4.26 -6.54
CA VAL B 83 8.16 -4.64 -5.27
C VAL B 83 8.88 -5.84 -4.61
N PRO B 84 9.43 -5.68 -3.35
CA PRO B 84 10.17 -6.76 -2.66
C PRO B 84 9.27 -7.94 -2.27
N PHE B 85 8.02 -7.63 -1.82
CA PHE B 85 7.01 -8.65 -1.44
C PHE B 85 6.76 -9.60 -2.61
N CYS B 86 6.48 -8.99 -3.79
CA CYS B 86 6.17 -9.70 -5.04
C CYS B 86 7.22 -10.77 -5.36
N LEU B 87 8.51 -10.40 -5.19
CA LEU B 87 9.63 -11.32 -5.38
C LEU B 87 9.57 -12.47 -4.38
N ASN B 88 9.48 -12.13 -3.08
CA ASN B 88 9.47 -13.10 -1.96
C ASN B 88 8.36 -14.16 -2.15
N ILE B 89 7.24 -13.73 -2.74
CA ILE B 89 6.08 -14.58 -3.01
C ILE B 89 6.39 -15.59 -4.14
N LYS B 90 6.82 -15.07 -5.31
CA LYS B 90 7.02 -15.91 -6.53
C LYS B 90 8.37 -16.66 -6.53
N GLN B 91 9.27 -16.35 -5.56
CA GLN B 91 10.57 -17.05 -5.43
C GLN B 91 10.51 -18.12 -4.33
N LYS B 92 10.05 -17.70 -3.13
CA LYS B 92 9.97 -18.57 -1.94
C LYS B 92 8.63 -19.34 -1.94
N GLY A 1 -15.47 8.16 2.43
CA GLY A 1 -16.12 9.10 3.38
C GLY A 1 -15.14 9.80 4.31
N SER A 2 -13.88 9.93 3.87
CA SER A 2 -12.82 10.61 4.63
C SER A 2 -11.70 11.08 3.68
N MET A 3 -11.80 12.35 3.20
CA MET A 3 -10.73 13.03 2.44
C MET A 3 -9.55 13.29 3.40
N ASN A 4 -9.89 13.86 4.56
CA ASN A 4 -8.99 14.00 5.71
C ASN A 4 -9.61 13.24 6.89
N GLN A 5 -8.75 12.57 7.66
CA GLN A 5 -9.15 11.71 8.78
C GLN A 5 -8.59 12.29 10.09
N PRO A 6 -9.31 12.15 11.26
CA PRO A 6 -8.77 12.56 12.58
C PRO A 6 -7.47 11.80 12.94
N GLN A 7 -6.69 12.40 13.87
CA GLN A 7 -5.33 11.95 14.21
C GLN A 7 -4.39 12.05 12.99
N ARG A 8 -3.71 13.20 12.92
CA ARG A 8 -2.74 13.51 11.86
C ARG A 8 -1.48 12.66 12.06
N MET A 9 -0.83 12.27 10.94
CA MET A 9 0.38 11.45 10.94
C MET A 9 1.52 12.07 11.79
N ALA A 10 1.69 11.55 13.02
CA ALA A 10 2.68 12.04 14.01
C ALA A 10 3.93 11.12 14.03
N PRO A 11 5.15 11.67 14.36
CA PRO A 11 6.44 10.89 14.32
C PRO A 11 6.62 9.88 15.49
N VAL A 12 5.49 9.38 16.04
CA VAL A 12 5.47 8.27 17.00
C VAL A 12 6.00 6.96 16.36
N GLY A 13 5.85 6.87 15.02
CA GLY A 13 6.36 5.74 14.25
C GLY A 13 5.22 4.89 13.74
N THR A 14 4.36 4.44 14.65
CA THR A 14 3.20 3.61 14.34
C THR A 14 1.97 4.48 14.01
N ASP A 15 1.77 5.55 14.83
CA ASP A 15 0.62 6.50 14.73
C ASP A 15 0.40 6.97 13.29
N LYS A 16 1.51 7.39 12.68
CA LYS A 16 1.51 7.96 11.32
C LYS A 16 1.10 6.92 10.29
N GLU A 17 1.57 5.68 10.49
CA GLU A 17 1.37 4.59 9.52
C GLU A 17 -0.01 3.94 9.66
N LEU A 18 -0.64 4.00 10.86
CA LEU A 18 -2.01 3.46 11.08
C LEU A 18 -3.07 4.45 10.57
N SER A 19 -2.74 5.75 10.66
CA SER A 19 -3.55 6.83 10.06
C SER A 19 -3.47 6.74 8.53
N ASP A 20 -2.25 6.46 8.04
CA ASP A 20 -1.95 6.33 6.61
C ASP A 20 -2.55 5.00 6.07
N LEU A 21 -2.57 3.97 6.95
CA LEU A 21 -3.23 2.66 6.73
C LEU A 21 -4.71 2.84 6.42
N LEU A 22 -5.35 3.72 7.20
CA LEU A 22 -6.77 4.06 7.06
C LEU A 22 -7.02 4.63 5.65
N ASP A 23 -6.12 5.53 5.23
CA ASP A 23 -6.19 6.17 3.89
C ASP A 23 -6.00 5.11 2.77
N PHE A 24 -5.09 4.15 3.01
CA PHE A 24 -4.84 3.03 2.08
C PHE A 24 -6.10 2.17 1.91
N SER A 25 -6.74 1.83 3.04
CA SER A 25 -7.92 0.96 3.09
C SER A 25 -9.06 1.52 2.20
N MET A 26 -9.24 2.85 2.23
CA MET A 26 -10.25 3.55 1.40
C MET A 26 -9.71 3.94 0.00
N MET A 27 -8.36 3.86 -0.21
CA MET A 27 -7.74 4.19 -1.51
C MET A 27 -8.04 3.10 -2.55
N PHE A 28 -7.86 1.84 -2.14
CA PHE A 28 -8.06 0.67 -3.01
C PHE A 28 -9.23 -0.19 -2.51
N PRO A 29 -9.92 -0.96 -3.41
CA PRO A 29 -11.04 -1.83 -3.03
C PRO A 29 -10.58 -3.10 -2.27
N LEU A 30 -10.01 -4.10 -3.02
CA LEU A 30 -9.65 -5.44 -2.49
C LEU A 30 -10.89 -6.21 -1.93
N PRO A 31 -10.79 -7.55 -1.70
CA PRO A 31 -11.83 -8.28 -0.94
C PRO A 31 -11.79 -7.92 0.57
N VAL A 32 -12.68 -8.53 1.37
CA VAL A 32 -12.71 -8.32 2.83
C VAL A 32 -11.43 -8.92 3.48
N THR A 33 -10.36 -8.10 3.50
CA THR A 33 -9.04 -8.46 4.04
C THR A 33 -8.96 -8.11 5.54
N ASN A 34 -10.06 -8.45 6.27
CA ASN A 34 -10.29 -8.05 7.68
C ASN A 34 -10.44 -6.52 7.77
N GLY A 35 -11.67 -6.03 7.52
CA GLY A 35 -12.00 -4.61 7.61
C GLY A 35 -12.58 -4.22 8.97
N LYS A 36 -12.76 -5.22 9.86
CA LYS A 36 -13.33 -5.05 11.20
C LYS A 36 -12.77 -6.14 12.14
N GLY A 37 -12.19 -5.71 13.29
CA GLY A 37 -11.63 -6.64 14.28
C GLY A 37 -10.15 -6.42 14.49
N ARG A 38 -9.79 -5.19 14.89
CA ARG A 38 -8.39 -4.83 15.22
C ARG A 38 -8.15 -5.05 16.74
N PRO A 39 -7.17 -5.91 17.14
CA PRO A 39 -6.77 -6.07 18.56
C PRO A 39 -6.19 -4.77 19.15
N GLY B 1 -19.31 10.73 -11.43
CA GLY B 1 -19.99 9.59 -10.86
C GLY B 1 -21.31 9.30 -11.55
N SER B 2 -21.24 8.92 -12.83
CA SER B 2 -22.43 8.67 -13.68
C SER B 2 -22.90 7.20 -13.63
N ALA B 3 -22.27 6.38 -12.73
CA ALA B 3 -22.53 4.94 -12.61
C ALA B 3 -22.24 4.21 -13.95
N THR B 4 -20.95 4.22 -14.34
CA THR B 4 -20.49 3.63 -15.61
C THR B 4 -19.52 2.47 -15.33
N GLN B 5 -19.27 1.63 -16.36
CA GLN B 5 -18.38 0.44 -16.30
C GLN B 5 -18.96 -0.66 -15.36
N SER B 6 -18.38 -1.87 -15.46
CA SER B 6 -18.69 -2.98 -14.54
C SER B 6 -18.08 -2.68 -13.16
N PRO B 7 -18.74 -3.06 -12.03
CA PRO B 7 -18.18 -2.87 -10.66
C PRO B 7 -16.79 -3.55 -10.51
N GLY B 8 -16.63 -4.70 -11.20
CA GLY B 8 -15.37 -5.43 -11.25
C GLY B 8 -14.29 -4.69 -12.04
N ASP B 9 -14.68 -4.03 -13.16
CA ASP B 9 -13.74 -3.29 -14.01
C ASP B 9 -13.27 -2.01 -13.32
N SER B 10 -14.21 -1.20 -12.83
CA SER B 10 -13.92 0.05 -12.10
C SER B 10 -12.93 -0.18 -10.93
N ARG B 11 -13.19 -1.24 -10.13
CA ARG B 11 -12.32 -1.60 -8.99
C ARG B 11 -10.97 -2.18 -9.47
N ARG B 12 -10.94 -2.71 -10.73
CA ARG B 12 -9.69 -3.20 -11.36
C ARG B 12 -8.75 -2.02 -11.61
N LEU B 13 -9.27 -0.87 -12.12
CA LEU B 13 -8.43 0.33 -12.32
C LEU B 13 -7.91 0.82 -10.96
N SER B 14 -8.83 0.93 -9.99
CA SER B 14 -8.54 1.43 -8.62
C SER B 14 -7.43 0.61 -7.91
N ILE B 15 -7.51 -0.73 -8.05
CA ILE B 15 -6.56 -1.66 -7.42
C ILE B 15 -5.19 -1.56 -8.13
N GLN B 16 -5.21 -1.33 -9.46
CA GLN B 16 -3.98 -1.12 -10.26
C GLN B 16 -3.32 0.22 -9.87
N ARG B 17 -4.13 1.27 -9.60
CA ARG B 17 -3.62 2.61 -9.21
C ARG B 17 -2.79 2.53 -7.91
N ALA B 18 -3.28 1.69 -6.99
CA ALA B 18 -2.58 1.39 -5.72
C ALA B 18 -1.22 0.73 -5.99
N ILE B 19 -1.19 -0.23 -6.93
CA ILE B 19 0.05 -0.94 -7.34
C ILE B 19 1.01 0.00 -8.08
N GLN B 20 0.46 0.91 -8.91
CA GLN B 20 1.25 1.87 -9.70
C GLN B 20 1.98 2.86 -8.78
N SER B 21 1.32 3.24 -7.67
CA SER B 21 1.92 4.09 -6.63
C SER B 21 2.97 3.31 -5.83
N LEU B 22 2.68 2.01 -5.58
CA LEU B 22 3.56 1.10 -4.82
C LEU B 22 4.89 0.87 -5.56
N VAL B 23 4.80 0.55 -6.87
CA VAL B 23 5.97 0.28 -7.73
C VAL B 23 6.72 1.58 -8.03
N HIS B 24 5.98 2.70 -8.20
CA HIS B 24 6.55 4.03 -8.45
C HIS B 24 7.52 4.38 -7.32
N ALA B 25 6.96 4.47 -6.10
CA ALA B 25 7.68 4.88 -4.89
C ALA B 25 8.80 3.89 -4.52
N ALA B 26 8.63 2.61 -4.93
CA ALA B 26 9.64 1.56 -4.71
C ALA B 26 10.89 1.79 -5.59
N GLN B 27 10.67 2.26 -6.83
CA GLN B 27 11.74 2.65 -7.79
C GLN B 27 12.28 4.05 -7.46
N CYS B 28 11.39 4.87 -6.89
CA CYS B 28 11.57 6.33 -6.72
C CYS B 28 12.21 6.66 -5.36
N ARG B 29 13.43 7.22 -5.39
CA ARG B 29 14.11 7.74 -4.18
C ARG B 29 14.49 9.23 -4.39
N ASN B 30 13.84 9.87 -5.39
CA ASN B 30 14.15 11.25 -5.82
C ASN B 30 13.73 12.30 -4.77
N ALA B 31 14.00 13.57 -5.10
CA ALA B 31 13.52 14.72 -4.34
C ALA B 31 12.65 15.66 -5.20
N ASN B 32 12.62 15.41 -6.54
CA ASN B 32 11.87 16.26 -7.50
C ASN B 32 10.35 16.03 -7.42
N CYS B 33 9.95 14.88 -6.86
CA CYS B 33 8.54 14.60 -6.53
C CYS B 33 8.12 15.41 -5.29
N SER B 34 7.31 16.44 -5.48
CA SER B 34 6.74 17.22 -4.36
C SER B 34 5.27 16.84 -4.10
N LEU B 35 4.71 15.94 -4.96
CA LEU B 35 3.30 15.54 -4.88
C LEU B 35 3.02 14.70 -3.60
N PRO B 36 1.78 14.82 -2.99
CA PRO B 36 1.44 14.20 -1.70
C PRO B 36 1.51 12.65 -1.73
N SER B 37 1.02 12.03 -2.83
CA SER B 37 0.95 10.57 -2.97
C SER B 37 2.34 9.93 -2.85
N CYS B 38 3.32 10.54 -3.54
CA CYS B 38 4.68 10.01 -3.58
C CYS B 38 5.41 10.21 -2.24
N GLN B 39 5.08 11.29 -1.50
CA GLN B 39 5.68 11.58 -0.18
C GLN B 39 5.34 10.44 0.82
N LYS B 40 4.02 10.20 0.99
CA LYS B 40 3.50 9.19 1.94
C LYS B 40 3.79 7.76 1.47
N MET B 41 3.82 7.53 0.14
CA MET B 41 4.04 6.18 -0.41
C MET B 41 5.50 5.78 -0.19
N LYS B 42 6.44 6.72 -0.39
CA LYS B 42 7.88 6.49 -0.12
C LYS B 42 8.15 6.25 1.38
N ARG B 43 7.37 6.92 2.24
CA ARG B 43 7.38 6.66 3.70
C ARG B 43 7.17 5.16 3.97
N VAL B 44 6.03 4.64 3.49
CA VAL B 44 5.60 3.29 3.80
C VAL B 44 6.38 2.22 3.00
N VAL B 45 6.71 2.50 1.71
CA VAL B 45 7.30 1.49 0.79
C VAL B 45 8.78 1.22 1.13
N GLN B 46 9.53 2.29 1.50
CA GLN B 46 10.93 2.15 1.94
C GLN B 46 10.96 1.50 3.33
N HIS B 47 9.92 1.83 4.14
CA HIS B 47 9.63 1.12 5.40
C HIS B 47 9.47 -0.40 5.14
N THR B 48 8.63 -0.80 4.15
CA THR B 48 8.28 -2.23 3.91
C THR B 48 9.51 -3.06 3.51
N LYS B 49 10.43 -2.40 2.78
CA LYS B 49 11.71 -3.00 2.36
C LYS B 49 12.58 -3.35 3.59
N GLY B 50 12.65 -2.41 4.56
CA GLY B 50 13.37 -2.64 5.82
C GLY B 50 12.43 -2.99 6.98
N CYS B 51 11.28 -3.60 6.65
CA CYS B 51 10.29 -4.06 7.64
C CYS B 51 10.25 -5.58 7.65
N LYS B 52 10.91 -6.16 8.64
CA LYS B 52 10.94 -7.61 8.86
C LYS B 52 9.67 -8.05 9.62
N ARG B 53 9.04 -7.07 10.31
CA ARG B 53 7.81 -7.25 11.13
C ARG B 53 6.64 -7.87 10.33
N LYS B 54 6.62 -7.62 9.01
CA LYS B 54 5.51 -8.05 8.11
C LYS B 54 5.56 -9.59 7.92
N THR B 55 6.80 -10.08 7.99
CA THR B 55 7.20 -11.44 7.68
C THR B 55 7.36 -12.26 8.99
N ASN B 56 7.79 -11.57 10.05
CA ASN B 56 8.21 -12.21 11.31
C ASN B 56 7.08 -12.18 12.35
N GLY B 57 6.35 -11.06 12.41
CA GLY B 57 5.32 -10.82 13.44
C GLY B 57 3.99 -10.37 12.84
N GLY B 58 3.67 -9.08 13.00
CA GLY B 58 2.35 -8.54 12.63
C GLY B 58 2.41 -7.05 12.40
N CYS B 59 2.50 -6.64 11.13
CA CYS B 59 2.45 -5.24 10.70
C CYS B 59 1.27 -5.03 9.73
N PRO B 60 0.09 -4.49 10.22
CA PRO B 60 -1.17 -4.39 9.43
C PRO B 60 -1.06 -3.50 8.16
N ILE B 61 -0.14 -2.53 8.22
CA ILE B 61 0.10 -1.58 7.12
C ILE B 61 0.62 -2.34 5.89
N CYS B 62 1.64 -3.16 6.14
CA CYS B 62 2.27 -4.03 5.14
C CYS B 62 1.38 -5.24 4.79
N LYS B 63 0.37 -5.54 5.64
CA LYS B 63 -0.66 -6.57 5.34
C LYS B 63 -1.53 -6.11 4.16
N GLN B 64 -1.88 -4.81 4.17
CA GLN B 64 -2.64 -4.21 3.06
C GLN B 64 -1.80 -4.19 1.78
N LEU B 65 -0.53 -3.74 1.90
CA LEU B 65 0.38 -3.62 0.74
C LEU B 65 0.78 -5.01 0.17
N ILE B 66 0.83 -6.05 1.04
CA ILE B 66 1.13 -7.44 0.60
C ILE B 66 -0.09 -8.04 -0.12
N ALA B 67 -1.30 -7.50 0.17
CA ALA B 67 -2.55 -7.89 -0.50
C ALA B 67 -2.57 -7.44 -1.98
N LEU B 68 -2.21 -6.14 -2.24
CA LEU B 68 -2.04 -5.63 -3.64
C LEU B 68 -0.98 -6.50 -4.38
N ALA B 69 0.15 -6.68 -3.67
CA ALA B 69 1.33 -7.37 -4.19
C ALA B 69 1.10 -8.88 -4.39
N ALA B 70 0.18 -9.49 -3.60
CA ALA B 70 -0.15 -10.93 -3.68
C ALA B 70 -0.86 -11.22 -4.99
N TYR B 71 -1.97 -10.48 -5.22
CA TYR B 71 -2.75 -10.52 -6.47
C TYR B 71 -1.84 -10.27 -7.69
N HIS B 72 -0.96 -9.26 -7.55
CA HIS B 72 0.03 -8.88 -8.57
C HIS B 72 1.07 -10.01 -8.80
N ALA B 73 1.50 -10.70 -7.71
CA ALA B 73 2.58 -11.72 -7.76
C ALA B 73 2.10 -13.04 -8.39
N LYS B 74 0.77 -13.25 -8.39
CA LYS B 74 0.15 -14.43 -9.03
C LYS B 74 0.21 -14.35 -10.57
N HIS B 75 0.47 -13.13 -11.08
CA HIS B 75 0.60 -12.88 -12.53
C HIS B 75 2.07 -12.55 -12.87
N CYS B 76 2.77 -11.90 -11.92
CA CYS B 76 4.18 -11.51 -12.04
C CYS B 76 5.07 -12.39 -11.13
N GLN B 77 5.78 -13.33 -11.75
CA GLN B 77 6.70 -14.26 -11.05
C GLN B 77 8.14 -13.73 -11.16
N GLU B 78 8.30 -12.41 -11.00
CA GLU B 78 9.56 -11.72 -11.29
C GLU B 78 10.31 -11.34 -10.01
N ASN B 79 11.59 -11.76 -9.93
CA ASN B 79 12.50 -11.44 -8.81
C ASN B 79 13.18 -10.08 -9.02
N LYS B 80 13.21 -9.62 -10.27
CA LYS B 80 13.70 -8.29 -10.63
C LYS B 80 12.53 -7.31 -10.60
N CYS B 81 11.91 -7.20 -9.41
CA CYS B 81 10.68 -6.42 -9.22
C CYS B 81 10.89 -5.40 -8.08
N PRO B 82 10.43 -4.12 -8.25
CA PRO B 82 10.61 -3.04 -7.23
C PRO B 82 9.92 -3.35 -5.88
N VAL B 83 8.78 -4.05 -5.94
CA VAL B 83 8.00 -4.42 -4.75
C VAL B 83 8.68 -5.58 -3.98
N PRO B 84 9.02 -5.38 -2.66
CA PRO B 84 9.72 -6.41 -1.84
C PRO B 84 8.83 -7.64 -1.58
N PHE B 85 7.52 -7.37 -1.33
CA PHE B 85 6.50 -8.40 -1.04
C PHE B 85 6.45 -9.43 -2.16
N CYS B 86 6.37 -8.92 -3.40
CA CYS B 86 6.19 -9.71 -4.63
C CYS B 86 7.21 -10.86 -4.72
N LEU B 87 8.45 -10.57 -4.30
CA LEU B 87 9.51 -11.57 -4.17
C LEU B 87 9.20 -12.55 -3.03
N ASN B 88 8.95 -12.00 -1.83
CA ASN B 88 8.73 -12.80 -0.59
C ASN B 88 7.54 -13.79 -0.74
N ILE B 89 6.62 -13.47 -1.68
CA ILE B 89 5.43 -14.28 -1.97
C ILE B 89 5.78 -15.42 -2.96
N LYS B 90 6.32 -15.06 -4.15
CA LYS B 90 6.50 -16.04 -5.25
C LYS B 90 7.79 -16.90 -5.06
N GLN B 91 8.78 -16.36 -4.33
CA GLN B 91 10.06 -17.07 -4.05
C GLN B 91 9.89 -18.05 -2.88
N LYS B 92 9.32 -17.53 -1.78
CA LYS B 92 9.19 -18.27 -0.52
C LYS B 92 7.81 -18.98 -0.47
N GLY A 1 -11.61 13.98 21.06
CA GLY A 1 -11.78 13.40 19.71
C GLY A 1 -13.21 12.93 19.47
N SER A 2 -13.53 12.64 18.20
CA SER A 2 -14.86 12.19 17.76
C SER A 2 -14.69 11.43 16.43
N MET A 3 -15.76 11.37 15.60
CA MET A 3 -15.67 10.88 14.21
C MET A 3 -14.89 11.91 13.37
N ASN A 4 -13.56 11.85 13.52
CA ASN A 4 -12.61 12.81 12.92
C ASN A 4 -11.57 12.03 12.12
N GLN A 5 -11.27 12.50 10.89
CA GLN A 5 -10.17 11.98 10.08
C GLN A 5 -8.82 12.40 10.71
N PRO A 6 -7.73 11.57 10.54
CA PRO A 6 -6.37 11.97 10.96
C PRO A 6 -5.92 13.26 10.23
N GLN A 7 -6.17 14.40 10.89
CA GLN A 7 -5.90 15.74 10.34
C GLN A 7 -4.39 16.01 10.19
N ARG A 8 -3.59 15.37 11.05
CA ARG A 8 -2.12 15.43 10.99
C ARG A 8 -1.53 14.07 11.40
N MET A 9 -0.30 13.83 10.96
CA MET A 9 0.50 12.67 11.36
C MET A 9 1.17 12.97 12.70
N ALA A 10 0.72 12.31 13.77
CA ALA A 10 1.37 12.37 15.08
C ALA A 10 2.66 11.52 15.04
N PRO A 11 3.83 12.05 15.52
CA PRO A 11 5.17 11.43 15.30
C PRO A 11 5.47 10.27 16.27
N VAL A 12 4.41 9.75 16.90
CA VAL A 12 4.48 8.64 17.85
C VAL A 12 4.90 7.32 17.16
N GLY A 13 4.57 7.19 15.86
CA GLY A 13 4.84 5.97 15.11
C GLY A 13 3.54 5.30 14.70
N THR A 14 2.76 4.85 15.69
CA THR A 14 1.53 4.08 15.47
C THR A 14 0.48 4.89 14.68
N ASP A 15 0.16 6.11 15.18
CA ASP A 15 -0.87 7.01 14.59
C ASP A 15 -0.65 7.23 13.09
N LYS A 16 0.57 7.60 12.74
CA LYS A 16 0.91 8.02 11.37
C LYS A 16 0.96 6.81 10.41
N GLU A 17 1.26 5.62 10.97
CA GLU A 17 1.26 4.35 10.21
C GLU A 17 -0.19 3.91 9.94
N LEU A 18 -1.06 3.93 10.96
CA LEU A 18 -2.48 3.50 10.83
C LEU A 18 -3.30 4.53 10.05
N SER A 19 -2.82 5.79 10.06
CA SER A 19 -3.38 6.87 9.23
C SER A 19 -3.07 6.60 7.78
N ASP A 20 -1.88 6.01 7.52
CA ASP A 20 -1.48 5.55 6.18
C ASP A 20 -2.23 4.28 5.80
N LEU A 21 -2.49 3.39 6.79
CA LEU A 21 -3.29 2.16 6.57
C LEU A 21 -4.69 2.56 6.08
N LEU A 22 -5.26 3.60 6.71
CA LEU A 22 -6.56 4.19 6.32
C LEU A 22 -6.47 4.84 4.93
N ASP A 23 -5.41 5.66 4.74
CA ASP A 23 -5.13 6.37 3.47
C ASP A 23 -5.01 5.37 2.29
N PHE A 24 -4.44 4.21 2.59
CA PHE A 24 -4.26 3.14 1.62
C PHE A 24 -5.58 2.38 1.44
N SER A 25 -6.26 2.09 2.56
CA SER A 25 -7.54 1.33 2.57
C SER A 25 -8.66 2.09 1.80
N MET A 26 -8.56 3.43 1.77
CA MET A 26 -9.49 4.29 1.00
C MET A 26 -8.97 4.49 -0.44
N MET A 27 -7.62 4.33 -0.65
CA MET A 27 -6.99 4.47 -1.99
C MET A 27 -7.39 3.30 -2.90
N PHE A 28 -7.38 2.08 -2.33
CA PHE A 28 -7.70 0.83 -3.04
C PHE A 28 -8.90 0.10 -2.41
N PRO A 29 -9.61 -0.77 -3.18
CA PRO A 29 -10.71 -1.62 -2.65
C PRO A 29 -10.19 -2.88 -1.89
N LEU A 30 -9.61 -3.84 -2.65
CA LEU A 30 -9.15 -5.17 -2.15
C LEU A 30 -10.31 -6.03 -1.57
N PRO A 31 -10.09 -7.38 -1.38
CA PRO A 31 -11.06 -8.24 -0.63
C PRO A 31 -11.18 -7.80 0.84
N VAL A 32 -12.34 -8.14 1.46
CA VAL A 32 -12.73 -7.64 2.79
C VAL A 32 -11.77 -8.12 3.92
N THR A 33 -10.89 -7.19 4.34
CA THR A 33 -10.07 -7.34 5.55
C THR A 33 -10.46 -6.25 6.56
N ASN A 34 -10.28 -6.56 7.84
CA ASN A 34 -10.70 -5.70 8.96
C ASN A 34 -9.82 -4.43 9.03
N GLY A 35 -8.53 -4.59 8.69
CA GLY A 35 -7.57 -3.48 8.71
C GLY A 35 -7.35 -2.96 10.13
N LYS A 36 -6.48 -3.66 10.89
CA LYS A 36 -6.24 -3.40 12.32
C LYS A 36 -5.52 -2.03 12.50
N GLY A 37 -6.33 -0.97 12.60
CA GLY A 37 -5.85 0.39 12.84
C GLY A 37 -6.97 1.21 13.47
N ARG A 38 -7.82 1.82 12.61
CA ARG A 38 -9.09 2.49 12.99
C ARG A 38 -8.90 3.54 14.13
N PRO A 39 -8.53 4.81 13.77
CA PRO A 39 -8.24 5.88 14.78
C PRO A 39 -9.51 6.37 15.53
N GLY B 1 -19.18 8.34 -21.83
CA GLY B 1 -20.29 7.78 -21.09
C GLY B 1 -20.12 7.91 -19.58
N SER B 2 -19.35 8.94 -19.17
CA SER B 2 -18.91 9.18 -17.76
C SER B 2 -17.89 8.11 -17.31
N ALA B 3 -17.19 8.40 -16.19
CA ALA B 3 -16.26 7.45 -15.55
C ALA B 3 -17.06 6.36 -14.81
N THR B 4 -17.52 5.37 -15.59
CA THR B 4 -18.39 4.28 -15.11
C THR B 4 -18.08 3.01 -15.92
N GLN B 5 -18.18 1.87 -15.25
CA GLN B 5 -17.87 0.53 -15.80
C GLN B 5 -18.43 -0.55 -14.87
N SER B 6 -18.22 -1.83 -15.23
CA SER B 6 -18.62 -2.99 -14.41
C SER B 6 -17.95 -2.92 -13.02
N PRO B 7 -18.63 -3.34 -11.88
CA PRO B 7 -18.09 -3.17 -10.50
C PRO B 7 -16.72 -3.87 -10.30
N GLY B 8 -16.55 -5.03 -10.97
CA GLY B 8 -15.32 -5.80 -10.95
C GLY B 8 -14.18 -5.07 -11.67
N ASP B 9 -14.50 -4.43 -12.81
CA ASP B 9 -13.52 -3.63 -13.56
C ASP B 9 -13.19 -2.34 -12.82
N SER B 10 -14.19 -1.74 -12.18
CA SER B 10 -14.07 -0.45 -11.47
C SER B 10 -13.03 -0.55 -10.33
N ARG B 11 -13.20 -1.61 -9.52
CA ARG B 11 -12.27 -1.96 -8.44
C ARG B 11 -10.90 -2.39 -9.01
N ARG B 12 -10.90 -2.97 -10.24
CA ARG B 12 -9.68 -3.45 -10.91
C ARG B 12 -8.73 -2.29 -11.20
N LEU B 13 -9.23 -1.18 -11.79
CA LEU B 13 -8.38 -0.01 -12.11
C LEU B 13 -7.85 0.60 -10.81
N SER B 14 -8.77 0.86 -9.85
CA SER B 14 -8.43 1.49 -8.56
C SER B 14 -7.31 0.73 -7.79
N ILE B 15 -7.42 -0.61 -7.77
CA ILE B 15 -6.47 -1.48 -7.04
C ILE B 15 -5.11 -1.52 -7.77
N GLN B 16 -5.14 -1.47 -9.13
CA GLN B 16 -3.93 -1.44 -9.95
C GLN B 16 -3.15 -0.14 -9.74
N ARG B 17 -3.86 1.01 -9.63
CA ARG B 17 -3.23 2.33 -9.47
C ARG B 17 -2.51 2.43 -8.12
N ALA B 18 -3.07 1.75 -7.11
CA ALA B 18 -2.45 1.57 -5.80
C ALA B 18 -1.12 0.79 -5.90
N ILE B 19 -1.12 -0.27 -6.74
CA ILE B 19 0.11 -1.05 -7.04
C ILE B 19 1.14 -0.14 -7.72
N GLN B 20 0.67 0.67 -8.69
CA GLN B 20 1.53 1.55 -9.51
C GLN B 20 2.21 2.63 -8.65
N SER B 21 1.55 3.01 -7.54
CA SER B 21 2.12 3.95 -6.56
C SER B 21 3.19 3.25 -5.68
N LEU B 22 2.91 2.00 -5.31
CA LEU B 22 3.84 1.12 -4.55
C LEU B 22 5.12 0.83 -5.40
N VAL B 23 4.89 0.61 -6.69
CA VAL B 23 5.93 0.37 -7.71
C VAL B 23 6.77 1.63 -7.90
N HIS B 24 6.05 2.77 -8.00
CA HIS B 24 6.65 4.08 -8.21
C HIS B 24 7.66 4.39 -7.09
N ALA B 25 7.17 4.44 -5.83
CA ALA B 25 7.97 4.83 -4.66
C ALA B 25 9.11 3.84 -4.36
N ALA B 26 8.92 2.56 -4.75
CA ALA B 26 9.96 1.51 -4.62
C ALA B 26 11.20 1.85 -5.47
N GLN B 27 10.96 2.36 -6.69
CA GLN B 27 12.02 2.82 -7.61
C GLN B 27 12.41 4.30 -7.37
N CYS B 28 11.47 5.05 -6.77
CA CYS B 28 11.57 6.51 -6.63
C CYS B 28 12.16 6.88 -5.27
N ARG B 29 13.48 7.04 -5.26
CA ARG B 29 14.22 7.60 -4.11
C ARG B 29 14.35 9.14 -4.28
N ASN B 30 13.92 9.67 -5.46
CA ASN B 30 14.04 11.11 -5.79
C ASN B 30 13.04 11.98 -4.99
N ALA B 31 13.51 13.20 -4.63
CA ALA B 31 12.70 14.21 -3.93
C ALA B 31 12.01 15.17 -4.91
N ASN B 32 12.22 14.93 -6.22
CA ASN B 32 11.73 15.81 -7.31
C ASN B 32 10.19 15.85 -7.36
N CYS B 33 9.56 14.76 -6.90
CA CYS B 33 8.10 14.69 -6.75
C CYS B 33 7.64 15.57 -5.55
N SER B 34 6.49 16.23 -5.72
CA SER B 34 5.89 17.07 -4.66
C SER B 34 4.53 16.52 -4.20
N LEU B 35 3.92 15.61 -4.99
CA LEU B 35 2.56 15.11 -4.75
C LEU B 35 2.46 14.27 -3.44
N PRO B 36 1.25 14.27 -2.77
CA PRO B 36 1.01 13.51 -1.52
C PRO B 36 1.25 11.99 -1.67
N SER B 37 0.67 11.39 -2.74
CA SER B 37 0.63 9.93 -2.94
C SER B 37 2.03 9.31 -2.96
N CYS B 38 2.97 10.02 -3.62
CA CYS B 38 4.36 9.59 -3.70
C CYS B 38 5.01 9.61 -2.31
N GLN B 39 4.77 10.70 -1.54
CA GLN B 39 5.39 10.92 -0.21
C GLN B 39 4.92 9.88 0.82
N LYS B 40 3.59 9.60 0.82
CA LYS B 40 2.96 8.61 1.72
C LYS B 40 3.62 7.24 1.52
N MET B 41 3.65 6.83 0.24
CA MET B 41 4.17 5.53 -0.15
C MET B 41 5.69 5.46 0.03
N LYS B 42 6.42 6.61 -0.12
CA LYS B 42 7.90 6.63 0.09
C LYS B 42 8.23 6.38 1.57
N ARG B 43 7.37 6.87 2.48
CA ARG B 43 7.51 6.60 3.93
C ARG B 43 7.41 5.09 4.18
N VAL B 44 6.31 4.49 3.71
CA VAL B 44 5.98 3.11 4.03
C VAL B 44 6.87 2.11 3.25
N VAL B 45 7.26 2.46 2.01
CA VAL B 45 8.23 1.67 1.20
C VAL B 45 9.59 1.52 1.93
N GLN B 46 10.14 2.65 2.41
CA GLN B 46 11.42 2.64 3.16
C GLN B 46 11.23 1.93 4.53
N HIS B 47 10.02 2.10 5.10
CA HIS B 47 9.60 1.42 6.34
C HIS B 47 9.68 -0.11 6.17
N THR B 48 9.07 -0.64 5.08
CA THR B 48 8.95 -2.10 4.85
C THR B 48 10.33 -2.75 4.67
N LYS B 49 11.24 -2.00 4.01
CA LYS B 49 12.63 -2.41 3.80
C LYS B 49 13.42 -2.46 5.13
N GLY B 50 13.00 -1.65 6.11
CA GLY B 50 13.56 -1.68 7.48
C GLY B 50 12.59 -2.31 8.50
N CYS B 51 11.73 -3.22 8.02
CA CYS B 51 10.66 -3.85 8.84
C CYS B 51 10.60 -5.35 8.56
N LYS B 52 11.16 -6.16 9.47
CA LYS B 52 11.06 -7.64 9.44
C LYS B 52 9.79 -8.11 10.18
N ARG B 53 9.14 -7.18 10.90
CA ARG B 53 7.82 -7.40 11.54
C ARG B 53 6.73 -7.74 10.48
N LYS B 54 7.02 -7.41 9.19
CA LYS B 54 6.10 -7.71 8.08
C LYS B 54 6.08 -9.23 7.75
N THR B 55 7.26 -9.89 7.80
CA THR B 55 7.36 -11.35 7.57
C THR B 55 6.99 -12.11 8.86
N ASN B 56 7.02 -11.38 10.01
CA ASN B 56 6.49 -11.87 11.29
C ASN B 56 4.96 -11.70 11.36
N GLY B 57 4.40 -10.92 10.41
CA GLY B 57 2.96 -10.86 10.16
C GLY B 57 2.22 -9.75 10.91
N GLY B 58 2.74 -9.36 12.10
CA GLY B 58 2.05 -8.39 12.97
C GLY B 58 2.33 -6.93 12.62
N CYS B 59 2.17 -6.59 11.33
CA CYS B 59 2.33 -5.22 10.83
C CYS B 59 1.29 -4.97 9.71
N PRO B 60 0.06 -4.46 10.07
CA PRO B 60 -1.09 -4.36 9.13
C PRO B 60 -0.89 -3.35 7.97
N ILE B 61 0.08 -2.42 8.12
CA ILE B 61 0.45 -1.44 7.05
C ILE B 61 1.11 -2.20 5.87
N CYS B 62 2.02 -3.11 6.25
CA CYS B 62 2.73 -3.98 5.32
C CYS B 62 1.82 -5.08 4.76
N LYS B 63 0.74 -5.42 5.51
CA LYS B 63 -0.33 -6.32 5.05
C LYS B 63 -1.05 -5.68 3.85
N GLN B 64 -1.28 -4.36 3.95
CA GLN B 64 -1.91 -3.56 2.88
C GLN B 64 -1.09 -3.72 1.59
N LEU B 65 0.21 -3.44 1.72
CA LEU B 65 1.13 -3.43 0.56
C LEU B 65 1.36 -4.82 -0.05
N ILE B 66 1.42 -5.87 0.81
CA ILE B 66 1.61 -7.26 0.34
C ILE B 66 0.33 -7.79 -0.34
N ALA B 67 -0.81 -7.16 -0.02
CA ALA B 67 -2.13 -7.50 -0.58
C ALA B 67 -2.25 -7.04 -2.05
N LEU B 68 -1.76 -5.79 -2.35
CA LEU B 68 -1.62 -5.34 -3.75
C LEU B 68 -0.71 -6.30 -4.51
N ALA B 69 0.45 -6.59 -3.88
CA ALA B 69 1.53 -7.38 -4.46
C ALA B 69 1.15 -8.85 -4.65
N ALA B 70 0.23 -9.38 -3.82
CA ALA B 70 -0.21 -10.80 -3.88
C ALA B 70 -1.13 -11.02 -5.07
N TYR B 71 -2.14 -10.15 -5.18
CA TYR B 71 -3.06 -10.08 -6.35
C TYR B 71 -2.25 -9.88 -7.66
N HIS B 72 -1.22 -9.04 -7.57
CA HIS B 72 -0.32 -8.73 -8.68
C HIS B 72 0.63 -9.93 -8.98
N ALA B 73 1.02 -10.67 -7.91
CA ALA B 73 1.95 -11.82 -8.03
C ALA B 73 1.29 -13.04 -8.68
N LYS B 74 -0.07 -13.07 -8.67
CA LYS B 74 -0.89 -14.11 -9.34
C LYS B 74 -0.53 -14.25 -10.84
N HIS B 75 -0.25 -13.10 -11.49
CA HIS B 75 0.10 -13.05 -12.92
C HIS B 75 1.61 -12.80 -13.12
N CYS B 76 2.22 -12.07 -12.19
CA CYS B 76 3.66 -11.69 -12.25
C CYS B 76 4.49 -12.53 -11.26
N GLN B 77 5.25 -13.50 -11.81
CA GLN B 77 6.21 -14.34 -11.03
C GLN B 77 7.64 -13.83 -11.26
N GLU B 78 7.78 -12.50 -11.34
CA GLU B 78 9.02 -11.83 -11.75
C GLU B 78 9.91 -11.51 -10.52
N ASN B 79 11.20 -11.83 -10.63
CA ASN B 79 12.19 -11.58 -9.55
C ASN B 79 12.85 -10.21 -9.74
N LYS B 80 12.93 -9.73 -11.00
CA LYS B 80 13.36 -8.36 -11.30
C LYS B 80 12.12 -7.45 -11.30
N CYS B 81 11.54 -7.28 -10.10
CA CYS B 81 10.28 -6.54 -9.92
C CYS B 81 10.45 -5.49 -8.80
N PRO B 82 9.96 -4.22 -9.01
CA PRO B 82 10.13 -3.09 -8.04
C PRO B 82 9.64 -3.41 -6.61
N VAL B 83 8.49 -4.08 -6.50
CA VAL B 83 7.86 -4.40 -5.21
C VAL B 83 8.60 -5.58 -4.53
N PRO B 84 9.17 -5.39 -3.29
CA PRO B 84 9.92 -6.44 -2.57
C PRO B 84 9.00 -7.61 -2.15
N PHE B 85 7.73 -7.26 -1.82
CA PHE B 85 6.71 -8.22 -1.41
C PHE B 85 6.46 -9.26 -2.50
N CYS B 86 6.29 -8.77 -3.75
CA CYS B 86 6.01 -9.61 -4.93
C CYS B 86 7.00 -10.77 -5.06
N LEU B 87 8.29 -10.47 -4.78
CA LEU B 87 9.34 -11.47 -4.69
C LEU B 87 9.06 -12.43 -3.52
N ASN B 88 8.96 -11.88 -2.29
CA ASN B 88 8.80 -12.66 -1.03
C ASN B 88 7.63 -13.67 -1.11
N ILE B 89 6.61 -13.31 -1.91
CA ILE B 89 5.42 -14.14 -2.13
C ILE B 89 5.77 -15.33 -3.04
N LYS B 90 6.20 -15.05 -4.29
CA LYS B 90 6.37 -16.11 -5.31
C LYS B 90 7.70 -16.90 -5.09
N GLN B 91 8.62 -16.37 -4.28
CA GLN B 91 9.94 -17.01 -4.00
C GLN B 91 9.82 -17.97 -2.81
N LYS B 92 9.12 -17.53 -1.75
CA LYS B 92 8.95 -18.32 -0.52
C LYS B 92 7.59 -19.05 -0.56
N GLY A 1 -13.45 10.57 10.10
CA GLY A 1 -13.86 11.82 10.76
C GLY A 1 -12.94 12.19 11.92
N SER A 2 -13.18 13.37 12.51
CA SER A 2 -12.37 13.91 13.61
C SER A 2 -12.88 13.37 14.97
N MET A 3 -12.39 12.18 15.35
CA MET A 3 -12.63 11.60 16.70
C MET A 3 -11.44 12.00 17.62
N ASN A 4 -10.29 11.32 17.43
CA ASN A 4 -9.05 11.60 18.22
C ASN A 4 -7.81 11.58 17.30
N GLN A 5 -8.02 11.97 16.04
CA GLN A 5 -6.97 11.92 14.99
C GLN A 5 -5.88 13.00 15.23
N PRO A 6 -4.56 12.68 14.99
CA PRO A 6 -3.45 13.66 15.11
C PRO A 6 -3.60 14.80 14.06
N GLN A 7 -3.49 16.06 14.52
CA GLN A 7 -3.60 17.25 13.64
C GLN A 7 -2.40 17.33 12.66
N ARG A 8 -1.28 16.71 13.04
CA ARG A 8 -0.08 16.60 12.21
C ARG A 8 0.61 15.24 12.47
N MET A 9 1.11 14.60 11.40
CA MET A 9 1.74 13.25 11.46
C MET A 9 3.09 13.31 12.20
N ALA A 10 3.07 12.94 13.48
CA ALA A 10 4.26 12.91 14.34
C ALA A 10 5.07 11.61 14.12
N PRO A 11 6.43 11.61 14.37
CA PRO A 11 7.29 10.41 14.21
C PRO A 11 7.24 9.48 15.46
N VAL A 12 6.04 9.36 16.04
CA VAL A 12 5.77 8.54 17.23
C VAL A 12 5.91 7.02 16.94
N GLY A 13 5.61 6.61 15.69
CA GLY A 13 5.78 5.22 15.27
C GLY A 13 4.48 4.57 14.83
N THR A 14 3.40 4.71 15.64
CA THR A 14 2.13 3.98 15.40
C THR A 14 1.03 4.89 14.80
N ASP A 15 0.82 6.09 15.41
CA ASP A 15 -0.24 7.05 14.99
C ASP A 15 -0.11 7.44 13.49
N LYS A 16 1.14 7.59 13.06
CA LYS A 16 1.46 7.89 11.65
C LYS A 16 1.13 6.67 10.76
N GLU A 17 1.47 5.46 11.24
CA GLU A 17 1.26 4.20 10.49
C GLU A 17 -0.23 3.98 10.19
N LEU A 18 -1.07 4.11 11.23
CA LEU A 18 -2.52 3.85 11.13
C LEU A 18 -3.22 4.95 10.30
N SER A 19 -2.65 6.17 10.32
CA SER A 19 -3.10 7.29 9.47
C SER A 19 -2.81 6.98 7.99
N ASP A 20 -1.61 6.41 7.74
CA ASP A 20 -1.18 5.99 6.40
C ASP A 20 -2.07 4.84 5.91
N LEU A 21 -2.31 3.87 6.82
CA LEU A 21 -3.15 2.67 6.56
C LEU A 21 -4.56 3.08 6.16
N LEU A 22 -5.07 4.15 6.79
CA LEU A 22 -6.37 4.75 6.45
C LEU A 22 -6.41 5.18 4.98
N ASP A 23 -5.41 6.00 4.57
CA ASP A 23 -5.30 6.54 3.20
C ASP A 23 -5.15 5.42 2.17
N PHE A 24 -4.36 4.40 2.48
CA PHE A 24 -4.10 3.29 1.56
C PHE A 24 -5.36 2.39 1.44
N SER A 25 -5.96 2.05 2.58
CA SER A 25 -7.14 1.15 2.65
C SER A 25 -8.36 1.77 1.91
N MET A 26 -8.45 3.12 1.87
CA MET A 26 -9.50 3.84 1.12
C MET A 26 -9.06 4.05 -0.36
N MET A 27 -7.73 4.02 -0.62
CA MET A 27 -7.15 4.20 -1.98
C MET A 27 -7.50 3.00 -2.88
N PHE A 28 -7.31 1.80 -2.33
CA PHE A 28 -7.60 0.53 -3.04
C PHE A 28 -8.81 -0.19 -2.41
N PRO A 29 -9.60 -0.94 -3.23
CA PRO A 29 -10.76 -1.72 -2.73
C PRO A 29 -10.33 -2.99 -1.96
N LEU A 30 -9.78 -4.01 -2.69
CA LEU A 30 -9.46 -5.36 -2.17
C LEU A 30 -10.72 -6.13 -1.70
N PRO A 31 -10.67 -7.50 -1.65
CA PRO A 31 -11.76 -8.29 -1.02
C PRO A 31 -11.82 -8.07 0.51
N VAL A 32 -13.02 -8.20 1.07
CA VAL A 32 -13.25 -7.98 2.51
C VAL A 32 -12.72 -9.18 3.33
N THR A 33 -11.67 -8.92 4.13
CA THR A 33 -11.05 -9.92 5.02
C THR A 33 -11.49 -9.68 6.47
N ASN A 34 -12.79 -9.32 6.61
CA ASN A 34 -13.48 -9.11 7.91
C ASN A 34 -12.93 -7.86 8.63
N GLY A 35 -13.41 -6.68 8.20
CA GLY A 35 -13.07 -5.40 8.84
C GLY A 35 -14.01 -5.11 10.00
N LYS A 36 -15.31 -5.07 9.71
CA LYS A 36 -16.38 -4.96 10.72
C LYS A 36 -17.34 -6.15 10.56
N GLY A 37 -17.05 -7.23 11.31
CA GLY A 37 -17.85 -8.45 11.28
C GLY A 37 -16.98 -9.67 11.52
N ARG A 38 -16.73 -9.98 12.81
CA ARG A 38 -15.89 -11.11 13.28
C ARG A 38 -14.44 -10.96 12.72
N PRO A 39 -13.59 -10.06 13.32
CA PRO A 39 -12.23 -9.74 12.80
C PRO A 39 -11.29 -10.96 12.77
N GLY B 1 -22.00 6.00 -6.67
CA GLY B 1 -21.97 4.75 -7.40
C GLY B 1 -22.14 4.95 -8.89
N SER B 2 -21.07 5.49 -9.52
CA SER B 2 -21.05 5.84 -10.95
C SER B 2 -21.10 4.57 -11.84
N ALA B 3 -22.05 4.55 -12.79
CA ALA B 3 -22.23 3.45 -13.76
C ALA B 3 -21.48 3.73 -15.07
N THR B 4 -20.33 4.43 -14.94
CA THR B 4 -19.43 4.78 -16.05
C THR B 4 -18.63 3.54 -16.49
N GLN B 5 -18.64 2.50 -15.65
CA GLN B 5 -17.99 1.20 -15.89
C GLN B 5 -18.58 0.15 -14.94
N SER B 6 -18.28 -1.13 -15.20
CA SER B 6 -18.72 -2.25 -14.35
C SER B 6 -18.00 -2.21 -12.98
N PRO B 7 -18.61 -2.75 -11.88
CA PRO B 7 -17.99 -2.73 -10.52
C PRO B 7 -16.65 -3.51 -10.46
N GLY B 8 -16.55 -4.58 -11.28
CA GLY B 8 -15.33 -5.38 -11.41
C GLY B 8 -14.19 -4.58 -12.06
N ASP B 9 -14.55 -3.80 -13.12
CA ASP B 9 -13.58 -2.94 -13.83
C ASP B 9 -13.11 -1.78 -12.94
N SER B 10 -14.07 -1.04 -12.36
CA SER B 10 -13.81 0.17 -11.54
C SER B 10 -12.79 -0.11 -10.42
N ARG B 11 -13.03 -1.21 -9.69
CA ARG B 11 -12.17 -1.64 -8.60
C ARG B 11 -10.82 -2.20 -9.13
N ARG B 12 -10.83 -2.74 -10.39
CA ARG B 12 -9.63 -3.30 -11.02
C ARG B 12 -8.60 -2.21 -11.33
N LEU B 13 -9.03 -1.09 -11.97
CA LEU B 13 -8.13 0.04 -12.26
C LEU B 13 -7.65 0.68 -10.94
N SER B 14 -8.59 0.82 -9.98
CA SER B 14 -8.32 1.41 -8.65
C SER B 14 -7.21 0.65 -7.89
N ILE B 15 -7.29 -0.69 -7.91
CA ILE B 15 -6.36 -1.56 -7.17
C ILE B 15 -4.99 -1.60 -7.91
N GLN B 16 -5.03 -1.55 -9.26
CA GLN B 16 -3.80 -1.50 -10.09
C GLN B 16 -3.05 -0.17 -9.87
N ARG B 17 -3.80 0.93 -9.67
CA ARG B 17 -3.24 2.28 -9.39
C ARG B 17 -2.48 2.29 -8.06
N ALA B 18 -3.03 1.56 -7.08
CA ALA B 18 -2.38 1.33 -5.77
C ALA B 18 -1.03 0.61 -5.94
N ILE B 19 -1.00 -0.39 -6.86
CA ILE B 19 0.22 -1.14 -7.21
C ILE B 19 1.22 -0.23 -7.95
N GLN B 20 0.70 0.67 -8.83
CA GLN B 20 1.51 1.62 -9.60
C GLN B 20 2.21 2.64 -8.69
N SER B 21 1.53 3.00 -7.59
CA SER B 21 2.12 3.83 -6.53
C SER B 21 3.19 3.04 -5.75
N LEU B 22 2.86 1.77 -5.46
CA LEU B 22 3.72 0.85 -4.67
C LEU B 22 5.07 0.61 -5.38
N VAL B 23 5.01 0.32 -6.70
CA VAL B 23 6.20 0.06 -7.54
C VAL B 23 7.00 1.35 -7.80
N HIS B 24 6.26 2.48 -7.99
CA HIS B 24 6.86 3.80 -8.22
C HIS B 24 7.77 4.15 -7.05
N ALA B 25 7.21 4.11 -5.85
CA ALA B 25 7.88 4.48 -4.60
C ALA B 25 8.98 3.47 -4.21
N ALA B 26 8.81 2.20 -4.60
CA ALA B 26 9.82 1.14 -4.35
C ALA B 26 11.13 1.44 -5.13
N GLN B 27 10.98 2.12 -6.27
CA GLN B 27 12.11 2.64 -7.07
C GLN B 27 12.49 4.09 -6.65
N CYS B 28 11.48 4.83 -6.21
CA CYS B 28 11.57 6.28 -5.98
C CYS B 28 11.89 6.60 -4.51
N ARG B 29 13.08 7.15 -4.28
CA ARG B 29 13.47 7.75 -2.99
C ARG B 29 13.54 9.28 -3.13
N ASN B 30 13.63 9.77 -4.41
CA ASN B 30 13.73 11.21 -4.73
C ASN B 30 12.51 12.01 -4.23
N ALA B 31 12.76 13.24 -3.74
CA ALA B 31 11.71 14.13 -3.18
C ALA B 31 11.24 15.19 -4.19
N ASN B 32 11.85 15.21 -5.41
CA ASN B 32 11.48 16.15 -6.50
C ASN B 32 10.01 15.99 -6.94
N CYS B 33 9.44 14.78 -6.71
CA CYS B 33 8.01 14.52 -6.91
C CYS B 33 7.17 15.43 -5.99
N SER B 34 6.13 16.07 -6.55
CA SER B 34 5.26 17.01 -5.81
C SER B 34 3.86 16.41 -5.53
N LEU B 35 3.59 15.20 -6.05
CA LEU B 35 2.27 14.54 -5.87
C LEU B 35 2.15 13.88 -4.47
N PRO B 36 0.90 13.81 -3.89
CA PRO B 36 0.66 13.23 -2.55
C PRO B 36 0.93 11.71 -2.46
N SER B 37 0.49 10.96 -3.51
CA SER B 37 0.54 9.47 -3.52
C SER B 37 1.97 8.97 -3.35
N CYS B 38 2.91 9.66 -4.04
CA CYS B 38 4.33 9.33 -3.98
C CYS B 38 4.89 9.49 -2.57
N GLN B 39 4.59 10.65 -1.93
CA GLN B 39 5.14 11.00 -0.60
C GLN B 39 4.70 9.98 0.48
N LYS B 40 3.39 9.65 0.45
CA LYS B 40 2.76 8.64 1.32
C LYS B 40 3.41 7.26 1.11
N MET B 41 3.51 6.88 -0.16
CA MET B 41 3.98 5.55 -0.55
C MET B 41 5.49 5.42 -0.32
N LYS B 42 6.26 6.53 -0.43
CA LYS B 42 7.72 6.47 -0.21
C LYS B 42 8.01 6.16 1.26
N ARG B 43 7.35 6.89 2.19
CA ARG B 43 7.60 6.72 3.64
C ARG B 43 7.30 5.28 4.07
N VAL B 44 6.21 4.70 3.51
CA VAL B 44 5.73 3.38 3.92
C VAL B 44 6.54 2.25 3.23
N VAL B 45 6.94 2.40 1.94
CA VAL B 45 7.69 1.33 1.23
C VAL B 45 9.12 1.22 1.78
N GLN B 46 9.74 2.37 2.14
CA GLN B 46 11.08 2.37 2.77
C GLN B 46 11.00 1.78 4.18
N HIS B 47 9.85 2.06 4.85
CA HIS B 47 9.45 1.41 6.10
C HIS B 47 9.42 -0.13 5.91
N THR B 48 8.65 -0.63 4.91
CA THR B 48 8.38 -2.08 4.73
C THR B 48 9.69 -2.87 4.48
N LYS B 49 10.66 -2.18 3.86
CA LYS B 49 12.00 -2.73 3.57
C LYS B 49 12.81 -2.93 4.88
N GLY B 50 12.78 -1.91 5.76
CA GLY B 50 13.46 -1.99 7.06
C GLY B 50 12.54 -2.43 8.21
N CYS B 51 11.42 -3.07 7.86
CA CYS B 51 10.40 -3.53 8.83
C CYS B 51 10.21 -5.04 8.69
N LYS B 52 10.94 -5.81 9.51
CA LYS B 52 10.81 -7.27 9.59
C LYS B 52 9.50 -7.65 10.32
N ARG B 53 9.02 -6.70 11.18
CA ARG B 53 7.77 -6.81 11.99
C ARG B 53 6.52 -7.21 11.16
N LYS B 54 6.57 -7.01 9.83
CA LYS B 54 5.48 -7.38 8.91
C LYS B 54 5.09 -8.88 9.03
N THR B 55 6.09 -9.72 9.33
CA THR B 55 5.92 -11.16 9.56
C THR B 55 6.35 -11.53 11.01
N ASN B 56 7.20 -10.68 11.60
CA ASN B 56 7.90 -10.97 12.87
C ASN B 56 7.06 -10.55 14.11
N GLY B 57 6.18 -9.54 13.92
CA GLY B 57 5.42 -8.93 15.02
C GLY B 57 3.98 -8.58 14.66
N GLY B 58 3.60 -8.76 13.38
CA GLY B 58 2.24 -8.45 12.91
C GLY B 58 2.02 -6.96 12.69
N CYS B 59 2.49 -6.47 11.54
CA CYS B 59 2.38 -5.04 11.14
C CYS B 59 1.32 -4.87 10.03
N PRO B 60 0.09 -4.33 10.38
CA PRO B 60 -1.09 -4.31 9.45
C PRO B 60 -0.89 -3.43 8.19
N ILE B 61 -0.01 -2.44 8.30
CA ILE B 61 0.32 -1.50 7.18
C ILE B 61 0.99 -2.28 6.04
N CYS B 62 1.95 -3.12 6.43
CA CYS B 62 2.67 -4.01 5.51
C CYS B 62 1.79 -5.19 5.02
N LYS B 63 0.70 -5.47 5.78
CA LYS B 63 -0.26 -6.54 5.44
C LYS B 63 -1.11 -6.12 4.21
N GLN B 64 -1.65 -4.88 4.24
CA GLN B 64 -2.42 -4.35 3.09
C GLN B 64 -1.51 -4.17 1.86
N LEU B 65 -0.23 -3.78 2.09
CA LEU B 65 0.75 -3.61 0.97
C LEU B 65 1.15 -4.95 0.32
N ILE B 66 1.30 -6.02 1.14
CA ILE B 66 1.62 -7.37 0.63
C ILE B 66 0.37 -7.98 -0.05
N ALA B 67 -0.83 -7.45 0.30
CA ALA B 67 -2.10 -7.86 -0.32
C ALA B 67 -2.19 -7.41 -1.79
N LEU B 68 -1.76 -6.13 -2.09
CA LEU B 68 -1.64 -5.67 -3.51
C LEU B 68 -0.62 -6.53 -4.24
N ALA B 69 0.54 -6.73 -3.58
CA ALA B 69 1.71 -7.42 -4.14
C ALA B 69 1.46 -8.92 -4.37
N ALA B 70 0.55 -9.52 -3.57
CA ALA B 70 0.19 -10.95 -3.69
C ALA B 70 -0.67 -11.17 -4.93
N TYR B 71 -1.77 -10.40 -5.00
CA TYR B 71 -2.67 -10.32 -6.17
C TYR B 71 -1.86 -10.02 -7.46
N HIS B 72 -0.93 -9.04 -7.34
CA HIS B 72 -0.05 -8.59 -8.43
C HIS B 72 0.92 -9.70 -8.84
N ALA B 73 1.42 -10.48 -7.87
CA ALA B 73 2.37 -11.59 -8.11
C ALA B 73 1.70 -12.74 -8.89
N LYS B 74 0.37 -12.87 -8.75
CA LYS B 74 -0.43 -13.89 -9.48
C LYS B 74 -0.53 -13.57 -10.99
N HIS B 75 -0.18 -12.32 -11.36
CA HIS B 75 -0.22 -11.85 -12.76
C HIS B 75 1.20 -11.55 -13.28
N CYS B 76 2.10 -11.20 -12.35
CA CYS B 76 3.49 -10.80 -12.63
C CYS B 76 4.45 -11.94 -12.24
N GLN B 77 4.95 -12.63 -13.26
CA GLN B 77 5.94 -13.71 -13.13
C GLN B 77 7.32 -13.17 -13.54
N GLU B 78 7.96 -12.44 -12.60
CA GLU B 78 9.20 -11.72 -12.87
C GLU B 78 10.13 -11.75 -11.64
N ASN B 79 11.42 -12.02 -11.90
CA ASN B 79 12.48 -12.09 -10.87
C ASN B 79 13.13 -10.71 -10.64
N LYS B 80 13.08 -9.82 -11.65
CA LYS B 80 13.52 -8.42 -11.51
C LYS B 80 12.29 -7.53 -11.35
N CYS B 81 11.78 -7.40 -10.12
CA CYS B 81 10.60 -6.59 -9.82
C CYS B 81 10.93 -5.60 -8.68
N PRO B 82 10.47 -4.30 -8.76
CA PRO B 82 10.77 -3.26 -7.75
C PRO B 82 10.27 -3.60 -6.33
N VAL B 83 9.06 -4.18 -6.26
CA VAL B 83 8.37 -4.50 -5.00
C VAL B 83 8.91 -5.85 -4.41
N PRO B 84 9.47 -5.81 -3.16
CA PRO B 84 10.19 -6.98 -2.56
C PRO B 84 9.24 -8.13 -2.17
N PHE B 85 7.99 -7.77 -1.76
CA PHE B 85 6.96 -8.73 -1.38
C PHE B 85 6.72 -9.74 -2.52
N CYS B 86 6.50 -9.17 -3.72
CA CYS B 86 6.21 -9.92 -4.95
C CYS B 86 7.23 -11.02 -5.23
N LEU B 87 8.52 -10.74 -4.94
CA LEU B 87 9.61 -11.71 -5.09
C LEU B 87 9.47 -12.85 -4.08
N ASN B 88 9.27 -12.49 -2.80
CA ASN B 88 9.09 -13.46 -1.69
C ASN B 88 7.92 -14.43 -1.98
N ILE B 89 6.90 -13.87 -2.63
CA ILE B 89 5.64 -14.58 -2.96
C ILE B 89 5.83 -15.49 -4.19
N LYS B 90 6.55 -15.00 -5.22
CA LYS B 90 6.73 -15.72 -6.51
C LYS B 90 7.84 -16.80 -6.40
N GLN B 91 8.67 -16.74 -5.33
CA GLN B 91 9.74 -17.73 -5.07
C GLN B 91 9.21 -18.87 -4.16
N LYS B 92 8.54 -18.48 -3.08
CA LYS B 92 8.01 -19.43 -2.08
C LYS B 92 6.64 -19.97 -2.55
N GLY A 1 1.99 14.03 25.57
CA GLY A 1 3.41 14.18 25.19
C GLY A 1 4.02 15.49 25.68
N SER A 2 5.07 15.95 24.98
CA SER A 2 5.77 17.21 25.26
C SER A 2 6.35 17.73 23.93
N MET A 3 5.86 18.90 23.48
CA MET A 3 6.09 19.44 22.11
C MET A 3 5.49 18.48 21.04
N ASN A 4 5.83 18.70 19.76
CA ASN A 4 5.40 17.88 18.60
C ASN A 4 3.92 18.13 18.25
N GLN A 5 3.67 18.49 16.98
CA GLN A 5 2.31 18.64 16.43
C GLN A 5 1.79 17.27 15.96
N PRO A 6 0.45 16.96 16.13
CA PRO A 6 -0.08 15.60 15.93
C PRO A 6 -0.15 15.16 14.45
N GLN A 7 -0.43 13.85 14.24
CA GLN A 7 -0.44 13.18 12.92
C GLN A 7 0.95 13.26 12.24
N ARG A 8 0.98 13.19 10.89
CA ARG A 8 2.21 13.33 10.06
C ARG A 8 3.16 12.17 10.35
N MET A 9 4.44 12.31 9.98
CA MET A 9 5.47 11.32 10.29
C MET A 9 6.01 11.55 11.72
N ALA A 10 5.20 11.11 12.68
CA ALA A 10 5.45 11.28 14.11
C ALA A 10 6.31 10.11 14.66
N PRO A 11 7.15 10.34 15.73
CA PRO A 11 8.08 9.30 16.28
C PRO A 11 7.34 8.19 17.06
N VAL A 12 6.01 8.36 17.24
CA VAL A 12 5.13 7.41 17.94
C VAL A 12 5.13 6.02 17.27
N GLY A 13 5.22 5.99 15.92
CA GLY A 13 5.26 4.74 15.13
C GLY A 13 4.04 3.84 15.32
N THR A 14 2.86 4.43 15.61
CA THR A 14 1.60 3.69 15.79
C THR A 14 0.42 4.55 15.29
N ASP A 15 0.27 5.75 15.87
CA ASP A 15 -0.75 6.76 15.43
C ASP A 15 -0.59 7.08 13.96
N LYS A 16 0.66 7.38 13.60
CA LYS A 16 1.02 7.78 12.25
C LYS A 16 0.87 6.58 11.29
N GLU A 17 1.15 5.36 11.80
CA GLU A 17 1.05 4.12 11.02
C GLU A 17 -0.41 3.87 10.60
N LEU A 18 -1.33 3.90 11.58
CA LEU A 18 -2.78 3.65 11.34
C LEU A 18 -3.40 4.77 10.47
N SER A 19 -2.81 5.98 10.57
CA SER A 19 -3.22 7.14 9.76
C SER A 19 -2.83 6.92 8.28
N ASP A 20 -1.59 6.44 8.07
CA ASP A 20 -1.07 6.10 6.73
C ASP A 20 -1.90 4.95 6.12
N LEU A 21 -2.19 3.93 6.98
CA LEU A 21 -3.01 2.75 6.65
C LEU A 21 -4.40 3.17 6.14
N LEU A 22 -4.96 4.24 6.75
CA LEU A 22 -6.28 4.76 6.39
C LEU A 22 -6.27 5.29 4.94
N ASP A 23 -5.22 6.06 4.60
CA ASP A 23 -5.04 6.62 3.24
C ASP A 23 -4.92 5.51 2.18
N PHE A 24 -4.10 4.51 2.49
CA PHE A 24 -3.83 3.40 1.55
C PHE A 24 -5.08 2.51 1.39
N SER A 25 -5.75 2.18 2.50
CA SER A 25 -6.94 1.28 2.51
C SER A 25 -8.09 1.84 1.67
N MET A 26 -8.28 3.17 1.72
CA MET A 26 -9.34 3.85 0.96
C MET A 26 -8.90 4.07 -0.52
N MET A 27 -7.56 3.99 -0.79
CA MET A 27 -7.00 4.11 -2.17
C MET A 27 -7.41 2.89 -3.04
N PHE A 28 -7.30 1.68 -2.47
CA PHE A 28 -7.65 0.41 -3.16
C PHE A 28 -8.94 -0.21 -2.59
N PRO A 29 -9.70 -1.04 -3.38
CA PRO A 29 -10.91 -1.72 -2.88
C PRO A 29 -10.55 -2.92 -1.96
N LEU A 30 -10.16 -4.06 -2.60
CA LEU A 30 -9.94 -5.37 -1.92
C LEU A 30 -11.24 -5.89 -1.21
N PRO A 31 -11.32 -7.21 -0.86
CA PRO A 31 -12.41 -7.72 0.00
C PRO A 31 -12.30 -7.20 1.45
N VAL A 32 -13.46 -7.03 2.09
CA VAL A 32 -13.60 -6.46 3.45
C VAL A 32 -12.96 -7.41 4.49
N THR A 33 -13.18 -8.72 4.29
CA THR A 33 -12.62 -9.84 5.08
C THR A 33 -12.88 -9.72 6.60
N ASN A 34 -12.00 -8.97 7.29
CA ASN A 34 -11.97 -8.86 8.76
C ASN A 34 -12.93 -7.78 9.25
N GLY A 35 -13.34 -6.88 8.33
CA GLY A 35 -14.20 -5.75 8.66
C GLY A 35 -13.40 -4.54 9.10
N LYS A 36 -12.37 -4.18 8.30
CA LYS A 36 -11.57 -2.95 8.52
C LYS A 36 -12.48 -1.73 8.38
N GLY A 37 -12.55 -0.89 9.43
CA GLY A 37 -13.49 0.21 9.51
C GLY A 37 -14.86 -0.28 9.99
N ARG A 38 -15.51 -1.09 9.16
CA ARG A 38 -16.81 -1.72 9.47
C ARG A 38 -16.93 -3.06 8.71
N PRO A 39 -17.79 -4.03 9.17
CA PRO A 39 -18.09 -5.28 8.41
C PRO A 39 -19.14 -5.07 7.30
N GLY B 1 -25.96 8.75 -17.22
CA GLY B 1 -25.56 7.59 -18.01
C GLY B 1 -24.60 6.68 -17.25
N SER B 2 -24.92 6.44 -15.95
CA SER B 2 -24.15 5.58 -15.03
C SER B 2 -22.71 6.10 -14.81
N ALA B 3 -21.79 5.79 -15.78
CA ALA B 3 -20.36 6.21 -15.74
C ALA B 3 -19.62 5.64 -14.50
N THR B 4 -20.05 4.46 -14.07
CA THR B 4 -19.49 3.75 -12.90
C THR B 4 -18.67 2.51 -13.34
N GLN B 5 -18.68 2.26 -14.69
CA GLN B 5 -18.04 1.10 -15.34
C GLN B 5 -18.69 -0.24 -14.90
N SER B 6 -18.21 -1.34 -15.48
CA SER B 6 -18.56 -2.69 -15.04
C SER B 6 -17.84 -2.94 -13.68
N PRO B 7 -18.57 -3.47 -12.63
CA PRO B 7 -18.08 -3.55 -11.21
C PRO B 7 -16.65 -4.12 -11.07
N GLY B 8 -16.37 -5.20 -11.82
CA GLY B 8 -15.08 -5.88 -11.81
C GLY B 8 -13.95 -5.00 -12.35
N ASP B 9 -14.23 -4.29 -13.47
CA ASP B 9 -13.24 -3.40 -14.10
C ASP B 9 -12.99 -2.15 -13.24
N SER B 10 -14.06 -1.52 -12.75
CA SER B 10 -13.99 -0.29 -11.91
C SER B 10 -13.04 -0.46 -10.70
N ARG B 11 -13.24 -1.57 -9.96
CA ARG B 11 -12.39 -1.94 -8.81
C ARG B 11 -10.98 -2.36 -9.29
N ARG B 12 -10.87 -2.85 -10.54
CA ARG B 12 -9.60 -3.29 -11.15
C ARG B 12 -8.68 -2.08 -11.39
N LEU B 13 -9.20 -0.96 -11.95
CA LEU B 13 -8.39 0.27 -12.15
C LEU B 13 -7.89 0.79 -10.80
N SER B 14 -8.83 0.87 -9.82
CA SER B 14 -8.53 1.34 -8.45
C SER B 14 -7.39 0.52 -7.77
N ILE B 15 -7.48 -0.81 -7.88
CA ILE B 15 -6.51 -1.74 -7.24
C ILE B 15 -5.15 -1.64 -7.97
N GLN B 16 -5.19 -1.40 -9.30
CA GLN B 16 -3.96 -1.20 -10.10
C GLN B 16 -3.25 0.10 -9.70
N ARG B 17 -4.02 1.18 -9.43
CA ARG B 17 -3.47 2.50 -9.03
C ARG B 17 -2.65 2.38 -7.73
N ALA B 18 -3.14 1.51 -6.83
CA ALA B 18 -2.45 1.13 -5.59
C ALA B 18 -1.10 0.44 -5.88
N ILE B 19 -1.14 -0.55 -6.80
CA ILE B 19 0.04 -1.34 -7.20
C ILE B 19 1.09 -0.44 -7.89
N GLN B 20 0.61 0.48 -8.75
CA GLN B 20 1.45 1.40 -9.54
C GLN B 20 2.17 2.40 -8.62
N SER B 21 1.51 2.77 -7.50
CA SER B 21 2.08 3.66 -6.48
C SER B 21 3.15 2.91 -5.64
N LEU B 22 2.86 1.64 -5.34
CA LEU B 22 3.77 0.72 -4.63
C LEU B 22 5.08 0.51 -5.44
N VAL B 23 4.89 0.30 -6.74
CA VAL B 23 5.97 0.14 -7.74
C VAL B 23 6.75 1.47 -7.91
N HIS B 24 5.99 2.58 -8.00
CA HIS B 24 6.53 3.93 -8.21
C HIS B 24 7.56 4.27 -7.13
N ALA B 25 7.08 4.36 -5.88
CA ALA B 25 7.88 4.79 -4.72
C ALA B 25 9.02 3.81 -4.38
N ALA B 26 8.83 2.51 -4.72
CA ALA B 26 9.87 1.48 -4.57
C ALA B 26 11.12 1.83 -5.41
N GLN B 27 10.86 2.29 -6.65
CA GLN B 27 11.91 2.73 -7.61
C GLN B 27 12.28 4.22 -7.42
N CYS B 28 11.36 4.99 -6.84
CA CYS B 28 11.45 6.47 -6.79
C CYS B 28 12.02 6.94 -5.46
N ARG B 29 13.27 7.41 -5.49
CA ARG B 29 13.94 8.07 -4.36
C ARG B 29 13.91 9.59 -4.53
N ASN B 30 13.67 10.07 -5.78
CA ASN B 30 13.74 11.51 -6.13
C ASN B 30 12.75 12.38 -5.34
N ALA B 31 13.22 13.56 -4.93
CA ALA B 31 12.42 14.59 -4.22
C ALA B 31 11.73 15.55 -5.20
N ASN B 32 11.89 15.30 -6.51
CA ASN B 32 11.28 16.10 -7.60
C ASN B 32 9.74 15.99 -7.58
N CYS B 33 9.27 14.86 -7.01
CA CYS B 33 7.85 14.63 -6.73
C CYS B 33 7.38 15.53 -5.58
N SER B 34 6.32 16.32 -5.82
CA SER B 34 5.71 17.20 -4.81
C SER B 34 4.34 16.65 -4.34
N LEU B 35 3.84 15.57 -5.01
CA LEU B 35 2.51 15.00 -4.74
C LEU B 35 2.45 14.26 -3.37
N PRO B 36 1.24 14.21 -2.72
CA PRO B 36 1.05 13.56 -1.39
C PRO B 36 1.32 12.03 -1.42
N SER B 37 0.78 11.36 -2.48
CA SER B 37 0.79 9.90 -2.59
C SER B 37 2.22 9.36 -2.56
N CYS B 38 3.11 10.02 -3.33
CA CYS B 38 4.51 9.57 -3.47
C CYS B 38 5.29 9.76 -2.16
N GLN B 39 5.10 10.89 -1.48
CA GLN B 39 5.82 11.20 -0.23
C GLN B 39 5.52 10.17 0.87
N LYS B 40 4.23 9.85 1.01
CA LYS B 40 3.75 8.87 2.00
C LYS B 40 4.06 7.43 1.58
N MET B 41 4.08 7.18 0.26
CA MET B 41 4.40 5.86 -0.28
C MET B 41 5.91 5.60 -0.17
N LYS B 42 6.74 6.65 -0.29
CA LYS B 42 8.21 6.50 -0.11
C LYS B 42 8.50 6.22 1.37
N ARG B 43 7.75 6.91 2.25
CA ARG B 43 7.75 6.64 3.70
C ARG B 43 7.49 5.14 3.98
N VAL B 44 6.38 4.62 3.45
CA VAL B 44 5.90 3.29 3.81
C VAL B 44 6.68 2.17 3.08
N VAL B 45 7.07 2.36 1.80
CA VAL B 45 7.73 1.28 1.02
C VAL B 45 9.17 1.06 1.53
N GLN B 46 9.86 2.14 1.91
CA GLN B 46 11.21 2.05 2.49
C GLN B 46 11.14 1.50 3.93
N HIS B 47 10.02 1.87 4.62
CA HIS B 47 9.64 1.26 5.90
C HIS B 47 9.55 -0.27 5.76
N THR B 48 8.78 -0.76 4.76
CA THR B 48 8.47 -2.20 4.59
C THR B 48 9.75 -3.02 4.30
N LYS B 49 10.69 -2.37 3.56
CA LYS B 49 11.99 -2.98 3.21
C LYS B 49 12.87 -3.16 4.46
N GLY B 50 12.75 -2.22 5.43
CA GLY B 50 13.47 -2.28 6.71
C GLY B 50 12.58 -2.63 7.90
N CYS B 51 11.50 -3.41 7.65
CA CYS B 51 10.50 -3.79 8.68
C CYS B 51 10.45 -5.32 8.82
N LYS B 52 10.96 -5.84 9.94
CA LYS B 52 10.88 -7.28 10.28
C LYS B 52 9.55 -7.61 10.96
N ARG B 53 8.90 -6.58 11.55
CA ARG B 53 7.62 -6.70 12.30
C ARG B 53 6.47 -7.24 11.42
N LYS B 54 6.64 -7.13 10.08
CA LYS B 54 5.66 -7.63 9.11
C LYS B 54 5.63 -9.18 9.09
N THR B 55 6.82 -9.80 9.21
CA THR B 55 6.95 -11.27 9.25
C THR B 55 6.83 -11.78 10.71
N ASN B 56 6.95 -10.85 11.68
CA ASN B 56 6.71 -11.14 13.11
C ASN B 56 5.20 -11.07 13.45
N GLY B 57 4.37 -10.73 12.44
CA GLY B 57 2.91 -10.79 12.56
C GLY B 57 2.33 -9.74 13.49
N GLY B 58 2.61 -8.46 13.21
CA GLY B 58 2.07 -7.35 14.01
C GLY B 58 2.30 -5.99 13.37
N CYS B 59 2.15 -5.90 12.04
CA CYS B 59 2.25 -4.64 11.29
C CYS B 59 1.22 -4.64 10.14
N PRO B 60 -0.01 -4.06 10.36
CA PRO B 60 -1.13 -4.13 9.38
C PRO B 60 -0.87 -3.32 8.09
N ILE B 61 0.03 -2.33 8.20
CA ILE B 61 0.42 -1.41 7.10
C ILE B 61 1.09 -2.22 5.98
N CYS B 62 2.01 -3.09 6.41
CA CYS B 62 2.72 -4.01 5.51
C CYS B 62 1.82 -5.15 5.01
N LYS B 63 0.74 -5.45 5.76
CA LYS B 63 -0.22 -6.52 5.41
C LYS B 63 -1.10 -6.09 4.21
N GLN B 64 -1.58 -4.84 4.22
CA GLN B 64 -2.37 -4.30 3.09
C GLN B 64 -1.48 -4.16 1.83
N LEU B 65 -0.21 -3.74 2.01
CA LEU B 65 0.74 -3.58 0.88
C LEU B 65 1.13 -4.94 0.26
N ILE B 66 1.30 -5.99 1.11
CA ILE B 66 1.62 -7.35 0.62
C ILE B 66 0.38 -7.98 -0.04
N ALA B 67 -0.83 -7.48 0.31
CA ALA B 67 -2.11 -7.92 -0.29
C ALA B 67 -2.20 -7.53 -1.78
N LEU B 68 -1.83 -6.25 -2.12
CA LEU B 68 -1.75 -5.83 -3.55
C LEU B 68 -0.71 -6.67 -4.28
N ALA B 69 0.47 -6.78 -3.64
CA ALA B 69 1.65 -7.46 -4.21
C ALA B 69 1.42 -8.96 -4.43
N ALA B 70 0.55 -9.57 -3.60
CA ALA B 70 0.23 -11.01 -3.69
C ALA B 70 -0.64 -11.30 -4.91
N TYR B 71 -1.79 -10.59 -4.99
CA TYR B 71 -2.73 -10.65 -6.13
C TYR B 71 -2.00 -10.36 -7.47
N HIS B 72 -1.15 -9.31 -7.42
CA HIS B 72 -0.32 -8.89 -8.54
C HIS B 72 0.71 -9.99 -8.93
N ALA B 73 1.31 -10.65 -7.91
CA ALA B 73 2.34 -11.71 -8.12
C ALA B 73 1.74 -13.00 -8.70
N LYS B 74 0.40 -13.17 -8.58
CA LYS B 74 -0.31 -14.32 -9.18
C LYS B 74 -0.38 -14.21 -10.72
N HIS B 75 -0.14 -13.00 -11.24
CA HIS B 75 -0.11 -12.72 -12.69
C HIS B 75 1.31 -12.35 -13.14
N CYS B 76 2.16 -11.98 -12.16
CA CYS B 76 3.53 -11.48 -12.37
C CYS B 76 4.58 -12.54 -12.00
N GLN B 77 5.43 -12.89 -12.98
CA GLN B 77 6.45 -13.96 -12.83
C GLN B 77 7.86 -13.36 -12.80
N GLU B 78 7.94 -12.03 -12.61
CA GLU B 78 9.18 -11.26 -12.72
C GLU B 78 10.03 -11.38 -11.44
N ASN B 79 11.23 -11.98 -11.59
CA ASN B 79 12.23 -12.04 -10.50
C ASN B 79 12.97 -10.69 -10.40
N LYS B 80 12.89 -9.89 -11.48
CA LYS B 80 13.51 -8.55 -11.57
C LYS B 80 12.48 -7.44 -11.21
N CYS B 81 11.46 -7.82 -10.41
CA CYS B 81 10.32 -6.92 -10.09
C CYS B 81 10.71 -5.90 -8.99
N PRO B 82 10.20 -4.63 -9.06
CA PRO B 82 10.53 -3.55 -8.08
C PRO B 82 10.06 -3.86 -6.63
N VAL B 83 8.84 -4.41 -6.51
CA VAL B 83 8.19 -4.63 -5.20
C VAL B 83 8.89 -5.79 -4.44
N PRO B 84 9.43 -5.53 -3.20
CA PRO B 84 10.17 -6.54 -2.41
C PRO B 84 9.25 -7.68 -1.92
N PHE B 85 7.99 -7.31 -1.55
CA PHE B 85 6.95 -8.27 -1.16
C PHE B 85 6.76 -9.31 -2.27
N CYS B 86 6.44 -8.78 -3.48
CA CYS B 86 6.14 -9.57 -4.67
C CYS B 86 7.20 -10.62 -4.96
N LEU B 87 8.48 -10.25 -4.73
CA LEU B 87 9.63 -11.14 -4.94
C LEU B 87 9.54 -12.36 -4.01
N ASN B 88 9.39 -12.12 -2.70
CA ASN B 88 9.26 -13.19 -1.68
C ASN B 88 8.04 -14.09 -1.95
N ILE B 89 6.99 -13.50 -2.56
CA ILE B 89 5.73 -14.20 -2.87
C ILE B 89 5.89 -15.13 -4.11
N LYS B 90 6.55 -14.62 -5.17
CA LYS B 90 6.67 -15.34 -6.46
C LYS B 90 7.84 -16.35 -6.43
N GLN B 91 8.76 -16.21 -5.45
CA GLN B 91 9.86 -17.16 -5.24
C GLN B 91 9.39 -18.32 -4.35
N LYS B 92 8.76 -17.96 -3.22
CA LYS B 92 8.29 -18.93 -2.19
C LYS B 92 6.74 -19.08 -2.28
N GLY A 1 -18.22 10.85 11.68
CA GLY A 1 -18.08 11.25 13.10
C GLY A 1 -17.96 12.76 13.29
N SER A 2 -17.56 13.18 14.50
CA SER A 2 -17.43 14.60 14.88
C SER A 2 -16.04 15.16 14.54
N MET A 3 -15.03 14.27 14.46
CA MET A 3 -13.61 14.66 14.24
C MET A 3 -13.01 13.89 13.04
N ASN A 4 -13.69 13.98 11.87
CA ASN A 4 -13.19 13.40 10.61
C ASN A 4 -11.95 14.20 10.16
N GLN A 5 -10.76 13.70 10.55
CA GLN A 5 -9.46 14.31 10.21
C GLN A 5 -8.41 13.19 10.04
N PRO A 6 -7.36 13.41 9.19
CA PRO A 6 -6.18 12.52 9.15
C PRO A 6 -5.27 12.80 10.36
N GLN A 7 -4.71 11.74 10.96
CA GLN A 7 -3.77 11.87 12.09
C GLN A 7 -2.43 12.41 11.54
N ARG A 8 -1.94 13.51 12.16
CA ARG A 8 -0.72 14.20 11.73
C ARG A 8 0.50 13.26 11.80
N MET A 9 1.41 13.39 10.82
CA MET A 9 2.64 12.60 10.74
C MET A 9 3.59 12.88 11.95
N ALA A 10 3.33 12.15 13.04
CA ALA A 10 4.01 12.34 14.33
C ALA A 10 5.13 11.31 14.51
N PRO A 11 6.27 11.68 15.19
CA PRO A 11 7.46 10.78 15.36
C PRO A 11 7.16 9.54 16.24
N VAL A 12 5.97 9.49 16.88
CA VAL A 12 5.48 8.33 17.64
C VAL A 12 5.37 7.06 16.77
N GLY A 13 5.22 7.24 15.44
CA GLY A 13 5.12 6.14 14.51
C GLY A 13 3.70 5.65 14.34
N THR A 14 3.10 5.15 15.45
CA THR A 14 1.80 4.47 15.45
C THR A 14 0.67 5.29 14.79
N ASP A 15 0.46 6.53 15.31
CA ASP A 15 -0.61 7.46 14.85
C ASP A 15 -0.56 7.71 13.34
N LYS A 16 0.64 7.94 12.81
CA LYS A 16 0.82 8.30 11.40
C LYS A 16 0.77 7.05 10.51
N GLU A 17 1.25 5.90 11.02
CA GLU A 17 1.21 4.61 10.30
C GLU A 17 -0.24 4.18 10.05
N LEU A 18 -1.08 4.26 11.09
CA LEU A 18 -2.51 3.89 11.02
C LEU A 18 -3.32 4.93 10.18
N SER A 19 -2.84 6.19 10.17
CA SER A 19 -3.43 7.27 9.35
C SER A 19 -3.17 7.01 7.85
N ASP A 20 -1.92 6.60 7.56
CA ASP A 20 -1.49 6.22 6.20
C ASP A 20 -2.19 4.93 5.78
N LEU A 21 -2.31 3.97 6.73
CA LEU A 21 -3.01 2.68 6.53
C LEU A 21 -4.45 2.92 6.06
N LEU A 22 -5.12 3.88 6.70
CA LEU A 22 -6.51 4.27 6.38
C LEU A 22 -6.57 4.85 4.96
N ASP A 23 -5.58 5.70 4.63
CA ASP A 23 -5.47 6.36 3.32
C ASP A 23 -5.23 5.33 2.21
N PHE A 24 -4.51 4.25 2.55
CA PHE A 24 -4.22 3.17 1.61
C PHE A 24 -5.44 2.23 1.49
N SER A 25 -6.16 2.01 2.60
CA SER A 25 -7.39 1.21 2.62
C SER A 25 -8.46 1.79 1.67
N MET A 26 -8.48 3.14 1.51
CA MET A 26 -9.36 3.83 0.52
C MET A 26 -8.66 4.00 -0.86
N MET A 27 -7.30 3.87 -0.90
CA MET A 27 -6.52 3.92 -2.17
C MET A 27 -6.93 2.76 -3.10
N PHE A 28 -7.10 1.57 -2.51
CA PHE A 28 -7.43 0.34 -3.23
C PHE A 28 -8.67 -0.35 -2.62
N PRO A 29 -9.44 -1.13 -3.44
CA PRO A 29 -10.63 -1.87 -2.95
C PRO A 29 -10.24 -3.11 -2.10
N LEU A 30 -9.76 -4.20 -2.77
CA LEU A 30 -9.47 -5.52 -2.14
C LEU A 30 -10.74 -6.16 -1.47
N PRO A 31 -10.73 -7.49 -1.17
CA PRO A 31 -11.81 -8.11 -0.37
C PRO A 31 -11.81 -7.63 1.10
N VAL A 32 -13.02 -7.57 1.68
CA VAL A 32 -13.21 -7.18 3.09
C VAL A 32 -12.82 -8.36 4.02
N THR A 33 -11.50 -8.44 4.25
CA THR A 33 -10.85 -9.51 5.02
C THR A 33 -10.11 -8.91 6.23
N ASN A 34 -10.44 -7.63 6.55
CA ASN A 34 -9.79 -6.86 7.63
C ASN A 34 -10.75 -5.80 8.21
N GLY A 35 -12.03 -5.87 7.81
CA GLY A 35 -13.06 -4.97 8.31
C GLY A 35 -13.81 -5.61 9.48
N LYS A 36 -13.50 -5.19 10.72
CA LYS A 36 -14.15 -5.71 11.95
C LYS A 36 -15.66 -5.38 11.93
N GLY A 37 -15.99 -4.18 11.43
CA GLY A 37 -17.38 -3.74 11.31
C GLY A 37 -17.60 -2.38 11.98
N ARG A 38 -16.70 -1.43 11.68
CA ARG A 38 -16.72 -0.08 12.24
C ARG A 38 -15.94 0.87 11.30
N PRO A 39 -16.63 1.48 10.27
CA PRO A 39 -15.99 2.42 9.32
C PRO A 39 -15.81 3.84 9.90
N GLY B 1 -18.85 10.85 -17.50
CA GLY B 1 -19.38 11.99 -16.77
C GLY B 1 -20.27 11.58 -15.60
N SER B 2 -20.58 10.28 -15.52
CA SER B 2 -21.37 9.68 -14.42
C SER B 2 -20.71 8.37 -13.95
N ALA B 3 -21.24 7.77 -12.85
CA ALA B 3 -20.76 6.49 -12.33
C ALA B 3 -21.34 5.34 -13.18
N THR B 4 -20.77 5.16 -14.38
CA THR B 4 -21.27 4.22 -15.39
C THR B 4 -20.22 3.13 -15.70
N GLN B 5 -19.22 3.00 -14.82
CA GLN B 5 -18.32 1.85 -14.80
C GLN B 5 -18.98 0.70 -14.04
N SER B 6 -18.72 -0.54 -14.47
CA SER B 6 -19.15 -1.74 -13.74
C SER B 6 -18.41 -1.80 -12.38
N PRO B 7 -19.02 -2.33 -11.27
CA PRO B 7 -18.35 -2.43 -9.94
C PRO B 7 -16.95 -3.10 -10.03
N GLY B 8 -16.86 -4.16 -10.86
CA GLY B 8 -15.63 -4.90 -11.09
C GLY B 8 -14.58 -4.13 -11.91
N ASP B 9 -15.04 -3.40 -12.94
CA ASP B 9 -14.15 -2.62 -13.83
C ASP B 9 -13.60 -1.40 -13.09
N SER B 10 -14.46 -0.71 -12.34
CA SER B 10 -14.10 0.48 -11.54
C SER B 10 -12.99 0.14 -10.53
N ARG B 11 -13.21 -0.99 -9.80
CA ARG B 11 -12.27 -1.46 -8.78
C ARG B 11 -11.03 -2.11 -9.43
N ARG B 12 -11.13 -2.44 -10.75
CA ARG B 12 -9.98 -2.94 -11.52
C ARG B 12 -8.93 -1.84 -11.67
N LEU B 13 -9.37 -0.63 -12.11
CA LEU B 13 -8.43 0.49 -12.33
C LEU B 13 -7.79 0.92 -11.00
N SER B 14 -8.62 1.08 -9.95
CA SER B 14 -8.15 1.54 -8.62
C SER B 14 -7.09 0.58 -8.00
N ILE B 15 -7.30 -0.74 -8.17
CA ILE B 15 -6.38 -1.77 -7.60
C ILE B 15 -5.04 -1.79 -8.40
N GLN B 16 -5.12 -1.53 -9.73
CA GLN B 16 -3.92 -1.44 -10.59
C GLN B 16 -3.10 -0.18 -10.24
N ARG B 17 -3.80 0.94 -9.94
CA ARG B 17 -3.19 2.23 -9.55
C ARG B 17 -2.47 2.11 -8.20
N ALA B 18 -3.00 1.24 -7.33
CA ALA B 18 -2.39 0.89 -6.05
C ALA B 18 -1.03 0.23 -6.25
N ILE B 19 -1.00 -0.73 -7.19
CA ILE B 19 0.23 -1.42 -7.59
C ILE B 19 1.21 -0.43 -8.24
N GLN B 20 0.69 0.49 -9.06
CA GLN B 20 1.50 1.53 -9.75
C GLN B 20 2.14 2.50 -8.74
N SER B 21 1.43 2.78 -7.64
CA SER B 21 1.95 3.64 -6.55
C SER B 21 3.03 2.91 -5.75
N LEU B 22 2.83 1.59 -5.55
CA LEU B 22 3.74 0.71 -4.79
C LEU B 22 5.09 0.53 -5.54
N VAL B 23 5.01 0.22 -6.85
CA VAL B 23 6.19 0.05 -7.71
C VAL B 23 6.87 1.40 -7.97
N HIS B 24 6.06 2.49 -8.00
CA HIS B 24 6.58 3.86 -8.16
C HIS B 24 7.54 4.17 -7.02
N ALA B 25 7.01 4.16 -5.80
CA ALA B 25 7.72 4.58 -4.58
C ALA B 25 8.93 3.68 -4.26
N ALA B 26 8.88 2.42 -4.71
CA ALA B 26 9.99 1.47 -4.57
C ALA B 26 11.19 1.83 -5.47
N GLN B 27 10.88 2.23 -6.72
CA GLN B 27 11.89 2.71 -7.70
C GLN B 27 12.26 4.18 -7.44
N CYS B 28 11.33 4.92 -6.82
CA CYS B 28 11.43 6.36 -6.62
C CYS B 28 12.04 6.66 -5.24
N ARG B 29 13.30 7.07 -5.24
CA ARG B 29 13.96 7.62 -4.05
C ARG B 29 13.83 9.15 -4.08
N ASN B 30 13.75 9.70 -5.31
CA ASN B 30 13.72 11.15 -5.56
C ASN B 30 12.52 11.85 -4.88
N ALA B 31 12.79 13.04 -4.32
CA ALA B 31 11.76 13.93 -3.75
C ALA B 31 11.34 15.02 -4.76
N ASN B 32 11.84 14.92 -6.02
CA ASN B 32 11.46 15.82 -7.14
C ASN B 32 9.95 15.80 -7.40
N CYS B 33 9.31 14.65 -7.14
CA CYS B 33 7.85 14.55 -7.11
C CYS B 33 7.31 15.41 -5.95
N SER B 34 6.38 16.32 -6.24
CA SER B 34 5.77 17.19 -5.21
C SER B 34 4.40 16.64 -4.72
N LEU B 35 3.87 15.59 -5.40
CA LEU B 35 2.51 15.07 -5.10
C LEU B 35 2.46 14.28 -3.76
N PRO B 36 1.28 14.30 -3.06
CA PRO B 36 1.10 13.63 -1.75
C PRO B 36 1.25 12.10 -1.80
N SER B 37 0.67 11.44 -2.84
CA SER B 37 0.66 9.96 -2.95
C SER B 37 2.08 9.40 -2.96
N CYS B 38 2.97 10.08 -3.70
CA CYS B 38 4.37 9.66 -3.82
C CYS B 38 5.08 9.67 -2.46
N GLN B 39 4.99 10.80 -1.74
CA GLN B 39 5.71 11.02 -0.47
C GLN B 39 5.24 10.06 0.64
N LYS B 40 3.91 9.93 0.77
CA LYS B 40 3.27 9.02 1.74
C LYS B 40 3.60 7.56 1.44
N MET B 41 3.64 7.22 0.14
CA MET B 41 3.95 5.86 -0.29
C MET B 41 5.44 5.57 -0.11
N LYS B 42 6.33 6.57 -0.32
CA LYS B 42 7.80 6.39 -0.10
C LYS B 42 8.08 6.17 1.40
N ARG B 43 7.31 6.88 2.23
CA ARG B 43 7.34 6.75 3.70
C ARG B 43 7.18 5.27 4.11
N VAL B 44 6.06 4.68 3.68
CA VAL B 44 5.71 3.31 4.02
C VAL B 44 6.61 2.30 3.27
N VAL B 45 6.97 2.58 2.01
CA VAL B 45 7.76 1.64 1.17
C VAL B 45 9.19 1.45 1.72
N GLN B 46 9.83 2.54 2.18
CA GLN B 46 11.18 2.45 2.79
C GLN B 46 11.09 1.79 4.19
N HIS B 47 9.93 2.03 4.87
CA HIS B 47 9.57 1.30 6.09
C HIS B 47 9.50 -0.22 5.81
N THR B 48 8.77 -0.62 4.75
CA THR B 48 8.47 -2.05 4.48
C THR B 48 9.74 -2.83 4.09
N LYS B 49 10.67 -2.14 3.41
CA LYS B 49 11.98 -2.70 3.06
C LYS B 49 12.84 -2.95 4.32
N GLY B 50 12.73 -2.02 5.29
CA GLY B 50 13.42 -2.15 6.59
C GLY B 50 12.53 -2.74 7.68
N CYS B 51 11.54 -3.56 7.29
CA CYS B 51 10.54 -4.13 8.22
C CYS B 51 10.37 -5.63 7.99
N LYS B 52 10.93 -6.44 8.90
CA LYS B 52 10.81 -7.91 8.86
C LYS B 52 9.54 -8.36 9.61
N ARG B 53 9.05 -7.52 10.56
CA ARG B 53 7.82 -7.77 11.35
C ARG B 53 6.55 -7.89 10.45
N LYS B 54 6.68 -7.53 9.16
CA LYS B 54 5.62 -7.71 8.14
C LYS B 54 5.10 -9.16 8.11
N THR B 55 6.02 -10.11 8.34
CA THR B 55 5.70 -11.53 8.50
C THR B 55 6.00 -11.97 9.96
N ASN B 56 7.00 -11.31 10.59
CA ASN B 56 7.53 -11.65 11.92
C ASN B 56 6.70 -10.95 13.03
N GLY B 57 5.38 -11.16 12.99
CA GLY B 57 4.46 -10.57 13.97
C GLY B 57 3.09 -10.37 13.38
N GLY B 58 3.03 -9.61 12.27
CA GLY B 58 1.77 -9.24 11.61
C GLY B 58 1.60 -7.73 11.58
N CYS B 59 2.55 -7.05 10.93
CA CYS B 59 2.55 -5.58 10.78
C CYS B 59 1.43 -5.14 9.79
N PRO B 60 0.36 -4.42 10.29
CA PRO B 60 -0.91 -4.21 9.52
C PRO B 60 -0.73 -3.34 8.25
N ILE B 61 0.16 -2.34 8.33
CA ILE B 61 0.47 -1.42 7.20
C ILE B 61 1.07 -2.23 6.03
N CYS B 62 2.02 -3.10 6.39
CA CYS B 62 2.68 -4.01 5.44
C CYS B 62 1.77 -5.18 5.01
N LYS B 63 0.71 -5.45 5.80
CA LYS B 63 -0.26 -6.53 5.55
C LYS B 63 -1.18 -6.16 4.36
N GLN B 64 -1.67 -4.91 4.34
CA GLN B 64 -2.46 -4.41 3.19
C GLN B 64 -1.57 -4.30 1.94
N LEU B 65 -0.31 -3.85 2.12
CA LEU B 65 0.63 -3.71 0.97
C LEU B 65 1.04 -5.09 0.38
N ILE B 66 1.16 -6.14 1.24
CA ILE B 66 1.48 -7.51 0.77
C ILE B 66 0.26 -8.14 0.08
N ALA B 67 -0.95 -7.61 0.41
CA ALA B 67 -2.21 -8.03 -0.22
C ALA B 67 -2.27 -7.62 -1.71
N LEU B 68 -1.86 -6.36 -2.04
CA LEU B 68 -1.71 -5.94 -3.47
C LEU B 68 -0.68 -6.84 -4.15
N ALA B 69 0.48 -6.98 -3.48
CA ALA B 69 1.65 -7.69 -4.00
C ALA B 69 1.39 -9.19 -4.20
N ALA B 70 0.46 -9.76 -3.40
CA ALA B 70 0.09 -11.19 -3.49
C ALA B 70 -0.70 -11.46 -4.76
N TYR B 71 -1.80 -10.69 -4.91
CA TYR B 71 -2.66 -10.69 -6.10
C TYR B 71 -1.83 -10.41 -7.37
N HIS B 72 -0.94 -9.43 -7.25
CA HIS B 72 -0.04 -8.98 -8.32
C HIS B 72 0.99 -10.08 -8.66
N ALA B 73 1.53 -10.78 -7.64
CA ALA B 73 2.56 -11.83 -7.83
C ALA B 73 2.01 -13.09 -8.51
N LYS B 74 0.69 -13.30 -8.39
CA LYS B 74 -0.02 -14.40 -9.10
C LYS B 74 0.07 -14.22 -10.63
N HIS B 75 0.11 -12.95 -11.06
CA HIS B 75 0.14 -12.56 -12.48
C HIS B 75 1.56 -12.11 -12.89
N CYS B 76 2.41 -11.81 -11.89
CA CYS B 76 3.79 -11.30 -12.07
C CYS B 76 4.81 -12.40 -11.76
N GLN B 77 5.44 -12.91 -12.81
CA GLN B 77 6.51 -13.92 -12.73
C GLN B 77 7.90 -13.22 -12.73
N GLU B 78 7.89 -11.87 -12.75
CA GLU B 78 9.10 -11.05 -12.82
C GLU B 78 9.88 -11.10 -11.49
N ASN B 79 11.18 -11.40 -11.60
CA ASN B 79 12.08 -11.55 -10.45
C ASN B 79 12.86 -10.25 -10.18
N LYS B 80 13.07 -9.42 -11.22
CA LYS B 80 13.68 -8.07 -11.04
C LYS B 80 12.57 -7.05 -10.78
N CYS B 81 11.77 -7.32 -9.73
CA CYS B 81 10.59 -6.51 -9.40
C CYS B 81 10.92 -5.57 -8.22
N PRO B 82 10.48 -4.28 -8.26
CA PRO B 82 10.78 -3.26 -7.21
C PRO B 82 10.17 -3.58 -5.81
N VAL B 83 8.98 -4.23 -5.81
CA VAL B 83 8.21 -4.52 -4.58
C VAL B 83 8.89 -5.65 -3.77
N PRO B 84 9.30 -5.40 -2.48
CA PRO B 84 9.98 -6.40 -1.64
C PRO B 84 9.08 -7.61 -1.34
N PHE B 85 7.79 -7.33 -1.06
CA PHE B 85 6.76 -8.34 -0.77
C PHE B 85 6.65 -9.34 -1.91
N CYS B 86 6.48 -8.80 -3.13
CA CYS B 86 6.27 -9.58 -4.36
C CYS B 86 7.34 -10.66 -4.53
N LEU B 87 8.60 -10.28 -4.27
CA LEU B 87 9.75 -11.21 -4.31
C LEU B 87 9.58 -12.34 -3.28
N ASN B 88 9.28 -11.95 -2.03
CA ASN B 88 9.10 -12.91 -0.90
C ASN B 88 8.03 -13.96 -1.22
N ILE B 89 7.01 -13.53 -1.99
CA ILE B 89 5.85 -14.37 -2.35
C ILE B 89 6.20 -15.35 -3.48
N LYS B 90 6.78 -14.83 -4.59
CA LYS B 90 7.04 -15.62 -5.81
C LYS B 90 8.34 -16.44 -5.71
N GLN B 91 9.12 -16.21 -4.63
CA GLN B 91 10.30 -17.02 -4.29
C GLN B 91 9.93 -18.09 -3.24
N LYS B 92 9.43 -17.63 -2.09
CA LYS B 92 9.19 -18.50 -0.91
C LYS B 92 7.70 -18.89 -0.88
N GLY A 1 -2.63 24.22 3.10
CA GLY A 1 -1.57 23.79 2.16
C GLY A 1 -2.12 23.56 0.75
N SER A 2 -1.49 22.62 -0.01
CA SER A 2 -1.86 22.34 -1.40
C SER A 2 -1.40 20.92 -1.83
N MET A 3 -0.07 20.74 -1.93
CA MET A 3 0.58 19.50 -2.40
C MET A 3 0.81 18.50 -1.25
N ASN A 4 0.38 18.86 -0.03
CA ASN A 4 0.56 18.02 1.17
C ASN A 4 -0.77 17.35 1.55
N GLN A 5 -0.67 16.34 2.41
CA GLN A 5 -1.82 15.61 2.97
C GLN A 5 -2.26 16.25 4.31
N PRO A 6 -3.54 16.04 4.76
CA PRO A 6 -3.97 16.34 6.14
C PRO A 6 -3.24 15.46 7.18
N GLN A 7 -3.39 15.82 8.47
CA GLN A 7 -2.77 15.15 9.64
C GLN A 7 -1.25 15.42 9.72
N ARG A 8 -0.85 16.13 10.79
CA ARG A 8 0.56 16.42 11.09
C ARG A 8 1.24 15.13 11.55
N MET A 9 2.21 14.65 10.75
CA MET A 9 2.96 13.40 11.00
C MET A 9 3.77 13.47 12.33
N ALA A 10 3.91 12.32 12.99
CA ALA A 10 4.54 12.25 14.33
C ALA A 10 5.49 11.03 14.42
N PRO A 11 6.62 11.15 15.19
CA PRO A 11 7.56 10.01 15.46
C PRO A 11 7.07 9.05 16.56
N VAL A 12 5.75 9.07 16.84
CA VAL A 12 5.09 8.29 17.90
C VAL A 12 5.15 6.76 17.65
N GLY A 13 5.21 6.34 16.37
CA GLY A 13 5.28 4.93 16.02
C GLY A 13 3.90 4.33 15.74
N THR A 14 3.02 4.31 16.74
CA THR A 14 1.70 3.64 16.62
C THR A 14 0.71 4.47 15.77
N ASP A 15 0.42 5.72 16.22
CA ASP A 15 -0.58 6.63 15.57
C ASP A 15 -0.28 6.85 14.08
N LYS A 16 1.01 7.00 13.75
CA LYS A 16 1.44 7.31 12.37
C LYS A 16 1.26 6.09 11.44
N GLU A 17 1.48 4.86 11.98
CA GLU A 17 1.28 3.60 11.22
C GLU A 17 -0.20 3.44 10.87
N LEU A 18 -1.07 3.52 11.90
CA LEU A 18 -2.53 3.33 11.73
C LEU A 18 -3.16 4.46 10.87
N SER A 19 -2.51 5.65 10.89
CA SER A 19 -2.89 6.81 10.06
C SER A 19 -2.57 6.52 8.59
N ASP A 20 -1.37 5.95 8.35
CA ASP A 20 -0.92 5.54 7.01
C ASP A 20 -1.88 4.47 6.45
N LEU A 21 -2.14 3.43 7.28
CA LEU A 21 -3.02 2.30 6.94
C LEU A 21 -4.40 2.77 6.46
N LEU A 22 -4.97 3.77 7.19
CA LEU A 22 -6.30 4.32 6.90
C LEU A 22 -6.31 4.93 5.48
N ASP A 23 -5.28 5.74 5.19
CA ASP A 23 -5.14 6.44 3.90
C ASP A 23 -5.05 5.44 2.73
N PHE A 24 -4.28 4.38 2.93
CA PHE A 24 -4.08 3.35 1.89
C PHE A 24 -5.34 2.47 1.73
N SER A 25 -5.97 2.13 2.85
CA SER A 25 -7.18 1.27 2.86
C SER A 25 -8.36 1.93 2.10
N MET A 26 -8.41 3.28 2.13
CA MET A 26 -9.42 4.05 1.38
C MET A 26 -8.95 4.33 -0.07
N MET A 27 -7.61 4.26 -0.30
CA MET A 27 -7.00 4.49 -1.64
C MET A 27 -7.38 3.36 -2.62
N PHE A 28 -7.29 2.11 -2.15
CA PHE A 28 -7.61 0.90 -2.97
C PHE A 28 -8.88 0.20 -2.45
N PRO A 29 -9.62 -0.55 -3.35
CA PRO A 29 -10.80 -1.33 -2.95
C PRO A 29 -10.41 -2.60 -2.16
N LEU A 30 -9.93 -3.66 -2.87
CA LEU A 30 -9.65 -5.00 -2.29
C LEU A 30 -10.91 -5.68 -1.68
N PRO A 31 -10.90 -7.04 -1.52
CA PRO A 31 -11.91 -7.75 -0.70
C PRO A 31 -11.69 -7.49 0.81
N VAL A 32 -12.71 -7.86 1.63
CA VAL A 32 -12.73 -7.57 3.08
C VAL A 32 -11.47 -8.14 3.77
N THR A 33 -11.30 -9.48 3.69
CA THR A 33 -10.11 -10.24 4.18
C THR A 33 -9.72 -9.95 5.65
N ASN A 34 -10.63 -9.35 6.43
CA ASN A 34 -10.38 -8.93 7.83
C ASN A 34 -11.66 -9.12 8.65
N GLY A 35 -11.50 -9.13 9.99
CA GLY A 35 -12.62 -9.27 10.92
C GLY A 35 -13.60 -8.11 10.78
N LYS A 36 -14.76 -8.41 10.13
CA LYS A 36 -15.90 -7.47 9.84
C LYS A 36 -15.47 -6.19 9.07
N GLY A 37 -14.21 -6.17 8.57
CA GLY A 37 -13.62 -5.00 7.93
C GLY A 37 -13.53 -3.76 8.83
N ARG A 38 -13.74 -3.96 10.15
CA ARG A 38 -13.81 -2.88 11.14
C ARG A 38 -12.96 -3.30 12.38
N PRO A 39 -12.01 -2.43 12.85
CA PRO A 39 -11.19 -2.71 14.06
C PRO A 39 -11.99 -2.50 15.38
N GLY B 1 -24.21 6.72 -21.99
CA GLY B 1 -22.88 7.16 -21.56
C GLY B 1 -22.74 7.16 -20.05
N SER B 2 -23.41 6.20 -19.39
CA SER B 2 -23.37 6.02 -17.92
C SER B 2 -22.00 5.46 -17.50
N ALA B 3 -21.13 6.35 -16.97
CA ALA B 3 -19.76 6.02 -16.56
C ALA B 3 -19.74 5.50 -15.12
N THR B 4 -20.08 4.22 -14.97
CA THR B 4 -20.09 3.52 -13.67
C THR B 4 -19.22 2.24 -13.74
N GLN B 5 -19.09 1.68 -14.97
CA GLN B 5 -18.34 0.44 -15.29
C GLN B 5 -18.98 -0.80 -14.63
N SER B 6 -18.55 -1.97 -15.11
CA SER B 6 -18.85 -3.26 -14.46
C SER B 6 -17.97 -3.39 -13.18
N PRO B 7 -18.51 -3.95 -12.04
CA PRO B 7 -17.85 -3.90 -10.69
C PRO B 7 -16.40 -4.41 -10.69
N GLY B 8 -16.17 -5.54 -11.39
CA GLY B 8 -14.85 -6.17 -11.51
C GLY B 8 -13.83 -5.29 -12.24
N ASP B 9 -14.29 -4.60 -13.31
CA ASP B 9 -13.44 -3.69 -14.09
C ASP B 9 -13.11 -2.44 -13.25
N SER B 10 -14.14 -1.78 -12.70
CA SER B 10 -13.99 -0.53 -11.91
C SER B 10 -12.97 -0.67 -10.76
N ARG B 11 -13.13 -1.76 -9.97
CA ARG B 11 -12.25 -2.07 -8.84
C ARG B 11 -10.83 -2.41 -9.36
N ARG B 12 -10.75 -2.99 -10.59
CA ARG B 12 -9.49 -3.38 -11.22
C ARG B 12 -8.60 -2.17 -11.45
N LEU B 13 -9.14 -1.06 -12.00
CA LEU B 13 -8.32 0.16 -12.22
C LEU B 13 -7.83 0.69 -10.88
N SER B 14 -8.77 0.88 -9.93
CA SER B 14 -8.46 1.49 -8.61
C SER B 14 -7.37 0.69 -7.83
N ILE B 15 -7.45 -0.66 -7.92
CA ILE B 15 -6.54 -1.57 -7.20
C ILE B 15 -5.14 -1.56 -7.87
N GLN B 16 -5.14 -1.46 -9.23
CA GLN B 16 -3.89 -1.38 -10.02
C GLN B 16 -3.17 -0.05 -9.76
N ARG B 17 -3.94 1.05 -9.61
CA ARG B 17 -3.38 2.40 -9.39
C ARG B 17 -2.66 2.49 -8.03
N ALA B 18 -3.17 1.72 -7.05
CA ALA B 18 -2.52 1.53 -5.75
C ALA B 18 -1.17 0.82 -5.91
N ILE B 19 -1.16 -0.23 -6.76
CA ILE B 19 0.08 -0.99 -7.11
C ILE B 19 1.05 -0.07 -7.87
N GLN B 20 0.51 0.77 -8.77
CA GLN B 20 1.30 1.69 -9.61
C GLN B 20 1.97 2.78 -8.77
N SER B 21 1.31 3.18 -7.66
CA SER B 21 1.89 4.13 -6.69
C SER B 21 2.96 3.44 -5.82
N LEU B 22 2.73 2.15 -5.51
CA LEU B 22 3.63 1.34 -4.67
C LEU B 22 4.95 1.03 -5.41
N VAL B 23 4.84 0.62 -6.69
CA VAL B 23 6.01 0.34 -7.56
C VAL B 23 6.71 1.65 -7.96
N HIS B 24 5.90 2.73 -8.05
CA HIS B 24 6.41 4.09 -8.30
C HIS B 24 7.42 4.43 -7.23
N ALA B 25 6.96 4.49 -5.96
CA ALA B 25 7.77 4.89 -4.80
C ALA B 25 8.89 3.89 -4.49
N ALA B 26 8.70 2.61 -4.86
CA ALA B 26 9.73 1.57 -4.71
C ALA B 26 10.97 1.88 -5.58
N GLN B 27 10.73 2.49 -6.74
CA GLN B 27 11.79 2.95 -7.68
C GLN B 27 12.15 4.44 -7.44
N CYS B 28 11.15 5.21 -7.01
CA CYS B 28 11.21 6.68 -6.96
C CYS B 28 11.57 7.16 -5.55
N ARG B 29 12.62 7.98 -5.48
CA ARG B 29 13.19 8.48 -4.21
C ARG B 29 13.90 9.83 -4.43
N ASN B 30 13.74 10.39 -5.64
CA ASN B 30 14.30 11.69 -6.00
C ASN B 30 13.35 12.81 -5.56
N ALA B 31 13.92 13.87 -4.98
CA ALA B 31 13.16 15.01 -4.43
C ALA B 31 12.57 15.90 -5.54
N ASN B 32 13.06 15.72 -6.79
CA ASN B 32 12.53 16.40 -7.99
C ASN B 32 11.04 16.03 -8.23
N CYS B 33 10.69 14.76 -7.96
CA CYS B 33 9.28 14.29 -7.98
C CYS B 33 8.73 14.29 -6.54
N SER B 34 7.83 15.25 -6.23
CA SER B 34 7.40 15.51 -4.84
C SER B 34 5.85 15.64 -4.69
N LEU B 35 5.07 14.95 -5.57
CA LEU B 35 3.58 14.95 -5.48
C LEU B 35 3.10 14.22 -4.17
N PRO B 36 1.85 14.55 -3.65
CA PRO B 36 1.33 14.03 -2.36
C PRO B 36 1.28 12.48 -2.26
N SER B 37 0.84 11.80 -3.35
CA SER B 37 0.77 10.30 -3.41
C SER B 37 2.16 9.69 -3.20
N CYS B 38 3.16 10.34 -3.82
CA CYS B 38 4.55 9.91 -3.80
C CYS B 38 5.11 9.99 -2.37
N GLN B 39 4.74 11.05 -1.65
CA GLN B 39 5.21 11.29 -0.26
C GLN B 39 4.64 10.27 0.74
N LYS B 40 3.33 9.97 0.61
CA LYS B 40 2.65 8.93 1.40
C LYS B 40 3.29 7.56 1.16
N MET B 41 3.48 7.23 -0.12
CA MET B 41 3.95 5.90 -0.52
C MET B 41 5.44 5.73 -0.22
N LYS B 42 6.25 6.82 -0.32
CA LYS B 42 7.69 6.76 0.01
C LYS B 42 7.89 6.58 1.52
N ARG B 43 6.99 7.19 2.31
CA ARG B 43 6.94 7.00 3.77
C ARG B 43 6.86 5.50 4.12
N VAL B 44 5.82 4.85 3.58
CA VAL B 44 5.52 3.46 3.93
C VAL B 44 6.45 2.47 3.19
N VAL B 45 6.87 2.79 1.94
CA VAL B 45 7.67 1.85 1.12
C VAL B 45 9.10 1.68 1.70
N GLN B 46 9.64 2.77 2.29
CA GLN B 46 10.94 2.72 2.98
C GLN B 46 10.79 1.99 4.33
N HIS B 47 9.63 2.23 4.99
CA HIS B 47 9.24 1.50 6.21
C HIS B 47 9.24 -0.02 5.94
N THR B 48 8.56 -0.46 4.86
CA THR B 48 8.34 -1.89 4.56
C THR B 48 9.66 -2.60 4.23
N LYS B 49 10.55 -1.89 3.49
CA LYS B 49 11.89 -2.39 3.15
C LYS B 49 12.76 -2.60 4.41
N GLY B 50 12.52 -1.78 5.45
CA GLY B 50 13.22 -1.90 6.73
C GLY B 50 12.35 -2.51 7.84
N CYS B 51 11.37 -3.37 7.46
CA CYS B 51 10.38 -3.93 8.41
C CYS B 51 10.19 -5.44 8.18
N LYS B 52 10.74 -6.23 9.11
CA LYS B 52 10.60 -7.70 9.12
C LYS B 52 9.29 -8.12 9.83
N ARG B 53 8.77 -7.20 10.70
CA ARG B 53 7.52 -7.38 11.50
C ARG B 53 6.32 -7.85 10.65
N LYS B 54 6.37 -7.58 9.34
CA LYS B 54 5.31 -7.96 8.39
C LYS B 54 4.93 -9.46 8.49
N THR B 55 5.95 -10.31 8.70
CA THR B 55 5.78 -11.76 8.91
C THR B 55 6.18 -12.14 10.35
N ASN B 56 7.02 -11.29 10.98
CA ASN B 56 7.68 -11.57 12.27
C ASN B 56 6.79 -11.13 13.47
N GLY B 57 5.64 -10.52 13.16
CA GLY B 57 4.72 -10.03 14.20
C GLY B 57 3.29 -9.85 13.71
N GLY B 58 3.11 -9.60 12.39
CA GLY B 58 1.80 -9.28 11.82
C GLY B 58 1.58 -7.77 11.75
N CYS B 59 2.39 -7.10 10.89
CA CYS B 59 2.32 -5.64 10.67
C CYS B 59 1.20 -5.32 9.65
N PRO B 60 0.04 -4.71 10.10
CA PRO B 60 -1.17 -4.51 9.24
C PRO B 60 -0.92 -3.61 8.01
N ILE B 61 0.02 -2.65 8.17
CA ILE B 61 0.37 -1.66 7.13
C ILE B 61 1.03 -2.39 5.93
N CYS B 62 1.98 -3.26 6.27
CA CYS B 62 2.67 -4.11 5.30
C CYS B 62 1.78 -5.28 4.83
N LYS B 63 0.70 -5.58 5.59
CA LYS B 63 -0.28 -6.64 5.26
C LYS B 63 -1.17 -6.18 4.08
N GLN B 64 -1.70 -4.96 4.16
CA GLN B 64 -2.52 -4.39 3.07
C GLN B 64 -1.65 -4.22 1.81
N LEU B 65 -0.38 -3.78 1.98
CA LEU B 65 0.55 -3.62 0.84
C LEU B 65 0.94 -4.96 0.18
N ILE B 66 1.10 -6.02 1.01
CA ILE B 66 1.41 -7.38 0.51
C ILE B 66 0.14 -8.02 -0.13
N ALA B 67 -1.04 -7.44 0.16
CA ALA B 67 -2.32 -7.86 -0.45
C ALA B 67 -2.41 -7.40 -1.93
N LEU B 68 -2.02 -6.11 -2.20
CA LEU B 68 -1.88 -5.61 -3.60
C LEU B 68 -0.88 -6.51 -4.35
N ALA B 69 0.27 -6.72 -3.70
CA ALA B 69 1.40 -7.46 -4.25
C ALA B 69 1.10 -8.95 -4.43
N ALA B 70 0.16 -9.51 -3.62
CA ALA B 70 -0.22 -10.94 -3.71
C ALA B 70 -0.98 -11.20 -5.01
N TYR B 71 -2.07 -10.43 -5.20
CA TYR B 71 -2.89 -10.44 -6.44
C TYR B 71 -2.01 -10.18 -7.68
N HIS B 72 -1.11 -9.19 -7.53
CA HIS B 72 -0.15 -8.78 -8.57
C HIS B 72 0.86 -9.91 -8.88
N ALA B 73 1.35 -10.62 -7.84
CA ALA B 73 2.41 -11.66 -7.97
C ALA B 73 1.89 -12.94 -8.65
N LYS B 74 0.56 -13.16 -8.57
CA LYS B 74 -0.10 -14.30 -9.23
C LYS B 74 -0.06 -14.16 -10.76
N HIS B 75 0.01 -12.90 -11.24
CA HIS B 75 -0.02 -12.56 -12.67
C HIS B 75 1.37 -12.11 -13.16
N CYS B 76 2.20 -11.64 -12.22
CA CYS B 76 3.59 -11.18 -12.47
C CYS B 76 4.59 -12.20 -11.90
N GLN B 77 5.23 -12.96 -12.77
CA GLN B 77 6.27 -13.95 -12.42
C GLN B 77 7.63 -13.33 -12.79
N GLU B 78 8.20 -12.56 -11.84
CA GLU B 78 9.44 -11.80 -12.06
C GLU B 78 10.17 -11.55 -10.73
N ASN B 79 11.50 -11.79 -10.71
CA ASN B 79 12.38 -11.55 -9.53
C ASN B 79 12.91 -10.11 -9.56
N LYS B 80 13.05 -9.56 -10.78
CA LYS B 80 13.52 -8.19 -11.00
C LYS B 80 12.31 -7.26 -11.00
N CYS B 81 11.65 -7.18 -9.83
CA CYS B 81 10.42 -6.41 -9.67
C CYS B 81 10.62 -5.39 -8.54
N PRO B 82 10.21 -4.08 -8.74
CA PRO B 82 10.39 -2.98 -7.74
C PRO B 82 9.90 -3.32 -6.33
N VAL B 83 8.72 -3.95 -6.24
CA VAL B 83 8.08 -4.28 -4.95
C VAL B 83 8.67 -5.58 -4.34
N PRO B 84 9.30 -5.50 -3.11
CA PRO B 84 9.99 -6.65 -2.47
C PRO B 84 9.01 -7.77 -2.06
N PHE B 85 7.76 -7.38 -1.73
CA PHE B 85 6.68 -8.31 -1.36
C PHE B 85 6.46 -9.35 -2.46
N CYS B 86 6.37 -8.86 -3.72
CA CYS B 86 6.12 -9.68 -4.91
C CYS B 86 7.12 -10.84 -5.01
N LEU B 87 8.37 -10.58 -4.61
CA LEU B 87 9.43 -11.59 -4.51
C LEU B 87 9.13 -12.56 -3.35
N ASN B 88 8.87 -12.01 -2.15
CA ASN B 88 8.66 -12.81 -0.91
C ASN B 88 7.52 -13.85 -1.07
N ILE B 89 6.58 -13.53 -1.98
CA ILE B 89 5.40 -14.36 -2.27
C ILE B 89 5.74 -15.44 -3.31
N LYS B 90 6.25 -15.01 -4.49
CA LYS B 90 6.45 -15.90 -5.66
C LYS B 90 7.69 -16.81 -5.48
N GLN B 91 8.75 -16.27 -4.84
CA GLN B 91 10.02 -16.98 -4.59
C GLN B 91 9.83 -18.06 -3.53
N LYS B 92 9.18 -17.68 -2.43
CA LYS B 92 8.94 -18.59 -1.28
C LYS B 92 7.54 -19.22 -1.40
N GLY A 1 -21.21 17.46 10.69
CA GLY A 1 -20.16 18.50 10.65
C GLY A 1 -18.92 18.01 9.95
N SER A 2 -17.77 17.96 10.67
CA SER A 2 -16.49 17.48 10.14
C SER A 2 -16.52 15.94 9.95
N MET A 3 -16.83 15.51 8.73
CA MET A 3 -16.90 14.09 8.36
C MET A 3 -15.50 13.52 8.05
N ASN A 4 -14.63 14.38 7.50
CA ASN A 4 -13.24 14.04 7.15
C ASN A 4 -12.32 15.23 7.46
N GLN A 5 -11.29 15.00 8.28
CA GLN A 5 -10.28 16.02 8.62
C GLN A 5 -8.89 15.57 8.11
N PRO A 6 -8.07 16.49 7.50
CA PRO A 6 -6.68 16.17 7.07
C PRO A 6 -5.81 15.79 8.27
N GLN A 7 -5.49 14.50 8.39
CA GLN A 7 -4.78 13.94 9.56
C GLN A 7 -3.28 14.31 9.56
N ARG A 8 -2.70 14.36 10.75
CA ARG A 8 -1.30 14.74 10.98
C ARG A 8 -0.45 13.48 11.26
N MET A 9 0.73 13.43 10.63
CA MET A 9 1.72 12.37 10.83
C MET A 9 2.52 12.65 12.11
N ALA A 10 2.38 11.78 13.11
CA ALA A 10 3.13 11.87 14.38
C ALA A 10 4.54 11.24 14.21
N PRO A 11 5.63 11.91 14.70
CA PRO A 11 7.05 11.43 14.59
C PRO A 11 7.31 10.06 15.26
N VAL A 12 6.35 9.57 16.06
CA VAL A 12 6.40 8.28 16.77
C VAL A 12 6.69 7.08 15.83
N GLY A 13 6.27 7.19 14.56
CA GLY A 13 6.52 6.12 13.57
C GLY A 13 5.55 4.95 13.69
N THR A 14 4.32 5.22 14.18
CA THR A 14 3.22 4.21 14.23
C THR A 14 1.84 4.87 14.05
N ASP A 15 1.55 5.91 14.85
CA ASP A 15 0.32 6.75 14.74
C ASP A 15 0.12 7.27 13.31
N LYS A 16 1.23 7.78 12.77
CA LYS A 16 1.30 8.27 11.39
C LYS A 16 0.97 7.16 10.38
N GLU A 17 1.45 5.93 10.69
CA GLU A 17 1.36 4.78 9.78
C GLU A 17 -0.06 4.21 9.72
N LEU A 18 -0.77 4.22 10.87
CA LEU A 18 -2.18 3.74 10.93
C LEU A 18 -3.13 4.78 10.28
N SER A 19 -2.67 6.05 10.28
CA SER A 19 -3.29 7.14 9.52
C SER A 19 -3.03 6.94 7.99
N ASP A 20 -1.79 6.50 7.65
CA ASP A 20 -1.41 6.12 6.27
C ASP A 20 -2.21 4.89 5.82
N LEU A 21 -2.45 3.97 6.78
CA LEU A 21 -3.17 2.70 6.58
C LEU A 21 -4.59 2.96 6.10
N LEU A 22 -5.25 3.94 6.76
CA LEU A 22 -6.63 4.34 6.42
C LEU A 22 -6.65 4.92 4.99
N ASP A 23 -5.63 5.75 4.67
CA ASP A 23 -5.49 6.37 3.32
C ASP A 23 -5.34 5.29 2.23
N PHE A 24 -4.58 4.23 2.55
CA PHE A 24 -4.34 3.12 1.62
C PHE A 24 -5.60 2.27 1.47
N SER A 25 -6.28 2.00 2.60
CA SER A 25 -7.51 1.19 2.65
C SER A 25 -8.62 1.80 1.76
N MET A 26 -8.66 3.14 1.68
CA MET A 26 -9.62 3.87 0.82
C MET A 26 -9.06 4.08 -0.61
N MET A 27 -7.70 3.97 -0.76
CA MET A 27 -6.99 4.13 -2.07
C MET A 27 -7.27 2.94 -3.01
N PHE A 28 -7.28 1.73 -2.42
CA PHE A 28 -7.59 0.48 -3.15
C PHE A 28 -8.85 -0.19 -2.57
N PRO A 29 -9.68 -0.85 -3.43
CA PRO A 29 -10.88 -1.59 -2.99
C PRO A 29 -10.52 -2.90 -2.24
N LEU A 30 -10.01 -3.93 -2.99
CA LEU A 30 -9.75 -5.29 -2.45
C LEU A 30 -11.04 -5.95 -1.84
N PRO A 31 -10.99 -7.23 -1.36
CA PRO A 31 -12.05 -7.78 -0.46
C PRO A 31 -11.99 -7.15 0.96
N VAL A 32 -12.65 -7.80 1.93
CA VAL A 32 -12.68 -7.32 3.33
C VAL A 32 -11.24 -7.29 3.94
N THR A 33 -10.62 -6.09 3.92
CA THR A 33 -9.28 -5.85 4.48
C THR A 33 -9.35 -5.50 5.98
N ASN A 34 -10.46 -4.86 6.38
CA ASN A 34 -10.68 -4.37 7.75
C ASN A 34 -12.15 -4.55 8.16
N GLY A 35 -12.41 -4.37 9.46
CA GLY A 35 -13.75 -4.45 10.03
C GLY A 35 -13.78 -3.79 11.40
N LYS A 36 -13.81 -4.62 12.47
CA LYS A 36 -13.72 -4.15 13.87
C LYS A 36 -12.25 -4.15 14.30
N GLY A 37 -11.45 -3.37 13.56
CA GLY A 37 -10.02 -3.17 13.84
C GLY A 37 -9.59 -1.76 13.47
N ARG A 38 -10.51 -0.81 13.69
CA ARG A 38 -10.33 0.62 13.37
C ARG A 38 -11.18 1.47 14.36
N PRO A 39 -10.56 2.01 15.48
CA PRO A 39 -11.26 2.88 16.45
C PRO A 39 -11.44 4.32 15.91
N GLY B 1 -21.13 11.46 -10.58
CA GLY B 1 -19.86 10.99 -11.08
C GLY B 1 -19.98 9.71 -11.91
N SER B 2 -21.11 9.62 -12.66
CA SER B 2 -21.44 8.53 -13.63
C SER B 2 -21.84 7.20 -12.93
N ALA B 3 -20.93 6.63 -12.11
CA ALA B 3 -21.11 5.32 -11.43
C ALA B 3 -21.31 4.20 -12.47
N THR B 4 -20.60 4.33 -13.59
CA THR B 4 -20.64 3.36 -14.72
C THR B 4 -19.60 2.23 -14.46
N GLN B 5 -19.33 1.38 -15.49
CA GLN B 5 -18.38 0.24 -15.44
C GLN B 5 -18.96 -0.92 -14.61
N SER B 6 -18.57 -2.16 -14.98
CA SER B 6 -18.92 -3.36 -14.20
C SER B 6 -18.13 -3.36 -12.87
N PRO B 7 -18.73 -3.83 -11.72
CA PRO B 7 -18.13 -3.72 -10.35
C PRO B 7 -16.68 -4.25 -10.28
N GLY B 8 -16.47 -5.46 -10.84
CA GLY B 8 -15.16 -6.13 -10.83
C GLY B 8 -14.11 -5.40 -11.67
N ASP B 9 -14.54 -4.83 -12.80
CA ASP B 9 -13.65 -4.14 -13.74
C ASP B 9 -13.22 -2.79 -13.17
N SER B 10 -14.20 -2.01 -12.67
CA SER B 10 -13.98 -0.65 -12.10
C SER B 10 -12.96 -0.71 -10.94
N ARG B 11 -13.21 -1.66 -10.00
CA ARG B 11 -12.33 -1.87 -8.85
C ARG B 11 -10.96 -2.43 -9.28
N ARG B 12 -10.92 -3.09 -10.46
CA ARG B 12 -9.68 -3.65 -11.02
C ARG B 12 -8.72 -2.52 -11.43
N LEU B 13 -9.23 -1.44 -12.06
CA LEU B 13 -8.35 -0.29 -12.43
C LEU B 13 -7.80 0.37 -11.16
N SER B 14 -8.69 0.67 -10.19
CA SER B 14 -8.30 1.39 -8.95
C SER B 14 -7.29 0.58 -8.08
N ILE B 15 -7.43 -0.77 -8.07
CA ILE B 15 -6.53 -1.65 -7.31
C ILE B 15 -5.14 -1.72 -7.99
N GLN B 16 -5.12 -1.68 -9.34
CA GLN B 16 -3.89 -1.64 -10.14
C GLN B 16 -3.17 -0.29 -9.95
N ARG B 17 -3.95 0.80 -9.80
CA ARG B 17 -3.40 2.17 -9.56
C ARG B 17 -2.68 2.25 -8.20
N ALA B 18 -3.22 1.51 -7.21
CA ALA B 18 -2.60 1.35 -5.88
C ALA B 18 -1.25 0.63 -5.98
N ILE B 19 -1.20 -0.40 -6.86
CA ILE B 19 0.04 -1.14 -7.17
C ILE B 19 1.04 -0.21 -7.89
N GLN B 20 0.52 0.66 -8.78
CA GLN B 20 1.33 1.64 -9.54
C GLN B 20 1.96 2.70 -8.60
N SER B 21 1.30 2.97 -7.46
CA SER B 21 1.83 3.85 -6.41
C SER B 21 2.96 3.15 -5.62
N LEU B 22 2.78 1.83 -5.37
CA LEU B 22 3.73 0.98 -4.64
C LEU B 22 5.03 0.77 -5.48
N VAL B 23 4.86 0.49 -6.79
CA VAL B 23 6.00 0.27 -7.72
C VAL B 23 6.69 1.61 -8.03
N HIS B 24 5.91 2.71 -8.01
CA HIS B 24 6.44 4.08 -8.19
C HIS B 24 7.47 4.35 -7.09
N ALA B 25 7.00 4.30 -5.83
CA ALA B 25 7.78 4.64 -4.63
C ALA B 25 8.99 3.69 -4.41
N ALA B 26 8.85 2.44 -4.90
CA ALA B 26 9.93 1.44 -4.85
C ALA B 26 11.12 1.84 -5.75
N GLN B 27 10.79 2.29 -6.98
CA GLN B 27 11.79 2.75 -7.98
C GLN B 27 12.21 4.21 -7.77
N CYS B 28 11.32 4.98 -7.11
CA CYS B 28 11.47 6.43 -6.88
C CYS B 28 12.12 6.66 -5.53
N ARG B 29 13.37 7.13 -5.52
CA ARG B 29 14.08 7.55 -4.30
C ARG B 29 14.20 9.09 -4.27
N ASN B 30 14.01 9.71 -5.46
CA ASN B 30 14.14 11.17 -5.67
C ASN B 30 13.12 12.00 -4.86
N ALA B 31 13.57 13.20 -4.45
CA ALA B 31 12.74 14.21 -3.77
C ALA B 31 12.14 15.21 -4.78
N ASN B 32 12.34 14.93 -6.09
CA ASN B 32 11.86 15.75 -7.23
C ASN B 32 10.31 15.84 -7.21
N CYS B 33 9.67 14.75 -6.78
CA CYS B 33 8.23 14.69 -6.52
C CYS B 33 7.87 15.57 -5.31
N SER B 34 6.75 16.30 -5.41
CA SER B 34 6.22 17.13 -4.31
C SER B 34 4.75 16.79 -4.00
N LEU B 35 4.21 15.74 -4.66
CA LEU B 35 2.82 15.28 -4.42
C LEU B 35 2.73 14.46 -3.11
N PRO B 36 1.53 14.48 -2.41
CA PRO B 36 1.32 13.74 -1.14
C PRO B 36 1.49 12.22 -1.29
N SER B 37 0.89 11.65 -2.36
CA SER B 37 0.79 10.20 -2.57
C SER B 37 2.18 9.54 -2.59
N CYS B 38 3.13 10.21 -3.26
CA CYS B 38 4.51 9.72 -3.38
C CYS B 38 5.26 9.80 -2.04
N GLN B 39 5.04 10.88 -1.29
CA GLN B 39 5.71 11.11 0.01
C GLN B 39 5.28 10.05 1.04
N LYS B 40 3.95 9.82 1.09
CA LYS B 40 3.32 8.81 1.95
C LYS B 40 3.77 7.39 1.58
N MET B 41 3.83 7.14 0.26
CA MET B 41 4.15 5.81 -0.27
C MET B 41 5.63 5.48 -0.05
N LYS B 42 6.55 6.46 -0.26
CA LYS B 42 8.01 6.24 -0.04
C LYS B 42 8.30 6.06 1.45
N ARG B 43 7.54 6.80 2.27
CA ARG B 43 7.55 6.70 3.74
C ARG B 43 7.36 5.23 4.18
N VAL B 44 6.32 4.61 3.59
CA VAL B 44 5.92 3.24 3.96
C VAL B 44 6.77 2.18 3.20
N VAL B 45 7.19 2.44 1.96
CA VAL B 45 8.08 1.52 1.18
C VAL B 45 9.46 1.36 1.86
N GLN B 46 10.08 2.50 2.24
CA GLN B 46 11.38 2.48 2.95
C GLN B 46 11.23 1.88 4.35
N HIS B 47 10.04 2.11 4.96
CA HIS B 47 9.63 1.46 6.23
C HIS B 47 9.69 -0.07 6.10
N THR B 48 8.99 -0.63 5.08
CA THR B 48 8.82 -2.10 4.93
C THR B 48 10.17 -2.79 4.69
N LYS B 49 11.07 -2.08 3.98
CA LYS B 49 12.44 -2.53 3.73
C LYS B 49 13.21 -2.70 5.06
N GLY B 50 13.06 -1.73 5.99
CA GLY B 50 13.68 -1.78 7.33
C GLY B 50 12.74 -2.30 8.41
N CYS B 51 11.76 -3.14 8.02
CA CYS B 51 10.72 -3.69 8.93
C CYS B 51 10.60 -5.20 8.72
N LYS B 52 10.95 -5.99 9.76
CA LYS B 52 10.75 -7.46 9.77
C LYS B 52 9.50 -7.84 10.57
N ARG B 53 8.93 -6.87 11.32
CA ARG B 53 7.65 -7.05 12.06
C ARG B 53 6.49 -7.45 11.11
N LYS B 54 6.68 -7.14 9.81
CA LYS B 54 5.75 -7.50 8.73
C LYS B 54 5.63 -9.04 8.57
N THR B 55 6.78 -9.75 8.63
CA THR B 55 6.83 -11.21 8.44
C THR B 55 6.55 -11.93 9.77
N ASN B 56 6.62 -11.17 10.89
CA ASN B 56 6.09 -11.60 12.20
C ASN B 56 4.55 -11.45 12.24
N GLY B 57 3.98 -10.71 11.26
CA GLY B 57 2.53 -10.60 11.09
C GLY B 57 1.91 -9.36 11.74
N GLY B 58 2.59 -8.86 12.81
CA GLY B 58 2.06 -7.78 13.65
C GLY B 58 2.33 -6.37 13.12
N CYS B 59 2.08 -6.14 11.83
CA CYS B 59 2.27 -4.83 11.20
C CYS B 59 1.21 -4.64 10.09
N PRO B 60 0.06 -3.93 10.39
CA PRO B 60 -1.14 -3.90 9.51
C PRO B 60 -0.90 -3.14 8.17
N ILE B 61 0.01 -2.16 8.21
CA ILE B 61 0.35 -1.29 7.04
C ILE B 61 1.01 -2.15 5.96
N CYS B 62 1.95 -2.98 6.43
CA CYS B 62 2.68 -3.96 5.61
C CYS B 62 1.77 -5.12 5.15
N LYS B 63 0.70 -5.42 5.95
CA LYS B 63 -0.33 -6.43 5.59
C LYS B 63 -1.06 -5.97 4.33
N GLN B 64 -1.43 -4.67 4.29
CA GLN B 64 -2.11 -4.09 3.14
C GLN B 64 -1.23 -4.14 1.89
N LEU B 65 0.06 -3.76 2.02
CA LEU B 65 0.98 -3.73 0.88
C LEU B 65 1.24 -5.14 0.30
N ILE B 66 1.35 -6.15 1.19
CA ILE B 66 1.57 -7.55 0.78
C ILE B 66 0.28 -8.15 0.18
N ALA B 67 -0.89 -7.50 0.44
CA ALA B 67 -2.19 -7.88 -0.15
C ALA B 67 -2.25 -7.50 -1.65
N LEU B 68 -1.88 -6.23 -2.00
CA LEU B 68 -1.74 -5.80 -3.42
C LEU B 68 -0.72 -6.70 -4.12
N ALA B 69 0.43 -6.88 -3.44
CA ALA B 69 1.58 -7.60 -3.95
C ALA B 69 1.32 -9.10 -4.13
N ALA B 70 0.40 -9.68 -3.33
CA ALA B 70 0.04 -11.12 -3.41
C ALA B 70 -0.73 -11.39 -4.70
N TYR B 71 -1.83 -10.62 -4.86
CA TYR B 71 -2.67 -10.62 -6.09
C TYR B 71 -1.81 -10.34 -7.34
N HIS B 72 -0.94 -9.34 -7.21
CA HIS B 72 -0.05 -8.88 -8.30
C HIS B 72 0.99 -9.96 -8.66
N ALA B 73 1.59 -10.63 -7.64
CA ALA B 73 2.69 -11.61 -7.85
C ALA B 73 2.18 -12.92 -8.45
N LYS B 74 0.86 -13.18 -8.33
CA LYS B 74 0.20 -14.31 -9.01
C LYS B 74 0.24 -14.11 -10.54
N HIS B 75 0.07 -12.86 -10.97
CA HIS B 75 0.02 -12.47 -12.40
C HIS B 75 1.40 -12.06 -12.92
N CYS B 76 2.29 -11.67 -11.99
CA CYS B 76 3.64 -11.13 -12.29
C CYS B 76 4.72 -12.16 -11.93
N GLN B 77 5.43 -12.65 -12.96
CA GLN B 77 6.43 -13.73 -12.84
C GLN B 77 7.88 -13.20 -12.94
N GLU B 78 8.03 -11.85 -13.00
CA GLU B 78 9.36 -11.22 -13.13
C GLU B 78 10.10 -11.18 -11.79
N ASN B 79 11.38 -11.62 -11.80
CA ASN B 79 12.24 -11.65 -10.59
C ASN B 79 12.91 -10.28 -10.36
N LYS B 80 13.10 -9.49 -11.44
CA LYS B 80 13.55 -8.09 -11.32
C LYS B 80 12.31 -7.19 -11.23
N CYS B 81 11.67 -7.20 -10.05
CA CYS B 81 10.43 -6.44 -9.82
C CYS B 81 10.65 -5.42 -8.70
N PRO B 82 10.12 -4.15 -8.86
CA PRO B 82 10.25 -3.06 -7.84
C PRO B 82 9.73 -3.46 -6.44
N VAL B 83 8.56 -4.12 -6.39
CA VAL B 83 7.93 -4.53 -5.12
C VAL B 83 8.71 -5.71 -4.50
N PRO B 84 9.30 -5.53 -3.27
CA PRO B 84 10.09 -6.58 -2.58
C PRO B 84 9.21 -7.73 -2.05
N PHE B 85 7.95 -7.38 -1.63
CA PHE B 85 6.94 -8.36 -1.20
C PHE B 85 6.70 -9.38 -2.32
N CYS B 86 6.51 -8.82 -3.54
CA CYS B 86 6.22 -9.59 -4.77
C CYS B 86 7.26 -10.67 -5.03
N LEU B 87 8.52 -10.40 -4.65
CA LEU B 87 9.62 -11.38 -4.75
C LEU B 87 9.39 -12.53 -3.74
N ASN B 88 9.17 -12.18 -2.47
CA ASN B 88 8.93 -13.18 -1.39
C ASN B 88 7.72 -14.09 -1.72
N ILE B 89 6.76 -13.55 -2.48
CA ILE B 89 5.51 -14.26 -2.84
C ILE B 89 5.69 -15.12 -4.11
N LYS B 90 6.38 -14.56 -5.14
CA LYS B 90 6.59 -15.26 -6.44
C LYS B 90 7.55 -16.45 -6.26
N GLN B 91 8.41 -16.38 -5.22
CA GLN B 91 9.33 -17.46 -4.85
C GLN B 91 8.61 -18.52 -4.02
N LYS B 92 7.87 -18.07 -2.98
CA LYS B 92 7.11 -18.96 -2.06
C LYS B 92 5.64 -19.07 -2.52
N GLY A 1 -5.41 31.87 26.20
CA GLY A 1 -5.26 30.66 25.37
C GLY A 1 -3.83 30.11 25.42
N SER A 2 -3.69 28.82 25.12
CA SER A 2 -2.39 28.11 25.10
C SER A 2 -2.44 27.06 23.98
N MET A 3 -1.35 26.98 23.17
CA MET A 3 -1.29 26.10 21.99
C MET A 3 -1.05 24.63 22.45
N ASN A 4 -1.69 23.68 21.75
CA ASN A 4 -1.68 22.23 22.09
C ASN A 4 -0.45 21.54 21.44
N GLN A 5 -0.50 20.20 21.30
CA GLN A 5 0.52 19.40 20.56
C GLN A 5 0.71 19.89 19.09
N PRO A 6 1.92 19.66 18.46
CA PRO A 6 2.18 20.02 17.04
C PRO A 6 1.31 19.20 16.05
N GLN A 7 1.33 19.65 14.78
CA GLN A 7 0.44 19.13 13.72
C GLN A 7 1.03 17.87 13.09
N ARG A 8 0.29 17.31 12.09
CA ARG A 8 0.72 16.16 11.26
C ARG A 8 0.68 14.83 12.04
N MET A 9 1.07 13.73 11.37
CA MET A 9 1.16 12.39 11.98
C MET A 9 2.28 12.37 13.07
N ALA A 10 1.93 11.86 14.26
CA ALA A 10 2.85 11.80 15.41
C ALA A 10 3.95 10.73 15.19
N PRO A 11 5.24 11.06 15.58
CA PRO A 11 6.40 10.12 15.44
C PRO A 11 6.34 8.91 16.42
N VAL A 12 5.25 8.82 17.22
CA VAL A 12 5.03 7.74 18.20
C VAL A 12 5.01 6.33 17.57
N GLY A 13 4.78 6.27 16.24
CA GLY A 13 4.65 5.00 15.53
C GLY A 13 3.19 4.67 15.28
N THR A 14 2.41 4.50 16.36
CA THR A 14 1.00 4.07 16.30
C THR A 14 0.14 4.98 15.38
N ASP A 15 0.11 6.30 15.72
CA ASP A 15 -0.66 7.33 14.99
C ASP A 15 -0.36 7.32 13.49
N LYS A 16 0.95 7.37 13.14
CA LYS A 16 1.37 7.48 11.73
C LYS A 16 1.08 6.18 10.97
N GLU A 17 1.26 5.02 11.64
CA GLU A 17 1.02 3.70 11.04
C GLU A 17 -0.46 3.62 10.57
N LEU A 18 -1.39 3.79 11.52
CA LEU A 18 -2.85 3.67 11.28
C LEU A 18 -3.36 4.77 10.32
N SER A 19 -2.70 5.96 10.36
CA SER A 19 -3.08 7.13 9.54
C SER A 19 -2.82 6.85 8.05
N ASP A 20 -1.62 6.30 7.78
CA ASP A 20 -1.21 5.88 6.44
C ASP A 20 -2.03 4.65 5.99
N LEU A 21 -2.30 3.73 6.94
CA LEU A 21 -3.14 2.52 6.68
C LEU A 21 -4.51 2.90 6.14
N LEU A 22 -5.10 3.95 6.73
CA LEU A 22 -6.39 4.52 6.30
C LEU A 22 -6.30 5.04 4.86
N ASP A 23 -5.24 5.82 4.58
CA ASP A 23 -4.98 6.41 3.26
C ASP A 23 -4.89 5.32 2.17
N PHE A 24 -4.21 4.22 2.49
CA PHE A 24 -4.02 3.11 1.57
C PHE A 24 -5.34 2.31 1.42
N SER A 25 -6.02 2.10 2.55
CA SER A 25 -7.31 1.38 2.62
C SER A 25 -8.38 2.05 1.72
N MET A 26 -8.32 3.39 1.61
CA MET A 26 -9.25 4.16 0.78
C MET A 26 -8.73 4.28 -0.69
N MET A 27 -7.39 4.09 -0.89
CA MET A 27 -6.74 4.14 -2.23
C MET A 27 -7.18 2.95 -3.11
N PHE A 28 -7.26 1.75 -2.48
CA PHE A 28 -7.62 0.49 -3.17
C PHE A 28 -8.87 -0.16 -2.54
N PRO A 29 -9.58 -1.08 -3.29
CA PRO A 29 -10.66 -1.90 -2.71
C PRO A 29 -10.08 -3.05 -1.80
N LEU A 30 -9.78 -4.24 -2.40
CA LEU A 30 -9.38 -5.47 -1.68
C LEU A 30 -10.48 -5.97 -0.68
N PRO A 31 -10.50 -7.30 -0.33
CA PRO A 31 -11.45 -7.81 0.69
C PRO A 31 -11.09 -7.30 2.09
N VAL A 32 -12.13 -7.19 2.95
CA VAL A 32 -11.98 -6.73 4.33
C VAL A 32 -11.32 -7.85 5.17
N THR A 33 -9.98 -7.84 5.15
CA THR A 33 -9.14 -8.81 5.86
C THR A 33 -8.88 -8.31 7.29
N ASN A 34 -9.81 -8.66 8.20
CA ASN A 34 -9.84 -8.19 9.60
C ASN A 34 -8.78 -8.89 10.46
N GLY A 35 -8.29 -10.05 9.98
CA GLY A 35 -7.40 -10.90 10.76
C GLY A 35 -8.21 -11.79 11.69
N LYS A 36 -8.72 -12.91 11.10
CA LYS A 36 -9.67 -13.86 11.75
C LYS A 36 -11.09 -13.21 11.82
N GLY A 37 -12.10 -13.96 12.34
CA GLY A 37 -13.48 -13.48 12.45
C GLY A 37 -13.64 -12.34 13.46
N ARG A 38 -13.29 -11.12 13.01
CA ARG A 38 -13.31 -9.90 13.84
C ARG A 38 -14.08 -8.76 13.13
N PRO A 39 -14.62 -7.74 13.88
CA PRO A 39 -15.21 -6.51 13.29
C PRO A 39 -14.21 -5.71 12.45
N GLY B 1 -15.16 6.90 -13.46
CA GLY B 1 -15.94 7.57 -12.43
C GLY B 1 -17.24 8.19 -12.94
N SER B 2 -17.58 7.92 -14.23
CA SER B 2 -18.82 8.41 -14.87
C SER B 2 -19.86 7.28 -14.99
N ALA B 3 -19.64 6.19 -14.22
CA ALA B 3 -20.54 5.00 -14.14
C ALA B 3 -20.64 4.25 -15.48
N THR B 4 -19.57 4.35 -16.28
CA THR B 4 -19.48 3.73 -17.62
C THR B 4 -18.61 2.44 -17.58
N GLN B 5 -18.28 2.00 -16.36
CA GLN B 5 -17.43 0.83 -16.09
C GLN B 5 -18.25 -0.26 -15.41
N SER B 6 -17.86 -1.52 -15.66
CA SER B 6 -18.35 -2.68 -14.91
C SER B 6 -17.69 -2.69 -13.51
N PRO B 7 -18.45 -2.97 -12.39
CA PRO B 7 -17.99 -2.77 -10.98
C PRO B 7 -16.64 -3.43 -10.65
N GLY B 8 -16.43 -4.66 -11.17
CA GLY B 8 -15.20 -5.43 -10.95
C GLY B 8 -13.99 -4.79 -11.61
N ASP B 9 -14.17 -4.31 -12.86
CA ASP B 9 -13.09 -3.66 -13.63
C ASP B 9 -12.85 -2.23 -13.12
N SER B 10 -13.91 -1.57 -12.64
CA SER B 10 -13.84 -0.21 -12.06
C SER B 10 -12.88 -0.19 -10.86
N ARG B 11 -13.10 -1.15 -9.93
CA ARG B 11 -12.27 -1.31 -8.74
C ARG B 11 -10.91 -1.97 -9.11
N ARG B 12 -10.83 -2.56 -10.33
CA ARG B 12 -9.58 -3.10 -10.87
C ARG B 12 -8.64 -1.94 -11.25
N LEU B 13 -9.18 -0.82 -11.81
CA LEU B 13 -8.35 0.39 -12.06
C LEU B 13 -7.85 0.92 -10.70
N SER B 14 -8.75 1.00 -9.72
CA SER B 14 -8.43 1.47 -8.36
C SER B 14 -7.30 0.63 -7.69
N ILE B 15 -7.42 -0.71 -7.83
CA ILE B 15 -6.47 -1.67 -7.21
C ILE B 15 -5.11 -1.59 -7.96
N GLN B 16 -5.16 -1.32 -9.28
CA GLN B 16 -3.96 -1.12 -10.11
C GLN B 16 -3.23 0.16 -9.69
N ARG B 17 -3.97 1.25 -9.38
CA ARG B 17 -3.38 2.55 -8.94
C ARG B 17 -2.49 2.34 -7.71
N ALA B 18 -3.02 1.54 -6.76
CA ALA B 18 -2.31 1.15 -5.53
C ALA B 18 -0.99 0.42 -5.81
N ILE B 19 -1.03 -0.55 -6.75
CA ILE B 19 0.15 -1.31 -7.18
C ILE B 19 1.17 -0.39 -7.88
N GLN B 20 0.65 0.52 -8.72
CA GLN B 20 1.44 1.51 -9.46
C GLN B 20 2.12 2.49 -8.50
N SER B 21 1.43 2.85 -7.40
CA SER B 21 1.96 3.76 -6.36
C SER B 21 3.05 3.05 -5.52
N LEU B 22 2.86 1.73 -5.31
CA LEU B 22 3.79 0.90 -4.53
C LEU B 22 5.14 0.76 -5.27
N VAL B 23 5.08 0.41 -6.58
CA VAL B 23 6.28 0.28 -7.44
C VAL B 23 6.88 1.67 -7.76
N HIS B 24 5.99 2.69 -7.83
CA HIS B 24 6.37 4.11 -8.08
C HIS B 24 7.36 4.54 -7.00
N ALA B 25 6.87 4.61 -5.75
CA ALA B 25 7.64 5.08 -4.59
C ALA B 25 8.85 4.18 -4.27
N ALA B 26 8.74 2.89 -4.62
CA ALA B 26 9.85 1.92 -4.47
C ALA B 26 11.08 2.32 -5.32
N GLN B 27 10.81 2.88 -6.52
CA GLN B 27 11.85 3.33 -7.48
C GLN B 27 12.09 4.87 -7.43
N CYS B 28 11.05 5.63 -7.03
CA CYS B 28 10.98 7.10 -7.20
C CYS B 28 11.38 7.80 -5.90
N ARG B 29 12.65 7.62 -5.51
CA ARG B 29 13.21 8.22 -4.28
C ARG B 29 13.28 9.76 -4.36
N ASN B 30 13.29 10.28 -5.62
CA ASN B 30 13.55 11.70 -5.95
C ASN B 30 12.48 12.66 -5.40
N ALA B 31 12.86 13.96 -5.31
CA ALA B 31 12.04 15.03 -4.73
C ALA B 31 11.42 15.95 -5.80
N ASN B 32 11.90 15.87 -7.06
CA ASN B 32 11.33 16.67 -8.18
C ASN B 32 9.86 16.30 -8.42
N CYS B 33 9.60 15.00 -8.39
CA CYS B 33 8.25 14.45 -8.31
C CYS B 33 7.83 14.44 -6.82
N SER B 34 6.95 15.40 -6.44
CA SER B 34 6.67 15.74 -5.04
C SER B 34 5.16 15.75 -4.74
N LEU B 35 4.37 14.89 -5.43
CA LEU B 35 2.93 14.73 -5.10
C LEU B 35 2.77 13.99 -3.74
N PRO B 36 1.63 14.23 -2.98
CA PRO B 36 1.40 13.65 -1.63
C PRO B 36 1.47 12.10 -1.59
N SER B 37 0.84 11.45 -2.60
CA SER B 37 0.80 9.97 -2.71
C SER B 37 2.21 9.36 -2.77
N CYS B 38 3.10 10.07 -3.48
CA CYS B 38 4.50 9.66 -3.68
C CYS B 38 5.25 9.63 -2.35
N GLN B 39 5.06 10.71 -1.56
CA GLN B 39 5.77 10.94 -0.29
C GLN B 39 5.33 9.97 0.82
N LYS B 40 4.01 9.80 0.99
CA LYS B 40 3.43 8.88 1.99
C LYS B 40 3.76 7.42 1.66
N MET B 41 3.65 7.08 0.36
CA MET B 41 3.97 5.73 -0.10
C MET B 41 5.47 5.47 0.05
N LYS B 42 6.30 6.52 -0.13
CA LYS B 42 7.76 6.44 0.10
C LYS B 42 8.10 6.14 1.56
N ARG B 43 7.37 6.78 2.49
CA ARG B 43 7.64 6.61 3.94
C ARG B 43 7.38 5.14 4.33
N VAL B 44 6.29 4.58 3.79
CA VAL B 44 5.85 3.22 4.13
C VAL B 44 6.62 2.14 3.33
N VAL B 45 6.96 2.41 2.05
CA VAL B 45 7.60 1.40 1.16
C VAL B 45 9.06 1.13 1.59
N GLN B 46 9.76 2.19 2.03
CA GLN B 46 11.12 2.06 2.57
C GLN B 46 11.03 1.42 3.99
N HIS B 47 9.96 1.78 4.74
CA HIS B 47 9.60 1.12 6.00
C HIS B 47 9.43 -0.40 5.80
N THR B 48 8.68 -0.84 4.75
CA THR B 48 8.32 -2.26 4.54
C THR B 48 9.59 -3.10 4.26
N LYS B 49 10.57 -2.48 3.57
CA LYS B 49 11.87 -3.10 3.27
C LYS B 49 12.67 -3.34 4.57
N GLY B 50 12.58 -2.39 5.52
CA GLY B 50 13.24 -2.51 6.83
C GLY B 50 12.30 -2.96 7.95
N CYS B 51 11.20 -3.66 7.58
CA CYS B 51 10.13 -4.06 8.51
C CYS B 51 9.97 -5.59 8.52
N LYS B 52 10.59 -6.25 9.51
CA LYS B 52 10.38 -7.68 9.77
C LYS B 52 9.05 -7.90 10.51
N ARG B 53 8.60 -6.85 11.25
CA ARG B 53 7.37 -6.87 12.09
C ARG B 53 6.09 -7.30 11.31
N LYS B 54 6.13 -7.25 9.97
CA LYS B 54 5.01 -7.69 9.12
C LYS B 54 4.66 -9.18 9.36
N THR B 55 5.71 -10.00 9.52
CA THR B 55 5.59 -11.42 9.90
C THR B 55 5.88 -11.61 11.40
N ASN B 56 6.73 -10.70 11.94
CA ASN B 56 7.25 -10.77 13.31
C ASN B 56 6.34 -9.95 14.24
N GLY B 57 5.08 -10.38 14.34
CA GLY B 57 4.06 -9.72 15.17
C GLY B 57 2.74 -9.62 14.43
N GLY B 58 2.75 -8.86 13.33
CA GLY B 58 1.58 -8.65 12.47
C GLY B 58 1.31 -7.17 12.19
N CYS B 59 2.29 -6.51 11.51
CA CYS B 59 2.21 -5.09 11.11
C CYS B 59 1.13 -4.90 10.00
N PRO B 60 -0.08 -4.34 10.35
CA PRO B 60 -1.27 -4.36 9.45
C PRO B 60 -1.12 -3.52 8.17
N ILE B 61 -0.22 -2.52 8.24
CA ILE B 61 0.07 -1.59 7.13
C ILE B 61 0.69 -2.37 5.96
N CYS B 62 1.69 -3.18 6.32
CA CYS B 62 2.41 -4.06 5.39
C CYS B 62 1.57 -5.29 5.00
N LYS B 63 0.54 -5.60 5.81
CA LYS B 63 -0.46 -6.65 5.50
C LYS B 63 -1.32 -6.19 4.31
N GLN B 64 -1.68 -4.89 4.29
CA GLN B 64 -2.37 -4.28 3.15
C GLN B 64 -1.45 -4.30 1.90
N LEU B 65 -0.20 -3.83 2.07
CA LEU B 65 0.73 -3.65 0.94
C LEU B 65 1.17 -4.99 0.32
N ILE B 66 1.24 -6.06 1.14
CA ILE B 66 1.53 -7.41 0.65
C ILE B 66 0.31 -7.99 -0.08
N ALA B 67 -0.90 -7.53 0.30
CA ALA B 67 -2.15 -7.95 -0.36
C ALA B 67 -2.23 -7.47 -1.83
N LEU B 68 -1.80 -6.19 -2.10
CA LEU B 68 -1.66 -5.71 -3.51
C LEU B 68 -0.62 -6.58 -4.22
N ALA B 69 0.54 -6.71 -3.58
CA ALA B 69 1.73 -7.37 -4.15
C ALA B 69 1.52 -8.87 -4.38
N ALA B 70 0.61 -9.49 -3.59
CA ALA B 70 0.29 -10.92 -3.70
C ALA B 70 -0.56 -11.19 -4.93
N TYR B 71 -1.70 -10.48 -5.00
CA TYR B 71 -2.63 -10.51 -6.16
C TYR B 71 -1.87 -10.18 -7.47
N HIS B 72 -1.03 -9.13 -7.38
CA HIS B 72 -0.16 -8.66 -8.48
C HIS B 72 0.85 -9.76 -8.87
N ALA B 73 1.46 -10.43 -7.86
CA ALA B 73 2.47 -11.47 -8.07
C ALA B 73 1.89 -12.73 -8.74
N LYS B 74 0.56 -12.96 -8.56
CA LYS B 74 -0.14 -14.11 -9.17
C LYS B 74 -0.08 -14.08 -10.71
N HIS B 75 -0.03 -12.86 -11.28
CA HIS B 75 0.04 -12.64 -12.74
C HIS B 75 1.40 -12.06 -13.16
N CYS B 76 2.28 -11.79 -12.18
CA CYS B 76 3.61 -11.18 -12.39
C CYS B 76 4.71 -12.24 -12.18
N GLN B 77 5.33 -12.66 -13.29
CA GLN B 77 6.32 -13.77 -13.33
C GLN B 77 7.77 -13.24 -13.35
N GLU B 78 7.94 -11.90 -13.33
CA GLU B 78 9.25 -11.24 -13.34
C GLU B 78 9.97 -11.41 -11.98
N ASN B 79 11.24 -11.82 -12.05
CA ASN B 79 12.12 -11.98 -10.87
C ASN B 79 12.85 -10.64 -10.56
N LYS B 80 12.82 -9.72 -11.54
CA LYS B 80 13.50 -8.42 -11.48
C LYS B 80 12.46 -7.31 -11.20
N CYS B 81 11.59 -7.57 -10.22
CA CYS B 81 10.47 -6.68 -9.87
C CYS B 81 10.87 -5.77 -8.70
N PRO B 82 10.62 -4.41 -8.79
CA PRO B 82 11.03 -3.40 -7.76
C PRO B 82 10.57 -3.74 -6.32
N VAL B 83 9.32 -4.22 -6.21
CA VAL B 83 8.64 -4.43 -4.92
C VAL B 83 9.10 -5.76 -4.24
N PRO B 84 9.59 -5.69 -2.94
CA PRO B 84 10.22 -6.84 -2.25
C PRO B 84 9.25 -8.00 -1.99
N PHE B 85 8.00 -7.67 -1.58
CA PHE B 85 6.95 -8.66 -1.23
C PHE B 85 6.77 -9.64 -2.40
N CYS B 86 6.50 -9.06 -3.57
CA CYS B 86 6.17 -9.77 -4.82
C CYS B 86 7.19 -10.86 -5.13
N LEU B 87 8.49 -10.55 -4.91
CA LEU B 87 9.60 -11.51 -5.12
C LEU B 87 9.44 -12.72 -4.20
N ASN B 88 9.35 -12.47 -2.88
CA ASN B 88 9.22 -13.53 -1.86
C ASN B 88 7.97 -14.42 -2.10
N ILE B 89 6.95 -13.83 -2.71
CA ILE B 89 5.67 -14.51 -3.00
C ILE B 89 5.82 -15.45 -4.23
N LYS B 90 6.53 -15.00 -5.27
CA LYS B 90 6.68 -15.80 -6.53
C LYS B 90 7.96 -16.66 -6.52
N GLN B 91 8.75 -16.59 -5.44
CA GLN B 91 10.00 -17.37 -5.28
C GLN B 91 9.87 -18.42 -4.17
N LYS B 92 9.29 -18.01 -3.03
CA LYS B 92 9.15 -18.87 -1.83
C LYS B 92 7.68 -19.33 -1.70
N GLY A 1 5.46 31.82 15.53
CA GLY A 1 6.41 31.64 14.40
C GLY A 1 5.72 31.83 13.05
N SER A 2 4.87 30.84 12.68
CA SER A 2 4.15 30.80 11.39
C SER A 2 5.16 30.68 10.21
N MET A 3 5.70 29.45 10.03
CA MET A 3 6.69 29.14 8.99
C MET A 3 6.02 28.62 7.70
N ASN A 4 4.71 28.26 7.83
CA ASN A 4 3.89 27.66 6.75
C ASN A 4 4.48 26.29 6.33
N GLN A 5 5.12 25.63 7.31
CA GLN A 5 5.86 24.37 7.13
C GLN A 5 4.92 23.20 6.69
N PRO A 6 5.45 22.16 5.98
CA PRO A 6 4.63 21.00 5.51
C PRO A 6 4.17 20.08 6.67
N GLN A 7 3.52 18.96 6.31
CA GLN A 7 2.97 17.97 7.27
C GLN A 7 4.07 17.48 8.25
N ARG A 8 3.99 17.96 9.49
CA ARG A 8 4.96 17.64 10.55
C ARG A 8 4.56 16.28 11.17
N MET A 9 5.41 15.26 10.95
CA MET A 9 5.19 13.91 11.48
C MET A 9 5.81 13.76 12.89
N ALA A 10 5.26 12.83 13.69
CA ALA A 10 5.82 12.46 14.99
C ALA A 10 6.70 11.20 14.82
N PRO A 11 7.86 11.10 15.53
CA PRO A 11 8.76 9.92 15.46
C PRO A 11 8.27 8.72 16.32
N VAL A 12 6.99 8.77 16.73
CA VAL A 12 6.32 7.71 17.50
C VAL A 12 6.16 6.41 16.68
N GLY A 13 6.03 6.56 15.34
CA GLY A 13 5.77 5.43 14.46
C GLY A 13 4.28 5.17 14.31
N THR A 14 3.64 4.76 15.42
CA THR A 14 2.23 4.28 15.47
C THR A 14 1.23 5.21 14.73
N ASP A 15 1.23 6.50 15.10
CA ASP A 15 0.32 7.53 14.54
C ASP A 15 0.41 7.63 13.02
N LYS A 16 1.64 7.72 12.50
CA LYS A 16 1.86 7.91 11.05
C LYS A 16 1.58 6.60 10.29
N GLU A 17 1.88 5.45 10.94
CA GLU A 17 1.61 4.11 10.40
C GLU A 17 0.11 3.94 10.12
N LEU A 18 -0.71 4.20 11.16
CA LEU A 18 -2.18 3.95 11.11
C LEU A 18 -2.90 5.01 10.25
N SER A 19 -2.35 6.24 10.22
CA SER A 19 -2.91 7.35 9.41
C SER A 19 -2.69 7.08 7.91
N ASP A 20 -1.49 6.57 7.60
CA ASP A 20 -1.12 6.12 6.25
C ASP A 20 -1.96 4.91 5.85
N LEU A 21 -2.10 3.93 6.80
CA LEU A 21 -2.92 2.71 6.61
C LEU A 21 -4.33 3.05 6.16
N LEU A 22 -4.93 4.04 6.84
CA LEU A 22 -6.29 4.53 6.56
C LEU A 22 -6.40 5.03 5.11
N ASP A 23 -5.47 5.93 4.73
CA ASP A 23 -5.40 6.51 3.37
C ASP A 23 -5.27 5.44 2.29
N PHE A 24 -4.46 4.41 2.57
CA PHE A 24 -4.22 3.31 1.64
C PHE A 24 -5.46 2.42 1.52
N SER A 25 -6.07 2.08 2.68
CA SER A 25 -7.26 1.22 2.75
C SER A 25 -8.42 1.77 1.88
N MET A 26 -8.51 3.12 1.81
CA MET A 26 -9.52 3.80 0.96
C MET A 26 -8.99 4.05 -0.48
N MET A 27 -7.64 4.10 -0.67
CA MET A 27 -7.05 4.44 -1.99
C MET A 27 -7.23 3.27 -2.97
N PHE A 28 -7.24 2.03 -2.44
CA PHE A 28 -7.51 0.82 -3.22
C PHE A 28 -8.86 0.19 -2.79
N PRO A 29 -9.60 -0.44 -3.74
CA PRO A 29 -10.91 -1.08 -3.47
C PRO A 29 -10.80 -2.55 -3.00
N LEU A 30 -9.69 -2.89 -2.35
CA LEU A 30 -9.52 -4.20 -1.69
C LEU A 30 -10.52 -4.36 -0.52
N PRO A 31 -11.02 -5.61 -0.26
CA PRO A 31 -12.01 -5.86 0.82
C PRO A 31 -11.43 -5.63 2.23
N VAL A 32 -12.35 -5.46 3.20
CA VAL A 32 -12.00 -5.24 4.60
C VAL A 32 -11.27 -6.49 5.17
N THR A 33 -9.98 -6.30 5.47
CA THR A 33 -9.09 -7.34 6.02
C THR A 33 -8.66 -6.97 7.45
N ASN A 34 -9.45 -6.09 8.09
CA ASN A 34 -9.23 -5.61 9.46
C ASN A 34 -10.59 -5.54 10.18
N GLY A 35 -10.87 -6.57 11.02
CA GLY A 35 -12.10 -6.61 11.80
C GLY A 35 -12.07 -5.63 12.95
N LYS A 36 -11.61 -6.12 14.14
CA LYS A 36 -11.43 -5.33 15.39
C LYS A 36 -12.78 -4.85 15.98
N GLY A 37 -13.41 -3.88 15.31
CA GLY A 37 -14.68 -3.29 15.73
C GLY A 37 -14.60 -1.79 15.77
N ARG A 38 -13.53 -1.29 16.42
CA ARG A 38 -13.24 0.16 16.57
C ARG A 38 -11.82 0.45 16.04
N PRO A 39 -11.66 1.25 14.93
CA PRO A 39 -10.32 1.61 14.36
C PRO A 39 -9.44 2.37 15.35
N GLY B 1 -21.46 10.80 -20.39
CA GLY B 1 -20.64 11.80 -19.73
C GLY B 1 -20.16 11.35 -18.35
N SER B 2 -19.95 10.03 -18.19
CA SER B 2 -19.49 9.44 -16.91
C SER B 2 -18.34 8.45 -17.17
N ALA B 3 -18.52 7.58 -18.19
CA ALA B 3 -17.55 6.55 -18.63
C ALA B 3 -17.27 5.53 -17.50
N THR B 4 -17.86 4.33 -17.59
CA THR B 4 -17.79 3.32 -16.53
C THR B 4 -17.76 1.92 -17.16
N GLN B 5 -17.51 0.92 -16.32
CA GLN B 5 -17.39 -0.50 -16.71
C GLN B 5 -17.96 -1.40 -15.61
N SER B 6 -17.92 -2.73 -15.84
CA SER B 6 -18.36 -3.74 -14.85
C SER B 6 -17.62 -3.56 -13.51
N PRO B 7 -18.30 -3.74 -12.33
CA PRO B 7 -17.72 -3.41 -10.98
C PRO B 7 -16.36 -4.08 -10.70
N GLY B 8 -16.20 -5.32 -11.18
CA GLY B 8 -14.95 -6.08 -11.04
C GLY B 8 -13.81 -5.49 -11.87
N ASP B 9 -14.13 -5.06 -13.10
CA ASP B 9 -13.16 -4.43 -14.03
C ASP B 9 -12.86 -2.99 -13.60
N SER B 10 -13.85 -2.33 -12.98
CA SER B 10 -13.75 -0.93 -12.53
C SER B 10 -12.75 -0.83 -11.36
N ARG B 11 -12.98 -1.70 -10.37
CA ARG B 11 -12.11 -1.83 -9.20
C ARG B 11 -10.73 -2.37 -9.61
N ARG B 12 -10.67 -3.09 -10.77
CA ARG B 12 -9.40 -3.59 -11.33
C ARG B 12 -8.48 -2.42 -11.68
N LEU B 13 -9.00 -1.38 -12.37
CA LEU B 13 -8.18 -0.20 -12.72
C LEU B 13 -7.69 0.50 -11.44
N SER B 14 -8.62 0.73 -10.49
CA SER B 14 -8.33 1.41 -9.22
C SER B 14 -7.24 0.67 -8.38
N ILE B 15 -7.33 -0.67 -8.34
CA ILE B 15 -6.45 -1.52 -7.52
C ILE B 15 -5.04 -1.59 -8.16
N GLN B 16 -5.00 -1.59 -9.52
CA GLN B 16 -3.74 -1.55 -10.28
C GLN B 16 -3.03 -0.20 -10.08
N ARG B 17 -3.80 0.91 -10.01
CA ARG B 17 -3.26 2.27 -9.76
C ARG B 17 -2.54 2.34 -8.40
N ALA B 18 -3.11 1.66 -7.40
CA ALA B 18 -2.51 1.53 -6.05
C ALA B 18 -1.17 0.78 -6.11
N ILE B 19 -1.12 -0.29 -6.94
CA ILE B 19 0.12 -1.05 -7.19
C ILE B 19 1.16 -0.19 -7.92
N GLN B 20 0.70 0.60 -8.90
CA GLN B 20 1.56 1.49 -9.72
C GLN B 20 2.15 2.63 -8.88
N SER B 21 1.44 3.01 -7.81
CA SER B 21 1.93 3.99 -6.81
C SER B 21 3.00 3.35 -5.91
N LEU B 22 2.78 2.06 -5.58
CA LEU B 22 3.67 1.26 -4.71
C LEU B 22 5.02 0.97 -5.41
N VAL B 23 4.95 0.57 -6.70
CA VAL B 23 6.15 0.28 -7.53
C VAL B 23 6.87 1.59 -7.90
N HIS B 24 6.09 2.68 -8.04
CA HIS B 24 6.62 4.03 -8.32
C HIS B 24 7.61 4.41 -7.23
N ALA B 25 7.11 4.56 -6.00
CA ALA B 25 7.90 4.99 -4.83
C ALA B 25 8.99 3.98 -4.42
N ALA B 26 8.80 2.70 -4.77
CA ALA B 26 9.82 1.64 -4.59
C ALA B 26 11.09 1.98 -5.41
N GLN B 27 10.89 2.45 -6.65
CA GLN B 27 11.97 2.90 -7.56
C GLN B 27 12.30 4.39 -7.37
N CYS B 28 11.34 5.14 -6.82
CA CYS B 28 11.41 6.60 -6.68
C CYS B 28 11.66 6.99 -5.22
N ARG B 29 12.94 7.22 -4.87
CA ARG B 29 13.35 7.69 -3.53
C ARG B 29 13.78 9.17 -3.63
N ASN B 30 12.94 9.97 -4.30
CA ASN B 30 13.27 11.36 -4.70
C ASN B 30 12.67 12.39 -3.73
N ALA B 31 12.92 13.68 -4.04
CA ALA B 31 12.33 14.82 -3.32
C ALA B 31 11.55 15.75 -4.27
N ASN B 32 11.73 15.60 -5.60
CA ASN B 32 11.08 16.48 -6.62
C ASN B 32 9.57 16.26 -6.68
N CYS B 33 9.14 15.01 -6.45
CA CYS B 33 7.73 14.66 -6.28
C CYS B 33 7.16 15.36 -5.03
N SER B 34 6.31 16.38 -5.24
CA SER B 34 5.68 17.13 -4.13
C SER B 34 4.24 16.65 -3.87
N LEU B 35 3.82 15.56 -4.55
CA LEU B 35 2.46 15.00 -4.39
C LEU B 35 2.35 14.12 -3.12
N PRO B 36 1.12 14.03 -2.50
CA PRO B 36 0.90 13.25 -1.25
C PRO B 36 1.16 11.74 -1.44
N SER B 37 0.63 11.15 -2.53
CA SER B 37 0.66 9.69 -2.77
C SER B 37 2.09 9.14 -2.80
N CYS B 38 3.02 9.90 -3.43
CA CYS B 38 4.42 9.47 -3.56
C CYS B 38 5.15 9.56 -2.22
N GLN B 39 4.88 10.65 -1.46
CA GLN B 39 5.53 10.89 -0.15
C GLN B 39 5.11 9.85 0.91
N LYS B 40 3.80 9.59 0.96
CA LYS B 40 3.21 8.63 1.90
C LYS B 40 3.59 7.20 1.55
N MET B 41 3.69 6.91 0.24
CA MET B 41 4.13 5.60 -0.22
C MET B 41 5.62 5.44 0.07
N LYS B 42 6.46 6.49 -0.17
CA LYS B 42 7.92 6.45 0.14
C LYS B 42 8.15 6.20 1.64
N ARG B 43 7.26 6.77 2.46
CA ARG B 43 7.25 6.56 3.91
C ARG B 43 7.18 5.05 4.22
N VAL B 44 6.12 4.43 3.73
CA VAL B 44 5.79 3.04 4.08
C VAL B 44 6.62 2.01 3.28
N VAL B 45 6.94 2.29 2.00
CA VAL B 45 7.61 1.33 1.09
C VAL B 45 9.09 1.13 1.49
N GLN B 46 9.77 2.24 1.87
CA GLN B 46 11.16 2.17 2.37
C GLN B 46 11.15 1.62 3.81
N HIS B 47 10.05 1.91 4.55
CA HIS B 47 9.76 1.29 5.86
C HIS B 47 9.72 -0.25 5.73
N THR B 48 8.94 -0.79 4.74
CA THR B 48 8.70 -2.25 4.62
C THR B 48 10.01 -3.00 4.33
N LYS B 49 10.88 -2.35 3.54
CA LYS B 49 12.22 -2.88 3.21
C LYS B 49 13.08 -3.04 4.49
N GLY B 50 12.98 -2.05 5.42
CA GLY B 50 13.70 -2.11 6.71
C GLY B 50 12.85 -2.67 7.85
N CYS B 51 11.65 -3.19 7.54
CA CYS B 51 10.68 -3.69 8.54
C CYS B 51 10.58 -5.21 8.46
N LYS B 52 11.14 -5.89 9.46
CA LYS B 52 11.06 -7.36 9.60
C LYS B 52 9.81 -7.77 10.39
N ARG B 53 9.22 -6.80 11.13
CA ARG B 53 7.99 -7.01 11.91
C ARG B 53 6.78 -7.44 11.02
N LYS B 54 6.91 -7.25 9.69
CA LYS B 54 5.89 -7.67 8.72
C LYS B 54 5.84 -9.21 8.60
N THR B 55 7.03 -9.85 8.58
CA THR B 55 7.15 -11.32 8.46
C THR B 55 7.01 -11.97 9.86
N ASN B 56 7.22 -11.16 10.91
CA ASN B 56 6.93 -11.51 12.31
C ASN B 56 5.40 -11.44 12.56
N GLY B 57 4.70 -10.62 11.76
CA GLY B 57 3.23 -10.64 11.68
C GLY B 57 2.52 -9.42 12.28
N GLY B 58 3.22 -8.66 13.14
CA GLY B 58 2.59 -7.57 13.91
C GLY B 58 2.72 -6.19 13.27
N CYS B 59 2.36 -6.06 11.99
CA CYS B 59 2.44 -4.79 11.25
C CYS B 59 1.37 -4.74 10.11
N PRO B 60 0.13 -4.22 10.41
CA PRO B 60 -1.03 -4.26 9.45
C PRO B 60 -0.84 -3.38 8.19
N ILE B 61 0.07 -2.40 8.29
CA ILE B 61 0.39 -1.47 7.18
C ILE B 61 1.06 -2.25 6.03
N CYS B 62 1.97 -3.13 6.44
CA CYS B 62 2.67 -4.05 5.54
C CYS B 62 1.76 -5.20 5.06
N LYS B 63 0.68 -5.49 5.84
CA LYS B 63 -0.34 -6.51 5.48
C LYS B 63 -1.14 -6.08 4.24
N GLN B 64 -1.61 -4.82 4.24
CA GLN B 64 -2.35 -4.27 3.08
C GLN B 64 -1.44 -4.15 1.85
N LEU B 65 -0.16 -3.71 2.04
CA LEU B 65 0.79 -3.60 0.91
C LEU B 65 1.09 -4.97 0.26
N ILE B 66 1.23 -6.03 1.08
CA ILE B 66 1.49 -7.39 0.58
C ILE B 66 0.20 -7.98 -0.06
N ALA B 67 -0.97 -7.41 0.29
CA ALA B 67 -2.26 -7.78 -0.33
C ALA B 67 -2.34 -7.33 -1.81
N LEU B 68 -1.89 -6.07 -2.11
CA LEU B 68 -1.73 -5.61 -3.53
C LEU B 68 -0.80 -6.57 -4.27
N ALA B 69 0.36 -6.79 -3.63
CA ALA B 69 1.48 -7.55 -4.21
C ALA B 69 1.17 -9.05 -4.37
N ALA B 70 0.25 -9.58 -3.54
CA ALA B 70 -0.17 -11.00 -3.61
C ALA B 70 -1.00 -11.24 -4.87
N TYR B 71 -2.07 -10.44 -5.00
CA TYR B 71 -2.94 -10.41 -6.19
C TYR B 71 -2.11 -10.15 -7.48
N HIS B 72 -1.16 -9.22 -7.34
CA HIS B 72 -0.24 -8.81 -8.40
C HIS B 72 0.76 -9.93 -8.76
N ALA B 73 1.20 -10.70 -7.76
CA ALA B 73 2.19 -11.80 -7.95
C ALA B 73 1.56 -13.01 -8.66
N LYS B 74 0.22 -13.11 -8.58
CA LYS B 74 -0.55 -14.17 -9.28
C LYS B 74 -0.49 -13.99 -10.80
N HIS B 75 -0.23 -12.73 -11.26
CA HIS B 75 -0.22 -12.39 -12.69
C HIS B 75 1.21 -12.06 -13.17
N CYS B 76 2.02 -11.50 -12.26
CA CYS B 76 3.43 -11.12 -12.50
C CYS B 76 4.36 -12.10 -11.74
N GLN B 77 5.02 -12.98 -12.49
CA GLN B 77 5.94 -14.00 -11.93
C GLN B 77 7.40 -13.56 -12.15
N GLU B 78 7.65 -12.24 -12.06
CA GLU B 78 8.96 -11.64 -12.37
C GLU B 78 9.79 -11.41 -11.09
N ASN B 79 11.06 -11.84 -11.15
CA ASN B 79 12.02 -11.73 -10.03
C ASN B 79 12.65 -10.33 -10.02
N LYS B 80 12.70 -9.70 -11.21
CA LYS B 80 13.22 -8.35 -11.39
C LYS B 80 12.03 -7.37 -11.26
N CYS B 81 11.51 -7.29 -10.04
CA CYS B 81 10.30 -6.48 -9.76
C CYS B 81 10.60 -5.49 -8.62
N PRO B 82 10.22 -4.17 -8.77
CA PRO B 82 10.42 -3.11 -7.75
C PRO B 82 9.87 -3.46 -6.35
N VAL B 83 8.68 -4.09 -6.32
CA VAL B 83 8.02 -4.50 -5.06
C VAL B 83 8.64 -5.82 -4.54
N PRO B 84 9.27 -5.81 -3.30
CA PRO B 84 10.00 -6.99 -2.75
C PRO B 84 9.05 -8.11 -2.30
N PHE B 85 7.81 -7.73 -1.89
CA PHE B 85 6.76 -8.67 -1.48
C PHE B 85 6.49 -9.70 -2.59
N CYS B 86 6.34 -9.17 -3.83
CA CYS B 86 6.04 -9.94 -5.06
C CYS B 86 7.00 -11.12 -5.23
N LEU B 87 8.29 -10.88 -4.94
CA LEU B 87 9.31 -11.94 -4.94
C LEU B 87 9.03 -12.93 -3.83
N ASN B 88 8.95 -12.43 -2.58
CA ASN B 88 8.80 -13.26 -1.35
C ASN B 88 7.64 -14.26 -1.46
N ILE B 89 6.61 -13.88 -2.25
CA ILE B 89 5.40 -14.68 -2.47
C ILE B 89 5.64 -15.76 -3.55
N LYS B 90 6.05 -15.34 -4.75
CA LYS B 90 6.13 -16.25 -5.93
C LYS B 90 7.46 -17.06 -5.97
N GLN B 91 8.41 -16.69 -5.09
CA GLN B 91 9.69 -17.41 -4.92
C GLN B 91 9.53 -18.45 -3.81
N LYS B 92 9.02 -17.98 -2.64
CA LYS B 92 8.89 -18.81 -1.43
C LYS B 92 7.40 -19.18 -1.24
N GLY A 1 -15.30 21.31 -2.57
CA GLY A 1 -13.96 21.09 -1.99
C GLY A 1 -13.97 19.95 -0.97
N SER A 2 -12.89 19.88 -0.17
CA SER A 2 -12.71 18.86 0.89
C SER A 2 -11.94 19.48 2.07
N MET A 3 -11.72 18.69 3.14
CA MET A 3 -10.92 19.11 4.32
C MET A 3 -9.41 19.08 3.98
N ASN A 4 -8.96 20.08 3.21
CA ASN A 4 -7.56 20.23 2.81
C ASN A 4 -6.78 20.90 3.96
N GLN A 5 -6.27 20.05 4.89
CA GLN A 5 -5.57 20.49 6.10
C GLN A 5 -4.19 19.80 6.19
N PRO A 6 -3.10 20.53 6.61
CA PRO A 6 -1.72 19.97 6.74
C PRO A 6 -1.65 18.74 7.68
N GLN A 7 -1.23 17.60 7.12
CA GLN A 7 -1.17 16.31 7.85
C GLN A 7 0.04 16.26 8.78
N ARG A 8 -0.21 15.94 10.07
CA ARG A 8 0.85 15.79 11.07
C ARG A 8 1.54 14.42 10.91
N MET A 9 2.82 14.46 10.55
CA MET A 9 3.67 13.27 10.42
C MET A 9 4.51 13.12 11.71
N ALA A 10 4.17 12.11 12.52
CA ALA A 10 4.81 11.87 13.82
C ALA A 10 5.91 10.79 13.70
N PRO A 11 7.07 10.96 14.43
CA PRO A 11 8.18 9.96 14.46
C PRO A 11 7.82 8.63 15.17
N VAL A 12 6.58 8.54 15.71
CA VAL A 12 6.06 7.38 16.46
C VAL A 12 6.15 6.05 15.67
N GLY A 13 5.95 6.12 14.34
CA GLY A 13 6.02 4.95 13.47
C GLY A 13 4.97 3.87 13.76
N THR A 14 3.77 4.29 14.20
CA THR A 14 2.63 3.39 14.44
C THR A 14 1.31 4.14 14.24
N ASP A 15 1.10 5.19 15.07
CA ASP A 15 -0.15 5.99 15.09
C ASP A 15 -0.43 6.63 13.72
N LYS A 16 0.63 7.26 13.17
CA LYS A 16 0.57 7.92 11.87
C LYS A 16 0.43 6.87 10.74
N GLU A 17 1.03 5.67 10.95
CA GLU A 17 1.02 4.57 9.96
C GLU A 17 -0.37 3.94 9.82
N LEU A 18 -1.10 3.78 10.95
CA LEU A 18 -2.44 3.16 10.96
C LEU A 18 -3.49 4.16 10.44
N SER A 19 -3.19 5.46 10.61
CA SER A 19 -3.96 6.56 10.02
C SER A 19 -3.77 6.54 8.48
N ASP A 20 -2.52 6.25 8.06
CA ASP A 20 -2.15 6.08 6.66
C ASP A 20 -2.80 4.83 6.07
N LEU A 21 -2.83 3.73 6.87
CA LEU A 21 -3.45 2.43 6.51
C LEU A 21 -4.92 2.61 6.15
N LEU A 22 -5.59 3.48 6.92
CA LEU A 22 -6.99 3.84 6.67
C LEU A 22 -7.13 4.51 5.28
N ASP A 23 -6.25 5.50 5.02
CA ASP A 23 -6.21 6.25 3.75
C ASP A 23 -5.89 5.32 2.55
N PHE A 24 -5.05 4.30 2.81
CA PHE A 24 -4.65 3.33 1.78
C PHE A 24 -5.77 2.31 1.54
N SER A 25 -6.47 1.87 2.60
CA SER A 25 -7.58 0.88 2.48
C SER A 25 -8.78 1.45 1.71
N MET A 26 -8.92 2.80 1.70
CA MET A 26 -9.89 3.48 0.82
C MET A 26 -9.27 3.84 -0.57
N MET A 27 -7.91 3.88 -0.68
CA MET A 27 -7.20 4.12 -1.98
C MET A 27 -7.44 2.93 -2.93
N PHE A 28 -7.30 1.71 -2.39
CA PHE A 28 -7.55 0.46 -3.13
C PHE A 28 -8.79 -0.25 -2.55
N PRO A 29 -9.55 -1.02 -3.39
CA PRO A 29 -10.71 -1.80 -2.91
C PRO A 29 -10.27 -3.06 -2.12
N LEU A 30 -9.83 -4.11 -2.86
CA LEU A 30 -9.47 -5.45 -2.29
C LEU A 30 -10.69 -6.15 -1.60
N PRO A 31 -10.64 -7.50 -1.34
CA PRO A 31 -11.65 -8.17 -0.46
C PRO A 31 -11.42 -7.82 1.03
N VAL A 32 -12.28 -8.35 1.93
CA VAL A 32 -12.24 -8.01 3.35
C VAL A 32 -10.99 -8.61 4.06
N THR A 33 -9.88 -7.84 4.00
CA THR A 33 -8.63 -8.17 4.70
C THR A 33 -8.67 -7.57 6.12
N ASN A 34 -9.48 -8.26 6.97
CA ASN A 34 -9.82 -7.83 8.34
C ASN A 34 -10.70 -6.57 8.30
N GLY A 35 -10.06 -5.40 8.13
CA GLY A 35 -10.76 -4.11 8.14
C GLY A 35 -11.32 -3.73 9.51
N LYS A 36 -11.98 -2.57 9.56
CA LYS A 36 -12.63 -2.05 10.78
C LYS A 36 -13.58 -0.89 10.41
N GLY A 37 -14.16 -0.24 11.43
CA GLY A 37 -15.14 0.80 11.24
C GLY A 37 -16.55 0.29 11.43
N ARG A 38 -16.70 -0.62 12.41
CA ARG A 38 -17.99 -1.22 12.78
C ARG A 38 -18.73 -0.27 13.75
N PRO A 39 -19.88 0.35 13.33
CA PRO A 39 -20.63 1.32 14.18
C PRO A 39 -21.54 0.63 15.21
N GLY B 1 -20.52 4.54 -23.78
CA GLY B 1 -21.36 4.02 -22.73
C GLY B 1 -21.11 4.69 -21.39
N SER B 2 -21.13 6.04 -21.39
CA SER B 2 -21.02 6.90 -20.17
C SER B 2 -19.65 6.75 -19.44
N ALA B 3 -19.53 7.40 -18.26
CA ALA B 3 -18.32 7.32 -17.40
C ALA B 3 -18.71 6.74 -16.02
N THR B 4 -18.55 5.42 -15.86
CA THR B 4 -18.99 4.69 -14.65
C THR B 4 -18.35 3.29 -14.57
N GLN B 5 -18.24 2.60 -15.74
CA GLN B 5 -17.83 1.19 -15.85
C GLN B 5 -18.80 0.24 -15.10
N SER B 6 -18.47 -1.04 -15.09
CA SER B 6 -19.10 -2.04 -14.20
C SER B 6 -18.35 -2.04 -12.85
N PRO B 7 -19.00 -2.46 -11.70
CA PRO B 7 -18.35 -2.49 -10.35
C PRO B 7 -16.97 -3.18 -10.36
N GLY B 8 -16.91 -4.34 -11.05
CA GLY B 8 -15.70 -5.15 -11.15
C GLY B 8 -14.58 -4.47 -11.93
N ASP B 9 -14.94 -3.79 -13.03
CA ASP B 9 -13.97 -3.06 -13.87
C ASP B 9 -13.41 -1.85 -13.12
N SER B 10 -14.31 -1.01 -12.60
CA SER B 10 -13.98 0.24 -11.85
C SER B 10 -12.96 -0.02 -10.71
N ARG B 11 -13.20 -1.11 -9.94
CA ARG B 11 -12.34 -1.50 -8.81
C ARG B 11 -11.07 -2.21 -9.29
N ARG B 12 -11.10 -2.77 -10.53
CA ARG B 12 -9.92 -3.38 -11.17
C ARG B 12 -8.86 -2.30 -11.46
N LEU B 13 -9.28 -1.17 -12.07
CA LEU B 13 -8.34 -0.07 -12.38
C LEU B 13 -7.80 0.55 -11.08
N SER B 14 -8.69 0.78 -10.09
CA SER B 14 -8.34 1.39 -8.80
C SER B 14 -7.25 0.59 -8.05
N ILE B 15 -7.39 -0.76 -8.07
CA ILE B 15 -6.47 -1.67 -7.34
C ILE B 15 -5.10 -1.73 -8.07
N GLN B 16 -5.13 -1.68 -9.43
CA GLN B 16 -3.91 -1.68 -10.26
C GLN B 16 -3.13 -0.36 -10.08
N ARG B 17 -3.87 0.74 -9.88
CA ARG B 17 -3.29 2.09 -9.67
C ARG B 17 -2.61 2.17 -8.29
N ALA B 18 -3.14 1.41 -7.32
CA ALA B 18 -2.52 1.26 -5.99
C ALA B 18 -1.18 0.50 -6.11
N ILE B 19 -1.15 -0.50 -7.02
CA ILE B 19 0.08 -1.25 -7.36
C ILE B 19 1.09 -0.33 -8.08
N GLN B 20 0.58 0.55 -8.96
CA GLN B 20 1.39 1.53 -9.70
C GLN B 20 2.03 2.54 -8.73
N SER B 21 1.31 2.86 -7.64
CA SER B 21 1.82 3.72 -6.56
C SER B 21 2.96 2.99 -5.79
N LEU B 22 2.74 1.69 -5.55
CA LEU B 22 3.66 0.83 -4.78
C LEU B 22 4.99 0.62 -5.54
N VAL B 23 4.90 0.33 -6.86
CA VAL B 23 6.07 0.10 -7.72
C VAL B 23 6.80 1.43 -7.99
N HIS B 24 6.03 2.55 -8.07
CA HIS B 24 6.59 3.89 -8.29
C HIS B 24 7.56 4.24 -7.17
N ALA B 25 7.04 4.21 -5.92
CA ALA B 25 7.81 4.57 -4.71
C ALA B 25 8.97 3.61 -4.42
N ALA B 26 8.82 2.35 -4.85
CA ALA B 26 9.90 1.33 -4.75
C ALA B 26 11.07 1.64 -5.70
N GLN B 27 10.76 2.29 -6.83
CA GLN B 27 11.77 2.78 -7.81
C GLN B 27 12.23 4.22 -7.45
N CYS B 28 11.33 4.97 -6.81
CA CYS B 28 11.45 6.42 -6.58
C CYS B 28 11.80 6.70 -5.11
N ARG B 29 13.04 7.12 -4.86
CA ARG B 29 13.51 7.52 -3.51
C ARG B 29 14.26 8.86 -3.56
N ASN B 30 13.90 9.68 -4.56
CA ASN B 30 14.44 11.06 -4.73
C ASN B 30 13.48 12.10 -4.12
N ALA B 31 13.94 13.37 -4.09
CA ALA B 31 13.20 14.51 -3.54
C ALA B 31 12.68 15.47 -4.63
N ASN B 32 13.19 15.34 -5.87
CA ASN B 32 12.77 16.21 -6.99
C ASN B 32 11.34 15.87 -7.47
N CYS B 33 10.96 14.60 -7.31
CA CYS B 33 9.58 14.14 -7.58
C CYS B 33 8.77 14.21 -6.26
N SER B 34 7.85 15.20 -6.18
CA SER B 34 7.28 15.67 -4.90
C SER B 34 5.73 15.48 -4.77
N LEU B 35 5.08 14.80 -5.75
CA LEU B 35 3.59 14.66 -5.75
C LEU B 35 3.08 13.88 -4.47
N PRO B 36 1.81 14.16 -3.99
CA PRO B 36 1.30 13.66 -2.69
C PRO B 36 1.26 12.12 -2.58
N SER B 37 0.82 11.42 -3.66
CA SER B 37 0.76 9.94 -3.69
C SER B 37 2.15 9.34 -3.45
N CYS B 38 3.15 9.98 -4.08
CA CYS B 38 4.55 9.56 -4.02
C CYS B 38 5.11 9.68 -2.60
N GLN B 39 4.77 10.78 -1.90
CA GLN B 39 5.27 11.07 -0.54
C GLN B 39 4.71 10.08 0.50
N LYS B 40 3.40 9.82 0.41
CA LYS B 40 2.71 8.85 1.30
C LYS B 40 3.19 7.42 1.04
N MET B 41 3.43 7.10 -0.24
CA MET B 41 3.88 5.77 -0.63
C MET B 41 5.36 5.56 -0.28
N LYS B 42 6.21 6.61 -0.40
CA LYS B 42 7.64 6.50 0.00
C LYS B 42 7.76 6.39 1.53
N ARG B 43 6.79 7.00 2.24
CA ARG B 43 6.65 6.87 3.72
C ARG B 43 6.61 5.39 4.11
N VAL B 44 5.62 4.67 3.55
CA VAL B 44 5.36 3.28 3.89
C VAL B 44 6.36 2.30 3.21
N VAL B 45 6.68 2.52 1.92
CA VAL B 45 7.67 1.69 1.16
C VAL B 45 9.07 1.66 1.85
N GLN B 46 9.62 2.83 2.23
CA GLN B 46 10.92 2.89 2.92
C GLN B 46 10.81 2.26 4.32
N HIS B 47 9.63 2.45 4.96
CA HIS B 47 9.28 1.77 6.23
C HIS B 47 9.41 0.23 6.07
N THR B 48 8.79 -0.36 5.02
CA THR B 48 8.69 -1.83 4.85
C THR B 48 10.06 -2.48 4.64
N LYS B 49 10.95 -1.76 3.93
CA LYS B 49 12.35 -2.16 3.70
C LYS B 49 13.08 -2.33 5.05
N GLY B 50 12.88 -1.34 5.95
CA GLY B 50 13.46 -1.36 7.30
C GLY B 50 12.51 -1.92 8.34
N CYS B 51 11.60 -2.83 7.95
CA CYS B 51 10.57 -3.40 8.85
C CYS B 51 10.50 -4.91 8.71
N LYS B 52 11.17 -5.63 9.62
CA LYS B 52 11.13 -7.10 9.70
C LYS B 52 9.88 -7.57 10.48
N ARG B 53 9.28 -6.66 11.28
CA ARG B 53 8.11 -6.97 12.16
C ARG B 53 6.86 -7.38 11.35
N LYS B 54 6.92 -7.22 10.01
CA LYS B 54 5.87 -7.66 9.08
C LYS B 54 5.64 -9.19 9.14
N THR B 55 6.71 -9.93 9.47
CA THR B 55 6.67 -11.39 9.69
C THR B 55 7.14 -11.75 11.11
N ASN B 56 7.92 -10.85 11.74
CA ASN B 56 8.52 -11.08 13.07
C ASN B 56 7.49 -10.88 14.19
N GLY B 57 6.54 -9.96 13.94
CA GLY B 57 5.44 -9.67 14.85
C GLY B 57 4.10 -9.80 14.13
N GLY B 58 3.67 -8.73 13.46
CA GLY B 58 2.37 -8.68 12.77
C GLY B 58 2.00 -7.24 12.43
N CYS B 59 2.66 -6.70 11.40
CA CYS B 59 2.52 -5.29 10.98
C CYS B 59 1.39 -5.11 9.93
N PRO B 60 0.24 -4.44 10.29
CA PRO B 60 -0.95 -4.33 9.41
C PRO B 60 -0.70 -3.49 8.13
N ILE B 61 0.21 -2.53 8.22
CA ILE B 61 0.50 -1.57 7.13
C ILE B 61 1.21 -2.31 5.97
N CYS B 62 2.14 -3.18 6.37
CA CYS B 62 2.86 -4.07 5.44
C CYS B 62 1.96 -5.23 4.95
N LYS B 63 0.87 -5.52 5.71
CA LYS B 63 -0.11 -6.57 5.35
C LYS B 63 -0.97 -6.09 4.16
N GLN B 64 -1.48 -4.86 4.21
CA GLN B 64 -2.28 -4.29 3.11
C GLN B 64 -1.41 -4.15 1.84
N LEU B 65 -0.12 -3.75 1.99
CA LEU B 65 0.81 -3.65 0.84
C LEU B 65 1.09 -5.02 0.19
N ILE B 66 1.29 -6.07 1.03
CA ILE B 66 1.55 -7.44 0.54
C ILE B 66 0.26 -8.06 -0.03
N ALA B 67 -0.91 -7.45 0.28
CA ALA B 67 -2.21 -7.84 -0.29
C ALA B 67 -2.32 -7.43 -1.77
N LEU B 68 -1.92 -6.15 -2.10
CA LEU B 68 -1.79 -5.72 -3.53
C LEU B 68 -0.80 -6.66 -4.23
N ALA B 69 0.38 -6.80 -3.60
CA ALA B 69 1.53 -7.52 -4.14
C ALA B 69 1.26 -9.02 -4.31
N ALA B 70 0.35 -9.60 -3.49
CA ALA B 70 -0.02 -11.03 -3.57
C ALA B 70 -0.84 -11.29 -4.83
N TYR B 71 -1.97 -10.55 -4.95
CA TYR B 71 -2.86 -10.59 -6.14
C TYR B 71 -2.04 -10.31 -7.43
N HIS B 72 -1.16 -9.32 -7.32
CA HIS B 72 -0.29 -8.85 -8.41
C HIS B 72 0.73 -9.93 -8.81
N ALA B 73 1.34 -10.61 -7.83
CA ALA B 73 2.39 -11.64 -8.07
C ALA B 73 1.79 -12.93 -8.68
N LYS B 74 0.47 -13.11 -8.53
CA LYS B 74 -0.27 -14.24 -9.15
C LYS B 74 -0.29 -14.12 -10.70
N HIS B 75 -0.07 -12.90 -11.20
CA HIS B 75 -0.05 -12.60 -12.66
C HIS B 75 1.37 -12.18 -13.11
N CYS B 76 2.14 -11.66 -12.14
CA CYS B 76 3.50 -11.13 -12.36
C CYS B 76 4.57 -12.14 -11.90
N GLN B 77 5.28 -12.73 -12.88
CA GLN B 77 6.37 -13.70 -12.65
C GLN B 77 7.75 -12.99 -12.71
N GLU B 78 7.73 -11.68 -12.46
CA GLU B 78 8.91 -10.81 -12.54
C GLU B 78 9.75 -10.90 -11.25
N ASN B 79 11.00 -11.38 -11.38
CA ASN B 79 11.95 -11.49 -10.23
C ASN B 79 12.77 -10.18 -10.08
N LYS B 80 12.74 -9.33 -11.13
CA LYS B 80 13.45 -8.04 -11.11
C LYS B 80 12.51 -6.92 -10.62
N CYS B 81 11.31 -7.33 -10.12
CA CYS B 81 10.24 -6.41 -9.71
C CYS B 81 10.71 -5.49 -8.55
N PRO B 82 10.43 -4.16 -8.61
CA PRO B 82 10.83 -3.19 -7.56
C PRO B 82 10.20 -3.48 -6.17
N VAL B 83 9.02 -4.13 -6.15
CA VAL B 83 8.32 -4.47 -4.90
C VAL B 83 8.94 -5.72 -4.24
N PRO B 84 9.49 -5.61 -2.98
CA PRO B 84 10.16 -6.73 -2.29
C PRO B 84 9.15 -7.83 -1.88
N PHE B 85 7.91 -7.41 -1.52
CA PHE B 85 6.80 -8.34 -1.17
C PHE B 85 6.56 -9.31 -2.31
N CYS B 86 6.30 -8.73 -3.51
CA CYS B 86 5.98 -9.46 -4.74
C CYS B 86 7.01 -10.55 -5.02
N LEU B 87 8.30 -10.23 -4.75
CA LEU B 87 9.43 -11.15 -4.90
C LEU B 87 9.23 -12.40 -4.03
N ASN B 88 9.12 -12.20 -2.71
CA ASN B 88 8.96 -13.31 -1.73
C ASN B 88 7.80 -14.25 -2.10
N ILE B 89 6.74 -13.67 -2.65
CA ILE B 89 5.50 -14.40 -3.01
C ILE B 89 5.73 -15.32 -4.23
N LYS B 90 6.42 -14.78 -5.27
CA LYS B 90 6.66 -15.51 -6.53
C LYS B 90 7.92 -16.41 -6.44
N GLN B 91 8.72 -16.23 -5.37
CA GLN B 91 9.93 -17.04 -5.12
C GLN B 91 9.60 -18.25 -4.23
N LYS B 92 8.67 -18.06 -3.29
CA LYS B 92 8.12 -19.15 -2.47
C LYS B 92 6.99 -19.85 -3.25
N GLY A 1 -17.15 0.87 18.25
CA GLY A 1 -15.79 1.34 18.60
C GLY A 1 -14.70 0.66 17.79
N SER A 2 -13.46 0.71 18.32
CA SER A 2 -12.27 0.07 17.70
C SER A 2 -11.92 0.70 16.32
N MET A 3 -12.29 1.99 16.16
CA MET A 3 -12.09 2.74 14.91
C MET A 3 -11.95 4.24 15.24
N ASN A 4 -10.76 4.63 15.72
CA ASN A 4 -10.42 6.04 16.00
C ASN A 4 -9.25 6.45 15.09
N GLN A 5 -9.47 7.45 14.24
CA GLN A 5 -8.48 7.92 13.25
C GLN A 5 -8.16 9.41 13.49
N PRO A 6 -6.87 9.78 13.78
CA PRO A 6 -6.46 11.19 13.96
C PRO A 6 -6.16 11.90 12.62
N GLN A 7 -6.00 13.22 12.67
CA GLN A 7 -5.62 14.03 11.50
C GLN A 7 -4.09 14.18 11.46
N ARG A 8 -3.54 14.10 10.23
CA ARG A 8 -2.08 14.13 9.95
C ARG A 8 -1.36 12.88 10.50
N MET A 9 -0.03 12.93 10.39
CA MET A 9 0.87 11.86 10.85
C MET A 9 1.59 12.32 12.14
N ALA A 10 2.26 11.38 12.83
CA ALA A 10 2.99 11.67 14.08
C ALA A 10 4.27 10.80 14.16
N PRO A 11 5.43 11.36 14.66
CA PRO A 11 6.75 10.66 14.68
C PRO A 11 6.85 9.54 15.74
N VAL A 12 5.75 9.34 16.50
CA VAL A 12 5.60 8.25 17.47
C VAL A 12 5.71 6.86 16.80
N GLY A 13 5.36 6.78 15.50
CA GLY A 13 5.34 5.54 14.75
C GLY A 13 3.93 5.07 14.52
N THR A 14 3.22 4.73 15.61
CA THR A 14 1.89 4.07 15.55
C THR A 14 0.84 4.91 14.78
N ASP A 15 0.68 6.17 15.23
CA ASP A 15 -0.29 7.14 14.67
C ASP A 15 -0.12 7.32 13.16
N LYS A 16 1.14 7.48 12.70
CA LYS A 16 1.40 7.77 11.27
C LYS A 16 1.14 6.52 10.43
N GLU A 17 1.49 5.34 10.99
CA GLU A 17 1.26 4.02 10.38
C GLU A 17 -0.24 3.84 10.08
N LEU A 18 -1.09 4.00 11.11
CA LEU A 18 -2.54 3.71 11.04
C LEU A 18 -3.32 4.82 10.29
N SER A 19 -2.78 6.06 10.29
CA SER A 19 -3.37 7.20 9.55
C SER A 19 -3.17 6.98 8.03
N ASP A 20 -1.96 6.51 7.69
CA ASP A 20 -1.60 6.12 6.32
C ASP A 20 -2.39 4.87 5.90
N LEU A 21 -2.50 3.89 6.83
CA LEU A 21 -3.26 2.63 6.63
C LEU A 21 -4.71 2.91 6.25
N LEU A 22 -5.32 3.91 6.92
CA LEU A 22 -6.68 4.37 6.63
C LEU A 22 -6.78 4.84 5.17
N ASP A 23 -5.87 5.76 4.80
CA ASP A 23 -5.84 6.37 3.45
C ASP A 23 -5.62 5.30 2.35
N PHE A 24 -4.85 4.28 2.68
CA PHE A 24 -4.54 3.18 1.76
C PHE A 24 -5.75 2.21 1.65
N SER A 25 -6.41 1.95 2.79
CA SER A 25 -7.57 1.05 2.87
C SER A 25 -8.74 1.58 1.98
N MET A 26 -8.85 2.91 1.86
CA MET A 26 -9.81 3.57 0.95
C MET A 26 -9.22 3.81 -0.46
N MET A 27 -7.87 3.78 -0.61
CA MET A 27 -7.17 3.93 -1.93
C MET A 27 -7.57 2.78 -2.89
N PHE A 28 -7.59 1.57 -2.33
CA PHE A 28 -7.87 0.32 -3.07
C PHE A 28 -9.02 -0.45 -2.38
N PRO A 29 -9.79 -1.31 -3.14
CA PRO A 29 -10.91 -2.07 -2.58
C PRO A 29 -10.43 -3.30 -1.78
N LEU A 30 -10.01 -4.38 -2.50
CA LEU A 30 -9.65 -5.69 -1.90
C LEU A 30 -10.84 -6.33 -1.14
N PRO A 31 -10.76 -7.65 -0.77
CA PRO A 31 -11.77 -8.26 0.14
C PRO A 31 -11.77 -7.61 1.52
N VAL A 32 -12.95 -7.63 2.17
CA VAL A 32 -13.14 -7.02 3.50
C VAL A 32 -12.41 -7.85 4.58
N THR A 33 -11.19 -7.41 4.91
CA THR A 33 -10.33 -8.05 5.90
C THR A 33 -10.52 -7.37 7.28
N ASN A 34 -11.51 -7.87 8.04
CA ASN A 34 -11.88 -7.43 9.42
C ASN A 34 -12.68 -6.12 9.44
N GLY A 35 -12.18 -5.08 8.74
CA GLY A 35 -12.78 -3.75 8.75
C GLY A 35 -12.18 -2.89 9.86
N LYS A 36 -12.60 -3.15 11.11
CA LYS A 36 -12.09 -2.46 12.31
C LYS A 36 -10.92 -3.28 12.90
N GLY A 37 -9.70 -2.72 12.80
CA GLY A 37 -8.49 -3.35 13.36
C GLY A 37 -8.15 -2.79 14.73
N ARG A 38 -6.86 -2.49 14.96
CA ARG A 38 -6.36 -1.91 16.23
C ARG A 38 -5.77 -0.50 15.95
N PRO A 39 -6.57 0.60 16.18
CA PRO A 39 -6.11 1.98 15.98
C PRO A 39 -5.34 2.54 17.21
N GLY B 1 -17.80 10.80 -10.67
CA GLY B 1 -18.53 11.13 -11.88
C GLY B 1 -18.62 9.94 -12.84
N SER B 2 -19.65 9.98 -13.71
CA SER B 2 -19.95 8.93 -14.73
C SER B 2 -20.51 7.64 -14.08
N ALA B 3 -19.64 6.90 -13.35
CA ALA B 3 -19.95 5.58 -12.73
C ALA B 3 -20.35 4.54 -13.81
N THR B 4 -19.75 4.70 -15.00
CA THR B 4 -20.05 3.88 -16.19
C THR B 4 -19.18 2.60 -16.22
N GLN B 5 -18.34 2.42 -15.20
CA GLN B 5 -17.49 1.25 -15.06
C GLN B 5 -18.23 0.12 -14.33
N SER B 6 -18.25 -1.07 -14.93
CA SER B 6 -18.81 -2.29 -14.32
C SER B 6 -18.04 -2.65 -13.02
N PRO B 7 -18.72 -3.25 -11.97
CA PRO B 7 -18.15 -3.43 -10.60
C PRO B 7 -16.75 -4.08 -10.58
N GLY B 8 -16.57 -5.15 -11.37
CA GLY B 8 -15.29 -5.87 -11.48
C GLY B 8 -14.19 -4.99 -12.09
N ASP B 9 -14.56 -4.17 -13.08
CA ASP B 9 -13.63 -3.23 -13.72
C ASP B 9 -13.23 -2.10 -12.75
N SER B 10 -14.22 -1.37 -12.22
CA SER B 10 -14.01 -0.21 -11.30
C SER B 10 -13.04 -0.56 -10.15
N ARG B 11 -13.23 -1.75 -9.54
CA ARG B 11 -12.39 -2.24 -8.44
C ARG B 11 -10.99 -2.64 -8.94
N ARG B 12 -10.91 -3.06 -10.23
CA ARG B 12 -9.65 -3.45 -10.88
C ARG B 12 -8.75 -2.21 -11.14
N LEU B 13 -9.31 -1.10 -11.65
CA LEU B 13 -8.51 0.12 -11.95
C LEU B 13 -7.98 0.73 -10.64
N SER B 14 -8.84 0.78 -9.61
CA SER B 14 -8.49 1.35 -8.30
C SER B 14 -7.37 0.53 -7.59
N ILE B 15 -7.44 -0.82 -7.70
CA ILE B 15 -6.43 -1.73 -7.12
C ILE B 15 -5.10 -1.63 -7.93
N GLN B 16 -5.21 -1.36 -9.25
CA GLN B 16 -4.02 -1.15 -10.12
C GLN B 16 -3.34 0.19 -9.80
N ARG B 17 -4.12 1.24 -9.39
CA ARG B 17 -3.55 2.54 -8.96
C ARG B 17 -2.59 2.30 -7.79
N ALA B 18 -3.08 1.50 -6.83
CA ALA B 18 -2.32 1.09 -5.63
C ALA B 18 -0.97 0.46 -5.97
N ILE B 19 -1.00 -0.52 -6.90
CA ILE B 19 0.20 -1.26 -7.35
C ILE B 19 1.21 -0.31 -8.02
N GLN B 20 0.71 0.54 -8.93
CA GLN B 20 1.53 1.48 -9.73
C GLN B 20 2.21 2.54 -8.86
N SER B 21 1.51 2.95 -7.78
CA SER B 21 2.03 3.90 -6.78
C SER B 21 3.13 3.25 -5.92
N LEU B 22 2.90 1.95 -5.60
CA LEU B 22 3.78 1.16 -4.74
C LEU B 22 5.12 0.86 -5.45
N VAL B 23 5.04 0.44 -6.74
CA VAL B 23 6.23 0.10 -7.55
C VAL B 23 6.98 1.37 -7.98
N HIS B 24 6.22 2.49 -8.16
CA HIS B 24 6.80 3.82 -8.41
C HIS B 24 7.73 4.19 -7.27
N ALA B 25 7.16 4.25 -6.05
CA ALA B 25 7.86 4.69 -4.83
C ALA B 25 9.01 3.74 -4.45
N ALA B 26 8.87 2.46 -4.81
CA ALA B 26 9.91 1.44 -4.59
C ALA B 26 11.16 1.73 -5.45
N GLN B 27 10.93 2.18 -6.71
CA GLN B 27 12.01 2.64 -7.64
C GLN B 27 12.45 4.07 -7.28
N CYS B 28 11.53 4.83 -6.69
CA CYS B 28 11.68 6.27 -6.47
C CYS B 28 12.17 6.57 -5.06
N ARG B 29 13.49 6.74 -4.91
CA ARG B 29 14.11 7.22 -3.65
C ARG B 29 14.46 8.71 -3.80
N ASN B 30 14.11 9.29 -4.97
CA ASN B 30 14.35 10.70 -5.30
C ASN B 30 13.28 11.60 -4.66
N ALA B 31 13.73 12.78 -4.18
CA ALA B 31 12.85 13.82 -3.62
C ALA B 31 12.39 14.83 -4.69
N ASN B 32 12.73 14.54 -5.96
CA ASN B 32 12.35 15.37 -7.12
C ASN B 32 10.83 15.41 -7.34
N CYS B 33 10.12 14.40 -6.80
CA CYS B 33 8.66 14.39 -6.75
C CYS B 33 8.16 15.33 -5.65
N SER B 34 7.10 16.08 -5.95
CA SER B 34 6.45 17.01 -5.00
C SER B 34 4.95 16.66 -4.86
N LEU B 35 4.47 15.58 -5.51
CA LEU B 35 3.06 15.14 -5.39
C LEU B 35 2.82 14.44 -4.03
N PRO B 36 1.58 14.58 -3.45
CA PRO B 36 1.21 14.03 -2.11
C PRO B 36 1.39 12.50 -2.01
N SER B 37 0.94 11.80 -3.08
CA SER B 37 0.90 10.34 -3.14
C SER B 37 2.30 9.75 -2.95
N CYS B 38 3.29 10.34 -3.64
CA CYS B 38 4.66 9.83 -3.63
C CYS B 38 5.39 10.12 -2.32
N GLN B 39 5.01 11.23 -1.63
CA GLN B 39 5.63 11.59 -0.32
C GLN B 39 5.32 10.48 0.71
N LYS B 40 4.02 10.19 0.85
CA LYS B 40 3.49 9.20 1.82
C LYS B 40 3.74 7.75 1.36
N MET B 41 3.85 7.53 0.03
CA MET B 41 4.20 6.21 -0.52
C MET B 41 5.67 5.89 -0.24
N LYS B 42 6.57 6.89 -0.33
CA LYS B 42 8.00 6.71 0.04
C LYS B 42 8.15 6.48 1.56
N ARG B 43 7.27 7.12 2.35
CA ARG B 43 7.15 6.86 3.81
C ARG B 43 7.01 5.34 4.05
N VAL B 44 5.94 4.77 3.46
CA VAL B 44 5.53 3.41 3.77
C VAL B 44 6.37 2.36 3.01
N VAL B 45 6.74 2.63 1.75
CA VAL B 45 7.48 1.65 0.90
C VAL B 45 8.92 1.42 1.44
N GLN B 46 9.59 2.51 1.89
CA GLN B 46 10.94 2.43 2.47
C GLN B 46 10.86 1.83 3.88
N HIS B 47 9.73 2.08 4.57
CA HIS B 47 9.36 1.39 5.81
C HIS B 47 9.36 -0.14 5.58
N THR B 48 8.59 -0.62 4.57
CA THR B 48 8.34 -2.06 4.35
C THR B 48 9.65 -2.82 4.03
N LYS B 49 10.57 -2.12 3.35
CA LYS B 49 11.91 -2.64 3.00
C LYS B 49 12.77 -2.85 4.26
N GLY B 50 12.70 -1.89 5.21
CA GLY B 50 13.44 -1.99 6.48
C GLY B 50 12.68 -2.75 7.57
N CYS B 51 11.41 -3.05 7.30
CA CYS B 51 10.47 -3.67 8.27
C CYS B 51 10.37 -5.18 8.04
N LYS B 52 11.03 -5.96 8.90
CA LYS B 52 10.96 -7.44 8.89
C LYS B 52 9.73 -7.95 9.69
N ARG B 53 9.13 -7.03 10.46
CA ARG B 53 7.87 -7.24 11.22
C ARG B 53 6.68 -7.61 10.30
N LYS B 54 6.81 -7.31 8.99
CA LYS B 54 5.77 -7.57 7.99
C LYS B 54 5.65 -9.09 7.77
N THR B 55 6.82 -9.70 7.69
CA THR B 55 7.04 -11.12 7.47
C THR B 55 6.80 -11.88 8.79
N ASN B 56 7.10 -11.20 9.90
CA ASN B 56 6.86 -11.72 11.25
C ASN B 56 5.34 -11.75 11.55
N GLY B 57 4.56 -10.92 10.80
CA GLY B 57 3.09 -11.03 10.76
C GLY B 57 2.38 -9.81 11.32
N GLY B 58 2.94 -9.24 12.40
CA GLY B 58 2.27 -8.20 13.19
C GLY B 58 2.51 -6.78 12.68
N CYS B 59 2.23 -6.55 11.38
CA CYS B 59 2.30 -5.21 10.79
C CYS B 59 1.15 -5.03 9.77
N PRO B 60 -0.01 -4.41 10.19
CA PRO B 60 -1.24 -4.29 9.35
C PRO B 60 -1.02 -3.42 8.08
N ILE B 61 -0.09 -2.47 8.18
CA ILE B 61 0.24 -1.50 7.10
C ILE B 61 0.84 -2.25 5.90
N CYS B 62 1.81 -3.11 6.22
CA CYS B 62 2.45 -3.99 5.24
C CYS B 62 1.53 -5.16 4.84
N LYS B 63 0.48 -5.43 5.64
CA LYS B 63 -0.49 -6.52 5.38
C LYS B 63 -1.39 -6.13 4.19
N GLN B 64 -1.91 -4.90 4.19
CA GLN B 64 -2.70 -4.37 3.04
C GLN B 64 -1.79 -4.19 1.81
N LEU B 65 -0.52 -3.75 2.02
CA LEU B 65 0.44 -3.58 0.90
C LEU B 65 0.85 -4.93 0.27
N ILE B 66 1.04 -5.96 1.11
CA ILE B 66 1.41 -7.31 0.65
C ILE B 66 0.19 -7.99 -0.01
N ALA B 67 -1.03 -7.46 0.28
CA ALA B 67 -2.28 -7.91 -0.35
C ALA B 67 -2.38 -7.45 -1.84
N LEU B 68 -2.01 -6.17 -2.14
CA LEU B 68 -1.89 -5.69 -3.55
C LEU B 68 -0.87 -6.56 -4.29
N ALA B 69 0.29 -6.68 -3.65
CA ALA B 69 1.46 -7.36 -4.19
C ALA B 69 1.27 -8.87 -4.29
N ALA B 70 0.38 -9.46 -3.46
CA ALA B 70 0.06 -10.90 -3.50
C ALA B 70 -0.70 -11.22 -4.78
N TYR B 71 -1.83 -10.51 -4.97
CA TYR B 71 -2.66 -10.58 -6.18
C TYR B 71 -1.79 -10.34 -7.43
N HIS B 72 -0.96 -9.27 -7.36
CA HIS B 72 -0.03 -8.88 -8.43
C HIS B 72 0.99 -10.01 -8.72
N ALA B 73 1.56 -10.62 -7.66
CA ALA B 73 2.65 -11.63 -7.80
C ALA B 73 2.15 -13.00 -8.27
N LYS B 74 0.83 -13.27 -8.12
CA LYS B 74 0.22 -14.53 -8.60
C LYS B 74 0.20 -14.56 -10.14
N HIS B 75 0.05 -13.38 -10.75
CA HIS B 75 0.02 -13.21 -12.22
C HIS B 75 1.41 -12.79 -12.74
N CYS B 76 2.18 -12.10 -11.88
CA CYS B 76 3.52 -11.57 -12.19
C CYS B 76 4.62 -12.44 -11.57
N GLN B 77 5.30 -13.20 -12.43
CA GLN B 77 6.49 -13.98 -12.06
C GLN B 77 7.72 -13.14 -12.43
N GLU B 78 7.99 -12.12 -11.60
CA GLU B 78 9.04 -11.12 -11.86
C GLU B 78 9.95 -10.96 -10.63
N ASN B 79 11.24 -11.24 -10.84
CA ASN B 79 12.28 -11.15 -9.79
C ASN B 79 12.94 -9.77 -9.79
N LYS B 80 12.69 -8.98 -10.87
CA LYS B 80 13.24 -7.62 -11.02
C LYS B 80 12.27 -6.55 -10.49
N CYS B 81 11.17 -6.98 -9.84
CA CYS B 81 10.21 -6.06 -9.20
C CYS B 81 10.88 -5.34 -8.00
N PRO B 82 10.74 -3.98 -7.89
CA PRO B 82 11.36 -3.19 -6.80
C PRO B 82 10.60 -3.37 -5.45
N VAL B 83 9.32 -3.77 -5.57
CA VAL B 83 8.46 -4.10 -4.42
C VAL B 83 8.96 -5.41 -3.76
N PRO B 84 9.40 -5.35 -2.45
CA PRO B 84 10.02 -6.52 -1.76
C PRO B 84 9.03 -7.69 -1.65
N PHE B 85 7.74 -7.34 -1.46
CA PHE B 85 6.64 -8.28 -1.30
C PHE B 85 6.55 -9.27 -2.46
N CYS B 86 6.49 -8.73 -3.71
CA CYS B 86 6.28 -9.52 -4.93
C CYS B 86 7.27 -10.67 -5.06
N LEU B 87 8.53 -10.40 -4.66
CA LEU B 87 9.58 -11.44 -4.60
C LEU B 87 9.29 -12.42 -3.47
N ASN B 88 9.10 -11.90 -2.24
CA ASN B 88 8.87 -12.75 -1.02
C ASN B 88 7.73 -13.76 -1.22
N ILE B 89 6.77 -13.40 -2.09
CA ILE B 89 5.58 -14.21 -2.40
C ILE B 89 5.88 -15.22 -3.53
N LYS B 90 6.32 -14.72 -4.72
CA LYS B 90 6.46 -15.57 -5.93
C LYS B 90 7.69 -16.48 -5.84
N GLN B 91 8.74 -16.02 -5.14
CA GLN B 91 9.97 -16.81 -4.88
C GLN B 91 9.66 -17.93 -3.89
N LYS B 92 9.05 -17.55 -2.75
CA LYS B 92 8.78 -18.48 -1.63
C LYS B 92 7.34 -19.02 -1.74
#